data_7R04
#
_entry.id   7R04
#
_cell.length_a   1.00
_cell.length_b   1.00
_cell.length_c   1.00
_cell.angle_alpha   90.00
_cell.angle_beta   90.00
_cell.angle_gamma   90.00
#
_symmetry.space_group_name_H-M   'P 1'
#
loop_
_entity.id
_entity.type
_entity.pdbx_description
1 polymer 'Isoform I of Neurofibromin'
2 non-polymer "5'-GUANOSINE-DIPHOSPHATE-MONOTHIOPHOSPHATE"
#
_entity_poly.entity_id   1
_entity_poly.type   'polypeptide(L)'
_entity_poly.pdbx_seq_one_letter_code
;MAAHRPVEWVQAVVSRFDEQLPIKTGQQNTHTKVSTEHNKECLINISKYKFSLVISGLTTILKNVNNMRIFGEAAEKNLY
LSQLIILDTLEKCLAGQPKDTMRLDETMLVKQLLPEICHFLHTCREGNQHAAELRNSASGVLFSLSCNNFNAVFSRISTR
LQELTVCSEDNVDVHDIELLQYINVDCAKLKRLLKETAFKFKALKKVAQLAVINSLEKAFWNWVENYPDEFTKLYQIPQT
DMAECAEKLFDLVDGFAESTKRKAAVWPLQIILLILCPEIIQDISKDVVDENNMNKKLFLDSLRKALAGHGGSRQLTESA
AIACVKLCKASTYINWEDNSVIFLLVQSMVVDLKNLLFNPSKPFSRGSQPADVDLMIDCLVSCFRISPHNNQHFKICLAQ
NSPSTFHYVLVNSLHRIITNSALDWWPKIDAVYCHSVELRNMFGETLHKAVQGCGAHPAIRMAPSLTFKEKVTSLKFKEK
PTDLETRSYKYLLLSMVKLIHADPKLLLCNPRKQGPETQGSTAELITGLVQLVPQSHMPEIAQEAMEALLVLHQLDSIDL
WNPDAPVETFWEISSQMLFYICKKLTSHQMLSSTEILKWLREILICRNKFLLKNKQADRSSCHFLLFYGVGCDIPSSGNT
SQMSMDHEELLRTPGASLRKGKGNSSMDSAAGCSGTPPICRQAQTKLEVALYMFLWNPDTEAVLVAMSCFRHLCEEADIR
CGVDEVSVHNLLPNYNTFMEFASVSNMMSTGRAALQKRVMALLRRIEHPTAGNTEAWEDTHAKWEQATKLILNYPKAKME
DGQAAESLHKTIVKRRMSHVSGGGSIDLSDTDSLQEWINMTGFLCALGGVCLQQRSNSGLATYSPPMGPVSERKGSMISV
MSSEGNADTPVSKFMDRLLSLMVCNHEKVGLQIRTNVKDLVGLELSPALYPMLFNKLKNTISKFFDSQGQVLLTDTNTQF
VEQTIAIMKNLLDNHTEGSSEHLGQASIETMMLNLVRYVRVLGNMVHAIQIKTKLCQLVEVMMARRDDLSFCQEMKFRNK
MVEYLTDWVMGTSNQAADDDVKCLTRDLDQASMEAVVSLLAGLPLQPEEGDGVELMEAKSQLFLKYFTLFMNLLNDCSEV
EDESAQTGGRKRGMSRRLASLRHCTVLAMSNLLNANVDSGLMHSIGLGYHKDLQTRATFMEVLTKILQQGTEFDTLAETV
LADRFERLVELVTMMGDQGELPIAMALANVVPCSQWDELARVLVTLFDSRHLLYQLLWNMFSKEVELADSMQTLFRGNSL
ASKIMTFCFKVYGATYLQKLLDPLLRIVITSSDWQHVSFEVDPTRLEPSESLEENQRNLLQMTEKFFHAIISSSSEFPPQ
LRSVCHCLYQVVSQRFPQNSIGAVGSAMFLRFINPAIVSPYEAGILDKKPPPRIERGLKLMSKILQSIANHVLFTKEEHM
RPFNDFVKSNFDAARRFFLDIASDCPTSDAVNHSLSFISDGNVLALHRLLWNNQEKIGQYLSSNRDHKAVGRRPFDKMAT
LLAYLGPPEHKPVADTHWSSLNLTSSKFEEFMTRHQVHEKEEFKALKTLSIFYQAGTSKAGNPIFYYVARRFKTGQINGD
LLIYHVLLTLKPYYAKPYEIVVDLTHTGPSNRFKTDFLSKWFVVFPGFAYDNVSAVYIYNCNSWVREYTKYHERLLTGLK
GSKRLVFIDCPGKLAEHIEHEQQKLPAATLALEEDLKVFHNALKLAHKDTKVSIKVGSTAVQVTSAERTKVLGQSVFLND
IYYASEIEEICLVDENQFTLTIANQGTPLTFMHQECEAIVQSIIHIRTRWELSQPDSIPQHTKIRPKDVPGTLLNIALLN
LGSSDPSLRSAAYNLLCALTCTFNLKIEGQLLETSGLCIPANNTLFIVSISKTLAANEPHLTLEFLEECISGFSKSSIEL
KHLCLEYMTPWLSNLVRFCKHNDDAKRQRVTAILDKLITMTINEKQMYPSIQAKIWGSLGQITDLLDVVLDSFIKTSATG
GLGSIKAEVMADTAVALASGNVKLVSSKVIGRMCKIIDKTCLSPTPTLEQHLMWDDIAILARYMLMLSFNNSLDVAAHLP
YLFHVVTFLVATGPLSLRASTHGLVINIIHSLCTCSQLHFSEETKQVLRLSLTEFSLPKFYLLFGISKVKSAAVIAFRSS
YRDRSFSPGSYERETFALTSLETVTEALLEIMEACMRDIPTCKWLDQWTELAQRFAFQYNPSLQPRALVVFGCISKRVSH
GQIKQIIRILSKALESCLKGPDTYNSQVLIEATVIALTKLQPLLNKDSPLHKALFWVAVAVLQLDEVNLYSAGTALLEQN
LHTLDSLRIFNDKSPEEVFMAIRNPLEWHCKQMDHFVGLNFNSNFNFALVGHLLKGYRHPSPAIVARTVRILHTLLTLVN
KHRNCDKFEVNTQSVAYLAALLTVSEEVRSRCSLKHRKSLLLTDISMENVPMDTYPIHHGDPSYRTLKETQPWSSPKGSE
GYLAATYPTVGQTSPRARKSMSLDMGQPSQANTKKLLGTRKSFDHLISDTKAPKRQEMESGITTPPKMRRVAETDYEMET
QRISSSQQHPHLRKVSVSESNVLLDEEVLTDPKIQALLLTVLATLVKYTTDEFDQRILYEYLAEASVVFPKVFPVVHNLL
DSKINTLLSLCQDPNLLNPIHGIVQSVVYHEESPPQYQTSYLQSFGFNGLWRFAGPFSKQTQIPDYAELIVKFLDALIDT
YLPGIDEETSEESLLTPTSPYPPALQSQLSITANLNLSNSMTSLATSQHSPGIDKENVELSPTTGHCNSGRTRHGSASQV
QKQRSAGSFKRNSIKKIV
;
_entity_poly.pdbx_strand_id   A,B
#
loop_
_chem_comp.id
_chem_comp.type
_chem_comp.name
_chem_comp.formula
GSP non-polymer 5'-GUANOSINE-DIPHOSPHATE-MONOTHIOPHOSPHATE 'C10 H16 N5 O13 P3 S'
#
# COMPACT_ATOMS: atom_id res chain seq x y z
N ARG A 5 -16.49 32.26 87.47
CA ARG A 5 -17.41 32.62 88.54
C ARG A 5 -18.33 33.75 88.08
N PRO A 6 -19.54 33.80 88.65
CA PRO A 6 -20.48 34.87 88.25
C PRO A 6 -20.03 36.27 88.59
N VAL A 7 -19.07 36.42 89.50
CA VAL A 7 -18.53 37.75 89.79
C VAL A 7 -17.80 38.29 88.56
N GLU A 8 -17.15 37.41 87.79
CA GLU A 8 -16.59 37.83 86.52
C GLU A 8 -17.67 38.27 85.55
N TRP A 9 -18.82 37.59 85.57
CA TRP A 9 -19.94 37.99 84.72
C TRP A 9 -20.44 39.38 85.09
N VAL A 10 -20.60 39.66 86.38
CA VAL A 10 -21.15 40.96 86.76
C VAL A 10 -20.11 42.07 86.53
N GLN A 11 -18.83 41.76 86.69
CA GLN A 11 -17.80 42.75 86.40
C GLN A 11 -17.71 43.03 84.90
N ALA A 12 -17.95 41.99 84.09
CA ALA A 12 -18.02 42.20 82.66
C ALA A 12 -19.22 43.04 82.30
N VAL A 13 -20.34 42.85 83.01
CA VAL A 13 -21.52 43.68 82.83
C VAL A 13 -21.21 45.14 83.11
N VAL A 14 -20.54 45.42 84.24
CA VAL A 14 -20.30 46.83 84.57
C VAL A 14 -19.32 47.46 83.58
N SER A 15 -18.31 46.70 83.13
CA SER A 15 -17.39 47.26 82.15
C SER A 15 -18.06 47.44 80.80
N ARG A 16 -19.02 46.56 80.50
CA ARG A 16 -19.76 46.64 79.26
C ARG A 16 -20.70 47.84 79.27
N PHE A 17 -21.13 48.25 80.46
CA PHE A 17 -21.68 49.58 80.59
C PHE A 17 -20.62 50.65 80.39
N ASP A 18 -19.39 50.37 80.86
CA ASP A 18 -18.39 51.43 81.02
C ASP A 18 -17.91 52.00 79.69
N GLU A 19 -17.68 51.15 78.67
CA GLU A 19 -16.83 51.62 77.56
C GLU A 19 -17.51 52.73 76.76
N GLN A 20 -18.82 52.89 76.94
CA GLN A 20 -19.54 53.94 76.25
C GLN A 20 -19.17 55.31 76.81
N LEU A 21 -18.72 55.32 78.06
CA LEU A 21 -18.42 56.58 78.74
C LEU A 21 -17.11 57.23 78.30
N PRO A 22 -16.01 56.51 77.97
CA PRO A 22 -14.92 57.18 77.25
C PRO A 22 -15.35 57.72 75.90
N ILE A 23 -16.27 57.02 75.22
CA ILE A 23 -16.81 57.53 73.95
C ILE A 23 -17.63 58.79 74.20
N LYS A 24 -18.51 58.75 75.19
CA LYS A 24 -19.27 59.92 75.59
C LYS A 24 -18.55 60.62 76.72
N THR A 32 -26.15 51.42 68.88
CA THR A 32 -25.66 50.68 70.04
C THR A 32 -26.36 51.15 71.31
N LYS A 33 -27.40 51.97 71.14
CA LYS A 33 -28.08 52.56 72.30
C LYS A 33 -28.96 51.54 73.00
N VAL A 34 -29.69 50.73 72.24
CA VAL A 34 -30.63 49.79 72.84
C VAL A 34 -29.91 48.72 73.64
N SER A 35 -28.71 48.32 73.18
CA SER A 35 -27.92 47.34 73.90
C SER A 35 -27.47 47.88 75.25
N THR A 36 -26.98 49.13 75.28
CA THR A 36 -26.50 49.67 76.55
C THR A 36 -27.67 50.03 77.46
N GLU A 37 -28.86 50.26 76.89
CA GLU A 37 -30.04 50.46 77.73
C GLU A 37 -30.44 49.17 78.42
N HIS A 38 -30.43 48.06 77.68
CA HIS A 38 -30.68 46.76 78.30
C HIS A 38 -29.60 46.44 79.32
N ASN A 39 -28.37 46.84 79.06
CA ASN A 39 -27.29 46.65 80.00
C ASN A 39 -27.52 47.46 81.28
N LYS A 40 -28.03 48.68 81.14
CA LYS A 40 -28.28 49.52 82.31
C LYS A 40 -29.41 48.95 83.17
N GLU A 41 -30.49 48.49 82.54
CA GLU A 41 -31.56 47.90 83.36
C GLU A 41 -31.10 46.59 83.99
N CYS A 42 -30.22 45.85 83.31
CA CYS A 42 -29.63 44.68 83.95
C CYS A 42 -28.76 45.07 85.13
N LEU A 43 -28.06 46.21 85.04
CA LEU A 43 -27.29 46.72 86.16
C LEU A 43 -28.19 47.01 87.35
N ILE A 44 -29.35 47.60 87.10
CA ILE A 44 -30.29 47.88 88.19
C ILE A 44 -30.80 46.57 88.79
N ASN A 45 -31.10 45.57 87.96
CA ASN A 45 -31.60 44.30 88.47
C ASN A 45 -30.56 43.59 89.32
N ILE A 46 -29.29 43.66 88.93
CA ILE A 46 -28.23 43.07 89.75
C ILE A 46 -28.04 43.88 91.03
N SER A 47 -28.10 45.20 90.94
CA SER A 47 -27.90 46.03 92.13
C SER A 47 -29.06 45.89 93.10
N LYS A 48 -30.18 45.35 92.65
CA LYS A 48 -31.26 44.99 93.56
C LYS A 48 -30.81 43.93 94.56
N TYR A 49 -30.05 42.93 94.10
CA TYR A 49 -29.70 41.82 94.98
C TYR A 49 -28.42 42.12 95.76
N LYS A 50 -27.30 42.35 95.05
CA LYS A 50 -26.07 42.76 95.72
C LYS A 50 -25.61 44.08 95.09
N PHE A 51 -25.73 45.15 95.85
CA PHE A 51 -25.38 46.46 95.33
C PHE A 51 -24.02 46.94 95.77
N SER A 52 -23.36 46.23 96.68
CA SER A 52 -22.12 46.74 97.27
C SER A 52 -21.01 46.86 96.24
N LEU A 53 -20.74 45.77 95.52
CA LEU A 53 -19.67 45.79 94.52
C LEU A 53 -20.06 46.65 93.33
N VAL A 54 -21.36 46.71 93.01
CA VAL A 54 -21.83 47.57 91.93
C VAL A 54 -21.57 49.03 92.28
N ILE A 55 -21.88 49.42 93.52
CA ILE A 55 -21.69 50.79 93.96
C ILE A 55 -20.20 51.12 94.00
N SER A 56 -19.38 50.17 94.49
CA SER A 56 -17.94 50.41 94.54
C SER A 56 -17.37 50.60 93.15
N GLY A 57 -17.80 49.77 92.20
CA GLY A 57 -17.35 49.94 90.83
C GLY A 57 -17.82 51.24 90.21
N LEU A 58 -19.05 51.65 90.53
CA LEU A 58 -19.56 52.90 89.99
C LEU A 58 -18.81 54.10 90.55
N THR A 59 -18.47 54.04 91.85
CA THR A 59 -17.63 55.07 92.44
C THR A 59 -16.27 55.12 91.75
N THR A 60 -15.69 53.95 91.50
CA THR A 60 -14.38 53.90 90.84
C THR A 60 -14.44 54.50 89.45
N ILE A 61 -15.47 54.13 88.68
CA ILE A 61 -15.60 54.61 87.31
C ILE A 61 -15.85 56.11 87.29
N LEU A 62 -16.74 56.58 88.16
CA LEU A 62 -17.07 58.01 88.18
C LEU A 62 -15.88 58.84 88.65
N LYS A 63 -15.14 58.35 89.64
CA LYS A 63 -13.94 59.05 90.10
C LYS A 63 -12.89 59.10 89.02
N ASN A 64 -12.73 58.00 88.28
CA ASN A 64 -11.78 57.99 87.18
C ASN A 64 -12.20 58.96 86.07
N VAL A 65 -13.49 59.00 85.75
CA VAL A 65 -13.96 59.83 84.64
C VAL A 65 -13.83 61.30 84.98
N ASN A 66 -14.27 61.69 86.18
CA ASN A 66 -14.17 63.09 86.57
C ASN A 66 -12.71 63.48 86.82
N ASN A 67 -11.90 62.54 87.30
CA ASN A 67 -10.49 62.82 87.51
C ASN A 67 -9.74 62.94 86.19
N MET A 68 -10.25 62.30 85.15
CA MET A 68 -9.59 62.33 83.85
C MET A 68 -9.67 63.73 83.25
N ARG A 69 -8.53 64.22 82.79
CA ARG A 69 -8.45 65.57 82.25
C ARG A 69 -8.45 65.50 80.73
N ILE A 70 -9.51 66.02 80.11
CA ILE A 70 -9.64 66.08 78.66
C ILE A 70 -10.08 67.49 78.28
N PHE A 71 -9.82 67.86 77.02
CA PHE A 71 -10.08 69.21 76.56
C PHE A 71 -10.63 69.18 75.14
N GLY A 72 -11.38 70.23 74.79
CA GLY A 72 -12.06 70.33 73.52
C GLY A 72 -13.53 70.54 73.81
N GLU A 73 -14.26 71.28 72.96
CA GLU A 73 -15.66 71.59 73.26
C GLU A 73 -16.49 70.31 73.33
N ALA A 74 -16.29 69.41 72.37
CA ALA A 74 -16.94 68.11 72.40
C ALA A 74 -16.50 67.30 73.61
N ALA A 75 -15.32 67.60 74.16
CA ALA A 75 -14.87 66.87 75.34
C ALA A 75 -15.68 67.27 76.58
N GLU A 76 -15.96 68.56 76.80
CA GLU A 76 -16.79 68.88 77.95
C GLU A 76 -18.25 68.51 77.69
N LYS A 77 -18.68 68.53 76.42
CA LYS A 77 -20.00 67.98 76.12
C LYS A 77 -20.07 66.50 76.47
N ASN A 78 -19.00 65.76 76.15
CA ASN A 78 -18.90 64.35 76.48
C ASN A 78 -18.89 64.13 77.98
N LEU A 79 -18.14 64.96 78.71
CA LEU A 79 -18.11 64.85 80.17
C LEU A 79 -19.47 65.12 80.79
N TYR A 80 -20.16 66.15 80.28
CA TYR A 80 -21.50 66.47 80.77
C TYR A 80 -22.46 65.32 80.53
N LEU A 81 -22.49 64.79 79.31
CA LEU A 81 -23.42 63.71 78.99
C LEU A 81 -23.09 62.46 79.79
N SER A 82 -21.81 62.12 79.89
CA SER A 82 -21.40 60.93 80.62
C SER A 82 -21.70 61.05 82.11
N GLN A 83 -21.39 62.20 82.71
CA GLN A 83 -21.66 62.38 84.13
C GLN A 83 -23.14 62.38 84.42
N LEU A 84 -23.94 62.93 83.50
CA LEU A 84 -25.39 62.83 83.64
C LEU A 84 -25.86 61.39 83.64
N ILE A 85 -25.32 60.58 82.72
CA ILE A 85 -25.71 59.17 82.63
C ILE A 85 -25.34 58.43 83.90
N ILE A 86 -24.12 58.65 84.38
CA ILE A 86 -23.65 57.98 85.59
C ILE A 86 -24.51 58.38 86.78
N LEU A 87 -24.85 59.67 86.88
CA LEU A 87 -25.62 60.15 88.01
C LEU A 87 -27.02 59.55 88.02
N ASP A 88 -27.68 59.51 86.86
CA ASP A 88 -29.05 58.99 86.85
C ASP A 88 -29.07 57.48 87.08
N THR A 89 -28.10 56.76 86.51
CA THR A 89 -28.03 55.32 86.75
C THR A 89 -27.76 55.02 88.22
N LEU A 90 -26.85 55.78 88.83
CA LEU A 90 -26.59 55.63 90.26
C LEU A 90 -27.83 55.93 91.07
N GLU A 91 -28.60 56.95 90.64
CA GLU A 91 -29.80 57.31 91.36
C GLU A 91 -30.83 56.19 91.30
N LYS A 92 -31.00 55.58 90.13
CA LYS A 92 -31.96 54.49 90.00
C LYS A 92 -31.53 53.28 90.84
N CYS A 93 -30.24 52.95 90.82
CA CYS A 93 -29.77 51.81 91.58
C CYS A 93 -29.84 52.07 93.08
N LEU A 94 -29.64 53.32 93.49
CA LEU A 94 -29.75 53.65 94.91
C LEU A 94 -31.21 53.63 95.36
N ALA A 95 -32.12 54.07 94.50
CA ALA A 95 -33.53 54.07 94.85
C ALA A 95 -34.10 52.67 94.92
N GLY A 96 -33.72 51.82 93.96
CA GLY A 96 -34.23 50.46 93.96
C GLY A 96 -33.57 49.51 94.91
N GLN A 97 -32.56 49.97 95.65
CA GLN A 97 -31.84 49.10 96.58
C GLN A 97 -32.70 48.54 97.70
N PRO A 98 -33.49 49.33 98.49
CA PRO A 98 -34.16 48.71 99.64
C PRO A 98 -35.35 47.86 99.24
N LYS A 99 -35.06 46.68 98.70
CA LYS A 99 -36.11 45.68 98.49
C LYS A 99 -36.61 45.15 99.83
N ASP A 100 -35.77 45.20 100.86
CA ASP A 100 -36.18 44.98 102.24
C ASP A 100 -35.60 46.10 103.09
N THR A 101 -35.71 45.94 104.40
CA THR A 101 -35.07 46.89 105.33
C THR A 101 -33.60 46.54 105.43
N MET A 102 -32.82 47.01 104.46
CA MET A 102 -31.36 46.86 104.48
C MET A 102 -30.76 48.26 104.29
N ARG A 103 -30.56 48.94 105.42
CA ARG A 103 -30.08 50.32 105.37
C ARG A 103 -28.58 50.38 105.55
N LEU A 104 -28.01 49.36 106.20
CA LEU A 104 -26.62 49.42 106.60
C LEU A 104 -25.70 49.28 105.40
N ASP A 105 -24.83 50.26 105.23
CA ASP A 105 -23.76 50.22 104.24
C ASP A 105 -22.46 50.51 104.96
N GLU A 106 -21.36 50.02 104.40
CA GLU A 106 -20.07 50.29 105.00
C GLU A 106 -19.76 51.78 104.94
N THR A 107 -19.28 52.33 106.06
CA THR A 107 -19.10 53.76 106.19
C THR A 107 -18.05 54.30 105.22
N MET A 108 -16.97 53.54 105.02
CA MET A 108 -15.95 53.99 104.08
C MET A 108 -16.45 53.93 102.64
N LEU A 109 -17.36 53.00 102.33
CA LEU A 109 -17.93 52.94 101.00
C LEU A 109 -18.76 54.18 100.70
N VAL A 110 -19.52 54.65 101.68
CA VAL A 110 -20.18 55.95 101.56
C VAL A 110 -19.14 57.05 101.47
N LYS A 111 -18.11 56.97 102.31
CA LYS A 111 -17.06 57.98 102.36
C LYS A 111 -16.26 58.00 101.06
N GLN A 112 -16.13 56.85 100.41
CA GLN A 112 -15.49 56.82 99.09
C GLN A 112 -16.37 57.50 98.05
N LEU A 113 -17.68 57.28 98.12
CA LEU A 113 -18.60 57.99 97.25
C LEU A 113 -18.64 59.48 97.55
N LEU A 114 -18.37 59.83 98.81
CA LEU A 114 -18.69 61.17 99.32
C LEU A 114 -18.00 62.33 98.60
N PRO A 115 -16.67 62.36 98.40
CA PRO A 115 -16.03 63.66 98.12
C PRO A 115 -16.36 64.24 96.76
N GLU A 116 -16.40 63.42 95.72
CA GLU A 116 -16.71 63.93 94.38
C GLU A 116 -18.12 64.49 94.32
N ILE A 117 -19.08 63.78 94.90
CA ILE A 117 -20.46 64.26 94.93
C ILE A 117 -20.56 65.52 95.77
N CYS A 118 -19.80 65.59 96.85
CA CYS A 118 -19.92 66.73 97.76
C CYS A 118 -19.20 67.96 97.22
N HIS A 119 -18.28 67.78 96.28
CA HIS A 119 -17.49 68.91 95.81
C HIS A 119 -17.78 69.32 94.37
N PHE A 120 -17.80 68.39 93.42
CA PHE A 120 -17.78 68.77 92.02
C PHE A 120 -19.12 69.31 91.55
N LEU A 121 -20.13 69.28 92.41
CA LEU A 121 -21.35 70.03 92.16
C LEU A 121 -21.66 71.02 93.28
N HIS A 122 -20.94 70.95 94.40
CA HIS A 122 -21.31 71.72 95.59
C HIS A 122 -20.15 72.42 96.28
N THR A 123 -18.97 72.53 95.66
CA THR A 123 -18.06 73.60 96.07
C THR A 123 -18.69 74.94 95.77
N CYS A 124 -19.36 75.04 94.63
CA CYS A 124 -20.18 76.18 94.26
C CYS A 124 -21.14 75.67 93.18
N ARG A 125 -21.87 76.59 92.58
CA ARG A 125 -22.51 76.25 91.32
C ARG A 125 -21.46 76.13 90.22
N GLU A 126 -21.21 74.89 89.79
CA GLU A 126 -20.14 74.57 88.86
C GLU A 126 -20.72 74.22 87.51
N GLY A 127 -20.42 75.03 86.50
CA GLY A 127 -20.89 74.73 85.15
C GLY A 127 -22.39 74.78 85.00
N ASN A 128 -23.03 75.74 85.66
CA ASN A 128 -24.48 75.77 85.84
C ASN A 128 -25.23 75.81 84.52
N GLN A 129 -24.65 76.45 83.49
CA GLN A 129 -25.27 76.49 82.17
C GLN A 129 -25.42 75.09 81.58
N HIS A 130 -24.54 74.16 81.95
CA HIS A 130 -24.73 72.76 81.64
C HIS A 130 -25.12 71.94 82.85
N ALA A 131 -24.57 72.24 84.02
CA ALA A 131 -24.67 71.35 85.16
C ALA A 131 -25.65 71.82 86.23
N ALA A 132 -26.62 72.67 85.89
CA ALA A 132 -27.70 72.93 86.83
C ALA A 132 -28.50 71.66 87.11
N GLU A 133 -28.85 70.93 86.06
CA GLU A 133 -29.56 69.67 86.27
C GLU A 133 -28.63 68.61 86.84
N LEU A 134 -27.32 68.73 86.59
CA LEU A 134 -26.38 67.85 87.26
C LEU A 134 -26.36 68.10 88.76
N ARG A 135 -26.47 69.38 89.16
CA ARG A 135 -26.60 69.70 90.57
C ARG A 135 -27.89 69.15 91.14
N ASN A 136 -28.96 69.20 90.35
CA ASN A 136 -30.22 68.61 90.77
C ASN A 136 -30.09 67.10 90.97
N SER A 137 -29.41 66.42 90.04
CA SER A 137 -29.23 64.99 90.14
C SER A 137 -28.33 64.62 91.32
N ALA A 138 -27.30 65.44 91.56
CA ALA A 138 -26.43 65.21 92.71
C ALA A 138 -27.18 65.39 94.02
N SER A 139 -28.05 66.41 94.08
CA SER A 139 -28.89 66.57 95.26
C SER A 139 -29.84 65.39 95.43
N GLY A 140 -30.36 64.87 94.31
CA GLY A 140 -31.24 63.72 94.39
C GLY A 140 -30.56 62.47 94.90
N VAL A 141 -29.36 62.19 94.40
CA VAL A 141 -28.63 61.01 94.88
C VAL A 141 -28.18 61.23 96.32
N LEU A 142 -27.90 62.49 96.70
CA LEU A 142 -27.49 62.74 98.07
C LEU A 142 -28.65 62.56 99.03
N PHE A 143 -29.85 62.98 98.63
CA PHE A 143 -31.03 62.73 99.44
C PHE A 143 -31.33 61.23 99.54
N SER A 144 -31.23 60.52 98.42
CA SER A 144 -31.52 59.09 98.42
C SER A 144 -30.42 58.31 99.13
N LEU A 145 -29.26 58.93 99.32
CA LEU A 145 -28.22 58.31 100.13
C LEU A 145 -28.44 58.60 101.61
N SER A 146 -28.78 59.84 101.93
CA SER A 146 -28.92 60.24 103.33
C SER A 146 -30.18 59.68 103.94
N CYS A 147 -31.12 59.21 103.11
CA CYS A 147 -32.24 58.47 103.67
C CYS A 147 -31.78 57.13 104.23
N ASN A 148 -30.62 56.66 103.80
CA ASN A 148 -30.11 55.38 104.29
C ASN A 148 -29.04 55.58 105.36
N ASN A 149 -27.97 56.30 105.02
CA ASN A 149 -26.77 56.31 105.85
C ASN A 149 -26.25 57.73 106.05
N PHE A 150 -27.13 58.64 106.48
CA PHE A 150 -26.74 60.05 106.62
C PHE A 150 -25.76 60.28 107.75
N ASN A 151 -25.54 59.29 108.61
CA ASN A 151 -24.79 59.52 109.85
C ASN A 151 -23.35 59.88 109.56
N ALA A 152 -22.76 59.31 108.52
CA ALA A 152 -21.41 59.67 108.12
C ALA A 152 -21.35 61.13 107.68
N VAL A 153 -22.35 61.57 106.91
CA VAL A 153 -22.39 62.97 106.47
C VAL A 153 -22.62 63.89 107.65
N PHE A 154 -23.43 63.46 108.61
CA PHE A 154 -23.69 64.24 109.81
C PHE A 154 -22.43 64.41 110.64
N SER A 155 -21.65 63.33 110.77
CA SER A 155 -20.37 63.42 111.44
C SER A 155 -19.42 64.33 110.68
N ARG A 156 -19.47 64.28 109.34
CA ARG A 156 -18.67 65.18 108.52
C ARG A 156 -19.03 66.63 108.81
N ILE A 157 -20.33 66.91 108.91
CA ILE A 157 -20.80 68.27 109.19
C ILE A 157 -20.30 68.74 110.55
N SER A 158 -20.39 67.86 111.55
CA SER A 158 -19.89 68.22 112.88
C SER A 158 -18.39 68.48 112.87
N THR A 159 -17.64 67.64 112.16
CA THR A 159 -16.18 67.77 112.17
C THR A 159 -15.72 69.04 111.46
N ARG A 160 -16.39 69.43 110.38
CA ARG A 160 -15.95 70.64 109.68
C ARG A 160 -16.30 71.89 110.47
N LEU A 161 -17.45 71.88 111.14
CA LEU A 161 -17.78 72.97 112.05
C LEU A 161 -16.77 73.07 113.18
N GLN A 162 -16.32 71.92 113.69
CA GLN A 162 -15.26 71.93 114.68
C GLN A 162 -13.96 72.42 114.05
N GLU A 163 -13.76 72.13 112.77
CA GLU A 163 -12.60 72.57 111.99
C GLU A 163 -12.61 74.07 111.74
N LEU A 164 -13.73 74.75 112.04
CA LEU A 164 -13.81 76.20 111.81
C LEU A 164 -13.05 77.02 112.85
N THR A 165 -12.03 76.43 113.49
CA THR A 165 -11.46 76.76 114.82
C THR A 165 -11.26 78.26 115.01
N VAL A 166 -10.33 78.90 114.30
CA VAL A 166 -9.87 80.24 114.63
C VAL A 166 -9.91 81.18 113.43
N CYS A 167 -9.20 80.82 112.36
CA CYS A 167 -8.94 81.75 111.27
C CYS A 167 -10.22 82.04 110.47
N SER A 168 -10.37 83.31 110.10
CA SER A 168 -11.53 83.74 109.33
C SER A 168 -11.36 83.50 107.84
N GLU A 169 -10.17 83.11 107.40
CA GLU A 169 -9.93 82.82 105.98
C GLU A 169 -10.26 81.36 105.70
N ASP A 170 -11.55 81.04 105.85
CA ASP A 170 -12.07 79.71 105.59
C ASP A 170 -13.20 79.84 104.58
N ASN A 171 -13.09 79.10 103.48
CA ASN A 171 -14.17 79.02 102.51
C ASN A 171 -14.84 77.65 102.54
N VAL A 172 -14.65 76.89 103.60
CA VAL A 172 -15.15 75.51 103.62
C VAL A 172 -16.66 75.47 103.83
N ASP A 173 -17.26 76.59 104.20
CA ASP A 173 -18.69 76.62 104.47
C ASP A 173 -19.51 76.42 103.20
N VAL A 174 -19.09 77.07 102.12
CA VAL A 174 -19.76 76.85 100.84
C VAL A 174 -19.50 75.43 100.35
N HIS A 175 -18.39 74.84 100.80
CA HIS A 175 -18.07 73.48 100.40
C HIS A 175 -18.79 72.46 101.28
N ASP A 176 -18.94 72.75 102.57
CA ASP A 176 -19.43 71.74 103.50
C ASP A 176 -20.78 72.06 104.13
N ILE A 177 -20.95 73.27 104.65
CA ILE A 177 -22.17 73.57 105.39
C ILE A 177 -23.37 73.61 104.45
N GLU A 178 -23.14 74.06 103.21
CA GLU A 178 -24.18 74.09 102.19
C GLU A 178 -24.73 72.70 101.88
N LEU A 179 -23.93 71.67 102.11
CA LEU A 179 -24.36 70.29 101.92
C LEU A 179 -25.52 69.94 102.85
N LEU A 180 -25.66 70.67 103.96
CA LEU A 180 -26.78 70.48 104.87
C LEU A 180 -28.11 70.79 104.20
N GLN A 181 -28.06 71.57 103.12
CA GLN A 181 -29.27 71.93 102.38
C GLN A 181 -29.95 70.71 101.77
N TYR A 182 -29.18 69.77 101.26
CA TYR A 182 -29.71 68.78 100.35
C TYR A 182 -30.02 67.44 101.01
N ILE A 183 -29.79 67.29 102.29
CA ILE A 183 -29.90 65.99 102.93
C ILE A 183 -31.31 65.79 103.46
N ASN A 184 -31.68 64.52 103.60
CA ASN A 184 -32.93 64.18 104.28
C ASN A 184 -32.79 64.48 105.77
N VAL A 185 -33.86 65.03 106.34
CA VAL A 185 -33.87 65.40 107.75
C VAL A 185 -35.24 65.04 108.31
N ASP A 186 -35.26 64.21 109.35
CA ASP A 186 -36.49 63.93 110.08
C ASP A 186 -36.48 64.72 111.39
N CYS A 187 -37.57 64.55 112.16
CA CYS A 187 -37.83 65.38 113.32
C CYS A 187 -36.74 65.22 114.38
N ALA A 188 -36.45 63.97 114.76
CA ALA A 188 -35.35 63.72 115.69
C ALA A 188 -34.02 64.11 115.08
N LYS A 189 -33.86 63.86 113.78
CA LYS A 189 -32.65 64.30 113.08
C LYS A 189 -32.53 65.81 113.10
N LEU A 190 -33.65 66.51 112.94
CA LEU A 190 -33.64 67.97 113.03
C LEU A 190 -33.27 68.43 114.43
N LYS A 191 -33.78 67.75 115.46
CA LYS A 191 -33.40 68.07 116.83
C LYS A 191 -31.92 67.89 117.02
N ARG A 192 -31.37 66.80 116.47
CA ARG A 192 -29.93 66.55 116.56
C ARG A 192 -29.13 67.64 115.86
N LEU A 193 -29.56 68.03 114.66
CA LEU A 193 -28.87 69.09 113.91
C LEU A 193 -28.87 70.40 114.67
N LEU A 194 -30.04 70.81 115.15
CA LEU A 194 -30.12 72.14 115.73
C LEU A 194 -29.48 72.15 117.10
N LYS A 195 -29.53 71.02 117.82
CA LYS A 195 -28.82 70.90 119.08
C LYS A 195 -27.31 70.97 118.88
N GLU A 196 -26.78 70.27 117.87
CA GLU A 196 -25.35 70.27 117.63
C GLU A 196 -24.86 71.65 117.22
N THR A 197 -25.54 72.24 116.23
CA THR A 197 -25.22 73.59 115.81
C THR A 197 -25.44 74.58 116.95
N ALA A 198 -26.35 74.27 117.86
CA ALA A 198 -26.62 75.15 118.99
C ALA A 198 -25.47 75.15 119.97
N PHE A 199 -24.98 73.97 120.37
CA PHE A 199 -23.98 73.97 121.42
C PHE A 199 -22.62 74.38 120.88
N LYS A 200 -22.38 74.20 119.57
CA LYS A 200 -21.15 74.71 119.00
C LYS A 200 -21.32 76.04 118.29
N PHE A 201 -22.49 76.66 118.42
CA PHE A 201 -22.80 77.83 117.61
C PHE A 201 -22.18 79.08 118.21
N LYS A 202 -21.65 78.96 119.43
CA LYS A 202 -20.88 80.04 120.04
C LYS A 202 -19.63 80.34 119.22
N ALA A 203 -19.33 81.63 119.08
CA ALA A 203 -18.08 82.18 118.55
C ALA A 203 -17.77 81.76 117.13
N LEU A 204 -18.73 81.22 116.40
CA LEU A 204 -18.48 80.84 115.02
C LEU A 204 -18.34 82.08 114.17
N LYS A 205 -17.66 81.93 113.03
CA LYS A 205 -17.41 83.08 112.16
C LYS A 205 -18.72 83.57 111.55
N LYS A 206 -18.86 84.91 111.52
CA LYS A 206 -20.13 85.50 111.11
C LYS A 206 -20.43 85.21 109.65
N VAL A 207 -19.42 85.32 108.78
CA VAL A 207 -19.62 85.00 107.37
C VAL A 207 -19.85 83.51 107.19
N ALA A 208 -19.28 82.70 108.07
CA ALA A 208 -19.63 81.28 108.10
C ALA A 208 -21.06 81.10 108.59
N GLN A 209 -21.44 81.86 109.61
CA GLN A 209 -22.78 81.71 110.18
C GLN A 209 -23.86 82.12 109.20
N LEU A 210 -23.54 82.97 108.22
CA LEU A 210 -24.54 83.35 107.22
C LEU A 210 -24.96 82.15 106.39
N ALA A 211 -23.99 81.40 105.87
CA ALA A 211 -24.29 80.18 105.14
C ALA A 211 -24.90 79.14 106.06
N VAL A 212 -24.51 79.16 107.34
CA VAL A 212 -25.14 78.29 108.33
C VAL A 212 -26.62 78.59 108.43
N ILE A 213 -26.98 79.87 108.54
CA ILE A 213 -28.38 80.29 108.64
C ILE A 213 -29.14 79.90 107.39
N ASN A 214 -28.50 80.05 106.22
CA ASN A 214 -29.16 79.69 104.96
C ASN A 214 -29.47 78.20 104.92
N SER A 215 -28.52 77.37 105.34
CA SER A 215 -28.76 75.93 105.38
C SER A 215 -29.84 75.58 106.37
N LEU A 216 -29.83 76.23 107.54
CA LEU A 216 -30.83 75.98 108.56
C LEU A 216 -32.22 76.37 108.05
N GLU A 217 -32.30 77.44 107.26
CA GLU A 217 -33.53 77.78 106.60
C GLU A 217 -33.97 76.69 105.63
N LYS A 218 -33.05 76.24 104.79
CA LYS A 218 -33.43 75.37 103.69
C LYS A 218 -33.88 74.00 104.17
N ALA A 219 -33.22 73.47 105.20
CA ALA A 219 -33.47 72.09 105.59
C ALA A 219 -34.87 71.93 106.19
N PHE A 220 -35.39 73.01 106.78
CA PHE A 220 -36.70 72.96 107.42
C PHE A 220 -37.77 72.62 106.41
N TRP A 221 -37.66 73.16 105.19
CA TRP A 221 -38.67 72.92 104.18
C TRP A 221 -38.66 71.48 103.70
N ASN A 222 -37.47 70.87 103.57
CA ASN A 222 -37.40 69.45 103.23
C ASN A 222 -38.05 68.61 104.32
N TRP A 223 -37.80 68.98 105.57
CA TRP A 223 -38.47 68.31 106.69
C TRP A 223 -39.98 68.44 106.59
N VAL A 224 -40.45 69.63 106.17
CA VAL A 224 -41.89 69.82 105.98
C VAL A 224 -42.40 68.89 104.89
N GLU A 225 -41.70 68.87 103.75
CA GLU A 225 -42.29 68.29 102.55
C GLU A 225 -42.30 66.77 102.60
N ASN A 226 -41.23 66.15 103.08
CA ASN A 226 -41.24 64.69 103.08
C ASN A 226 -42.18 64.13 104.15
N TYR A 227 -42.21 64.75 105.31
CA TYR A 227 -43.00 64.18 106.40
C TYR A 227 -44.32 64.91 106.52
N PRO A 228 -45.42 64.24 106.23
CA PRO A 228 -46.72 64.92 106.09
C PRO A 228 -47.29 65.43 107.41
N ASP A 229 -47.41 64.53 108.38
CA ASP A 229 -48.24 64.80 109.55
C ASP A 229 -47.44 64.97 110.83
N GLU A 230 -46.11 64.89 110.78
CA GLU A 230 -45.33 65.06 112.00
C GLU A 230 -45.36 66.49 112.47
N PHE A 231 -45.49 67.38 111.49
CA PHE A 231 -45.61 68.82 111.83
C PHE A 231 -47.00 69.00 112.42
N THR A 232 -47.98 68.21 111.94
CA THR A 232 -49.35 68.29 112.49
C THR A 232 -49.29 67.89 113.94
N LYS A 233 -48.52 66.85 114.21
CA LYS A 233 -48.39 66.39 115.60
C LYS A 233 -47.79 67.52 116.41
N LEU A 234 -46.87 68.29 115.85
CA LEU A 234 -46.22 69.30 116.71
C LEU A 234 -47.34 70.18 117.24
N TYR A 235 -48.35 70.42 116.42
CA TYR A 235 -49.37 71.36 116.92
C TYR A 235 -50.35 70.65 117.84
N GLN A 236 -50.22 69.34 118.03
CA GLN A 236 -51.09 68.63 119.02
C GLN A 236 -50.35 68.29 120.32
N ILE A 237 -49.16 67.70 120.20
CA ILE A 237 -48.34 67.33 121.40
C ILE A 237 -47.01 68.13 121.35
N PRO A 238 -46.85 69.31 121.99
CA PRO A 238 -45.66 70.13 121.79
C PRO A 238 -44.42 69.53 122.41
N GLN A 239 -43.45 69.17 121.58
CA GLN A 239 -42.15 68.74 122.09
C GLN A 239 -41.38 69.99 122.48
N THR A 240 -41.35 70.27 123.78
CA THR A 240 -40.72 71.51 124.24
C THR A 240 -39.21 71.49 124.09
N ASP A 241 -38.62 70.31 123.89
CA ASP A 241 -37.17 70.23 123.71
C ASP A 241 -36.74 70.97 122.46
N MET A 242 -37.54 70.89 121.40
CA MET A 242 -37.23 71.59 120.16
C MET A 242 -37.19 73.10 120.38
N ALA A 243 -38.18 73.61 121.12
CA ALA A 243 -38.23 75.04 121.42
C ALA A 243 -37.09 75.46 122.31
N GLU A 244 -36.75 74.64 123.30
CA GLU A 244 -35.64 74.94 124.20
C GLU A 244 -34.33 75.01 123.44
N CYS A 245 -34.16 74.11 122.47
CA CYS A 245 -32.98 74.18 121.62
C CYS A 245 -33.02 75.40 120.72
N ALA A 246 -34.20 75.76 120.22
CA ALA A 246 -34.30 76.82 119.23
C ALA A 246 -34.09 78.19 119.86
N GLU A 247 -34.39 78.32 121.15
CA GLU A 247 -34.31 79.63 121.79
C GLU A 247 -32.87 80.12 121.89
N LYS A 248 -31.92 79.22 122.08
CA LYS A 248 -30.53 79.63 122.16
C LYS A 248 -30.04 80.17 120.82
N LEU A 249 -30.43 79.49 119.73
CA LEU A 249 -30.13 79.98 118.39
C LEU A 249 -30.80 81.32 118.14
N PHE A 250 -32.04 81.47 118.58
CA PHE A 250 -32.73 82.76 118.57
C PHE A 250 -31.88 83.83 119.20
N ASP A 251 -31.39 83.57 120.42
CA ASP A 251 -30.69 84.60 121.17
C ASP A 251 -29.39 84.99 120.50
N LEU A 252 -28.61 84.01 120.03
CA LEU A 252 -27.31 84.39 119.48
C LEU A 252 -27.48 85.05 118.13
N VAL A 253 -28.44 84.58 117.33
CA VAL A 253 -28.67 85.19 116.02
C VAL A 253 -29.22 86.60 116.19
N ASP A 254 -30.06 86.81 117.20
CA ASP A 254 -30.54 88.15 117.51
C ASP A 254 -29.40 89.07 117.93
N GLY A 255 -28.47 88.55 118.74
CA GLY A 255 -27.28 89.34 119.06
C GLY A 255 -26.40 89.58 117.85
N PHE A 256 -26.47 88.67 116.88
CA PHE A 256 -25.61 88.75 115.70
C PHE A 256 -26.06 89.87 114.76
N ALA A 257 -27.31 90.31 114.89
CA ALA A 257 -27.84 91.29 113.95
C ALA A 257 -27.24 92.67 114.19
N GLU A 258 -27.31 93.16 115.43
CA GLU A 258 -27.07 94.57 115.79
C GLU A 258 -27.91 95.52 114.92
N SER A 259 -29.08 95.07 114.49
CA SER A 259 -30.03 95.86 113.68
C SER A 259 -29.41 96.38 112.39
N THR A 260 -28.42 95.64 111.87
CA THR A 260 -27.76 96.03 110.64
C THR A 260 -28.43 95.36 109.45
N LYS A 261 -27.76 95.40 108.30
CA LYS A 261 -28.20 94.62 107.14
C LYS A 261 -28.27 93.14 107.46
N ARG A 262 -27.39 92.67 108.35
CA ARG A 262 -27.43 91.29 108.82
C ARG A 262 -28.77 90.95 109.45
N LYS A 263 -29.44 91.94 110.04
CA LYS A 263 -30.78 91.74 110.61
C LYS A 263 -31.74 91.17 109.58
N ALA A 264 -31.62 91.62 108.33
CA ALA A 264 -32.42 91.07 107.24
C ALA A 264 -32.21 89.57 107.12
N ALA A 265 -30.94 89.15 107.11
CA ALA A 265 -30.64 87.73 107.00
C ALA A 265 -31.09 86.96 108.24
N VAL A 266 -31.31 87.66 109.34
CA VAL A 266 -31.91 87.03 110.50
C VAL A 266 -33.34 86.60 110.21
N TRP A 267 -34.12 87.51 109.64
CA TRP A 267 -35.58 87.46 109.75
C TRP A 267 -36.28 86.23 109.20
N PRO A 268 -35.92 85.66 108.04
CA PRO A 268 -36.67 84.47 107.58
C PRO A 268 -36.56 83.29 108.52
N LEU A 269 -35.33 82.80 108.76
CA LEU A 269 -35.13 81.71 109.69
C LEU A 269 -35.65 82.06 111.07
N GLN A 270 -35.51 83.33 111.45
CA GLN A 270 -36.06 83.85 112.68
C GLN A 270 -37.54 83.52 112.80
N ILE A 271 -38.31 83.82 111.75
CA ILE A 271 -39.75 83.53 111.76
C ILE A 271 -40.00 82.05 111.93
N ILE A 272 -39.25 81.26 111.17
CA ILE A 272 -39.54 79.80 111.18
C ILE A 272 -39.46 79.39 112.64
N LEU A 273 -38.51 79.98 113.34
CA LEU A 273 -38.29 79.49 114.70
C LEU A 273 -39.57 79.70 115.48
N LEU A 274 -40.20 80.86 115.32
CA LEU A 274 -41.37 81.13 116.18
C LEU A 274 -42.38 80.05 115.91
N ILE A 275 -42.49 79.63 114.66
CA ILE A 275 -43.51 78.62 114.26
C ILE A 275 -43.20 77.34 115.02
N LEU A 276 -41.97 77.20 115.42
CA LEU A 276 -41.58 75.96 116.11
C LEU A 276 -41.80 76.14 117.61
N CYS A 277 -42.47 77.21 118.05
CA CYS A 277 -42.80 77.29 119.51
C CYS A 277 -44.27 77.57 119.77
N PRO A 278 -45.19 76.59 119.58
CA PRO A 278 -46.63 76.85 119.65
C PRO A 278 -47.22 77.56 120.87
N GLU A 279 -46.53 77.52 122.01
CA GLU A 279 -47.05 78.14 123.22
C GLU A 279 -46.66 79.60 123.30
N ILE A 280 -45.45 79.94 122.85
CA ILE A 280 -44.99 81.32 122.99
C ILE A 280 -45.65 82.22 121.98
N ILE A 281 -46.36 81.66 121.00
CA ILE A 281 -47.17 82.48 120.10
C ILE A 281 -48.35 83.08 120.86
N GLN A 282 -49.05 82.25 121.65
CA GLN A 282 -50.09 82.80 122.52
C GLN A 282 -49.48 83.67 123.59
N ASP A 283 -48.29 83.30 124.07
CA ASP A 283 -47.66 84.06 125.14
C ASP A 283 -47.23 85.44 124.67
N ILE A 284 -46.75 85.54 123.42
CA ILE A 284 -46.29 86.82 122.91
C ILE A 284 -47.46 87.71 122.55
N SER A 285 -48.66 87.13 122.41
CA SER A 285 -49.85 87.93 122.19
C SER A 285 -51.01 87.43 123.06
N GLU A 291 -41.32 86.79 130.86
CA GLU A 291 -40.71 88.12 130.92
C GLU A 291 -39.71 88.32 129.82
N ASN A 292 -38.72 87.42 129.75
CA ASN A 292 -37.65 87.51 128.76
C ASN A 292 -38.15 87.42 127.33
N ASN A 293 -39.29 86.76 127.10
CA ASN A 293 -39.92 86.65 125.79
C ASN A 293 -40.24 88.00 125.16
N MET A 294 -40.14 89.09 125.93
CA MET A 294 -40.26 90.44 125.39
C MET A 294 -39.29 90.68 124.23
N ASN A 295 -38.14 89.99 124.24
CA ASN A 295 -37.19 90.13 123.14
C ASN A 295 -37.80 89.77 121.79
N LYS A 296 -38.65 88.72 121.76
CA LYS A 296 -39.33 88.33 120.53
C LYS A 296 -40.21 89.46 120.01
N LYS A 297 -40.83 90.20 120.94
CA LYS A 297 -41.68 91.31 120.56
C LYS A 297 -40.90 92.34 119.75
N LEU A 298 -39.63 92.54 120.10
CA LEU A 298 -38.83 93.57 119.43
C LEU A 298 -38.47 93.22 118.00
N PHE A 299 -38.82 92.03 117.50
CA PHE A 299 -38.84 91.97 116.04
C PHE A 299 -40.26 91.83 115.53
N LEU A 300 -41.12 91.13 116.30
CA LEU A 300 -42.38 90.65 115.73
C LEU A 300 -43.30 91.80 115.39
N ASP A 301 -43.53 92.69 116.35
CA ASP A 301 -44.23 93.93 116.04
C ASP A 301 -43.45 94.74 115.01
N SER A 302 -42.13 94.77 115.15
CA SER A 302 -41.28 95.39 114.14
C SER A 302 -41.50 94.77 112.78
N LEU A 303 -41.73 93.45 112.74
CA LEU A 303 -42.11 92.78 111.52
C LEU A 303 -43.33 93.42 110.89
N ARG A 304 -44.39 93.57 111.69
CA ARG A 304 -45.58 94.26 111.22
C ARG A 304 -45.27 95.70 110.88
N LYS A 305 -44.38 96.32 111.65
CA LYS A 305 -43.97 97.70 111.37
C LYS A 305 -43.24 97.78 110.03
N ALA A 306 -42.54 96.71 109.64
CA ALA A 306 -41.90 96.68 108.35
C ALA A 306 -42.79 96.07 107.28
N LEU A 307 -43.90 95.44 107.67
CA LEU A 307 -44.74 94.81 106.67
C LEU A 307 -45.53 95.84 105.91
N ALA A 308 -45.89 96.94 106.58
CA ALA A 308 -46.54 98.06 105.91
C ALA A 308 -45.54 98.92 105.14
N GLY A 309 -44.25 98.63 105.23
CA GLY A 309 -43.25 99.47 104.59
C GLY A 309 -43.18 100.84 105.20
N HIS A 310 -43.42 100.91 106.51
CA HIS A 310 -43.50 102.19 107.21
C HIS A 310 -42.11 102.57 107.68
N GLY A 311 -41.49 103.52 106.99
CA GLY A 311 -40.16 103.95 107.34
C GLY A 311 -39.12 102.91 106.97
N GLY A 312 -37.92 103.11 107.50
CA GLY A 312 -36.86 102.16 107.27
C GLY A 312 -36.32 102.22 105.85
N SER A 313 -35.81 101.08 105.40
CA SER A 313 -35.23 100.97 104.07
C SER A 313 -36.02 99.97 103.25
N ARG A 314 -35.59 99.85 101.99
CA ARG A 314 -36.20 98.86 101.10
C ARG A 314 -35.79 97.46 101.49
N GLN A 315 -34.58 97.29 102.01
CA GLN A 315 -34.06 95.96 102.32
C GLN A 315 -34.84 95.31 103.44
N LEU A 316 -35.10 96.07 104.51
CA LEU A 316 -35.90 95.55 105.61
C LEU A 316 -37.32 95.23 105.14
N THR A 317 -37.86 96.07 104.26
CA THR A 317 -39.19 95.84 103.71
C THR A 317 -39.23 94.53 102.94
N GLU A 318 -38.26 94.33 102.04
CA GLU A 318 -38.23 93.13 101.23
C GLU A 318 -38.04 91.89 102.09
N SER A 319 -37.15 91.97 103.07
CA SER A 319 -36.90 90.81 103.92
C SER A 319 -38.10 90.48 104.78
N ALA A 320 -38.81 91.50 105.26
CA ALA A 320 -40.03 91.26 106.00
C ALA A 320 -41.08 90.60 105.11
N ALA A 321 -41.14 91.01 103.85
CA ALA A 321 -42.06 90.38 102.92
C ALA A 321 -41.71 88.92 102.69
N ILE A 322 -40.42 88.62 102.53
CA ILE A 322 -40.00 87.23 102.33
C ILE A 322 -40.34 86.39 103.55
N ALA A 323 -40.09 86.94 104.74
CA ALA A 323 -40.38 86.22 105.97
C ALA A 323 -41.87 85.96 106.10
N CYS A 324 -42.69 86.96 105.79
CA CYS A 324 -44.13 86.79 105.93
C CYS A 324 -44.66 85.79 104.90
N VAL A 325 -44.08 85.78 103.71
CA VAL A 325 -44.47 84.81 102.70
C VAL A 325 -44.12 83.40 103.16
N LYS A 326 -42.93 83.22 103.75
CA LYS A 326 -42.56 81.93 104.29
C LYS A 326 -43.48 81.54 105.44
N LEU A 327 -43.93 82.52 106.22
CA LEU A 327 -44.87 82.24 107.29
C LEU A 327 -46.19 81.72 106.76
N CYS A 328 -46.70 82.38 105.72
CA CYS A 328 -47.95 81.93 105.11
C CYS A 328 -47.79 80.56 104.48
N LYS A 329 -46.63 80.33 103.86
CA LYS A 329 -46.37 79.03 103.26
C LYS A 329 -46.30 77.94 104.31
N ALA A 330 -45.76 78.27 105.48
CA ALA A 330 -45.69 77.28 106.54
C ALA A 330 -47.07 76.98 107.10
N SER A 331 -47.87 78.01 107.33
CA SER A 331 -49.06 77.81 108.14
C SER A 331 -50.18 77.12 107.39
N THR A 332 -50.00 76.88 106.10
CA THR A 332 -51.03 76.14 105.37
C THR A 332 -50.96 74.65 105.69
N TYR A 333 -49.86 74.20 106.30
CA TYR A 333 -49.76 72.80 106.68
C TYR A 333 -50.48 72.53 107.99
N ILE A 334 -50.76 73.58 108.76
CA ILE A 334 -51.56 73.45 109.96
C ILE A 334 -53.00 73.10 109.58
N ASN A 335 -53.64 72.26 110.40
CA ASN A 335 -55.04 71.89 110.18
C ASN A 335 -55.90 72.46 111.29
N TRP A 336 -56.24 73.74 111.15
CA TRP A 336 -57.26 74.46 111.91
C TRP A 336 -57.07 74.42 113.42
N GLU A 337 -55.82 74.33 113.90
CA GLU A 337 -55.60 74.45 115.34
C GLU A 337 -55.76 75.89 115.81
N ASP A 338 -55.69 76.83 114.88
CA ASP A 338 -56.03 78.25 115.01
C ASP A 338 -55.03 79.00 115.88
N ASN A 339 -53.87 78.43 116.18
CA ASN A 339 -52.88 79.12 117.01
C ASN A 339 -52.34 80.35 116.28
N SER A 340 -51.87 80.16 115.06
CA SER A 340 -51.41 81.27 114.24
C SER A 340 -52.28 81.50 113.03
N VAL A 341 -53.34 80.70 112.83
CA VAL A 341 -54.28 80.91 111.74
C VAL A 341 -54.97 82.26 111.91
N ILE A 342 -55.26 82.64 113.14
CA ILE A 342 -55.72 83.99 113.41
C ILE A 342 -54.59 85.00 113.16
N PHE A 343 -53.37 84.67 113.55
CA PHE A 343 -52.24 85.55 113.24
C PHE A 343 -51.97 85.57 111.74
N LEU A 344 -52.22 84.42 111.08
CA LEU A 344 -52.18 84.38 109.62
C LEU A 344 -53.17 85.34 109.00
N LEU A 345 -54.41 85.33 109.49
CA LEU A 345 -55.42 86.21 108.95
C LEU A 345 -55.09 87.66 109.25
N VAL A 346 -54.39 87.91 110.35
CA VAL A 346 -53.91 89.25 110.64
C VAL A 346 -52.90 89.71 109.59
N GLN A 347 -51.89 88.89 109.31
CA GLN A 347 -50.84 89.37 108.44
C GLN A 347 -51.01 89.01 106.97
N SER A 348 -52.07 88.34 106.58
CA SER A 348 -52.16 87.86 105.21
C SER A 348 -53.04 88.76 104.38
N MET A 349 -54.32 88.87 104.74
CA MET A 349 -55.25 89.71 104.00
C MET A 349 -55.05 91.18 104.27
N VAL A 350 -54.07 91.53 105.11
CA VAL A 350 -53.63 92.92 105.20
C VAL A 350 -53.02 93.32 103.87
N VAL A 351 -53.22 94.59 103.50
CA VAL A 351 -52.57 95.11 102.30
C VAL A 351 -51.07 95.21 102.47
N ASP A 352 -50.58 95.15 103.71
CA ASP A 352 -49.14 95.10 103.95
C ASP A 352 -48.51 93.87 103.33
N LEU A 353 -49.29 92.80 103.14
CA LEU A 353 -48.85 91.69 102.31
C LEU A 353 -49.28 91.90 100.86
N LYS A 354 -50.56 92.21 100.65
CA LYS A 354 -51.09 92.25 99.29
C LYS A 354 -50.56 93.45 98.53
N ASN A 355 -50.78 94.65 99.06
CA ASN A 355 -50.56 95.85 98.26
C ASN A 355 -49.07 96.11 98.03
N LEU A 356 -48.20 95.41 98.74
CA LEU A 356 -46.81 95.39 98.30
C LEU A 356 -46.62 94.47 97.10
N LEU A 357 -47.31 93.35 97.08
CA LEU A 357 -47.07 92.40 96.00
C LEU A 357 -48.15 92.49 94.92
N PHE A 358 -49.41 92.24 95.27
CA PHE A 358 -50.49 92.33 94.29
C PHE A 358 -50.96 93.76 94.08
N ASN A 359 -50.06 94.66 93.84
CA ASN A 359 -50.55 95.98 93.49
C ASN A 359 -50.60 96.16 91.98
N PRO A 360 -51.76 96.52 91.45
CA PRO A 360 -51.89 96.69 89.99
C PRO A 360 -50.99 97.77 89.42
N SER A 361 -50.59 98.76 90.22
CA SER A 361 -49.57 99.72 89.85
C SER A 361 -48.43 99.64 90.85
N LYS A 362 -47.37 100.40 90.58
CA LYS A 362 -46.18 100.54 91.42
C LYS A 362 -45.58 99.16 91.74
N PRO A 363 -45.04 98.45 90.74
CA PRO A 363 -44.41 97.15 91.05
C PRO A 363 -42.92 97.29 91.32
N PHE A 364 -42.59 97.86 92.48
CA PHE A 364 -41.22 98.29 92.73
C PHE A 364 -40.36 97.16 93.26
N SER A 365 -40.88 95.92 93.20
CA SER A 365 -40.60 94.76 94.09
C SER A 365 -39.11 94.68 94.43
N ARG A 366 -38.20 94.55 93.46
CA ARG A 366 -36.78 94.59 93.73
C ARG A 366 -36.02 94.92 92.45
N GLY A 367 -34.71 95.15 92.60
CA GLY A 367 -33.91 95.62 91.49
C GLY A 367 -33.20 94.52 90.73
N SER A 368 -32.83 93.43 91.44
CA SER A 368 -32.14 92.33 90.80
C SER A 368 -33.04 91.61 89.79
N GLN A 369 -34.30 91.42 90.15
CA GLN A 369 -35.29 90.81 89.29
C GLN A 369 -36.50 91.73 89.25
N PRO A 370 -37.20 91.85 88.10
CA PRO A 370 -38.36 92.74 88.03
C PRO A 370 -39.45 92.41 89.03
N ALA A 371 -39.64 91.12 89.30
CA ALA A 371 -40.51 90.63 90.36
C ALA A 371 -40.12 89.18 90.63
N ASP A 372 -39.94 88.88 91.91
CA ASP A 372 -39.61 87.50 92.30
C ASP A 372 -40.87 86.67 92.11
N VAL A 373 -40.97 86.03 90.94
CA VAL A 373 -42.18 85.28 90.61
C VAL A 373 -42.30 84.04 91.47
N ASP A 374 -41.20 83.59 92.07
CA ASP A 374 -41.29 82.51 93.03
C ASP A 374 -41.92 83.00 94.33
N LEU A 375 -41.47 84.16 94.81
CA LEU A 375 -42.11 84.83 95.94
C LEU A 375 -43.57 85.10 95.65
N MET A 376 -43.83 85.63 94.46
CA MET A 376 -45.18 85.97 94.04
C MET A 376 -46.07 84.74 94.00
N ILE A 377 -45.55 83.67 93.41
CA ILE A 377 -46.33 82.45 93.25
C ILE A 377 -46.59 81.80 94.59
N ASP A 378 -45.63 81.88 95.51
CA ASP A 378 -45.85 81.27 96.82
C ASP A 378 -46.89 82.04 97.60
N CYS A 379 -46.84 83.37 97.53
CA CYS A 379 -47.84 84.19 98.20
C CYS A 379 -49.23 83.92 97.65
N LEU A 380 -49.37 83.93 96.32
CA LEU A 380 -50.68 83.71 95.70
C LEU A 380 -51.21 82.32 95.97
N VAL A 381 -50.36 81.29 95.82
CA VAL A 381 -50.82 79.92 95.99
C VAL A 381 -51.24 79.67 97.43
N SER A 382 -50.44 80.16 98.37
CA SER A 382 -50.79 80.05 99.78
C SER A 382 -52.11 80.75 100.07
N CYS A 383 -52.28 81.97 99.54
CA CYS A 383 -53.51 82.70 99.79
C CYS A 383 -54.72 81.99 99.18
N PHE A 384 -54.51 81.28 98.06
CA PHE A 384 -55.61 80.50 97.51
C PHE A 384 -55.93 79.31 98.40
N ARG A 385 -54.92 78.65 98.92
CA ARG A 385 -55.19 77.41 99.63
C ARG A 385 -55.58 77.66 101.08
N ILE A 386 -55.50 78.92 101.52
CA ILE A 386 -56.12 79.30 102.79
C ILE A 386 -57.61 79.55 102.59
N SER A 387 -57.95 80.47 101.68
CA SER A 387 -59.32 80.88 101.43
C SER A 387 -59.62 80.57 99.98
N PRO A 388 -60.21 79.40 99.70
CA PRO A 388 -60.45 79.03 98.29
C PRO A 388 -61.50 79.91 97.62
N HIS A 389 -62.59 80.20 98.32
CA HIS A 389 -63.72 80.85 97.67
C HIS A 389 -63.56 82.36 97.64
N ASN A 390 -62.59 82.90 98.39
CA ASN A 390 -62.20 84.28 98.20
C ASN A 390 -61.62 84.46 96.82
N ASN A 391 -61.95 85.57 96.18
CA ASN A 391 -61.66 85.72 94.76
C ASN A 391 -61.13 87.10 94.40
N GLN A 392 -60.83 87.96 95.37
CA GLN A 392 -60.22 89.25 95.06
C GLN A 392 -58.85 89.08 94.43
N HIS A 393 -58.06 88.16 94.99
CA HIS A 393 -56.68 87.97 94.55
C HIS A 393 -56.60 87.33 93.18
N PHE A 394 -57.57 86.50 92.82
CA PHE A 394 -57.67 86.09 91.41
C PHE A 394 -58.02 87.27 90.53
N LYS A 395 -58.96 88.11 90.98
CA LYS A 395 -59.52 89.16 90.15
C LYS A 395 -58.49 90.24 89.83
N ILE A 396 -57.59 90.53 90.78
CA ILE A 396 -56.67 91.64 90.58
C ILE A 396 -55.65 91.31 89.50
N CYS A 397 -55.40 90.02 89.27
CA CYS A 397 -54.44 89.65 88.24
C CYS A 397 -55.12 89.27 86.93
N LEU A 398 -56.34 88.72 86.98
CA LEU A 398 -57.01 88.36 85.73
C LEU A 398 -57.59 89.56 85.01
N ALA A 399 -57.48 90.76 85.56
CA ALA A 399 -57.93 91.94 84.85
C ALA A 399 -57.07 92.18 83.61
N GLN A 400 -57.72 92.61 82.54
CA GLN A 400 -57.00 92.83 81.28
C GLN A 400 -56.07 94.02 81.37
N ASN A 401 -56.49 95.08 82.07
CA ASN A 401 -55.63 96.24 82.24
C ASN A 401 -54.52 95.98 83.24
N SER A 402 -54.60 94.88 83.98
CA SER A 402 -53.49 94.47 84.83
C SER A 402 -52.30 94.09 83.95
N PRO A 403 -51.08 94.37 84.39
CA PRO A 403 -49.91 93.98 83.60
C PRO A 403 -49.81 92.47 83.46
N SER A 404 -49.25 92.03 82.32
CA SER A 404 -49.23 90.62 82.00
C SER A 404 -48.25 89.83 82.85
N THR A 405 -47.39 90.50 83.62
CA THR A 405 -46.56 89.80 84.58
C THR A 405 -47.41 89.12 85.63
N PHE A 406 -48.45 89.81 86.10
CA PHE A 406 -49.44 89.21 86.98
C PHE A 406 -50.11 88.03 86.32
N HIS A 407 -50.36 88.13 85.02
CA HIS A 407 -50.98 87.03 84.29
C HIS A 407 -50.06 85.81 84.26
N TYR A 408 -48.76 86.06 84.07
CA TYR A 408 -47.80 84.96 84.09
C TYR A 408 -47.76 84.33 85.47
N VAL A 409 -47.82 85.14 86.52
CA VAL A 409 -47.87 84.62 87.88
C VAL A 409 -49.10 83.75 88.07
N LEU A 410 -50.23 84.20 87.55
CA LEU A 410 -51.46 83.45 87.74
C LEU A 410 -51.43 82.12 87.01
N VAL A 411 -50.95 82.10 85.76
CA VAL A 411 -50.96 80.85 85.01
C VAL A 411 -49.96 79.86 85.62
N ASN A 412 -48.81 80.36 86.08
CA ASN A 412 -47.85 79.49 86.74
C ASN A 412 -48.43 78.92 88.03
N SER A 413 -49.15 79.75 88.78
CA SER A 413 -49.75 79.29 90.02
C SER A 413 -50.79 78.22 89.78
N LEU A 414 -51.62 78.41 88.75
CA LEU A 414 -52.59 77.37 88.41
C LEU A 414 -51.91 76.08 88.00
N HIS A 415 -50.79 76.15 87.28
CA HIS A 415 -50.07 74.92 86.97
C HIS A 415 -49.56 74.24 88.24
N ARG A 416 -49.07 75.05 89.19
CA ARG A 416 -48.59 74.50 90.45
C ARG A 416 -49.71 73.81 91.22
N ILE A 417 -50.90 74.41 91.24
CA ILE A 417 -52.03 73.81 91.93
C ILE A 417 -52.47 72.53 91.23
N ILE A 418 -52.36 72.50 89.90
CA ILE A 418 -52.66 71.27 89.17
C ILE A 418 -51.69 70.16 89.57
N THR A 419 -50.40 70.48 89.65
CA THR A 419 -49.39 69.46 89.85
C THR A 419 -49.18 69.08 91.32
N ASN A 420 -48.76 70.03 92.16
CA ASN A 420 -48.34 69.73 93.52
C ASN A 420 -49.56 69.59 94.44
N SER A 421 -50.10 68.38 94.46
CA SER A 421 -51.29 68.08 95.23
C SER A 421 -50.90 67.32 96.51
N ALA A 422 -51.93 66.83 97.21
CA ALA A 422 -51.90 65.99 98.42
C ALA A 422 -51.42 66.72 99.67
N LEU A 423 -50.85 67.91 99.52
CA LEU A 423 -50.55 68.80 100.63
C LEU A 423 -51.36 70.06 100.39
N ASP A 424 -51.96 70.59 101.48
CA ASP A 424 -53.15 71.42 101.38
C ASP A 424 -54.18 70.70 100.51
N TRP A 425 -54.49 69.46 100.89
CA TRP A 425 -55.28 68.59 100.04
C TRP A 425 -56.75 69.01 100.02
N TRP A 426 -57.19 69.75 101.03
CA TRP A 426 -58.60 70.12 101.10
C TRP A 426 -59.02 71.24 100.13
N PRO A 427 -58.19 72.20 99.74
CA PRO A 427 -58.54 73.01 98.57
C PRO A 427 -58.19 72.30 97.27
N LYS A 428 -58.84 72.73 96.19
CA LYS A 428 -58.69 72.07 94.89
C LYS A 428 -59.15 73.02 93.79
N ILE A 429 -59.01 72.56 92.55
CA ILE A 429 -59.30 73.38 91.38
C ILE A 429 -60.78 73.44 91.03
N ASP A 430 -61.60 72.70 91.75
CA ASP A 430 -63.03 72.64 91.42
C ASP A 430 -63.70 73.98 91.62
N ALA A 431 -63.27 74.73 92.63
CA ALA A 431 -63.75 76.09 92.80
C ALA A 431 -63.18 77.01 91.73
N VAL A 432 -62.08 76.61 91.11
CA VAL A 432 -61.49 77.44 90.09
C VAL A 432 -62.15 77.20 88.73
N TYR A 433 -62.82 76.04 88.58
CA TYR A 433 -63.49 75.68 87.31
C TYR A 433 -64.41 76.76 86.79
N CYS A 434 -65.23 77.34 87.67
CA CYS A 434 -66.22 78.31 87.22
C CYS A 434 -65.56 79.59 86.73
N HIS A 435 -64.47 79.99 87.38
CA HIS A 435 -63.81 81.26 87.10
C HIS A 435 -62.85 81.05 85.93
N SER A 436 -63.44 80.97 84.72
CA SER A 436 -62.71 80.41 83.57
C SER A 436 -62.80 81.19 82.27
N VAL A 437 -63.82 82.01 82.06
CA VAL A 437 -64.06 82.60 80.74
C VAL A 437 -62.94 83.56 80.36
N GLU A 438 -62.42 84.29 81.34
CA GLU A 438 -61.35 85.23 81.05
C GLU A 438 -60.05 84.51 80.71
N LEU A 439 -59.92 83.24 81.10
CA LEU A 439 -58.74 82.46 80.69
C LEU A 439 -58.78 82.16 79.20
N ARG A 440 -59.91 81.65 78.69
CA ARG A 440 -59.99 81.35 77.27
C ARG A 440 -60.03 82.63 76.45
N ASN A 441 -60.42 83.74 77.08
CA ASN A 441 -60.25 85.02 76.40
C ASN A 441 -58.78 85.41 76.33
N MET A 442 -58.10 85.40 77.48
CA MET A 442 -56.73 85.88 77.59
C MET A 442 -55.80 85.08 76.70
N PHE A 443 -56.11 83.79 76.52
CA PHE A 443 -55.42 82.99 75.52
C PHE A 443 -55.59 83.60 74.14
N GLY A 444 -56.79 84.08 73.83
CA GLY A 444 -57.03 84.69 72.53
C GLY A 444 -56.21 85.95 72.31
N GLU A 445 -56.23 86.88 73.28
CA GLU A 445 -55.45 88.10 73.08
C GLU A 445 -53.95 87.81 73.04
N THR A 446 -53.47 86.92 73.91
CA THR A 446 -52.04 86.66 73.93
C THR A 446 -51.59 85.94 72.66
N LEU A 447 -52.40 85.04 72.14
CA LEU A 447 -52.07 84.41 70.87
C LEU A 447 -52.04 85.43 69.75
N HIS A 448 -52.97 86.39 69.77
CA HIS A 448 -52.97 87.44 68.76
C HIS A 448 -51.70 88.28 68.84
N LYS A 449 -51.24 88.57 70.06
CA LYS A 449 -49.98 89.28 70.21
C LYS A 449 -48.80 88.44 69.76
N ALA A 450 -48.84 87.14 70.03
CA ALA A 450 -47.69 86.29 69.75
C ALA A 450 -47.61 85.92 68.28
N VAL A 451 -48.69 86.15 67.53
CA VAL A 451 -48.62 86.02 66.08
C VAL A 451 -47.63 87.03 65.51
N GLN A 452 -47.69 88.26 65.99
CA GLN A 452 -46.78 89.30 65.54
C GLN A 452 -45.49 89.31 66.36
N THR A 486 -43.30 93.91 75.60
CA THR A 486 -41.92 93.52 75.35
C THR A 486 -41.85 92.18 74.64
N ARG A 487 -41.18 91.22 75.27
CA ARG A 487 -40.91 89.93 74.63
C ARG A 487 -41.41 88.77 75.47
N SER A 488 -41.99 89.02 76.63
CA SER A 488 -42.33 87.95 77.56
C SER A 488 -43.62 87.24 77.18
N TYR A 489 -44.29 87.73 76.14
CA TYR A 489 -45.51 87.08 75.64
C TYR A 489 -45.24 85.64 75.23
N LYS A 490 -44.03 85.39 74.72
CA LYS A 490 -43.66 84.03 74.35
C LYS A 490 -43.65 83.12 75.56
N TYR A 491 -43.03 83.57 76.66
CA TYR A 491 -42.99 82.77 77.87
C TYR A 491 -44.39 82.58 78.43
N LEU A 492 -45.20 83.62 78.36
CA LEU A 492 -46.55 83.55 78.90
C LEU A 492 -47.39 82.56 78.12
N LEU A 493 -47.30 82.59 76.80
CA LEU A 493 -48.00 81.64 75.95
C LEU A 493 -47.49 80.23 76.18
N LEU A 494 -46.18 80.08 76.36
CA LEU A 494 -45.59 78.79 76.67
C LEU A 494 -46.20 78.23 77.94
N SER A 495 -46.31 79.07 78.96
CA SER A 495 -46.89 78.63 80.23
C SER A 495 -48.35 78.25 80.07
N MET A 496 -49.11 79.02 79.29
CA MET A 496 -50.53 78.71 79.17
C MET A 496 -50.74 77.41 78.40
N VAL A 497 -49.96 77.18 77.35
CA VAL A 497 -50.12 75.94 76.59
C VAL A 497 -49.67 74.76 77.44
N LYS A 498 -48.64 74.97 78.26
CA LYS A 498 -48.24 73.93 79.22
C LYS A 498 -49.35 73.64 80.21
N LEU A 499 -50.10 74.66 80.63
CA LEU A 499 -51.22 74.41 81.52
C LEU A 499 -52.31 73.62 80.82
N ILE A 500 -52.58 73.97 79.55
CA ILE A 500 -53.59 73.25 78.79
C ILE A 500 -53.17 71.80 78.62
N HIS A 501 -51.87 71.57 78.47
CA HIS A 501 -51.33 70.22 78.53
C HIS A 501 -51.57 69.59 79.89
N ALA A 502 -51.47 70.39 80.96
CA ALA A 502 -51.59 69.84 82.31
C ALA A 502 -53.04 69.43 82.61
N ASP A 503 -53.99 70.29 82.30
CA ASP A 503 -55.39 69.97 82.55
C ASP A 503 -56.29 70.39 81.40
N PRO A 504 -57.01 69.45 80.78
CA PRO A 504 -57.85 69.83 79.64
C PRO A 504 -59.07 70.64 80.02
N LYS A 505 -59.67 70.34 81.18
CA LYS A 505 -61.03 70.79 81.46
C LYS A 505 -61.09 72.29 81.69
N LEU A 506 -60.01 72.87 82.23
CA LEU A 506 -60.07 74.21 82.82
C LEU A 506 -60.49 75.27 81.80
N LEU A 507 -59.94 75.20 80.60
CA LEU A 507 -60.27 76.21 79.60
C LEU A 507 -61.63 75.95 78.98
N LEU A 508 -62.18 74.75 79.17
CA LEU A 508 -63.41 74.38 78.50
C LEU A 508 -64.52 73.87 79.43
N CYS A 509 -64.23 73.62 80.71
CA CYS A 509 -65.30 73.36 81.69
C CYS A 509 -65.86 74.72 82.10
N ASN A 510 -66.69 75.25 81.22
CA ASN A 510 -67.05 76.66 81.18
C ASN A 510 -68.46 76.72 80.62
N PRO A 511 -69.13 77.86 80.69
CA PRO A 511 -70.28 78.08 79.83
C PRO A 511 -69.86 77.94 78.37
N ARG A 512 -70.40 76.92 77.72
CA ARG A 512 -69.94 76.52 76.38
C ARG A 512 -70.46 77.53 75.37
N LYS A 513 -69.60 78.45 74.96
CA LYS A 513 -69.89 79.28 73.80
C LYS A 513 -69.72 78.49 72.52
N GLN A 514 -69.14 77.29 72.61
CA GLN A 514 -69.20 76.29 71.54
C GLN A 514 -70.64 75.92 71.22
N GLY A 515 -71.53 75.94 72.22
CA GLY A 515 -72.94 75.68 72.02
C GLY A 515 -73.56 76.60 70.99
N PRO A 516 -73.37 77.91 71.14
CA PRO A 516 -73.59 78.82 70.01
C PRO A 516 -72.68 78.46 68.84
N GLU A 517 -73.26 78.44 67.65
CA GLU A 517 -72.62 77.91 66.46
C GLU A 517 -71.98 78.97 65.58
N THR A 518 -72.03 80.25 65.96
CA THR A 518 -71.43 81.28 65.12
C THR A 518 -69.90 81.19 65.15
N GLN A 519 -69.33 80.82 66.30
CA GLN A 519 -67.91 80.50 66.41
C GLN A 519 -67.77 79.62 67.64
N GLY A 520 -67.58 78.33 67.42
CA GLY A 520 -67.42 77.39 68.51
C GLY A 520 -66.19 77.64 69.36
N SER A 521 -66.39 77.78 70.67
CA SER A 521 -65.32 78.18 71.57
C SER A 521 -64.24 77.12 71.65
N THR A 522 -64.63 75.86 71.84
CA THR A 522 -63.64 74.78 71.87
C THR A 522 -62.99 74.61 70.51
N ALA A 523 -63.78 74.76 69.45
CA ALA A 523 -63.22 74.74 68.11
C ALA A 523 -62.27 75.91 67.89
N GLU A 524 -62.62 77.09 68.41
CA GLU A 524 -61.72 78.24 68.31
C GLU A 524 -60.42 77.99 69.06
N LEU A 525 -60.51 77.36 70.22
CA LEU A 525 -59.33 77.01 71.00
C LEU A 525 -58.44 76.04 70.24
N ILE A 526 -59.05 75.02 69.63
CA ILE A 526 -58.27 74.03 68.91
C ILE A 526 -57.59 74.65 67.70
N THR A 527 -58.30 75.51 66.96
CA THR A 527 -57.69 76.18 65.83
C THR A 527 -56.58 77.13 66.27
N GLY A 528 -56.77 77.79 67.41
CA GLY A 528 -55.73 78.65 67.92
C GLY A 528 -54.49 77.89 68.31
N LEU A 529 -54.67 76.66 68.79
CA LEU A 529 -53.52 75.79 69.02
C LEU A 529 -52.87 75.39 67.71
N VAL A 530 -53.69 74.98 66.73
CA VAL A 530 -53.19 74.39 65.49
C VAL A 530 -52.42 75.40 64.67
N GLN A 531 -52.78 76.68 64.79
CA GLN A 531 -52.06 77.74 64.11
C GLN A 531 -50.60 77.86 64.55
N LEU A 532 -50.20 77.18 65.62
CA LEU A 532 -48.86 77.29 66.15
C LEU A 532 -47.93 76.16 65.73
N VAL A 533 -48.45 74.95 65.49
CA VAL A 533 -47.57 73.81 65.21
C VAL A 533 -46.71 73.96 63.95
N PRO A 534 -47.16 74.51 62.82
CA PRO A 534 -46.23 74.55 61.68
C PRO A 534 -45.14 75.62 61.81
N GLN A 535 -45.38 76.68 62.58
CA GLN A 535 -44.42 77.78 62.63
C GLN A 535 -43.17 77.37 63.39
N SER A 536 -42.01 77.70 62.83
CA SER A 536 -40.74 77.35 63.43
C SER A 536 -40.07 78.53 64.11
N HIS A 537 -40.75 79.68 64.20
CA HIS A 537 -40.18 80.80 64.94
C HIS A 537 -40.16 80.52 66.43
N MET A 538 -41.05 79.68 66.91
CA MET A 538 -41.18 79.35 68.33
C MET A 538 -41.25 77.83 68.49
N PRO A 539 -40.11 77.14 68.29
CA PRO A 539 -40.14 75.68 68.12
C PRO A 539 -40.54 74.93 69.37
N GLU A 540 -40.03 75.34 70.52
CA GLU A 540 -40.39 74.68 71.77
C GLU A 540 -41.89 74.80 72.06
N ILE A 541 -42.47 75.98 71.81
CA ILE A 541 -43.91 76.16 71.96
C ILE A 541 -44.66 75.21 71.04
N ALA A 542 -44.13 74.99 69.85
CA ALA A 542 -44.70 73.98 68.98
C ALA A 542 -44.61 72.59 69.59
N GLN A 543 -43.54 72.31 70.35
CA GLN A 543 -43.47 71.00 71.00
C GLN A 543 -44.56 70.81 72.05
N GLU A 544 -44.81 71.81 72.89
CA GLU A 544 -45.89 71.52 73.85
C GLU A 544 -47.26 71.69 73.21
N ALA A 545 -47.38 72.45 72.11
CA ALA A 545 -48.68 72.55 71.44
C ALA A 545 -49.04 71.25 70.77
N MET A 546 -48.08 70.69 70.03
CA MET A 546 -48.02 69.27 69.71
C MET A 546 -48.56 68.38 70.82
N GLU A 547 -47.94 68.44 72.00
CA GLU A 547 -48.35 67.53 73.07
C GLU A 547 -49.75 67.80 73.56
N ALA A 548 -50.12 69.08 73.67
CA ALA A 548 -51.43 69.45 74.20
C ALA A 548 -52.54 69.02 73.27
N LEU A 549 -52.34 69.22 71.96
CA LEU A 549 -53.31 68.75 70.99
C LEU A 549 -53.40 67.24 71.00
N LEU A 550 -52.30 66.55 71.32
CA LEU A 550 -52.41 65.11 71.52
C LEU A 550 -53.26 64.78 72.74
N VAL A 551 -53.10 65.54 73.82
CA VAL A 551 -53.78 65.23 75.08
C VAL A 551 -55.28 65.49 74.96
N LEU A 552 -55.67 66.57 74.26
CA LEU A 552 -57.09 66.84 74.06
C LEU A 552 -57.78 65.72 73.30
N HIS A 553 -57.05 65.01 72.45
CA HIS A 553 -57.62 63.91 71.69
C HIS A 553 -57.72 62.62 72.48
N GLN A 554 -57.55 62.67 73.81
CA GLN A 554 -57.71 61.47 74.60
C GLN A 554 -59.18 61.06 74.64
N LEU A 555 -59.41 59.80 75.01
CA LEU A 555 -60.75 59.21 74.90
C LEU A 555 -61.74 59.87 75.84
N ASP A 556 -61.28 60.34 77.00
CA ASP A 556 -62.16 60.98 77.96
C ASP A 556 -62.35 62.45 77.63
N SER A 557 -61.29 63.12 77.17
CA SER A 557 -61.28 64.57 77.10
C SER A 557 -62.16 65.09 75.97
N ILE A 558 -62.27 64.32 74.88
CA ILE A 558 -63.05 64.73 73.72
C ILE A 558 -64.53 64.84 74.05
N ASP A 559 -65.00 64.03 75.02
CA ASP A 559 -66.36 64.15 75.50
C ASP A 559 -66.63 65.52 76.08
N LEU A 560 -65.58 66.16 76.59
CA LEU A 560 -65.71 67.47 77.19
C LEU A 560 -65.75 68.57 76.13
N TRP A 561 -65.53 68.24 74.86
CA TRP A 561 -65.48 69.25 73.82
C TRP A 561 -66.87 69.83 73.59
N ASN A 562 -67.90 68.99 73.73
CA ASN A 562 -69.28 69.41 73.67
C ASN A 562 -70.06 68.61 74.70
N PRO A 563 -70.80 69.26 75.60
CA PRO A 563 -71.68 68.51 76.51
C PRO A 563 -72.78 67.75 75.79
N ASP A 564 -73.29 68.32 74.69
CA ASP A 564 -74.35 67.70 73.91
C ASP A 564 -73.91 67.61 72.46
N ALA A 565 -74.25 66.46 71.84
CA ALA A 565 -73.80 66.05 70.52
C ALA A 565 -72.29 66.21 70.35
N PRO A 566 -71.47 65.47 71.11
CA PRO A 566 -70.02 65.67 70.97
C PRO A 566 -69.48 65.06 69.69
N VAL A 567 -70.20 64.10 69.13
CA VAL A 567 -69.68 63.30 68.02
C VAL A 567 -69.51 64.16 66.78
N GLU A 568 -70.54 64.93 66.44
CA GLU A 568 -70.51 65.75 65.24
C GLU A 568 -69.43 66.82 65.32
N THR A 569 -69.41 67.57 66.42
CA THR A 569 -68.44 68.65 66.58
C THR A 569 -67.02 68.11 66.63
N PHE A 570 -66.84 66.98 67.33
CA PHE A 570 -65.53 66.33 67.39
C PHE A 570 -65.05 65.95 66.01
N TRP A 571 -65.90 65.27 65.23
CA TRP A 571 -65.48 64.83 63.91
C TRP A 571 -65.23 66.00 62.99
N GLU A 572 -66.06 67.04 63.06
CA GLU A 572 -65.87 68.21 62.21
C GLU A 572 -64.54 68.89 62.50
N ILE A 573 -64.23 69.08 63.79
CA ILE A 573 -63.01 69.80 64.11
C ILE A 573 -61.78 68.93 63.88
N SER A 574 -61.92 67.61 64.02
CA SER A 574 -60.80 66.72 63.72
C SER A 574 -60.51 66.71 62.23
N SER A 575 -61.56 66.67 61.42
CA SER A 575 -61.40 66.74 59.97
C SER A 575 -60.78 68.05 59.56
N GLN A 576 -61.23 69.15 60.17
CA GLN A 576 -60.66 70.46 59.85
C GLN A 576 -59.18 70.50 60.23
N MET A 577 -58.84 69.91 61.38
CA MET A 577 -57.46 69.94 61.83
C MET A 577 -56.55 69.12 60.92
N LEU A 578 -57.00 67.93 60.52
CA LEU A 578 -56.19 67.16 59.57
C LEU A 578 -56.09 67.84 58.22
N PHE A 579 -57.16 68.51 57.78
CA PHE A 579 -57.09 69.23 56.51
C PHE A 579 -56.04 70.32 56.56
N TYR A 580 -56.05 71.14 57.61
CA TYR A 580 -55.09 72.23 57.70
C TYR A 580 -53.68 71.69 57.83
N ILE A 581 -53.50 70.63 58.64
CA ILE A 581 -52.18 70.04 58.83
C ILE A 581 -51.64 69.50 57.52
N CYS A 582 -52.44 68.73 56.80
CA CYS A 582 -51.95 68.12 55.58
C CYS A 582 -51.72 69.16 54.48
N LYS A 583 -52.55 70.21 54.42
CA LYS A 583 -52.33 71.22 53.41
C LYS A 583 -51.04 71.98 53.67
N LYS A 584 -50.83 72.44 54.91
CA LYS A 584 -49.60 73.15 55.23
C LYS A 584 -48.39 72.24 55.10
N LEU A 585 -48.60 70.94 55.31
CA LEU A 585 -47.48 70.00 55.25
C LEU A 585 -47.06 69.74 53.81
N THR A 586 -48.03 69.54 52.91
CA THR A 586 -47.69 69.31 51.51
C THR A 586 -47.26 70.60 50.83
N SER A 587 -47.61 71.75 51.42
CA SER A 587 -47.27 73.03 50.82
C SER A 587 -45.77 73.21 50.70
N HIS A 588 -45.02 72.85 51.74
CA HIS A 588 -43.59 73.11 51.76
C HIS A 588 -42.93 72.13 52.72
N GLN A 589 -41.60 72.05 52.64
CA GLN A 589 -40.80 71.20 53.52
C GLN A 589 -40.30 72.02 54.70
N MET A 590 -40.54 71.51 55.91
CA MET A 590 -40.09 72.17 57.13
C MET A 590 -39.17 71.23 57.88
N LEU A 591 -38.37 71.80 58.78
CA LEU A 591 -37.40 71.01 59.53
C LEU A 591 -38.08 70.06 60.49
N SER A 592 -39.18 70.50 61.11
CA SER A 592 -39.86 69.69 62.11
C SER A 592 -40.74 68.61 61.50
N SER A 593 -40.75 68.50 60.16
CA SER A 593 -41.80 67.80 59.45
C SER A 593 -41.92 66.35 59.87
N THR A 594 -40.78 65.67 59.99
CA THR A 594 -40.76 64.27 60.41
C THR A 594 -41.44 64.07 61.75
N GLU A 595 -41.13 64.96 62.71
CA GLU A 595 -41.77 64.88 64.01
C GLU A 595 -43.27 65.06 63.89
N ILE A 596 -43.68 66.05 63.08
CA ILE A 596 -45.09 66.26 62.81
C ILE A 596 -45.71 65.00 62.22
N LEU A 597 -44.96 64.36 61.33
CA LEU A 597 -45.44 63.11 60.73
C LEU A 597 -45.67 62.06 61.79
N LYS A 598 -44.72 61.92 62.72
CA LYS A 598 -44.88 60.96 63.80
C LYS A 598 -46.11 61.28 64.61
N TRP A 599 -46.37 62.58 64.81
CA TRP A 599 -47.53 63.02 65.54
C TRP A 599 -48.81 62.51 64.92
N LEU A 600 -48.88 62.56 63.59
CA LEU A 600 -50.09 62.15 62.88
C LEU A 600 -50.44 60.72 63.22
N ARG A 601 -49.42 59.87 63.43
CA ARG A 601 -49.66 58.48 63.79
C ARG A 601 -50.59 58.40 64.99
N GLU A 602 -50.22 59.06 66.08
CA GLU A 602 -51.00 58.94 67.31
C GLU A 602 -52.39 59.50 67.12
N ILE A 603 -52.49 60.60 66.36
CA ILE A 603 -53.77 61.24 66.14
C ILE A 603 -54.73 60.26 65.51
N LEU A 604 -54.24 59.53 64.52
CA LEU A 604 -55.07 58.57 63.81
C LEU A 604 -55.61 57.53 64.77
N ILE A 605 -54.73 57.00 65.64
CA ILE A 605 -55.12 55.94 66.55
C ILE A 605 -56.28 56.39 67.41
N CYS A 606 -56.20 57.62 67.94
CA CYS A 606 -57.22 58.08 68.86
C CYS A 606 -58.58 58.14 68.17
N ARG A 607 -58.61 58.70 66.97
CA ARG A 607 -59.91 58.87 66.33
C ARG A 607 -60.45 57.54 65.86
N ASN A 608 -59.54 56.58 65.58
CA ASN A 608 -59.99 55.22 65.30
C ASN A 608 -60.75 54.65 66.48
N LYS A 609 -60.15 54.78 67.68
CA LYS A 609 -60.79 54.28 68.89
C LYS A 609 -62.14 54.96 69.09
N PHE A 610 -62.23 56.24 68.70
CA PHE A 610 -63.45 56.99 68.89
C PHE A 610 -64.60 56.32 68.15
N LEU A 611 -64.35 55.92 66.91
CA LEU A 611 -65.44 55.35 66.13
C LEU A 611 -65.78 53.98 66.69
N LEU A 612 -64.78 53.26 67.20
CA LEU A 612 -65.05 51.97 67.83
C LEU A 612 -65.76 52.19 69.16
N LYS A 613 -65.50 53.33 69.80
CA LYS A 613 -66.22 53.65 71.02
C LYS A 613 -67.56 54.31 70.70
N ASN A 614 -67.81 54.60 69.43
CA ASN A 614 -69.10 55.13 69.05
C ASN A 614 -70.01 54.03 68.51
N LYS A 615 -69.41 53.00 67.93
CA LYS A 615 -70.20 51.91 67.38
C LYS A 615 -69.90 50.62 68.13
N THR A 676 -70.53 60.13 57.12
CA THR A 676 -70.93 61.53 57.04
C THR A 676 -69.75 62.43 56.66
N PRO A 677 -69.44 62.51 55.36
CA PRO A 677 -68.39 63.42 54.89
C PRO A 677 -68.93 64.69 54.24
N PRO A 678 -69.34 65.72 54.99
CA PRO A 678 -69.43 67.05 54.37
C PRO A 678 -68.05 67.55 53.96
N ILE A 679 -67.07 67.34 54.83
CA ILE A 679 -65.68 67.67 54.54
C ILE A 679 -64.75 66.49 54.78
N CYS A 680 -65.25 65.37 55.32
CA CYS A 680 -64.38 64.32 55.84
C CYS A 680 -63.60 63.62 54.74
N ARG A 681 -64.22 63.42 53.57
CA ARG A 681 -63.48 62.80 52.48
C ARG A 681 -62.44 63.75 51.91
N GLN A 682 -62.69 65.05 51.99
CA GLN A 682 -61.71 66.02 51.49
C GLN A 682 -60.42 65.96 52.30
N ALA A 683 -60.53 66.06 53.62
CA ALA A 683 -59.35 65.92 54.47
C ALA A 683 -58.81 64.49 54.41
N GLN A 684 -59.68 63.52 54.18
CA GLN A 684 -59.24 62.14 54.05
C GLN A 684 -58.29 61.96 52.89
N THR A 685 -58.68 62.42 51.70
CA THR A 685 -57.81 62.34 50.54
C THR A 685 -56.57 63.19 50.71
N LYS A 686 -56.72 64.37 51.33
CA LYS A 686 -55.55 65.21 51.62
C LYS A 686 -54.58 64.54 52.59
N LEU A 687 -55.04 63.53 53.34
CA LEU A 687 -54.10 62.79 54.18
C LEU A 687 -53.16 61.90 53.36
N GLU A 688 -53.70 61.05 52.48
CA GLU A 688 -52.81 60.16 51.75
C GLU A 688 -52.05 60.91 50.68
N VAL A 689 -52.51 62.12 50.30
CA VAL A 689 -51.67 62.98 49.47
C VAL A 689 -50.34 63.26 50.17
N ALA A 690 -50.41 63.61 51.45
CA ALA A 690 -49.20 63.85 52.23
C ALA A 690 -48.41 62.57 52.42
N LEU A 691 -49.09 61.44 52.59
CA LEU A 691 -48.38 60.17 52.76
C LEU A 691 -47.57 59.82 51.51
N TYR A 692 -48.20 59.90 50.35
CA TYR A 692 -47.48 59.59 49.12
C TYR A 692 -46.37 60.60 48.86
N MET A 693 -46.62 61.88 49.18
CA MET A 693 -45.61 62.88 48.90
C MET A 693 -44.44 62.79 49.87
N PHE A 694 -44.63 62.19 51.04
CA PHE A 694 -43.48 61.87 51.89
C PHE A 694 -42.85 60.54 51.56
N LEU A 695 -43.49 59.71 50.73
CA LEU A 695 -42.85 58.47 50.34
C LEU A 695 -41.59 58.69 49.51
N TRP A 696 -41.38 59.88 48.94
CA TRP A 696 -40.12 60.16 48.25
C TRP A 696 -39.16 61.00 49.08
N ASN A 697 -39.48 61.27 50.34
CA ASN A 697 -38.72 62.25 51.12
C ASN A 697 -37.29 61.75 51.33
N PRO A 698 -36.30 62.66 51.26
CA PRO A 698 -34.89 62.23 51.41
C PRO A 698 -34.57 61.56 52.73
N ASP A 699 -35.18 62.01 53.83
CA ASP A 699 -34.88 61.42 55.12
C ASP A 699 -35.51 60.04 55.25
N THR A 700 -34.75 59.13 55.85
CA THR A 700 -35.21 57.75 56.02
C THR A 700 -36.39 57.68 56.99
N GLU A 701 -36.34 58.49 58.05
CA GLU A 701 -37.31 58.40 59.13
C GLU A 701 -38.71 58.72 58.64
N ALA A 702 -38.84 59.73 57.78
CA ALA A 702 -40.14 60.09 57.25
C ALA A 702 -40.73 58.97 56.41
N VAL A 703 -39.89 58.32 55.59
CA VAL A 703 -40.34 57.18 54.79
C VAL A 703 -40.84 56.07 55.68
N LEU A 704 -40.07 55.74 56.72
CA LEU A 704 -40.50 54.68 57.63
C LEU A 704 -41.80 55.02 58.34
N VAL A 705 -41.94 56.26 58.77
CA VAL A 705 -43.13 56.65 59.53
C VAL A 705 -44.37 56.65 58.64
N ALA A 706 -44.26 57.20 57.44
CA ALA A 706 -45.40 57.23 56.53
C ALA A 706 -45.79 55.82 56.09
N MET A 707 -44.80 55.01 55.74
CA MET A 707 -45.05 53.65 55.30
C MET A 707 -45.55 52.80 56.45
N SER A 708 -45.31 53.23 57.69
CA SER A 708 -45.95 52.61 58.84
C SER A 708 -47.41 53.02 58.95
N CYS A 709 -47.69 54.33 58.89
CA CYS A 709 -49.03 54.80 59.24
C CYS A 709 -50.04 54.51 58.14
N PHE A 710 -49.58 54.03 56.98
CA PHE A 710 -50.51 53.46 56.00
C PHE A 710 -51.39 52.38 56.62
N ARG A 711 -50.85 51.59 57.54
CA ARG A 711 -51.65 50.57 58.21
C ARG A 711 -52.73 51.20 59.08
N HIS A 712 -52.43 52.32 59.72
CA HIS A 712 -53.46 53.01 60.50
C HIS A 712 -54.57 53.50 59.60
N LEU A 713 -54.22 54.00 58.40
CA LEU A 713 -55.26 54.44 57.48
C LEU A 713 -56.14 53.26 57.04
N CYS A 714 -55.52 52.15 56.66
CA CYS A 714 -56.31 51.02 56.18
C CYS A 714 -57.10 50.39 57.32
N GLU A 715 -56.59 50.47 58.55
CA GLU A 715 -57.32 49.91 59.66
C GLU A 715 -58.50 50.81 60.03
N GLU A 716 -58.38 52.12 59.80
CA GLU A 716 -59.54 52.99 59.92
C GLU A 716 -60.60 52.61 58.90
N ALA A 717 -60.17 52.35 57.66
CA ALA A 717 -61.11 51.92 56.64
C ALA A 717 -61.76 50.59 57.00
N ASP A 718 -61.00 49.73 57.69
CA ASP A 718 -61.57 48.48 58.19
C ASP A 718 -62.64 48.73 59.23
N ILE A 719 -62.38 49.62 60.18
CA ILE A 719 -63.36 49.88 61.25
C ILE A 719 -64.60 50.56 60.69
N ARG A 720 -64.44 51.32 59.60
CA ARG A 720 -65.59 51.90 58.92
C ARG A 720 -66.57 50.84 58.42
N CYS A 721 -66.08 49.65 58.08
CA CYS A 721 -66.95 48.56 57.69
C CYS A 721 -66.84 47.40 58.67
N SER A 727 -64.53 43.84 54.52
CA SER A 727 -65.47 43.23 53.60
C SER A 727 -65.02 43.42 52.15
N VAL A 728 -65.86 44.11 51.38
CA VAL A 728 -65.55 44.36 49.97
C VAL A 728 -64.41 45.37 49.85
N HIS A 729 -64.32 46.30 50.79
CA HIS A 729 -63.36 47.42 50.77
C HIS A 729 -63.46 48.23 49.48
N ASN A 730 -64.68 48.45 49.00
CA ASN A 730 -64.85 49.35 47.87
C ASN A 730 -64.62 50.79 48.31
N LEU A 731 -64.78 51.05 49.61
CA LEU A 731 -64.50 52.38 50.14
C LEU A 731 -63.02 52.72 50.01
N LEU A 732 -62.15 51.74 50.27
CA LEU A 732 -60.72 51.92 50.12
C LEU A 732 -60.14 50.84 49.21
N PRO A 733 -59.86 51.15 47.95
CA PRO A 733 -59.11 50.23 47.11
C PRO A 733 -57.65 50.17 47.55
N ASN A 734 -56.89 49.32 46.86
CA ASN A 734 -55.45 49.12 47.06
C ASN A 734 -55.14 48.63 48.47
N TYR A 735 -56.04 47.86 49.07
CA TYR A 735 -55.96 47.58 50.51
C TYR A 735 -54.84 46.58 50.81
N ASN A 736 -54.72 45.55 49.98
CA ASN A 736 -53.69 44.54 50.19
C ASN A 736 -52.30 45.14 50.03
N THR A 737 -52.17 46.11 49.13
CA THR A 737 -50.92 46.85 49.00
C THR A 737 -50.62 47.64 50.27
N PHE A 738 -51.65 48.12 50.96
CA PHE A 738 -51.42 48.85 52.20
C PHE A 738 -50.97 47.90 53.31
N MET A 739 -51.54 46.70 53.34
CA MET A 739 -51.05 45.68 54.27
C MET A 739 -49.60 45.32 53.96
N GLU A 740 -49.26 45.28 52.67
CA GLU A 740 -47.89 45.03 52.28
C GLU A 740 -46.99 46.21 52.68
N PHE A 741 -47.53 47.43 52.67
CA PHE A 741 -46.78 48.56 53.21
C PHE A 741 -46.49 48.37 54.68
N ALA A 742 -47.44 47.82 55.43
CA ALA A 742 -47.20 47.51 56.84
C ALA A 742 -46.08 46.50 57.00
N SER A 743 -46.09 45.46 56.17
CA SER A 743 -45.05 44.44 56.25
C SER A 743 -43.68 45.02 55.89
N VAL A 744 -43.59 45.77 54.79
CA VAL A 744 -42.32 46.33 54.35
C VAL A 744 -41.84 47.39 55.33
N SER A 745 -42.77 47.99 56.09
CA SER A 745 -42.38 48.85 57.19
C SER A 745 -41.68 48.04 58.27
N ASN A 746 -42.21 46.86 58.59
CA ASN A 746 -41.71 46.23 59.79
C ASN A 746 -40.79 45.01 59.57
N MET A 747 -40.29 44.74 58.35
CA MET A 747 -39.12 43.85 58.29
C MET A 747 -37.85 44.50 58.85
N MET A 748 -37.32 45.52 58.18
CA MET A 748 -35.89 45.81 58.33
C MET A 748 -35.62 47.28 58.05
N SER A 749 -34.52 47.79 58.63
CA SER A 749 -34.01 49.13 58.36
C SER A 749 -32.63 49.00 57.76
N THR A 750 -32.41 49.65 56.61
CA THR A 750 -31.16 49.56 55.88
C THR A 750 -30.81 50.94 55.35
N GLY A 751 -29.91 50.97 54.38
CA GLY A 751 -29.57 52.20 53.70
C GLY A 751 -30.71 52.69 52.82
N ARG A 752 -30.54 53.91 52.30
CA ARG A 752 -31.62 54.57 51.58
C ARG A 752 -31.96 53.86 50.28
N ALA A 753 -30.97 53.23 49.64
CA ALA A 753 -31.15 52.74 48.29
C ALA A 753 -32.06 51.51 48.25
N ALA A 754 -31.82 50.54 49.13
CA ALA A 754 -32.59 49.30 49.09
C ALA A 754 -34.05 49.54 49.42
N LEU A 755 -34.31 50.39 50.42
CA LEU A 755 -35.69 50.76 50.72
C LEU A 755 -36.29 51.56 49.58
N GLN A 756 -35.46 52.31 48.84
CA GLN A 756 -35.99 52.98 47.67
C GLN A 756 -36.49 51.98 46.65
N LYS A 757 -35.73 50.93 46.37
CA LYS A 757 -36.24 49.91 45.42
C LYS A 757 -37.47 49.19 45.97
N ARG A 758 -37.52 48.94 47.28
CA ARG A 758 -38.73 48.30 47.82
C ARG A 758 -39.95 49.20 47.67
N VAL A 759 -39.77 50.50 47.90
CA VAL A 759 -40.85 51.47 47.71
C VAL A 759 -41.26 51.52 46.25
N MET A 760 -40.28 51.51 45.34
CA MET A 760 -40.57 51.53 43.91
C MET A 760 -41.41 50.32 43.51
N ALA A 761 -41.03 49.14 44.01
CA ALA A 761 -41.74 47.93 43.69
C ALA A 761 -43.18 47.97 44.19
N LEU A 762 -43.38 48.42 45.42
CA LEU A 762 -44.73 48.41 45.94
C LEU A 762 -45.59 49.51 45.33
N LEU A 763 -44.97 50.61 44.91
CA LEU A 763 -45.70 51.62 44.17
C LEU A 763 -46.09 51.10 42.80
N ARG A 764 -45.24 50.27 42.20
CA ARG A 764 -45.57 49.67 40.93
C ARG A 764 -46.70 48.66 41.08
N ARG A 765 -46.80 48.03 42.25
CA ARG A 765 -47.77 46.95 42.40
C ARG A 765 -49.21 47.43 42.56
N ILE A 766 -49.46 48.72 42.76
CA ILE A 766 -50.85 49.16 42.89
C ILE A 766 -51.48 49.27 41.52
N GLU A 767 -52.81 49.14 41.45
CA GLU A 767 -53.51 49.08 40.18
C GLU A 767 -54.79 49.90 40.12
N HIS A 768 -55.38 50.28 41.24
CA HIS A 768 -56.65 50.99 41.17
C HIS A 768 -56.45 52.48 41.37
N PRO A 769 -56.84 53.29 40.40
CA PRO A 769 -56.66 54.75 40.53
C PRO A 769 -57.56 55.34 41.60
N THR A 770 -57.10 56.43 42.19
CA THR A 770 -57.83 57.16 43.22
C THR A 770 -57.58 58.65 42.99
N ALA A 771 -58.46 59.47 43.55
CA ALA A 771 -58.27 60.92 43.48
C ALA A 771 -56.99 61.33 44.20
N GLY A 772 -56.69 60.71 45.34
CA GLY A 772 -55.49 61.05 46.08
C GLY A 772 -54.22 60.68 45.35
N ASN A 773 -54.19 59.47 44.76
CA ASN A 773 -53.04 59.04 43.98
C ASN A 773 -52.76 59.99 42.83
N THR A 774 -53.80 60.31 42.07
CA THR A 774 -53.64 61.18 40.91
C THR A 774 -53.20 62.58 41.32
N GLU A 775 -53.81 63.10 42.40
CA GLU A 775 -53.46 64.43 42.87
C GLU A 775 -52.02 64.49 43.35
N ALA A 776 -51.59 63.46 44.09
CA ALA A 776 -50.21 63.42 44.57
C ALA A 776 -49.24 63.34 43.40
N TRP A 777 -49.59 62.57 42.37
CA TRP A 777 -48.72 62.46 41.21
C TRP A 777 -48.58 63.82 40.53
N GLU A 778 -49.68 64.54 40.35
CA GLU A 778 -49.59 65.84 39.69
C GLU A 778 -48.79 66.83 40.51
N ASP A 779 -48.98 66.82 41.84
CA ASP A 779 -48.23 67.73 42.68
C ASP A 779 -46.74 67.42 42.65
N THR A 780 -46.39 66.14 42.66
CA THR A 780 -45.00 65.74 42.56
C THR A 780 -44.43 66.13 41.21
N HIS A 781 -45.24 66.04 40.16
CA HIS A 781 -44.81 66.45 38.83
C HIS A 781 -44.51 67.94 38.78
N ALA A 782 -45.38 68.74 39.41
CA ALA A 782 -45.14 70.17 39.46
C ALA A 782 -43.85 70.47 40.20
N LYS A 783 -43.66 69.81 41.34
CA LYS A 783 -42.44 69.97 42.11
C LYS A 783 -41.22 69.56 41.30
N TRP A 784 -41.36 68.50 40.51
CA TRP A 784 -40.27 68.01 39.68
C TRP A 784 -39.91 69.02 38.61
N GLU A 785 -40.92 69.66 38.04
CA GLU A 785 -40.65 70.67 37.02
C GLU A 785 -39.90 71.85 37.62
N GLN A 786 -40.35 72.35 38.77
CA GLN A 786 -39.60 73.46 39.38
C GLN A 786 -38.20 73.02 39.77
N ALA A 787 -38.05 71.79 40.28
CA ALA A 787 -36.76 71.30 40.71
C ALA A 787 -35.79 71.18 39.54
N THR A 788 -36.26 70.62 38.43
CA THR A 788 -35.39 70.45 37.27
C THR A 788 -35.05 71.79 36.63
N LYS A 789 -36.01 72.70 36.58
CA LYS A 789 -35.74 74.05 36.09
C LYS A 789 -34.71 74.75 36.96
N LEU A 790 -34.77 74.51 38.26
CA LEU A 790 -33.78 75.08 39.17
C LEU A 790 -32.41 74.46 38.96
N ILE A 791 -32.36 73.13 38.80
CA ILE A 791 -31.08 72.44 38.67
C ILE A 791 -30.37 72.85 37.39
N LEU A 792 -31.12 72.98 36.29
CA LEU A 792 -30.49 73.34 35.02
C LEU A 792 -29.95 74.76 35.05
N ASN A 793 -30.49 75.61 35.92
CA ASN A 793 -30.00 76.97 36.05
C ASN A 793 -29.58 77.28 37.48
N ASP A 830 -24.90 70.52 46.98
CA ASP A 830 -25.76 70.41 45.81
C ASP A 830 -26.13 68.95 45.55
N THR A 831 -25.34 68.03 46.10
CA THR A 831 -25.60 66.61 45.87
C THR A 831 -26.88 66.16 46.57
N ASP A 832 -27.28 66.87 47.63
CA ASP A 832 -28.58 66.61 48.23
C ASP A 832 -29.70 66.94 47.26
N SER A 833 -29.57 68.06 46.54
CA SER A 833 -30.58 68.46 45.57
C SER A 833 -30.72 67.41 44.48
N LEU A 834 -29.60 66.89 44.00
CA LEU A 834 -29.65 65.78 43.05
C LEU A 834 -30.23 64.54 43.68
N GLN A 835 -30.03 64.36 44.99
CA GLN A 835 -30.57 63.18 45.65
C GLN A 835 -32.09 63.20 45.66
N GLU A 836 -32.68 64.31 46.10
CA GLU A 836 -34.14 64.33 46.03
C GLU A 836 -34.61 64.41 44.58
N TRP A 837 -33.78 64.92 43.67
CA TRP A 837 -34.22 65.02 42.29
C TRP A 837 -34.39 63.64 41.67
N ILE A 838 -33.39 62.77 41.85
CA ILE A 838 -33.53 61.40 41.37
C ILE A 838 -34.60 60.68 42.17
N ASN A 839 -34.81 61.08 43.41
CA ASN A 839 -35.86 60.46 44.22
C ASN A 839 -37.24 60.73 43.62
N MET A 840 -37.55 62.00 43.32
CA MET A 840 -38.81 62.35 42.69
C MET A 840 -38.93 61.78 41.29
N THR A 841 -37.83 61.75 40.53
CA THR A 841 -37.90 61.17 39.19
C THR A 841 -38.30 59.71 39.26
N GLY A 842 -37.68 58.96 40.18
CA GLY A 842 -38.05 57.58 40.33
C GLY A 842 -39.46 57.39 40.87
N PHE A 843 -39.90 58.29 41.75
CA PHE A 843 -41.25 58.22 42.29
C PHE A 843 -42.30 58.42 41.20
N LEU A 844 -42.08 59.42 40.35
CA LEU A 844 -42.99 59.67 39.25
C LEU A 844 -42.98 58.52 38.26
N CYS A 845 -41.80 57.97 37.97
CA CYS A 845 -41.72 56.82 37.09
C CYS A 845 -42.40 55.61 37.72
N ALA A 846 -42.40 55.53 39.04
CA ALA A 846 -43.09 54.46 39.71
C ALA A 846 -44.61 54.60 39.66
N LEU A 847 -45.16 55.80 39.84
CA LEU A 847 -46.60 55.97 39.89
C LEU A 847 -47.22 56.53 38.64
N GLY A 848 -46.51 56.53 37.51
CA GLY A 848 -47.19 56.84 36.27
C GLY A 848 -48.27 55.84 35.88
N GLY A 849 -48.26 54.64 36.46
CA GLY A 849 -49.27 53.64 36.12
C GLY A 849 -50.67 54.05 36.51
N VAL A 850 -50.79 54.84 37.58
CA VAL A 850 -52.10 55.38 37.95
C VAL A 850 -52.57 56.38 36.91
N CYS A 851 -51.62 57.00 36.19
CA CYS A 851 -51.85 58.06 35.20
C CYS A 851 -52.50 59.28 35.83
N THR A 889 -52.81 64.42 28.08
CA THR A 889 -52.39 63.93 29.38
C THR A 889 -51.06 64.54 29.80
N PRO A 890 -50.89 64.81 31.09
CA PRO A 890 -49.61 65.32 31.56
C PRO A 890 -48.50 64.27 31.54
N VAL A 891 -48.88 62.99 31.57
CA VAL A 891 -47.90 61.91 31.63
C VAL A 891 -47.03 61.91 30.39
N SER A 892 -47.64 62.20 29.23
CA SER A 892 -46.88 62.29 27.99
C SER A 892 -45.87 63.42 28.05
N LYS A 893 -46.23 64.54 28.66
CA LYS A 893 -45.30 65.64 28.83
C LYS A 893 -44.15 65.24 29.75
N PHE A 894 -44.46 64.46 30.78
CA PHE A 894 -43.43 63.95 31.67
C PHE A 894 -42.45 63.06 30.91
N MET A 895 -42.99 62.18 30.06
CA MET A 895 -42.14 61.25 29.34
C MET A 895 -41.29 61.98 28.31
N ASP A 896 -41.85 63.01 27.67
CA ASP A 896 -41.08 63.81 26.74
C ASP A 896 -39.97 64.57 27.45
N ARG A 897 -40.22 65.02 28.68
CA ARG A 897 -39.14 65.66 29.43
C ARG A 897 -38.03 64.68 29.75
N LEU A 898 -38.39 63.43 30.06
CA LEU A 898 -37.36 62.40 30.24
C LEU A 898 -36.54 62.17 28.97
N LEU A 899 -37.22 62.11 27.82
CA LEU A 899 -36.50 61.86 26.59
C LEU A 899 -35.60 63.03 26.24
N SER A 900 -36.02 64.25 26.58
CA SER A 900 -35.14 65.40 26.42
C SER A 900 -33.95 65.32 27.38
N LEU A 901 -34.18 64.82 28.59
CA LEU A 901 -33.12 64.83 29.59
C LEU A 901 -32.17 63.65 29.43
N MET A 902 -32.46 62.68 28.56
CA MET A 902 -31.46 61.65 28.33
C MET A 902 -30.19 62.23 27.73
N VAL A 903 -30.32 63.15 26.78
CA VAL A 903 -29.18 63.80 26.16
C VAL A 903 -28.89 65.15 26.81
N CYS A 904 -29.37 65.38 28.02
CA CYS A 904 -29.07 66.61 28.74
C CYS A 904 -27.58 66.69 29.00
N ASN A 905 -26.90 67.53 28.22
CA ASN A 905 -25.45 67.61 28.23
C ASN A 905 -24.94 68.80 29.01
N HIS A 906 -25.68 69.23 30.02
CA HIS A 906 -25.24 70.35 30.85
C HIS A 906 -23.99 69.97 31.63
N GLU A 907 -23.13 70.97 31.83
CA GLU A 907 -21.88 70.78 32.53
C GLU A 907 -22.12 70.46 34.00
N LYS A 908 -21.20 69.67 34.55
CA LYS A 908 -20.97 69.37 35.97
C LYS A 908 -22.09 68.58 36.63
N VAL A 909 -23.24 68.41 35.98
CA VAL A 909 -24.29 67.53 36.48
C VAL A 909 -24.79 66.54 35.44
N GLY A 910 -24.77 66.90 34.16
CA GLY A 910 -25.55 66.18 33.17
C GLY A 910 -25.11 64.73 33.05
N LEU A 911 -23.80 64.51 33.17
CA LEU A 911 -23.22 63.17 33.21
C LEU A 911 -23.96 62.27 34.19
N GLN A 912 -23.93 62.62 35.47
CA GLN A 912 -24.57 61.74 36.44
C GLN A 912 -26.07 61.73 36.23
N ILE A 913 -26.60 62.84 35.69
CA ILE A 913 -28.03 62.93 35.40
C ILE A 913 -28.42 61.81 34.46
N ARG A 914 -27.68 61.68 33.35
CA ARG A 914 -28.10 60.71 32.33
C ARG A 914 -27.89 59.32 32.88
N THR A 915 -26.87 59.15 33.74
CA THR A 915 -26.62 57.87 34.37
C THR A 915 -27.81 57.46 35.20
N ASN A 916 -28.31 58.39 36.01
CA ASN A 916 -29.45 58.11 36.86
C ASN A 916 -30.68 57.82 36.01
N VAL A 917 -30.83 58.56 34.90
CA VAL A 917 -31.95 58.33 34.01
C VAL A 917 -31.85 56.92 33.44
N LYS A 918 -30.64 56.53 33.04
CA LYS A 918 -30.42 55.19 32.48
C LYS A 918 -30.77 54.13 33.50
N ASP A 919 -30.65 54.45 34.78
CA ASP A 919 -31.10 53.53 35.81
C ASP A 919 -32.62 53.48 35.84
N LEU A 920 -33.26 54.64 36.05
CA LEU A 920 -34.63 54.67 36.54
C LEU A 920 -35.61 54.13 35.50
N VAL A 921 -35.67 54.79 34.34
CA VAL A 921 -36.51 54.29 33.26
C VAL A 921 -35.99 52.95 32.76
N GLY A 922 -34.73 52.64 33.05
CA GLY A 922 -34.23 51.31 32.75
C GLY A 922 -34.88 50.26 33.61
N LEU A 923 -35.02 50.52 34.90
CA LEU A 923 -35.26 49.45 35.86
C LEU A 923 -36.56 49.59 36.62
N GLU A 924 -37.14 50.79 36.68
CA GLU A 924 -38.25 51.02 37.57
C GLU A 924 -39.49 51.59 36.90
N LEU A 925 -39.51 51.71 35.58
CA LEU A 925 -40.67 52.23 34.88
C LEU A 925 -41.85 51.29 35.04
N SER A 926 -43.03 51.88 35.22
CA SER A 926 -44.21 51.06 35.42
C SER A 926 -44.56 50.31 34.15
N PRO A 927 -44.91 49.02 34.25
CA PRO A 927 -45.14 48.22 33.04
C PRO A 927 -46.26 48.74 32.15
N ALA A 928 -47.31 49.29 32.74
CA ALA A 928 -48.38 49.91 31.95
C ALA A 928 -47.95 51.20 31.30
N LEU A 929 -46.83 51.77 31.71
CA LEU A 929 -46.27 52.90 30.98
C LEU A 929 -45.35 52.44 29.85
N TYR A 930 -45.16 51.13 29.72
CA TYR A 930 -44.39 50.56 28.62
C TYR A 930 -44.85 50.98 27.22
N PRO A 931 -46.16 51.10 26.90
CA PRO A 931 -46.53 51.55 25.55
C PRO A 931 -45.92 52.86 25.12
N MET A 932 -46.22 53.92 25.87
CA MET A 932 -46.00 55.29 25.42
C MET A 932 -44.54 55.53 25.09
N LEU A 933 -43.65 55.07 25.97
CA LEU A 933 -42.22 55.25 25.82
C LEU A 933 -41.74 54.77 24.47
N PHE A 934 -42.14 53.54 24.10
CA PHE A 934 -41.70 52.95 22.83
C PHE A 934 -42.05 53.88 21.68
N ASN A 935 -43.31 54.31 21.64
CA ASN A 935 -43.79 55.11 20.53
C ASN A 935 -43.01 56.39 20.43
N LYS A 936 -42.74 57.02 21.58
CA LYS A 936 -42.06 58.30 21.57
C LYS A 936 -40.65 58.15 21.04
N LEU A 937 -39.96 57.08 21.47
CA LEU A 937 -38.60 56.84 20.98
C LEU A 937 -38.61 56.66 19.49
N LYS A 938 -39.61 55.92 18.99
CA LYS A 938 -39.73 55.68 17.56
C LYS A 938 -39.79 56.99 16.81
N ASN A 939 -40.62 57.91 17.31
CA ASN A 939 -40.79 59.19 16.63
C ASN A 939 -39.48 59.95 16.62
N THR A 940 -38.73 59.88 17.72
CA THR A 940 -37.46 60.57 17.80
C THR A 940 -36.49 60.03 16.77
N ILE A 941 -36.42 58.70 16.65
CA ILE A 941 -35.45 58.19 15.69
C ILE A 941 -36.01 58.29 14.29
N SER A 942 -37.32 58.48 14.16
CA SER A 942 -37.87 58.79 12.85
C SER A 942 -37.37 60.14 12.37
N LYS A 943 -37.05 61.04 13.30
CA LYS A 943 -36.47 62.31 12.92
C LYS A 943 -34.96 62.20 12.77
N PHE A 944 -34.38 61.08 13.21
CA PHE A 944 -32.95 60.89 13.05
C PHE A 944 -32.59 60.76 11.59
N PHE A 945 -33.40 60.04 10.84
CA PHE A 945 -33.19 59.89 9.41
C PHE A 945 -33.53 61.20 8.72
N ASP A 946 -32.58 61.74 7.95
CA ASP A 946 -32.79 63.04 7.34
C ASP A 946 -33.89 62.99 6.29
N SER A 947 -33.80 62.03 5.37
CA SER A 947 -34.78 61.82 4.31
C SER A 947 -34.48 60.50 3.61
N GLN A 948 -35.54 59.73 3.34
CA GLN A 948 -35.53 58.63 2.39
C GLN A 948 -34.52 57.55 2.76
N GLY A 949 -34.46 57.23 4.06
CA GLY A 949 -33.55 56.21 4.54
C GLY A 949 -32.16 56.68 4.83
N GLN A 950 -31.78 57.87 4.35
CA GLN A 950 -30.48 58.43 4.68
C GLN A 950 -30.48 58.98 6.10
N VAL A 951 -29.38 58.80 6.81
CA VAL A 951 -29.27 59.20 8.20
C VAL A 951 -28.35 60.40 8.31
N LEU A 952 -28.64 61.26 9.28
CA LEU A 952 -27.79 62.39 9.59
C LEU A 952 -27.10 62.14 10.93
N LEU A 953 -25.78 62.26 10.94
CA LEU A 953 -24.97 61.86 12.09
C LEU A 953 -24.65 63.08 12.93
N THR A 954 -25.21 63.14 14.14
CA THR A 954 -24.81 64.12 15.14
C THR A 954 -24.42 63.39 16.41
N ASP A 955 -23.53 64.01 17.18
CA ASP A 955 -23.06 63.42 18.43
C ASP A 955 -24.20 63.29 19.43
N THR A 956 -25.15 64.24 19.40
CA THR A 956 -26.33 64.13 20.24
C THR A 956 -27.16 62.90 19.87
N ASN A 957 -27.32 62.65 18.58
CA ASN A 957 -28.02 61.45 18.13
C ASN A 957 -27.27 60.20 18.56
N THR A 958 -25.93 60.25 18.51
CA THR A 958 -25.12 59.11 18.93
C THR A 958 -25.34 58.81 20.41
N GLN A 959 -25.35 59.85 21.24
CA GLN A 959 -25.54 59.65 22.66
C GLN A 959 -26.96 59.16 22.95
N PHE A 960 -27.93 59.65 22.18
CA PHE A 960 -29.30 59.16 22.27
C PHE A 960 -29.34 57.67 22.00
N VAL A 961 -28.65 57.24 20.93
CA VAL A 961 -28.64 55.83 20.56
C VAL A 961 -28.00 54.99 21.66
N GLU A 962 -26.87 55.47 22.18
CA GLU A 962 -26.14 54.73 23.20
C GLU A 962 -26.95 54.56 24.47
N GLN A 963 -27.68 55.61 24.87
CA GLN A 963 -28.55 55.48 26.02
C GLN A 963 -29.70 54.54 25.73
N THR A 964 -30.26 54.65 24.53
CA THR A 964 -31.50 53.96 24.18
C THR A 964 -31.29 52.45 24.18
N ILE A 965 -30.10 52.03 23.73
CA ILE A 965 -29.78 50.61 23.67
C ILE A 965 -29.83 49.99 25.05
N ALA A 966 -29.15 50.61 26.02
CA ALA A 966 -29.15 50.08 27.38
C ALA A 966 -30.54 50.12 27.98
N ILE A 967 -31.34 51.13 27.60
CA ILE A 967 -32.69 51.24 28.13
C ILE A 967 -33.52 50.02 27.74
N MET A 968 -33.57 49.69 26.44
CA MET A 968 -34.36 48.52 26.08
C MET A 968 -33.71 47.24 26.57
N LYS A 969 -32.38 47.24 26.72
CA LYS A 969 -31.71 46.04 27.23
C LYS A 969 -32.22 45.70 28.62
N ASN A 970 -32.17 46.67 29.54
CA ASN A 970 -32.63 46.43 30.90
C ASN A 970 -34.12 46.18 30.94
N LEU A 971 -34.89 46.95 30.15
CA LEU A 971 -36.34 46.84 30.18
C LEU A 971 -36.79 45.47 29.71
N LEU A 972 -36.09 44.90 28.74
CA LEU A 972 -36.40 43.55 28.32
C LEU A 972 -35.91 42.53 29.34
N ASP A 973 -34.71 42.72 29.88
CA ASP A 973 -34.10 41.62 30.61
C ASP A 973 -34.65 41.47 32.02
N ASN A 974 -35.39 42.47 32.52
CA ASN A 974 -35.93 42.35 33.88
C ASN A 974 -36.93 41.21 33.97
N HIS A 975 -37.80 41.09 32.96
CA HIS A 975 -38.74 39.97 32.79
C HIS A 975 -39.57 39.70 34.04
N THR A 976 -40.13 40.77 34.59
CA THR A 976 -40.98 40.63 35.77
C THR A 976 -42.39 40.25 35.35
N GLU A 977 -43.33 40.31 36.27
CA GLU A 977 -44.73 40.04 35.96
C GLU A 977 -45.26 41.18 35.09
N GLY A 978 -46.34 40.91 34.35
CA GLY A 978 -46.92 41.96 33.52
C GLY A 978 -46.46 41.90 32.09
N SER A 979 -46.30 40.68 31.55
CA SER A 979 -45.84 40.53 30.17
C SER A 979 -46.90 41.00 29.19
N SER A 980 -48.18 40.86 29.55
CA SER A 980 -49.27 41.23 28.66
C SER A 980 -49.25 42.71 28.33
N GLU A 981 -48.95 43.55 29.33
CA GLU A 981 -48.87 44.99 29.11
C GLU A 981 -47.71 45.35 28.20
N HIS A 982 -46.78 44.41 28.00
CA HIS A 982 -45.70 44.66 27.05
C HIS A 982 -46.14 44.36 25.63
N LEU A 983 -47.09 43.45 25.45
CA LEU A 983 -47.26 42.84 24.13
C LEU A 983 -48.34 43.52 23.31
N GLY A 984 -49.40 43.99 23.95
CA GLY A 984 -50.63 44.29 23.22
C GLY A 984 -50.54 45.51 22.34
N GLN A 985 -49.43 46.24 22.42
CA GLN A 985 -49.31 47.54 21.80
C GLN A 985 -48.00 47.75 21.05
N ALA A 986 -47.00 46.92 21.32
CA ALA A 986 -45.63 47.26 20.99
C ALA A 986 -45.25 46.65 19.65
N SER A 987 -44.91 47.50 18.70
CA SER A 987 -44.33 47.10 17.43
C SER A 987 -42.96 47.74 17.43
N ILE A 988 -42.01 47.12 18.13
CA ILE A 988 -40.65 47.61 18.21
C ILE A 988 -39.85 47.24 16.97
N GLU A 989 -40.52 46.67 15.98
CA GLU A 989 -39.91 46.27 14.72
C GLU A 989 -39.22 47.44 14.02
N THR A 990 -39.96 48.51 13.78
CA THR A 990 -39.42 49.65 13.04
C THR A 990 -38.34 50.36 13.84
N MET A 991 -38.49 50.37 15.16
CA MET A 991 -37.51 50.99 16.04
C MET A 991 -36.13 50.37 15.85
N MET A 992 -36.07 49.04 15.93
CA MET A 992 -34.80 48.35 15.76
C MET A 992 -34.29 48.43 14.34
N LEU A 993 -35.21 48.43 13.36
CA LEU A 993 -34.77 48.55 11.98
C LEU A 993 -34.04 49.87 11.76
N ASN A 994 -34.62 50.96 12.27
CA ASN A 994 -33.96 52.25 12.20
C ASN A 994 -32.68 52.25 13.01
N LEU A 995 -32.67 51.54 14.14
CA LEU A 995 -31.50 51.49 15.00
C LEU A 995 -30.31 50.88 14.27
N VAL A 996 -30.49 49.69 13.72
CA VAL A 996 -29.38 49.02 13.04
C VAL A 996 -29.01 49.79 11.78
N ARG A 997 -29.98 50.47 11.16
CA ARG A 997 -29.64 51.20 9.95
C ARG A 997 -28.80 52.42 10.27
N TYR A 998 -28.99 53.01 11.45
CA TYR A 998 -28.13 54.11 11.84
C TYR A 998 -26.76 53.60 12.29
N VAL A 999 -26.73 52.47 13.00
CA VAL A 999 -25.47 51.99 13.56
C VAL A 999 -24.55 51.47 12.47
N ARG A 1000 -25.12 50.85 11.42
CA ARG A 1000 -24.32 50.30 10.34
C ARG A 1000 -23.52 51.38 9.61
N VAL A 1001 -24.05 52.60 9.56
CA VAL A 1001 -23.41 53.69 8.83
C VAL A 1001 -22.57 54.54 9.77
N LEU A 1002 -22.39 54.12 11.02
CA LEU A 1002 -21.61 54.90 11.97
C LEU A 1002 -20.14 55.00 11.56
N GLY A 1003 -19.56 53.90 11.10
CA GLY A 1003 -18.16 53.84 10.78
C GLY A 1003 -17.52 52.63 11.42
N ASN A 1004 -16.20 52.69 11.58
CA ASN A 1004 -15.46 51.62 12.24
C ASN A 1004 -14.38 52.25 13.13
N MET A 1005 -14.64 52.26 14.43
CA MET A 1005 -13.71 52.75 15.44
C MET A 1005 -14.20 52.26 16.79
N VAL A 1006 -13.42 52.56 17.83
CA VAL A 1006 -13.52 51.88 19.13
C VAL A 1006 -14.91 52.07 19.73
N HIS A 1007 -15.36 53.32 19.83
CA HIS A 1007 -16.67 53.60 20.38
C HIS A 1007 -17.76 53.02 19.49
N ALA A 1008 -17.56 53.08 18.18
CA ALA A 1008 -18.50 52.50 17.24
C ALA A 1008 -18.59 50.99 17.42
N ILE A 1009 -17.45 50.33 17.64
CA ILE A 1009 -17.44 48.89 17.89
C ILE A 1009 -18.22 48.58 19.16
N GLN A 1010 -18.03 49.40 20.20
CA GLN A 1010 -18.75 49.17 21.45
C GLN A 1010 -20.26 49.31 21.24
N ILE A 1011 -20.68 50.33 20.49
CA ILE A 1011 -22.10 50.51 20.17
C ILE A 1011 -22.63 49.29 19.43
N LYS A 1012 -21.86 48.82 18.45
CA LYS A 1012 -22.29 47.69 17.63
C LYS A 1012 -22.49 46.43 18.46
N THR A 1013 -21.54 46.16 19.36
CA THR A 1013 -21.65 44.93 20.12
C THR A 1013 -22.77 45.01 21.16
N LYS A 1014 -23.00 46.20 21.74
CA LYS A 1014 -24.15 46.37 22.63
C LYS A 1014 -25.45 46.11 21.89
N LEU A 1015 -25.54 46.59 20.66
CA LEU A 1015 -26.69 46.29 19.83
C LEU A 1015 -26.85 44.79 19.61
N CYS A 1016 -25.72 44.09 19.47
CA CYS A 1016 -25.77 42.64 19.30
C CYS A 1016 -26.36 41.94 20.53
N GLN A 1017 -25.94 42.32 21.75
CA GLN A 1017 -26.60 41.68 22.89
C GLN A 1017 -28.07 42.04 22.97
N LEU A 1018 -28.42 43.26 22.55
CA LEU A 1018 -29.83 43.65 22.60
C LEU A 1018 -30.66 42.76 21.69
N VAL A 1019 -30.15 42.49 20.49
CA VAL A 1019 -30.86 41.64 19.55
C VAL A 1019 -30.97 40.23 20.09
N GLU A 1020 -29.90 39.75 20.74
CA GLU A 1020 -29.92 38.43 21.35
C GLU A 1020 -31.02 38.33 22.40
N VAL A 1021 -31.13 39.34 23.25
CA VAL A 1021 -32.15 39.35 24.30
C VAL A 1021 -33.54 39.33 23.70
N MET A 1022 -33.80 40.21 22.74
CA MET A 1022 -35.18 40.34 22.28
C MET A 1022 -35.58 39.18 21.37
N MET A 1023 -34.61 38.45 20.83
CA MET A 1023 -34.89 37.09 20.37
C MET A 1023 -35.16 36.11 21.49
N ALA A 1024 -34.50 36.27 22.65
CA ALA A 1024 -34.76 35.34 23.74
C ALA A 1024 -36.19 35.52 24.27
N ARG A 1025 -36.75 36.71 24.11
CA ARG A 1025 -38.11 37.00 24.55
C ARG A 1025 -39.09 37.12 23.40
N ARG A 1026 -38.93 36.29 22.36
CA ARG A 1026 -39.77 36.45 21.17
C ARG A 1026 -41.19 36.00 21.41
N ASP A 1027 -41.41 35.14 22.41
CA ASP A 1027 -42.75 34.65 22.67
C ASP A 1027 -43.64 35.77 23.20
N ASP A 1028 -43.08 36.64 24.04
CA ASP A 1028 -43.90 37.67 24.66
C ASP A 1028 -44.29 38.75 23.66
N LEU A 1029 -43.33 39.26 22.90
CA LEU A 1029 -43.56 40.43 22.06
C LEU A 1029 -44.46 40.10 20.87
N SER A 1030 -44.70 41.12 20.05
CA SER A 1030 -45.50 40.97 18.85
C SER A 1030 -44.97 41.88 17.75
N PHE A 1031 -44.88 41.35 16.53
CA PHE A 1031 -44.51 42.10 15.34
C PHE A 1031 -45.61 41.99 14.31
N CYS A 1032 -45.63 42.96 13.39
CA CYS A 1032 -46.54 42.88 12.26
C CYS A 1032 -46.17 41.74 11.32
N GLN A 1033 -44.88 41.63 10.98
CA GLN A 1033 -44.37 40.54 10.15
C GLN A 1033 -43.04 40.06 10.76
N GLU A 1034 -43.10 38.93 11.43
CA GLU A 1034 -41.97 38.49 12.24
C GLU A 1034 -40.85 37.94 11.37
N MET A 1035 -41.18 37.11 10.38
CA MET A 1035 -40.15 36.44 9.62
C MET A 1035 -39.44 37.41 8.69
N LYS A 1036 -40.18 38.34 8.11
CA LYS A 1036 -39.55 39.36 7.26
C LYS A 1036 -38.63 40.24 8.09
N PHE A 1037 -39.07 40.59 9.31
CA PHE A 1037 -38.23 41.39 10.20
C PHE A 1037 -36.94 40.67 10.56
N ARG A 1038 -37.05 39.39 10.94
CA ARG A 1038 -35.85 38.65 11.32
C ARG A 1038 -34.94 38.45 10.13
N ASN A 1039 -35.50 38.26 8.95
CA ASN A 1039 -34.69 38.10 7.74
C ASN A 1039 -33.91 39.38 7.44
N LYS A 1040 -34.57 40.53 7.56
CA LYS A 1040 -33.86 41.78 7.35
C LYS A 1040 -32.80 41.99 8.41
N MET A 1041 -33.08 41.57 9.65
CA MET A 1041 -32.07 41.63 10.70
C MET A 1041 -30.85 40.77 10.37
N VAL A 1042 -31.07 39.57 9.84
CA VAL A 1042 -29.96 38.69 9.50
C VAL A 1042 -29.11 39.32 8.42
N GLU A 1043 -29.76 39.87 7.39
CA GLU A 1043 -29.02 40.49 6.29
C GLU A 1043 -28.23 41.70 6.78
N TYR A 1044 -28.81 42.48 7.69
CA TYR A 1044 -28.07 43.61 8.23
C TYR A 1044 -26.91 43.16 9.11
N LEU A 1045 -27.09 42.10 9.89
CA LEU A 1045 -26.08 41.75 10.87
C LEU A 1045 -24.90 41.06 10.25
N THR A 1046 -25.13 40.22 9.24
CA THR A 1046 -24.03 39.39 8.73
C THR A 1046 -23.02 40.20 7.91
N ASP A 1047 -23.29 41.47 7.65
CA ASP A 1047 -22.25 42.33 7.09
C ASP A 1047 -21.16 42.60 8.11
N TRP A 1048 -21.48 42.47 9.40
CA TRP A 1048 -20.54 42.82 10.46
C TRP A 1048 -19.57 41.69 10.80
N VAL A 1049 -19.68 40.53 10.15
CA VAL A 1049 -18.91 39.37 10.58
C VAL A 1049 -17.41 39.59 10.35
N MET A 1050 -17.05 40.15 9.20
CA MET A 1050 -15.65 40.47 8.97
C MET A 1050 -15.46 41.94 8.63
N VAL A 1061 -7.79 46.38 19.58
CA VAL A 1061 -8.66 46.94 18.51
C VAL A 1061 -9.21 45.74 17.79
N LYS A 1062 -8.29 44.93 17.29
CA LYS A 1062 -8.71 43.66 16.66
C LYS A 1062 -9.35 42.86 17.79
N CYS A 1063 -8.82 43.00 19.00
CA CYS A 1063 -9.36 42.18 20.10
C CYS A 1063 -10.83 42.52 20.18
N LEU A 1064 -11.13 43.81 20.07
CA LEU A 1064 -12.55 44.21 20.05
C LEU A 1064 -13.18 43.59 18.81
N THR A 1065 -12.55 43.84 17.67
CA THR A 1065 -13.17 43.34 16.45
C THR A 1065 -13.56 41.87 16.60
N ARG A 1066 -12.68 41.08 17.21
CA ARG A 1066 -13.00 39.69 17.47
C ARG A 1066 -14.13 39.55 18.47
N ASP A 1067 -14.20 40.46 19.45
CA ASP A 1067 -15.32 40.45 20.38
C ASP A 1067 -16.64 40.79 19.70
N LEU A 1068 -16.60 41.76 18.77
CA LEU A 1068 -17.77 42.11 17.99
C LEU A 1068 -18.27 40.91 17.22
N ASP A 1069 -17.35 40.22 16.54
CA ASP A 1069 -17.72 39.02 15.81
C ASP A 1069 -18.24 37.93 16.74
N GLN A 1070 -17.62 37.82 17.92
CA GLN A 1070 -18.04 36.80 18.88
C GLN A 1070 -19.48 36.98 19.29
N ALA A 1071 -19.85 38.18 19.72
CA ALA A 1071 -21.24 38.49 20.09
C ALA A 1071 -22.19 38.43 18.91
N SER A 1072 -21.73 38.85 17.72
CA SER A 1072 -22.57 38.81 16.54
C SER A 1072 -22.95 37.40 16.16
N MET A 1073 -22.13 36.42 16.52
CA MET A 1073 -22.46 35.05 16.17
C MET A 1073 -23.68 34.53 16.93
N GLU A 1074 -23.77 34.73 18.25
CA GLU A 1074 -24.99 34.26 18.91
C GLU A 1074 -26.16 35.16 18.54
N ALA A 1075 -25.88 36.41 18.16
CA ALA A 1075 -26.95 37.23 17.62
C ALA A 1075 -27.56 36.59 16.37
N VAL A 1076 -26.71 36.19 15.43
CA VAL A 1076 -27.18 35.56 14.20
C VAL A 1076 -27.80 34.20 14.49
N VAL A 1077 -27.24 33.47 15.45
CA VAL A 1077 -27.78 32.16 15.81
C VAL A 1077 -29.20 32.29 16.35
N SER A 1078 -29.40 33.25 17.24
CA SER A 1078 -30.72 33.50 17.80
C SER A 1078 -31.69 33.97 16.73
N LEU A 1079 -31.21 34.76 15.78
CA LEU A 1079 -32.07 35.18 14.67
C LEU A 1079 -32.48 34.00 13.80
N LEU A 1080 -31.56 33.08 13.53
CA LEU A 1080 -31.82 32.01 12.59
C LEU A 1080 -32.73 30.91 13.14
N ALA A 1081 -33.11 30.98 14.41
CA ALA A 1081 -33.83 29.87 15.03
C ALA A 1081 -35.20 29.67 14.40
N GLY A 1082 -35.31 28.67 13.54
CA GLY A 1082 -36.57 28.39 12.87
C GLY A 1082 -37.00 29.47 11.91
N LEU A 1083 -36.08 29.97 11.10
CA LEU A 1083 -36.40 31.04 10.18
C LEU A 1083 -36.47 30.51 8.76
N PRO A 1084 -37.63 30.40 8.14
CA PRO A 1084 -37.67 30.17 6.70
C PRO A 1084 -37.13 31.39 5.97
N LEU A 1085 -36.11 31.18 5.16
CA LEU A 1085 -35.51 32.25 4.38
C LEU A 1085 -36.47 32.76 3.32
N GLN A 1086 -36.72 34.07 3.37
CA GLN A 1086 -37.54 34.76 2.40
C GLN A 1086 -36.64 35.66 1.57
N PRO A 1087 -36.59 35.49 0.27
CA PRO A 1087 -35.83 36.43 -0.56
C PRO A 1087 -36.44 37.80 -0.49
N GLU A 1088 -35.58 38.80 -0.64
CA GLU A 1088 -36.08 40.16 -0.80
C GLU A 1088 -36.91 40.25 -2.07
N GLU A 1089 -38.08 40.88 -1.95
CA GLU A 1089 -39.06 40.86 -3.03
C GLU A 1089 -38.58 41.78 -4.14
N GLY A 1090 -37.99 41.17 -5.16
CA GLY A 1090 -37.88 41.77 -6.47
C GLY A 1090 -38.93 41.19 -7.39
N ASP A 1091 -38.67 41.32 -8.69
CA ASP A 1091 -39.40 40.50 -9.65
C ASP A 1091 -39.01 39.03 -9.49
N GLY A 1092 -37.71 38.76 -9.35
CA GLY A 1092 -37.22 37.44 -9.03
C GLY A 1092 -37.26 36.46 -10.19
N VAL A 1093 -36.31 35.53 -10.23
CA VAL A 1093 -36.45 34.42 -11.16
C VAL A 1093 -37.60 33.53 -10.74
N GLU A 1094 -37.62 33.17 -9.47
CA GLU A 1094 -38.67 32.40 -8.82
C GLU A 1094 -38.33 32.44 -7.34
N LEU A 1095 -39.25 31.96 -6.51
CA LEU A 1095 -38.99 31.91 -5.08
C LEU A 1095 -37.87 30.91 -4.78
N MET A 1096 -37.90 29.75 -5.43
CA MET A 1096 -36.93 28.71 -5.11
C MET A 1096 -35.52 29.10 -5.52
N GLU A 1097 -35.37 29.75 -6.67
CA GLU A 1097 -34.04 30.13 -7.13
C GLU A 1097 -33.39 31.14 -6.20
N ALA A 1098 -34.14 32.15 -5.78
CA ALA A 1098 -33.56 33.16 -4.92
C ALA A 1098 -33.36 32.63 -3.50
N LYS A 1099 -34.22 31.69 -3.07
CA LYS A 1099 -33.97 31.03 -1.79
C LYS A 1099 -32.68 30.24 -1.82
N SER A 1100 -32.43 29.54 -2.93
CA SER A 1100 -31.16 28.84 -3.10
C SER A 1100 -30.00 29.81 -3.10
N GLN A 1101 -30.19 30.98 -3.71
CA GLN A 1101 -29.11 31.96 -3.78
C GLN A 1101 -28.76 32.50 -2.39
N LEU A 1102 -29.77 32.84 -1.58
CA LEU A 1102 -29.50 33.30 -0.23
C LEU A 1102 -28.89 32.20 0.63
N PHE A 1103 -29.38 30.98 0.47
CA PHE A 1103 -28.79 29.85 1.21
C PHE A 1103 -27.32 29.71 0.86
N LEU A 1104 -26.98 29.79 -0.43
CA LEU A 1104 -25.59 29.67 -0.83
C LEU A 1104 -24.74 30.79 -0.26
N LYS A 1105 -25.27 32.01 -0.26
CA LYS A 1105 -24.49 33.14 0.26
C LYS A 1105 -24.18 32.97 1.73
N TYR A 1106 -25.22 32.70 2.54
CA TYR A 1106 -25.01 32.56 3.98
C TYR A 1106 -24.12 31.36 4.30
N PHE A 1107 -24.32 30.27 3.58
CA PHE A 1107 -23.54 29.07 3.81
C PHE A 1107 -22.08 29.27 3.46
N THR A 1108 -21.78 29.97 2.35
CA THR A 1108 -20.40 30.23 2.00
C THR A 1108 -19.73 31.17 2.98
N LEU A 1109 -20.46 32.17 3.48
CA LEU A 1109 -19.87 33.06 4.48
C LEU A 1109 -19.55 32.29 5.75
N PHE A 1110 -20.45 31.43 6.18
CA PHE A 1110 -20.21 30.64 7.39
C PHE A 1110 -19.06 29.67 7.20
N MET A 1111 -18.95 29.05 6.02
CA MET A 1111 -17.83 28.14 5.77
C MET A 1111 -16.50 28.88 5.74
N ASN A 1112 -16.48 30.09 5.17
CA ASN A 1112 -15.25 30.88 5.21
C ASN A 1112 -14.85 31.21 6.64
N LEU A 1113 -15.83 31.58 7.47
CA LEU A 1113 -15.56 31.85 8.88
C LEU A 1113 -15.01 30.62 9.58
N LEU A 1114 -15.60 29.45 9.31
CA LEU A 1114 -15.17 28.26 10.02
C LEU A 1114 -13.81 27.79 9.52
N ASN A 1115 -13.50 28.05 8.25
CA ASN A 1115 -12.17 27.75 7.74
C ASN A 1115 -11.11 28.63 8.38
N ASP A 1116 -11.42 29.91 8.59
CA ASP A 1116 -10.50 30.76 9.35
C ASP A 1116 -10.36 30.26 10.80
N CYS A 1117 -11.45 29.74 11.36
CA CYS A 1117 -11.40 29.23 12.72
C CYS A 1117 -10.60 27.93 12.80
N SER A 1118 -10.50 27.21 11.67
CA SER A 1118 -9.98 25.84 11.71
C SER A 1118 -8.49 25.78 12.01
N GLU A 1119 -7.77 26.87 11.77
CA GLU A 1119 -6.32 26.88 11.94
C GLU A 1119 -5.92 26.84 13.41
N MET A 1134 -6.09 32.50 23.05
CA MET A 1134 -7.16 32.96 22.17
C MET A 1134 -7.83 31.70 21.60
N SER A 1135 -7.27 30.55 22.00
CA SER A 1135 -7.81 29.27 21.55
C SER A 1135 -9.21 29.01 22.10
N ARG A 1136 -9.49 29.49 23.31
CA ARG A 1136 -10.84 29.36 23.86
C ARG A 1136 -11.82 30.24 23.09
N ARG A 1137 -11.35 31.40 22.63
CA ARG A 1137 -12.19 32.29 21.82
C ARG A 1137 -12.55 31.62 20.50
N LEU A 1138 -11.57 31.01 19.86
CA LEU A 1138 -11.82 30.30 18.61
C LEU A 1138 -12.69 29.08 18.84
N ALA A 1139 -12.54 28.42 20.00
CA ALA A 1139 -13.37 27.26 20.30
C ALA A 1139 -14.84 27.64 20.47
N SER A 1140 -15.09 28.75 21.18
CA SER A 1140 -16.45 29.24 21.31
C SER A 1140 -17.00 29.68 19.95
N LEU A 1141 -16.17 30.32 19.14
CA LEU A 1141 -16.58 30.76 17.81
C LEU A 1141 -16.98 29.56 16.94
N ARG A 1142 -16.21 28.48 17.01
CA ARG A 1142 -16.58 27.25 16.33
C ARG A 1142 -17.89 26.69 16.88
N HIS A 1143 -18.03 26.68 18.20
CA HIS A 1143 -19.21 26.07 18.82
C HIS A 1143 -20.49 26.77 18.40
N CYS A 1144 -20.45 28.09 18.30
CA CYS A 1144 -21.66 28.81 17.90
C CYS A 1144 -21.88 28.76 16.39
N THR A 1145 -20.80 28.75 15.59
CA THR A 1145 -20.97 28.64 14.15
C THR A 1145 -21.56 27.29 13.76
N VAL A 1146 -21.23 26.24 14.53
CA VAL A 1146 -21.84 24.93 14.34
C VAL A 1146 -23.36 25.03 14.52
N LEU A 1147 -23.79 25.73 15.56
CA LEU A 1147 -25.23 25.86 15.82
C LEU A 1147 -25.88 26.70 14.73
N ALA A 1148 -25.16 27.67 14.18
CA ALA A 1148 -25.67 28.44 13.06
C ALA A 1148 -25.94 27.56 11.85
N MET A 1149 -24.98 26.69 11.52
CA MET A 1149 -25.21 25.71 10.46
C MET A 1149 -26.41 24.84 10.75
N SER A 1150 -26.52 24.37 11.99
CA SER A 1150 -27.59 23.45 12.35
C SER A 1150 -28.96 24.09 12.17
N ASN A 1151 -29.11 25.32 12.65
CA ASN A 1151 -30.39 25.99 12.50
C ASN A 1151 -30.69 26.34 11.04
N LEU A 1152 -29.69 26.86 10.32
CA LEU A 1152 -29.93 27.33 8.97
C LEU A 1152 -30.21 26.15 8.03
N LEU A 1153 -29.69 24.98 8.35
CA LEU A 1153 -30.04 23.81 7.56
C LEU A 1153 -31.36 23.22 8.01
N ASN A 1154 -31.67 23.28 9.30
CA ASN A 1154 -32.90 22.70 9.79
C ASN A 1154 -34.11 23.45 9.27
N ALA A 1155 -33.97 24.75 9.03
CA ALA A 1155 -35.07 25.52 8.46
C ALA A 1155 -35.33 25.14 7.01
N ASN A 1156 -34.38 25.42 6.13
CA ASN A 1156 -34.57 25.20 4.69
C ASN A 1156 -33.92 23.92 4.21
N VAL A 1157 -34.44 22.76 4.61
CA VAL A 1157 -33.85 21.51 4.14
C VAL A 1157 -34.05 21.36 2.63
N ASP A 1158 -35.19 21.84 2.13
CA ASP A 1158 -35.58 21.61 0.74
C ASP A 1158 -34.63 22.31 -0.21
N SER A 1159 -34.39 23.59 -0.01
CA SER A 1159 -33.44 24.34 -0.80
C SER A 1159 -32.03 24.22 -0.26
N GLY A 1160 -31.81 23.32 0.70
CA GLY A 1160 -30.57 23.35 1.45
C GLY A 1160 -29.67 22.14 1.42
N LEU A 1161 -30.18 20.93 1.23
CA LEU A 1161 -29.26 19.80 1.15
C LEU A 1161 -28.41 19.87 -0.11
N MET A 1162 -28.96 20.42 -1.19
CA MET A 1162 -28.31 20.29 -2.49
C MET A 1162 -27.02 21.07 -2.58
N HIS A 1163 -26.82 22.06 -1.71
CA HIS A 1163 -25.55 22.77 -1.70
C HIS A 1163 -24.59 22.31 -0.62
N SER A 1164 -25.03 21.47 0.31
CA SER A 1164 -24.15 21.09 1.39
C SER A 1164 -24.34 19.62 1.75
N ILE A 1165 -24.51 18.76 0.75
CA ILE A 1165 -24.32 17.33 0.94
C ILE A 1165 -22.95 16.89 0.48
N GLY A 1166 -22.24 17.76 -0.22
CA GLY A 1166 -20.92 17.47 -0.73
C GLY A 1166 -19.76 17.82 0.18
N LEU A 1167 -20.02 18.24 1.41
CA LEU A 1167 -18.96 18.31 2.41
C LEU A 1167 -19.08 17.20 3.45
N GLY A 1168 -19.85 16.16 3.16
CA GLY A 1168 -19.73 14.92 3.89
C GLY A 1168 -18.48 14.14 3.55
N TYR A 1169 -17.70 14.61 2.57
CA TYR A 1169 -16.40 14.04 2.24
C TYR A 1169 -15.28 15.06 2.44
N HIS A 1170 -15.49 16.04 3.30
CA HIS A 1170 -14.60 17.18 3.41
C HIS A 1170 -13.27 16.76 4.03
N LYS A 1171 -12.22 17.52 3.69
CA LYS A 1171 -10.87 17.17 4.11
C LYS A 1171 -10.70 17.36 5.62
N ASP A 1172 -11.09 18.52 6.12
CA ASP A 1172 -11.02 18.77 7.56
C ASP A 1172 -12.06 17.91 8.26
N LEU A 1173 -11.64 17.14 9.26
CA LEU A 1173 -12.56 16.25 9.93
C LEU A 1173 -13.49 16.99 10.89
N GLN A 1174 -13.15 18.22 11.25
CA GLN A 1174 -14.03 19.01 12.11
C GLN A 1174 -15.34 19.35 11.38
N THR A 1175 -15.23 19.82 10.14
CA THR A 1175 -16.40 20.11 9.33
C THR A 1175 -17.22 18.85 9.13
N ARG A 1176 -16.53 17.74 8.88
CA ARG A 1176 -17.18 16.49 8.57
C ARG A 1176 -17.95 15.98 9.78
N ALA A 1177 -17.34 16.07 10.96
CA ALA A 1177 -18.02 15.68 12.18
C ALA A 1177 -19.22 16.57 12.46
N THR A 1178 -19.04 17.89 12.29
CA THR A 1178 -20.10 18.86 12.57
C THR A 1178 -21.35 18.60 11.71
N PHE A 1179 -21.13 18.57 10.40
CA PHE A 1179 -22.18 18.19 9.46
C PHE A 1179 -22.73 16.80 9.79
N MET A 1180 -21.89 15.97 10.37
CA MET A 1180 -22.20 14.58 10.51
C MET A 1180 -23.12 14.35 11.71
N GLU A 1181 -23.27 15.34 12.61
CA GLU A 1181 -24.45 15.23 13.50
C GLU A 1181 -25.58 16.14 13.06
N VAL A 1182 -25.28 17.18 12.28
CA VAL A 1182 -26.35 18.07 11.81
C VAL A 1182 -27.36 17.26 11.01
N LEU A 1183 -26.88 16.34 10.18
CA LEU A 1183 -27.79 15.43 9.50
C LEU A 1183 -28.58 14.58 10.47
N THR A 1184 -28.02 14.21 11.62
CA THR A 1184 -28.77 13.42 12.58
C THR A 1184 -29.96 14.20 13.11
N LYS A 1185 -29.71 15.43 13.56
CA LYS A 1185 -30.77 16.19 14.19
C LYS A 1185 -31.84 16.58 13.18
N ILE A 1186 -31.43 16.80 11.93
CA ILE A 1186 -32.42 16.97 10.87
C ILE A 1186 -33.22 15.69 10.66
N LEU A 1187 -32.53 14.55 10.71
CA LEU A 1187 -33.18 13.29 10.34
C LEU A 1187 -34.21 12.85 11.36
N GLN A 1188 -34.01 13.19 12.63
CA GLN A 1188 -34.98 12.82 13.66
C GLN A 1188 -35.92 13.97 14.01
N GLN A 1189 -36.20 14.84 13.04
CA GLN A 1189 -36.91 16.08 13.35
C GLN A 1189 -38.36 15.84 13.76
N GLY A 1190 -39.07 14.97 13.04
CA GLY A 1190 -40.42 14.63 13.41
C GLY A 1190 -41.32 14.60 12.19
N THR A 1191 -42.62 14.68 12.45
CA THR A 1191 -43.64 14.59 11.41
C THR A 1191 -44.30 15.92 11.10
N GLU A 1192 -43.74 17.03 11.55
CA GLU A 1192 -44.33 18.32 11.22
C GLU A 1192 -43.70 18.92 9.98
N PHE A 1193 -42.47 18.53 9.66
CA PHE A 1193 -41.74 19.16 8.57
C PHE A 1193 -41.93 18.45 7.24
N ASP A 1194 -42.47 17.24 7.23
CA ASP A 1194 -42.65 16.51 5.99
C ASP A 1194 -43.80 17.09 5.17
N THR A 1195 -43.79 16.81 3.87
CA THR A 1195 -44.76 17.43 2.98
C THR A 1195 -46.12 16.76 3.10
N LEU A 1196 -47.13 17.44 2.57
CA LEU A 1196 -48.45 16.82 2.46
C LEU A 1196 -48.39 15.60 1.55
N ALA A 1197 -47.60 15.68 0.48
CA ALA A 1197 -47.41 14.54 -0.40
C ALA A 1197 -46.78 13.37 0.36
N GLU A 1198 -45.79 13.65 1.20
CA GLU A 1198 -45.13 12.61 1.95
C GLU A 1198 -46.07 11.94 2.94
N THR A 1199 -46.89 12.74 3.63
CA THR A 1199 -47.82 12.16 4.59
C THR A 1199 -48.95 11.39 3.89
N VAL A 1200 -49.44 11.91 2.77
CA VAL A 1200 -50.46 11.18 2.01
C VAL A 1200 -49.90 9.87 1.49
N LEU A 1201 -48.66 9.90 1.00
CA LEU A 1201 -48.01 8.68 0.53
C LEU A 1201 -47.82 7.68 1.66
N ALA A 1202 -47.41 8.17 2.83
CA ALA A 1202 -47.23 7.31 3.99
C ALA A 1202 -48.55 6.69 4.43
N ASP A 1203 -49.62 7.50 4.46
CA ASP A 1203 -50.92 7.00 4.86
C ASP A 1203 -51.45 5.98 3.86
N ARG A 1204 -51.23 6.23 2.57
CA ARG A 1204 -51.70 5.31 1.55
C ARG A 1204 -50.94 3.99 1.62
N PHE A 1205 -49.63 4.07 1.87
CA PHE A 1205 -48.82 2.86 2.05
C PHE A 1205 -49.28 2.08 3.28
N GLU A 1206 -49.51 2.77 4.39
CA GLU A 1206 -49.93 2.10 5.62
C GLU A 1206 -51.29 1.44 5.43
N ARG A 1207 -52.20 2.12 4.73
CA ARG A 1207 -53.51 1.54 4.47
C ARG A 1207 -53.39 0.31 3.60
N LEU A 1208 -52.45 0.32 2.65
CA LEU A 1208 -52.20 -0.88 1.86
C LEU A 1208 -51.63 -2.01 2.72
N VAL A 1209 -50.76 -1.67 3.67
CA VAL A 1209 -50.19 -2.69 4.55
C VAL A 1209 -51.27 -3.28 5.43
N GLU A 1210 -52.12 -2.43 6.00
CA GLU A 1210 -53.26 -2.91 6.77
C GLU A 1210 -54.19 -3.75 5.92
N LEU A 1211 -54.33 -3.37 4.65
CA LEU A 1211 -55.21 -4.08 3.73
C LEU A 1211 -54.81 -5.56 3.60
N VAL A 1212 -53.51 -5.83 3.55
CA VAL A 1212 -53.07 -7.21 3.57
C VAL A 1212 -53.34 -7.84 4.94
N THR A 1213 -52.94 -7.15 6.01
CA THR A 1213 -52.88 -7.78 7.32
C THR A 1213 -54.23 -7.94 7.99
N MET A 1214 -55.31 -7.45 7.38
CA MET A 1214 -56.64 -7.83 7.88
C MET A 1214 -56.86 -9.32 7.79
N MET A 1215 -57.07 -9.96 8.93
CA MET A 1215 -57.26 -11.40 9.04
C MET A 1215 -58.61 -11.66 9.66
N GLY A 1216 -59.50 -12.29 8.89
CA GLY A 1216 -60.84 -12.53 9.38
C GLY A 1216 -60.91 -13.69 10.34
N ASP A 1217 -61.92 -13.65 11.20
CA ASP A 1217 -62.14 -14.72 12.17
C ASP A 1217 -62.53 -16.02 11.46
N GLN A 1218 -62.13 -17.15 12.06
CA GLN A 1218 -62.35 -18.56 11.69
C GLN A 1218 -61.84 -18.89 10.30
N GLY A 1219 -61.21 -17.97 9.60
CA GLY A 1219 -60.79 -18.20 8.23
C GLY A 1219 -59.41 -17.63 7.99
N GLU A 1220 -58.77 -18.10 6.92
CA GLU A 1220 -57.43 -17.66 6.58
C GLU A 1220 -57.49 -16.23 6.03
N LEU A 1221 -56.34 -15.58 6.02
CA LEU A 1221 -56.26 -14.20 5.57
C LEU A 1221 -56.46 -14.12 4.06
N PRO A 1222 -57.34 -13.24 3.57
CA PRO A 1222 -57.75 -13.32 2.16
C PRO A 1222 -56.68 -12.93 1.15
N ILE A 1223 -55.91 -11.90 1.47
CA ILE A 1223 -54.90 -11.39 0.54
C ILE A 1223 -53.83 -12.45 0.30
N ALA A 1224 -53.42 -13.14 1.36
CA ALA A 1224 -52.44 -14.20 1.22
C ALA A 1224 -52.99 -15.36 0.42
N MET A 1225 -54.27 -15.70 0.59
CA MET A 1225 -54.83 -16.77 -0.21
C MET A 1225 -54.92 -16.41 -1.68
N ALA A 1226 -55.19 -15.14 -1.99
CA ALA A 1226 -55.18 -14.73 -3.38
C ALA A 1226 -53.77 -14.79 -3.96
N LEU A 1227 -52.81 -14.21 -3.23
CA LEU A 1227 -51.44 -14.12 -3.75
C LEU A 1227 -50.76 -15.47 -3.80
N ALA A 1228 -51.24 -16.43 -3.01
CA ALA A 1228 -50.68 -17.77 -3.07
C ALA A 1228 -51.06 -18.47 -4.37
N ASN A 1229 -52.25 -18.19 -4.89
CA ASN A 1229 -52.75 -18.90 -6.04
C ASN A 1229 -52.68 -18.11 -7.34
N VAL A 1230 -52.25 -16.85 -7.30
CA VAL A 1230 -52.21 -16.02 -8.49
C VAL A 1230 -50.80 -15.90 -9.07
N VAL A 1231 -49.77 -15.96 -8.24
CA VAL A 1231 -48.46 -15.42 -8.62
C VAL A 1231 -47.74 -16.38 -9.56
N PRO A 1232 -47.16 -15.88 -10.65
CA PRO A 1232 -46.36 -16.75 -11.53
C PRO A 1232 -45.11 -17.25 -10.83
N CYS A 1233 -44.61 -18.40 -11.30
CA CYS A 1233 -43.54 -19.10 -10.62
C CYS A 1233 -42.26 -18.28 -10.55
N SER A 1234 -41.98 -17.47 -11.58
CA SER A 1234 -40.72 -16.74 -11.66
C SER A 1234 -40.59 -15.71 -10.55
N GLN A 1235 -41.71 -15.27 -9.99
CA GLN A 1235 -41.70 -14.31 -8.90
C GLN A 1235 -41.94 -14.96 -7.54
N TRP A 1236 -42.13 -16.29 -7.50
CA TRP A 1236 -42.65 -16.97 -6.30
C TRP A 1236 -41.80 -16.70 -5.08
N ASP A 1237 -40.50 -16.97 -5.17
CA ASP A 1237 -39.58 -16.76 -4.06
C ASP A 1237 -39.59 -15.30 -3.63
N GLU A 1238 -39.62 -14.39 -4.60
CA GLU A 1238 -39.66 -12.97 -4.29
C GLU A 1238 -40.89 -12.63 -3.48
N LEU A 1239 -42.04 -13.18 -3.88
CA LEU A 1239 -43.26 -13.03 -3.10
C LEU A 1239 -43.05 -13.51 -1.67
N ALA A 1240 -42.45 -14.69 -1.53
CA ALA A 1240 -42.19 -15.25 -0.21
C ALA A 1240 -41.41 -14.26 0.63
N ARG A 1241 -40.39 -13.65 0.02
CA ARG A 1241 -39.53 -12.73 0.75
C ARG A 1241 -40.32 -11.57 1.32
N VAL A 1242 -41.14 -10.93 0.48
CA VAL A 1242 -41.81 -9.74 0.97
C VAL A 1242 -42.86 -10.12 1.99
N LEU A 1243 -43.44 -11.32 1.83
CA LEU A 1243 -44.41 -11.79 2.81
C LEU A 1243 -43.74 -12.00 4.15
N VAL A 1244 -42.54 -12.57 4.14
CA VAL A 1244 -41.82 -12.79 5.40
C VAL A 1244 -41.42 -11.45 6.00
N THR A 1245 -41.18 -10.45 5.15
CA THR A 1245 -40.83 -9.14 5.68
C THR A 1245 -42.08 -8.48 6.27
N LEU A 1246 -43.26 -8.83 5.77
CA LEU A 1246 -44.46 -8.12 6.19
C LEU A 1246 -44.98 -8.63 7.53
N PHE A 1247 -45.42 -9.89 7.57
CA PHE A 1247 -46.21 -10.38 8.69
C PHE A 1247 -45.38 -10.46 9.97
N ASP A 1248 -44.07 -10.63 9.82
CA ASP A 1248 -43.20 -10.61 10.99
C ASP A 1248 -43.13 -9.21 11.59
N SER A 1249 -43.07 -8.17 10.76
CA SER A 1249 -43.00 -6.82 11.28
C SER A 1249 -44.33 -6.38 11.88
N ARG A 1250 -45.41 -7.01 11.44
CA ARG A 1250 -46.71 -6.84 12.10
C ARG A 1250 -46.94 -7.88 13.18
N HIS A 1251 -45.94 -8.71 13.48
CA HIS A 1251 -45.93 -9.76 14.49
C HIS A 1251 -46.93 -10.88 14.19
N LEU A 1252 -47.36 -11.01 12.93
CA LEU A 1252 -48.39 -11.98 12.58
C LEU A 1252 -47.85 -13.12 11.74
N LEU A 1253 -46.54 -13.38 11.83
CA LEU A 1253 -45.92 -14.38 10.97
C LEU A 1253 -46.42 -15.78 11.25
N TYR A 1254 -46.80 -16.04 12.50
CA TYR A 1254 -47.31 -17.35 12.89
C TYR A 1254 -48.56 -17.71 12.10
N GLN A 1255 -49.49 -16.76 11.96
CA GLN A 1255 -50.74 -17.06 11.26
C GLN A 1255 -50.52 -17.23 9.77
N LEU A 1256 -49.59 -16.45 9.20
CA LEU A 1256 -49.26 -16.60 7.79
C LEU A 1256 -48.71 -17.98 7.51
N LEU A 1257 -47.77 -18.43 8.34
CA LEU A 1257 -47.25 -19.79 8.20
C LEU A 1257 -48.34 -20.81 8.44
N TRP A 1258 -49.26 -20.53 9.37
CA TRP A 1258 -50.37 -21.44 9.65
C TRP A 1258 -51.21 -21.65 8.42
N ASN A 1259 -51.56 -20.57 7.72
CA ASN A 1259 -52.39 -20.68 6.52
C ASN A 1259 -51.66 -21.42 5.42
N MET A 1260 -50.38 -21.11 5.22
CA MET A 1260 -49.64 -21.76 4.14
C MET A 1260 -49.48 -23.26 4.38
N PHE A 1261 -49.13 -23.64 5.61
CA PHE A 1261 -48.97 -25.04 5.92
C PHE A 1261 -50.32 -25.74 5.94
N SER A 1262 -51.37 -25.02 6.31
CA SER A 1262 -52.70 -25.58 6.35
C SER A 1262 -53.19 -25.92 4.95
N LYS A 1263 -52.77 -25.13 3.96
CA LYS A 1263 -53.01 -25.56 2.59
C LYS A 1263 -52.14 -26.76 2.23
N GLU A 1264 -50.84 -26.68 2.53
CA GLU A 1264 -49.89 -27.65 2.01
C GLU A 1264 -50.13 -29.05 2.54
N VAL A 1265 -50.73 -29.18 3.73
CA VAL A 1265 -50.92 -30.51 4.30
C VAL A 1265 -51.96 -31.30 3.51
N GLU A 1266 -52.96 -30.63 2.95
CA GLU A 1266 -53.92 -31.37 2.13
C GLU A 1266 -53.51 -31.41 0.67
N LEU A 1267 -52.77 -30.39 0.20
CA LEU A 1267 -52.29 -30.46 -1.18
C LEU A 1267 -51.25 -31.56 -1.38
N ALA A 1268 -50.55 -31.95 -0.32
CA ALA A 1268 -49.57 -33.03 -0.39
C ALA A 1268 -50.12 -34.24 0.35
N ASP A 1269 -50.04 -35.42 -0.27
CA ASP A 1269 -50.59 -36.61 0.39
C ASP A 1269 -49.51 -37.42 1.09
N SER A 1270 -48.47 -37.84 0.37
CA SER A 1270 -47.49 -38.77 0.93
C SER A 1270 -46.62 -38.09 1.97
N MET A 1271 -46.30 -38.83 3.03
CA MET A 1271 -45.53 -38.27 4.14
C MET A 1271 -44.10 -37.96 3.72
N GLN A 1272 -43.55 -38.74 2.78
CA GLN A 1272 -42.22 -38.44 2.27
C GLN A 1272 -42.23 -37.18 1.42
N THR A 1273 -43.27 -36.99 0.61
CA THR A 1273 -43.34 -35.89 -0.35
C THR A 1273 -43.77 -34.57 0.29
N LEU A 1274 -43.99 -34.54 1.60
CA LEU A 1274 -44.45 -33.34 2.28
C LEU A 1274 -43.34 -32.29 2.27
N PHE A 1275 -43.63 -31.14 1.68
CA PHE A 1275 -42.82 -29.93 1.64
C PHE A 1275 -41.46 -30.09 0.95
N ARG A 1276 -41.11 -31.29 0.48
CA ARG A 1276 -39.79 -31.45 -0.13
C ARG A 1276 -39.76 -30.85 -1.53
N GLY A 1277 -40.89 -30.86 -2.22
CA GLY A 1277 -40.93 -30.36 -3.58
C GLY A 1277 -40.93 -28.84 -3.64
N ASN A 1278 -40.73 -28.33 -4.85
CA ASN A 1278 -40.76 -26.89 -5.05
C ASN A 1278 -42.19 -26.38 -4.98
N SER A 1279 -42.50 -25.68 -3.90
CA SER A 1279 -43.81 -25.08 -3.70
C SER A 1279 -43.60 -23.84 -2.84
N LEU A 1280 -44.67 -23.08 -2.64
CA LEU A 1280 -44.55 -21.85 -1.87
C LEU A 1280 -44.21 -22.13 -0.41
N ALA A 1281 -44.74 -23.22 0.16
CA ALA A 1281 -44.40 -23.56 1.53
C ALA A 1281 -42.91 -23.80 1.68
N SER A 1282 -42.32 -24.49 0.69
CA SER A 1282 -40.88 -24.73 0.69
C SER A 1282 -40.10 -23.43 0.62
N LYS A 1283 -40.52 -22.52 -0.27
CA LYS A 1283 -39.80 -21.26 -0.43
C LYS A 1283 -39.87 -20.41 0.83
N ILE A 1284 -41.06 -20.36 1.44
CA ILE A 1284 -41.23 -19.56 2.65
C ILE A 1284 -40.41 -20.13 3.80
N MET A 1285 -40.44 -21.45 4.01
CA MET A 1285 -39.70 -21.99 5.14
C MET A 1285 -38.19 -21.93 4.90
N THR A 1286 -37.78 -22.03 3.63
CA THR A 1286 -36.37 -21.87 3.30
C THR A 1286 -35.89 -20.46 3.60
N PHE A 1287 -36.68 -19.46 3.21
CA PHE A 1287 -36.32 -18.09 3.54
C PHE A 1287 -36.33 -17.86 5.04
N CYS A 1288 -37.26 -18.50 5.75
CA CYS A 1288 -37.33 -18.36 7.20
C CYS A 1288 -36.07 -18.92 7.86
N PHE A 1289 -35.63 -20.10 7.41
CA PHE A 1289 -34.39 -20.67 7.91
C PHE A 1289 -33.22 -19.75 7.62
N LYS A 1290 -33.15 -19.23 6.38
CA LYS A 1290 -32.02 -18.39 5.98
C LYS A 1290 -31.96 -17.10 6.79
N VAL A 1291 -33.11 -16.49 7.07
CA VAL A 1291 -33.08 -15.21 7.77
C VAL A 1291 -32.95 -15.39 9.27
N TYR A 1292 -33.42 -16.51 9.83
CA TYR A 1292 -33.41 -16.62 11.28
C TYR A 1292 -32.22 -17.41 11.78
N GLY A 1293 -32.02 -18.62 11.27
CA GLY A 1293 -31.08 -19.50 11.92
C GLY A 1293 -29.64 -19.37 11.47
N ALA A 1294 -29.31 -18.30 10.75
CA ALA A 1294 -27.95 -18.14 10.24
C ALA A 1294 -26.94 -18.02 11.38
N THR A 1295 -27.24 -17.18 12.37
CA THR A 1295 -26.33 -16.99 13.50
C THR A 1295 -26.17 -18.27 14.31
N TYR A 1296 -27.29 -18.92 14.63
CA TYR A 1296 -27.25 -20.16 15.40
C TYR A 1296 -26.50 -21.25 14.66
N LEU A 1297 -26.75 -21.39 13.36
CA LEU A 1297 -26.09 -22.40 12.56
C LEU A 1297 -24.59 -22.15 12.49
N GLN A 1298 -24.20 -20.88 12.32
CA GLN A 1298 -22.78 -20.55 12.27
C GLN A 1298 -22.10 -20.84 13.59
N LYS A 1299 -22.73 -20.46 14.71
CA LYS A 1299 -22.13 -20.68 16.03
C LYS A 1299 -22.05 -22.15 16.36
N LEU A 1300 -23.04 -22.95 15.94
CA LEU A 1300 -22.96 -24.38 16.14
C LEU A 1300 -21.86 -24.99 15.29
N LEU A 1301 -21.70 -24.49 14.06
CA LEU A 1301 -20.97 -25.29 13.09
C LEU A 1301 -19.48 -24.97 13.11
N ASP A 1302 -19.08 -23.75 13.49
CA ASP A 1302 -17.65 -23.42 13.35
C ASP A 1302 -16.68 -24.20 14.24
N PRO A 1303 -17.02 -24.73 15.44
CA PRO A 1303 -15.99 -25.52 16.14
C PRO A 1303 -15.78 -26.89 15.52
N LEU A 1304 -16.87 -27.54 15.11
CA LEU A 1304 -16.75 -28.82 14.42
C LEU A 1304 -16.04 -28.65 13.09
N LEU A 1305 -16.17 -27.47 12.48
CA LEU A 1305 -15.35 -27.16 11.32
C LEU A 1305 -13.88 -27.02 11.70
N ARG A 1306 -13.59 -26.27 12.78
CA ARG A 1306 -12.20 -25.98 13.14
C ARG A 1306 -11.46 -27.23 13.57
N ILE A 1307 -12.17 -28.24 14.07
CA ILE A 1307 -11.55 -29.52 14.34
C ILE A 1307 -11.04 -30.16 13.05
N VAL A 1308 -11.85 -30.08 11.99
CA VAL A 1308 -11.44 -30.65 10.70
C VAL A 1308 -10.35 -29.79 10.06
N ILE A 1309 -10.42 -28.47 10.25
CA ILE A 1309 -9.49 -27.53 9.62
C ILE A 1309 -8.07 -27.78 10.05
N THR A 1310 -7.85 -28.08 11.33
CA THR A 1310 -6.49 -28.27 11.82
C THR A 1310 -6.17 -29.73 12.14
N SER A 1311 -6.95 -30.34 13.05
CA SER A 1311 -6.55 -31.60 13.67
C SER A 1311 -6.62 -32.76 12.69
N SER A 1312 -7.81 -33.05 12.18
CA SER A 1312 -7.96 -34.14 11.23
C SER A 1312 -7.30 -33.83 9.90
N ASP A 1313 -6.95 -32.56 9.66
CA ASP A 1313 -6.23 -32.20 8.45
C ASP A 1313 -4.79 -32.68 8.51
N TRP A 1314 -4.08 -32.44 9.62
CA TRP A 1314 -2.73 -33.00 9.73
C TRP A 1314 -2.80 -34.49 9.97
N GLN A 1315 -3.91 -34.97 10.54
CA GLN A 1315 -4.17 -36.41 10.52
C GLN A 1315 -4.35 -36.90 9.09
N HIS A 1316 -5.00 -36.08 8.25
CA HIS A 1316 -5.36 -36.42 6.86
C HIS A 1316 -6.09 -37.75 6.79
N VAL A 1317 -7.14 -37.87 7.62
CA VAL A 1317 -7.96 -39.07 7.59
C VAL A 1317 -8.80 -39.09 6.33
N SER A 1318 -8.77 -40.21 5.61
CA SER A 1318 -9.48 -40.30 4.35
C SER A 1318 -10.97 -40.56 4.59
N PHE A 1319 -11.77 -40.31 3.55
CA PHE A 1319 -13.21 -40.35 3.69
C PHE A 1319 -13.91 -41.06 2.54
N GLU A 1320 -13.22 -41.97 1.86
CA GLU A 1320 -13.84 -42.73 0.78
C GLU A 1320 -14.39 -44.05 1.31
N VAL A 1321 -15.68 -44.29 1.03
CA VAL A 1321 -16.37 -45.46 1.55
C VAL A 1321 -16.91 -46.31 0.42
N ASP A 1322 -17.01 -45.73 -0.77
CA ASP A 1322 -17.39 -46.50 -1.94
C ASP A 1322 -16.21 -47.36 -2.37
N PRO A 1323 -16.36 -48.69 -2.45
CA PRO A 1323 -15.24 -49.55 -2.85
C PRO A 1323 -14.73 -49.28 -4.25
N THR A 1324 -15.63 -48.91 -5.16
CA THR A 1324 -15.19 -48.56 -6.52
C THR A 1324 -14.44 -47.24 -6.53
N ARG A 1325 -14.89 -46.26 -5.74
CA ARG A 1325 -14.22 -44.97 -5.70
C ARG A 1325 -12.97 -45.02 -4.82
N LEU A 1326 -12.81 -46.09 -4.04
CA LEU A 1326 -11.63 -46.22 -3.20
C LEU A 1326 -10.38 -46.44 -4.04
N GLU A 1327 -9.33 -45.68 -3.73
CA GLU A 1327 -8.01 -45.95 -4.27
C GLU A 1327 -7.41 -47.15 -3.56
N PRO A 1328 -6.52 -47.89 -4.24
CA PRO A 1328 -5.95 -49.11 -3.61
C PRO A 1328 -5.14 -48.86 -2.35
N SER A 1329 -4.48 -47.70 -2.26
CA SER A 1329 -3.61 -47.42 -1.11
C SER A 1329 -4.42 -47.25 0.17
N GLU A 1330 -5.63 -46.71 0.06
CA GLU A 1330 -6.45 -46.41 1.22
C GLU A 1330 -7.11 -47.67 1.79
N SER A 1331 -7.51 -47.58 3.06
CA SER A 1331 -8.23 -48.63 3.75
C SER A 1331 -9.70 -48.24 3.89
N LEU A 1332 -10.58 -49.20 3.63
CA LEU A 1332 -12.02 -48.93 3.73
C LEU A 1332 -12.44 -48.74 5.18
N GLU A 1333 -11.98 -49.62 6.07
CA GLU A 1333 -12.45 -49.63 7.45
C GLU A 1333 -11.99 -48.38 8.20
N GLU A 1334 -10.76 -47.92 7.94
CA GLU A 1334 -10.25 -46.75 8.64
C GLU A 1334 -11.02 -45.49 8.25
N ASN A 1335 -11.32 -45.35 6.95
CA ASN A 1335 -12.17 -44.26 6.48
C ASN A 1335 -13.54 -44.32 7.11
N GLN A 1336 -14.10 -45.53 7.20
CA GLN A 1336 -15.42 -45.70 7.81
C GLN A 1336 -15.41 -45.30 9.28
N ARG A 1337 -14.36 -45.67 10.01
CA ARG A 1337 -14.28 -45.31 11.42
C ARG A 1337 -14.13 -43.80 11.61
N ASN A 1338 -13.29 -43.16 10.78
CA ASN A 1338 -13.14 -41.70 10.86
C ASN A 1338 -14.46 -41.00 10.57
N LEU A 1339 -15.14 -41.45 9.52
CA LEU A 1339 -16.44 -40.88 9.16
C LEU A 1339 -17.46 -41.09 10.28
N LEU A 1340 -17.45 -42.27 10.90
CA LEU A 1340 -18.34 -42.55 12.01
C LEU A 1340 -18.09 -41.59 13.17
N GLN A 1341 -16.84 -41.48 13.62
CA GLN A 1341 -16.50 -40.60 14.74
C GLN A 1341 -16.88 -39.16 14.44
N MET A 1342 -16.70 -38.74 13.19
CA MET A 1342 -17.08 -37.40 12.79
C MET A 1342 -18.60 -37.23 12.90
N THR A 1343 -19.35 -38.26 12.53
CA THR A 1343 -20.80 -38.20 12.64
C THR A 1343 -21.26 -38.09 14.09
N GLU A 1344 -20.68 -38.88 15.00
CA GLU A 1344 -21.13 -38.75 16.38
C GLU A 1344 -20.74 -37.41 16.97
N LYS A 1345 -19.59 -36.86 16.55
CA LYS A 1345 -19.18 -35.56 17.05
C LYS A 1345 -20.16 -34.46 16.63
N PHE A 1346 -20.49 -34.41 15.33
CA PHE A 1346 -21.45 -33.42 14.84
C PHE A 1346 -22.84 -33.62 15.46
N PHE A 1347 -23.33 -34.86 15.48
CA PHE A 1347 -24.67 -35.12 15.98
C PHE A 1347 -24.79 -34.79 17.46
N HIS A 1348 -23.79 -35.17 18.25
CA HIS A 1348 -23.82 -34.88 19.68
C HIS A 1348 -23.68 -33.38 19.93
N ALA A 1349 -22.98 -32.66 19.04
CA ALA A 1349 -22.94 -31.21 19.16
C ALA A 1349 -24.33 -30.60 18.96
N ILE A 1350 -25.07 -31.09 17.97
CA ILE A 1350 -26.42 -30.58 17.76
C ILE A 1350 -27.34 -30.93 18.93
N ILE A 1351 -27.25 -32.18 19.42
CA ILE A 1351 -28.10 -32.60 20.54
C ILE A 1351 -27.76 -31.81 21.80
N SER A 1352 -26.48 -31.47 21.98
CA SER A 1352 -26.11 -30.56 23.06
C SER A 1352 -26.71 -29.17 22.87
N SER A 1353 -26.67 -28.64 21.64
CA SER A 1353 -27.24 -27.33 21.37
C SER A 1353 -28.74 -27.36 21.13
N SER A 1354 -29.40 -28.44 21.55
CA SER A 1354 -30.86 -28.49 21.57
C SER A 1354 -31.46 -27.34 22.36
N SER A 1355 -30.79 -26.91 23.44
CA SER A 1355 -31.32 -25.86 24.28
C SER A 1355 -31.34 -24.51 23.56
N GLU A 1356 -30.42 -24.31 22.63
CA GLU A 1356 -30.25 -23.00 22.00
C GLU A 1356 -30.91 -22.98 20.62
N PHE A 1357 -32.05 -22.30 20.56
CA PHE A 1357 -32.68 -21.87 19.33
C PHE A 1357 -33.23 -20.47 19.49
N PRO A 1358 -33.26 -19.66 18.45
CA PRO A 1358 -34.04 -18.41 18.49
C PRO A 1358 -35.51 -18.73 18.65
N PRO A 1359 -36.26 -17.87 19.35
CA PRO A 1359 -37.68 -18.17 19.59
C PRO A 1359 -38.52 -18.23 18.32
N GLN A 1360 -38.18 -17.43 17.32
CA GLN A 1360 -38.95 -17.39 16.08
C GLN A 1360 -38.85 -18.72 15.34
N LEU A 1361 -37.65 -19.29 15.28
CA LEU A 1361 -37.47 -20.57 14.63
C LEU A 1361 -38.24 -21.67 15.35
N ARG A 1362 -38.25 -21.60 16.69
CA ARG A 1362 -39.02 -22.55 17.48
C ARG A 1362 -40.51 -22.41 17.20
N SER A 1363 -40.97 -21.17 17.04
CA SER A 1363 -42.37 -20.93 16.70
C SER A 1363 -42.70 -21.52 15.33
N VAL A 1364 -41.78 -21.38 14.38
CA VAL A 1364 -41.96 -21.95 13.05
C VAL A 1364 -42.08 -23.46 13.13
N CYS A 1365 -41.20 -24.09 13.91
CA CYS A 1365 -41.26 -25.55 14.07
C CYS A 1365 -42.56 -25.98 14.74
N HIS A 1366 -43.02 -25.21 15.74
CA HIS A 1366 -44.27 -25.54 16.41
C HIS A 1366 -45.46 -25.43 15.47
N CYS A 1367 -45.47 -24.37 14.65
CA CYS A 1367 -46.53 -24.17 13.67
C CYS A 1367 -46.57 -25.29 12.66
N LEU A 1368 -45.39 -25.74 12.22
CA LEU A 1368 -45.33 -26.90 11.33
C LEU A 1368 -45.84 -28.15 12.02
N TYR A 1369 -45.42 -28.36 13.27
CA TYR A 1369 -45.71 -29.62 13.96
C TYR A 1369 -47.19 -29.77 14.24
N GLN A 1370 -47.86 -28.69 14.62
CA GLN A 1370 -49.28 -28.78 14.96
C GLN A 1370 -50.11 -29.21 13.75
N VAL A 1371 -49.89 -28.56 12.61
CA VAL A 1371 -50.66 -28.88 11.41
C VAL A 1371 -50.29 -30.24 10.88
N VAL A 1372 -49.01 -30.63 11.02
CA VAL A 1372 -48.61 -31.97 10.59
C VAL A 1372 -49.27 -33.04 11.45
N SER A 1373 -49.38 -32.79 12.76
CA SER A 1373 -50.10 -33.70 13.65
C SER A 1373 -51.57 -33.78 13.29
N GLN A 1374 -52.14 -32.66 12.84
CA GLN A 1374 -53.49 -32.71 12.29
C GLN A 1374 -53.54 -33.57 11.04
N ARG A 1375 -52.47 -33.56 10.25
CA ARG A 1375 -52.48 -34.28 8.98
C ARG A 1375 -52.43 -35.79 9.20
N PHE A 1376 -51.54 -36.25 10.06
CA PHE A 1376 -51.37 -37.68 10.30
C PHE A 1376 -51.07 -37.89 11.78
N PRO A 1377 -51.41 -39.06 12.32
CA PRO A 1377 -50.98 -39.40 13.69
C PRO A 1377 -49.68 -40.20 13.77
N GLN A 1378 -49.07 -40.53 12.63
CA GLN A 1378 -47.89 -41.39 12.61
C GLN A 1378 -46.67 -40.56 12.25
N ASN A 1379 -45.73 -40.46 13.20
CA ASN A 1379 -44.48 -39.72 13.05
C ASN A 1379 -44.72 -38.29 12.61
N SER A 1380 -45.62 -37.61 13.34
CA SER A 1380 -45.79 -36.18 13.13
C SER A 1380 -44.51 -35.44 13.45
N ILE A 1381 -43.81 -35.87 14.50
CA ILE A 1381 -42.49 -35.34 14.83
C ILE A 1381 -41.48 -35.70 13.75
N GLY A 1382 -41.63 -36.89 13.15
CA GLY A 1382 -40.62 -37.39 12.23
C GLY A 1382 -40.50 -36.57 10.96
N ALA A 1383 -41.63 -36.16 10.39
CA ALA A 1383 -41.59 -35.32 9.20
C ALA A 1383 -41.02 -33.96 9.51
N VAL A 1384 -41.31 -33.43 10.71
CA VAL A 1384 -40.71 -32.18 11.17
C VAL A 1384 -39.19 -32.32 11.21
N GLY A 1385 -38.71 -33.43 11.76
CA GLY A 1385 -37.26 -33.61 11.85
C GLY A 1385 -36.62 -33.79 10.49
N SER A 1386 -37.28 -34.53 9.60
CA SER A 1386 -36.73 -34.75 8.26
C SER A 1386 -36.65 -33.44 7.48
N ALA A 1387 -37.69 -32.61 7.55
CA ALA A 1387 -37.63 -31.32 6.89
C ALA A 1387 -36.60 -30.40 7.55
N MET A 1388 -36.47 -30.50 8.88
CA MET A 1388 -35.54 -29.66 9.62
C MET A 1388 -34.10 -29.93 9.23
N PHE A 1389 -33.74 -31.20 9.10
CA PHE A 1389 -32.40 -31.52 8.59
C PHE A 1389 -32.31 -31.29 7.09
N LEU A 1390 -33.43 -31.40 6.38
CA LEU A 1390 -33.41 -31.36 4.93
C LEU A 1390 -33.08 -29.97 4.42
N ARG A 1391 -33.75 -28.94 4.93
CA ARG A 1391 -33.61 -27.62 4.36
C ARG A 1391 -32.78 -26.68 5.21
N PHE A 1392 -32.39 -27.08 6.41
CA PHE A 1392 -31.57 -26.18 7.21
C PHE A 1392 -30.19 -26.74 7.46
N ILE A 1393 -30.12 -27.95 8.00
CA ILE A 1393 -28.87 -28.47 8.55
C ILE A 1393 -27.95 -28.96 7.45
N ASN A 1394 -28.41 -29.97 6.71
CA ASN A 1394 -27.64 -30.60 5.65
C ASN A 1394 -27.15 -29.68 4.52
N PRO A 1395 -27.92 -28.67 4.06
CA PRO A 1395 -27.35 -27.76 3.04
C PRO A 1395 -26.11 -27.02 3.49
N ALA A 1396 -26.01 -26.67 4.78
CA ALA A 1396 -24.78 -26.06 5.27
C ALA A 1396 -23.64 -27.07 5.30
N ILE A 1397 -23.97 -28.33 5.61
CA ILE A 1397 -22.94 -29.36 5.71
C ILE A 1397 -22.35 -29.67 4.34
N VAL A 1398 -23.21 -29.79 3.32
CA VAL A 1398 -22.71 -30.04 1.97
C VAL A 1398 -21.91 -28.85 1.46
N SER A 1399 -22.41 -27.65 1.73
CA SER A 1399 -21.82 -26.43 1.18
C SER A 1399 -21.51 -25.45 2.31
N PRO A 1400 -20.43 -25.68 3.07
CA PRO A 1400 -20.09 -24.73 4.13
C PRO A 1400 -19.58 -23.41 3.59
N TYR A 1401 -18.87 -23.46 2.46
CA TYR A 1401 -18.35 -22.24 1.85
C TYR A 1401 -19.48 -21.36 1.32
N GLU A 1402 -20.52 -21.99 0.77
CA GLU A 1402 -21.66 -21.24 0.25
C GLU A 1402 -22.45 -20.60 1.38
N ALA A 1403 -22.44 -21.22 2.55
CA ALA A 1403 -23.14 -20.64 3.70
C ALA A 1403 -22.42 -19.40 4.21
N GLY A 1404 -21.14 -19.25 3.88
CA GLY A 1404 -20.34 -18.17 4.39
C GLY A 1404 -19.75 -18.43 5.75
N ILE A 1405 -20.04 -19.58 6.36
CA ILE A 1405 -19.47 -19.94 7.64
C ILE A 1405 -17.97 -20.17 7.52
N LEU A 1406 -17.55 -20.87 6.47
CA LEU A 1406 -16.14 -21.10 6.20
C LEU A 1406 -15.73 -20.20 5.03
N ASP A 1407 -14.71 -19.38 5.25
CA ASP A 1407 -14.33 -18.37 4.26
C ASP A 1407 -13.57 -18.97 3.08
N LYS A 1408 -13.12 -20.21 3.20
CA LYS A 1408 -12.33 -20.86 2.16
C LYS A 1408 -13.02 -22.13 1.69
N LYS A 1409 -12.69 -22.55 0.48
CA LYS A 1409 -13.19 -23.82 -0.02
C LYS A 1409 -12.37 -24.97 0.57
N PRO A 1410 -13.00 -25.95 1.19
CA PRO A 1410 -12.26 -27.04 1.85
C PRO A 1410 -11.69 -28.02 0.84
N PRO A 1411 -10.80 -28.91 1.27
CA PRO A 1411 -10.30 -29.95 0.37
C PRO A 1411 -11.41 -30.89 -0.04
N PRO A 1412 -11.32 -31.48 -1.24
CA PRO A 1412 -12.44 -32.29 -1.76
C PRO A 1412 -12.72 -33.56 -0.98
N ARG A 1413 -11.72 -34.16 -0.32
CA ARG A 1413 -11.99 -35.32 0.53
C ARG A 1413 -12.91 -34.94 1.68
N ILE A 1414 -12.66 -33.77 2.28
CA ILE A 1414 -13.53 -33.27 3.34
C ILE A 1414 -14.92 -32.97 2.78
N GLU A 1415 -14.99 -32.48 1.54
CA GLU A 1415 -16.28 -32.20 0.91
C GLU A 1415 -17.09 -33.48 0.71
N ARG A 1416 -16.43 -34.53 0.23
CA ARG A 1416 -17.08 -35.82 0.04
C ARG A 1416 -17.54 -36.38 1.37
N GLY A 1417 -16.69 -36.27 2.40
CA GLY A 1417 -17.07 -36.71 3.72
C GLY A 1417 -18.27 -35.96 4.28
N LEU A 1418 -18.32 -34.65 4.05
CA LEU A 1418 -19.43 -33.84 4.55
C LEU A 1418 -20.73 -34.17 3.82
N LYS A 1419 -20.64 -34.48 2.53
CA LYS A 1419 -21.81 -34.99 1.81
C LYS A 1419 -22.30 -36.29 2.43
N LEU A 1420 -21.36 -37.16 2.81
CA LEU A 1420 -21.73 -38.40 3.49
C LEU A 1420 -22.39 -38.12 4.85
N MET A 1421 -21.88 -37.12 5.59
CA MET A 1421 -22.52 -36.69 6.82
C MET A 1421 -23.97 -36.29 6.58
N SER A 1422 -24.21 -35.48 5.55
CA SER A 1422 -25.56 -35.02 5.27
C SER A 1422 -26.46 -36.19 4.93
N LYS A 1423 -25.96 -37.14 4.13
CA LYS A 1423 -26.75 -38.30 3.76
C LYS A 1423 -27.12 -39.15 4.96
N ILE A 1424 -26.16 -39.41 5.85
CA ILE A 1424 -26.42 -40.28 6.99
C ILE A 1424 -27.35 -39.61 7.98
N LEU A 1425 -27.16 -38.30 8.23
CA LEU A 1425 -28.05 -37.61 9.15
C LEU A 1425 -29.46 -37.48 8.58
N GLN A 1426 -29.58 -37.33 7.26
CA GLN A 1426 -30.90 -37.35 6.64
C GLN A 1426 -31.56 -38.70 6.81
N SER A 1427 -30.78 -39.78 6.68
CA SER A 1427 -31.33 -41.12 6.90
C SER A 1427 -31.75 -41.32 8.35
N ILE A 1428 -31.04 -40.70 9.29
CA ILE A 1428 -31.46 -40.71 10.69
C ILE A 1428 -32.80 -39.99 10.83
N ALA A 1429 -32.94 -38.84 10.19
CA ALA A 1429 -34.17 -38.06 10.29
C ALA A 1429 -35.34 -38.78 9.67
N ASN A 1430 -35.10 -39.56 8.62
CA ASN A 1430 -36.20 -40.22 7.92
C ASN A 1430 -36.68 -41.46 8.64
N HIS A 1431 -36.01 -41.83 9.75
CA HIS A 1431 -36.30 -43.02 10.53
C HIS A 1431 -36.24 -44.30 9.71
N VAL A 1432 -35.31 -44.36 8.75
CA VAL A 1432 -35.17 -45.51 7.87
C VAL A 1432 -33.69 -45.62 7.50
N LEU A 1433 -33.28 -46.85 7.20
CA LEU A 1433 -31.87 -47.16 7.00
C LEU A 1433 -31.53 -47.16 5.51
N PHE A 1434 -30.23 -47.17 5.23
CA PHE A 1434 -29.75 -47.25 3.86
C PHE A 1434 -30.07 -48.61 3.25
N THR A 1435 -30.34 -48.62 1.95
CA THR A 1435 -30.61 -49.85 1.22
C THR A 1435 -29.64 -50.09 0.07
N LYS A 1436 -29.43 -49.09 -0.79
CA LYS A 1436 -28.65 -49.31 -2.00
C LYS A 1436 -27.16 -49.38 -1.70
N GLU A 1437 -26.69 -48.58 -0.74
CA GLU A 1437 -25.27 -48.53 -0.40
C GLU A 1437 -24.95 -49.62 0.59
N GLU A 1438 -24.22 -50.64 0.14
CA GLU A 1438 -23.84 -51.74 1.02
C GLU A 1438 -22.82 -51.29 2.05
N HIS A 1439 -21.99 -50.32 1.69
CA HIS A 1439 -21.00 -49.77 2.59
C HIS A 1439 -21.62 -48.90 3.69
N MET A 1440 -22.84 -48.41 3.47
CA MET A 1440 -23.60 -47.76 4.54
C MET A 1440 -24.36 -48.74 5.44
N ARG A 1441 -24.43 -50.02 5.08
CA ARG A 1441 -25.18 -50.98 5.90
C ARG A 1441 -24.66 -51.15 7.33
N PRO A 1442 -23.34 -51.21 7.62
CA PRO A 1442 -22.94 -51.19 9.04
C PRO A 1442 -23.33 -49.92 9.76
N PHE A 1443 -23.51 -48.81 9.03
CA PHE A 1443 -23.84 -47.54 9.67
C PHE A 1443 -25.31 -47.49 10.06
N ASN A 1444 -26.11 -48.41 9.53
CA ASN A 1444 -27.54 -48.43 9.79
C ASN A 1444 -27.83 -48.74 11.26
N ASP A 1445 -26.96 -49.52 11.89
CA ASP A 1445 -27.13 -49.80 13.32
C ASP A 1445 -26.95 -48.55 14.15
N PHE A 1446 -25.97 -47.72 13.80
CA PHE A 1446 -25.77 -46.46 14.52
C PHE A 1446 -26.88 -45.48 14.22
N VAL A 1447 -27.43 -45.55 13.00
CA VAL A 1447 -28.55 -44.69 12.63
C VAL A 1447 -29.78 -45.05 13.44
N LYS A 1448 -30.11 -46.34 13.51
CA LYS A 1448 -31.30 -46.77 14.24
C LYS A 1448 -31.09 -46.69 15.75
N SER A 1449 -29.83 -46.65 16.19
CA SER A 1449 -29.56 -46.49 17.61
C SER A 1449 -29.94 -45.10 18.10
N ASN A 1450 -29.80 -44.10 17.23
CA ASN A 1450 -30.02 -42.71 17.61
C ASN A 1450 -31.41 -42.20 17.25
N PHE A 1451 -32.35 -43.10 16.99
CA PHE A 1451 -33.70 -42.69 16.62
C PHE A 1451 -34.39 -41.96 17.76
N ASP A 1452 -34.33 -42.53 18.97
CA ASP A 1452 -35.09 -41.98 20.09
C ASP A 1452 -34.49 -40.67 20.57
N ALA A 1453 -33.16 -40.56 20.59
CA ALA A 1453 -32.52 -39.32 21.00
C ALA A 1453 -32.84 -38.19 20.03
N ALA A 1454 -32.80 -38.46 18.73
CA ALA A 1454 -33.18 -37.47 17.74
C ALA A 1454 -34.65 -37.09 17.88
N ARG A 1455 -35.50 -38.07 18.14
CA ARG A 1455 -36.93 -37.80 18.31
C ARG A 1455 -37.18 -36.90 19.51
N ARG A 1456 -36.50 -37.16 20.63
CA ARG A 1456 -36.62 -36.29 21.79
C ARG A 1456 -36.07 -34.90 21.51
N PHE A 1457 -34.98 -34.83 20.73
CA PHE A 1457 -34.43 -33.54 20.34
C PHE A 1457 -35.44 -32.73 19.52
N PHE A 1458 -36.13 -33.40 18.59
CA PHE A 1458 -37.15 -32.71 17.81
C PHE A 1458 -38.36 -32.37 18.67
N LEU A 1459 -38.66 -33.18 19.67
CA LEU A 1459 -39.73 -32.85 20.60
C LEU A 1459 -39.43 -31.60 21.39
N ASP A 1460 -38.15 -31.41 21.77
CA ASP A 1460 -37.77 -30.23 22.53
C ASP A 1460 -38.00 -28.96 21.72
N ILE A 1461 -37.54 -28.93 20.47
CA ILE A 1461 -37.68 -27.73 19.66
C ILE A 1461 -39.12 -27.55 19.20
N ALA A 1462 -39.82 -28.64 18.88
CA ALA A 1462 -41.14 -28.54 18.28
C ALA A 1462 -42.17 -28.06 19.29
N SER A 1463 -42.15 -28.63 20.50
CA SER A 1463 -43.06 -28.15 21.53
C SER A 1463 -42.61 -26.78 22.02
N ASP A 1464 -43.58 -25.91 22.29
CA ASP A 1464 -43.29 -24.53 22.63
C ASP A 1464 -42.67 -24.38 24.02
N LEU A 1475 -46.14 -3.96 15.07
CA LEU A 1475 -45.63 -2.75 15.70
C LEU A 1475 -44.55 -2.09 14.84
N SER A 1476 -44.07 -2.82 13.83
CA SER A 1476 -42.99 -2.36 12.98
C SER A 1476 -43.51 -2.11 11.57
N PHE A 1477 -43.08 -0.98 11.00
CA PHE A 1477 -43.45 -0.58 9.64
C PHE A 1477 -42.28 -0.87 8.71
N ILE A 1478 -42.56 -1.58 7.62
CA ILE A 1478 -41.47 -1.94 6.72
C ILE A 1478 -41.10 -0.75 5.83
N SER A 1479 -39.97 -0.89 5.15
CA SER A 1479 -39.42 0.17 4.32
C SER A 1479 -40.28 0.41 3.08
N ASP A 1480 -39.95 1.49 2.37
CA ASP A 1480 -40.73 1.88 1.21
C ASP A 1480 -40.62 0.85 0.09
N GLY A 1481 -39.44 0.29 -0.09
CA GLY A 1481 -39.22 -0.57 -1.24
C GLY A 1481 -39.98 -1.88 -1.17
N ASN A 1482 -40.10 -2.45 0.03
CA ASN A 1482 -40.84 -3.70 0.16
C ASN A 1482 -42.33 -3.48 -0.10
N VAL A 1483 -42.87 -2.37 0.39
CA VAL A 1483 -44.25 -2.02 0.08
C VAL A 1483 -44.41 -1.78 -1.41
N LEU A 1484 -43.41 -1.19 -2.04
CA LEU A 1484 -43.47 -0.93 -3.47
C LEU A 1484 -43.47 -2.23 -4.27
N ALA A 1485 -42.68 -3.21 -3.81
CA ALA A 1485 -42.69 -4.51 -4.46
C ALA A 1485 -44.04 -5.20 -4.28
N LEU A 1486 -44.62 -5.10 -3.08
CA LEU A 1486 -45.95 -5.65 -2.85
C LEU A 1486 -46.99 -4.98 -3.75
N HIS A 1487 -46.87 -3.66 -3.91
CA HIS A 1487 -47.77 -2.90 -4.76
C HIS A 1487 -47.64 -3.33 -6.22
N ARG A 1488 -46.42 -3.59 -6.67
CA ARG A 1488 -46.20 -4.14 -8.00
C ARG A 1488 -46.89 -5.48 -8.16
N LEU A 1489 -46.72 -6.36 -7.17
CA LEU A 1489 -47.29 -7.70 -7.26
C LEU A 1489 -48.80 -7.65 -7.27
N LEU A 1490 -49.38 -6.70 -6.53
CA LEU A 1490 -50.83 -6.54 -6.56
C LEU A 1490 -51.31 -6.02 -7.91
N TRP A 1491 -50.68 -4.96 -8.40
CA TRP A 1491 -51.20 -4.28 -9.59
C TRP A 1491 -51.06 -5.13 -10.83
N ASN A 1492 -49.95 -5.86 -10.94
CA ASN A 1492 -49.72 -6.64 -12.16
C ASN A 1492 -50.67 -7.83 -12.23
N ASN A 1493 -51.28 -8.22 -11.11
CA ASN A 1493 -52.21 -9.34 -11.08
C ASN A 1493 -53.59 -8.93 -10.55
N GLN A 1494 -54.02 -7.71 -10.85
CA GLN A 1494 -55.24 -7.14 -10.25
C GLN A 1494 -56.49 -7.91 -10.66
N GLU A 1495 -56.63 -8.16 -11.96
CA GLU A 1495 -57.83 -8.80 -12.46
C GLU A 1495 -57.97 -10.22 -11.96
N LYS A 1496 -56.85 -10.93 -11.85
CA LYS A 1496 -56.92 -12.33 -11.47
C LYS A 1496 -57.18 -12.51 -9.99
N ILE A 1497 -56.61 -11.63 -9.16
CA ILE A 1497 -56.93 -11.68 -7.73
C ILE A 1497 -58.38 -11.25 -7.52
N GLY A 1498 -58.90 -10.39 -8.40
CA GLY A 1498 -60.32 -10.10 -8.35
C GLY A 1498 -61.17 -11.33 -8.62
N GLN A 1499 -60.80 -12.10 -9.65
CA GLN A 1499 -61.56 -13.31 -9.99
C GLN A 1499 -61.49 -14.34 -8.88
N TYR A 1500 -60.31 -14.52 -8.28
CA TYR A 1500 -60.20 -15.53 -7.25
C TYR A 1500 -60.87 -15.08 -5.94
N LEU A 1501 -60.82 -13.78 -5.63
CA LEU A 1501 -61.48 -13.30 -4.43
C LEU A 1501 -62.99 -13.37 -4.59
N SER A 1502 -63.48 -13.20 -5.82
CA SER A 1502 -64.88 -13.48 -6.08
C SER A 1502 -65.20 -14.96 -5.89
N SER A 1503 -64.27 -15.83 -6.30
CA SER A 1503 -64.36 -17.29 -6.15
C SER A 1503 -65.61 -17.86 -6.81
N ARG A 1512 -66.91 -9.94 0.16
CA ARG A 1512 -66.87 -9.18 -1.12
C ARG A 1512 -66.28 -7.79 -0.85
N ARG A 1513 -66.45 -7.29 0.37
CA ARG A 1513 -65.91 -5.96 0.72
C ARG A 1513 -64.38 -5.95 0.53
N PRO A 1514 -63.63 -7.03 0.82
CA PRO A 1514 -62.18 -6.97 0.73
C PRO A 1514 -61.68 -6.58 -0.67
N PHE A 1515 -62.18 -7.21 -1.71
CA PHE A 1515 -61.63 -6.92 -3.05
C PHE A 1515 -61.91 -5.46 -3.34
N ASP A 1516 -63.10 -5.03 -2.91
CA ASP A 1516 -63.50 -3.64 -3.20
C ASP A 1516 -62.55 -2.69 -2.48
N LYS A 1517 -62.28 -2.96 -1.22
CA LYS A 1517 -61.47 -1.98 -0.49
C LYS A 1517 -60.16 -1.93 -1.23
N MET A 1518 -59.65 -3.11 -1.56
CA MET A 1518 -58.31 -3.13 -2.19
C MET A 1518 -58.43 -2.41 -3.51
N ALA A 1519 -59.56 -2.61 -4.17
CA ALA A 1519 -59.66 -2.04 -5.53
C ALA A 1519 -59.54 -0.52 -5.50
N THR A 1520 -60.29 0.13 -4.62
CA THR A 1520 -60.24 1.61 -4.64
C THR A 1520 -58.85 1.97 -4.20
N LEU A 1521 -58.32 1.21 -3.25
CA LEU A 1521 -57.02 1.58 -2.68
C LEU A 1521 -56.02 1.54 -3.80
N LEU A 1522 -56.08 0.50 -4.60
CA LEU A 1522 -55.04 0.38 -5.62
C LEU A 1522 -55.21 1.60 -6.51
N ALA A 1523 -56.44 1.94 -6.80
CA ALA A 1523 -56.63 3.05 -7.76
C ALA A 1523 -56.08 4.31 -7.14
N TYR A 1524 -56.32 4.48 -5.86
CA TYR A 1524 -55.90 5.76 -5.27
C TYR A 1524 -54.39 5.84 -5.50
N LEU A 1525 -53.70 4.72 -5.31
CA LEU A 1525 -52.22 4.69 -5.48
C LEU A 1525 -51.86 4.90 -6.93
N GLY A 1526 -52.64 4.34 -7.84
CA GLY A 1526 -52.27 4.42 -9.26
C GLY A 1526 -51.80 3.07 -9.73
N PRO A 1527 -51.27 2.91 -10.94
CA PRO A 1527 -50.72 1.63 -11.31
C PRO A 1527 -49.35 1.78 -10.65
N PRO A 1528 -48.34 0.93 -10.91
CA PRO A 1528 -47.11 0.96 -10.14
C PRO A 1528 -46.39 2.29 -10.36
N GLU A 1529 -45.35 2.54 -9.59
CA GLU A 1529 -44.72 3.88 -9.62
C GLU A 1529 -44.49 4.34 -11.03
N HIS A 1530 -44.95 5.55 -11.33
CA HIS A 1530 -44.73 6.14 -12.66
C HIS A 1530 -44.55 7.64 -12.52
N LYS A 1531 -44.39 8.13 -11.30
CA LYS A 1531 -44.35 9.60 -11.13
C LYS A 1531 -43.38 10.00 -10.02
N PRO A 1532 -42.88 11.25 -10.00
CA PRO A 1532 -42.04 11.70 -8.90
C PRO A 1532 -42.89 11.71 -7.62
N VAL A 1533 -42.34 11.24 -6.51
CA VAL A 1533 -43.13 11.15 -5.26
C VAL A 1533 -43.33 12.56 -4.72
N ALA A 1534 -42.62 13.54 -5.27
CA ALA A 1534 -42.90 14.93 -4.85
C ALA A 1534 -44.36 15.16 -5.20
N ASP A 1535 -44.82 14.58 -6.31
CA ASP A 1535 -46.21 14.79 -6.77
C ASP A 1535 -47.14 13.71 -6.21
N THR A 1536 -48.10 14.09 -5.37
CA THR A 1536 -49.11 13.11 -4.91
C THR A 1536 -50.44 13.88 -4.86
N HIS A 1537 -51.56 13.30 -5.28
CA HIS A 1537 -52.79 14.13 -5.30
C HIS A 1537 -54.00 13.32 -4.85
N TRP A 1538 -54.87 13.92 -4.04
CA TRP A 1538 -56.07 13.14 -3.70
C TRP A 1538 -56.84 12.99 -4.98
N SER A 1539 -57.24 11.77 -5.31
CA SER A 1539 -57.89 11.59 -6.62
C SER A 1539 -59.37 11.85 -6.45
N SER A 1540 -60.17 11.52 -7.45
CA SER A 1540 -61.57 11.91 -7.35
C SER A 1540 -62.53 10.71 -7.28
N LEU A 1541 -62.04 9.50 -7.00
CA LEU A 1541 -62.95 8.32 -7.04
C LEU A 1541 -64.08 8.50 -6.03
N ASN A 1542 -63.82 9.06 -4.87
CA ASN A 1542 -64.93 9.40 -3.94
C ASN A 1542 -64.97 10.93 -3.78
N LEU A 1543 -63.84 11.57 -3.48
CA LEU A 1543 -63.79 13.06 -3.48
C LEU A 1543 -64.95 13.69 -2.70
N THR A 1544 -65.09 13.40 -1.41
CA THR A 1544 -66.15 14.06 -0.60
C THR A 1544 -65.57 15.10 0.36
N SER A 1545 -66.27 16.21 0.54
CA SER A 1545 -65.73 17.30 1.37
C SER A 1545 -65.54 16.80 2.80
N SER A 1546 -66.48 16.02 3.28
CA SER A 1546 -66.37 15.63 4.70
C SER A 1546 -65.06 14.88 4.87
N LYS A 1547 -64.75 14.03 3.91
CA LYS A 1547 -63.53 13.22 4.06
C LYS A 1547 -62.31 14.15 4.02
N PHE A 1548 -62.22 14.99 3.01
CA PHE A 1548 -61.06 15.86 2.85
C PHE A 1548 -60.78 16.65 4.12
N GLU A 1549 -61.83 17.16 4.77
CA GLU A 1549 -61.62 17.91 6.00
C GLU A 1549 -61.12 17.03 7.13
N GLU A 1550 -61.66 15.81 7.27
CA GLU A 1550 -61.17 14.95 8.36
C GLU A 1550 -59.75 14.48 8.07
N PHE A 1551 -59.41 14.31 6.80
CA PHE A 1551 -58.04 13.92 6.46
C PHE A 1551 -57.06 15.03 6.78
N MET A 1552 -57.43 16.27 6.46
CA MET A 1552 -56.53 17.38 6.73
C MET A 1552 -56.40 17.65 8.23
N THR A 1553 -57.51 17.55 8.96
CA THR A 1553 -57.44 17.80 10.40
C THR A 1553 -56.72 16.67 11.13
N ARG A 1554 -56.88 15.44 10.62
CA ARG A 1554 -56.31 14.28 11.31
C ARG A 1554 -54.80 14.31 11.31
N HIS A 1555 -54.20 14.70 10.18
CA HIS A 1555 -52.75 14.74 10.08
C HIS A 1555 -52.17 16.09 10.43
N GLN A 1556 -53.00 17.03 10.89
CA GLN A 1556 -52.56 18.32 11.42
C GLN A 1556 -51.77 19.11 10.39
N VAL A 1557 -52.36 19.30 9.21
CA VAL A 1557 -51.76 20.09 8.14
C VAL A 1557 -51.68 21.56 8.54
N HIS A 1558 -52.39 21.94 9.59
CA HIS A 1558 -52.29 23.28 10.17
C HIS A 1558 -50.86 23.58 10.60
N GLU A 1559 -50.12 22.55 11.02
CA GLU A 1559 -48.87 22.77 11.73
C GLU A 1559 -47.67 22.77 10.80
N LYS A 1560 -47.81 22.20 9.60
CA LYS A 1560 -46.66 22.02 8.71
C LYS A 1560 -46.14 23.35 8.20
N GLU A 1561 -44.81 23.40 8.00
CA GLU A 1561 -44.17 24.66 7.66
C GLU A 1561 -44.50 25.11 6.25
N GLU A 1562 -44.89 24.17 5.39
CA GLU A 1562 -45.24 24.56 4.02
C GLU A 1562 -46.53 25.36 3.99
N PHE A 1563 -47.44 25.10 4.93
CA PHE A 1563 -48.64 25.92 5.01
C PHE A 1563 -48.32 27.35 5.41
N LYS A 1564 -47.42 27.54 6.38
CA LYS A 1564 -46.99 28.87 6.75
C LYS A 1564 -46.22 29.53 5.62
N ALA A 1565 -45.47 28.73 4.86
CA ALA A 1565 -44.80 29.25 3.67
C ALA A 1565 -45.81 29.76 2.65
N LEU A 1566 -46.89 29.00 2.44
CA LEU A 1566 -47.89 29.43 1.47
C LEU A 1566 -48.64 30.66 1.96
N LYS A 1567 -48.80 30.80 3.28
CA LYS A 1567 -49.32 32.05 3.81
C LYS A 1567 -48.36 33.20 3.52
N THR A 1568 -47.06 32.93 3.58
CA THR A 1568 -46.08 33.95 3.22
C THR A 1568 -46.15 34.31 1.73
N LEU A 1569 -46.51 33.35 0.88
CA LEU A 1569 -46.69 33.64 -0.55
C LEU A 1569 -47.79 34.63 -0.84
N SER A 1570 -48.71 34.87 0.10
CA SER A 1570 -49.75 35.88 0.01
C SER A 1570 -50.68 35.61 -1.18
N ILE A 1571 -51.31 34.45 -1.16
CA ILE A 1571 -52.35 34.09 -2.12
C ILE A 1571 -53.64 33.84 -1.34
N PHE A 1572 -54.74 34.40 -1.85
CA PHE A 1572 -56.08 34.28 -1.27
C PHE A 1572 -56.10 34.80 0.16
N TYR A 1573 -55.78 36.08 0.31
CA TYR A 1573 -55.81 36.74 1.61
C TYR A 1573 -57.08 37.56 1.72
N GLN A 1574 -57.77 37.44 2.85
CA GLN A 1574 -58.97 38.25 3.07
C GLN A 1574 -58.59 39.69 3.27
N ALA A 1575 -59.30 40.58 2.60
CA ALA A 1575 -59.01 42.00 2.71
C ALA A 1575 -60.24 42.84 2.40
N GLY A 1576 -60.64 43.70 3.32
CA GLY A 1576 -61.67 44.69 3.04
C GLY A 1576 -63.08 44.15 3.13
N THR A 1577 -64.02 45.09 3.12
CA THR A 1577 -65.44 44.79 3.14
C THR A 1577 -66.13 45.63 2.08
N SER A 1578 -66.97 44.97 1.28
CA SER A 1578 -67.53 45.62 0.09
C SER A 1578 -68.58 46.65 0.48
N LYS A 1579 -69.06 47.37 -0.55
CA LYS A 1579 -70.11 48.35 -0.33
C LYS A 1579 -71.41 47.69 0.08
N ALA A 1580 -71.63 46.44 -0.32
CA ALA A 1580 -72.76 45.65 0.12
C ALA A 1580 -72.51 44.99 1.47
N GLY A 1581 -71.37 45.27 2.09
CA GLY A 1581 -71.06 44.69 3.39
C GLY A 1581 -70.48 43.31 3.33
N ASN A 1582 -70.03 42.85 2.18
CA ASN A 1582 -69.43 41.54 2.09
C ASN A 1582 -67.93 41.65 2.24
N PRO A 1583 -67.32 40.85 3.10
CA PRO A 1583 -65.86 40.77 3.14
C PRO A 1583 -65.33 40.20 1.82
N ILE A 1584 -64.11 40.63 1.47
CA ILE A 1584 -63.56 40.38 0.15
C ILE A 1584 -62.28 39.56 0.28
N PHE A 1585 -62.14 38.58 -0.59
CA PHE A 1585 -60.95 37.75 -0.69
C PHE A 1585 -60.23 38.01 -2.01
N TYR A 1586 -58.93 38.28 -1.92
CA TYR A 1586 -58.11 38.63 -3.08
C TYR A 1586 -57.27 37.43 -3.50
N TYR A 1587 -57.62 36.81 -4.62
CA TYR A 1587 -56.83 35.72 -5.17
C TYR A 1587 -55.89 36.27 -6.22
N VAL A 1588 -54.59 36.10 -6.00
CA VAL A 1588 -53.56 36.53 -6.95
C VAL A 1588 -53.11 35.29 -7.70
N ALA A 1589 -53.36 35.28 -9.01
CA ALA A 1589 -53.04 34.10 -9.82
C ALA A 1589 -51.56 33.99 -10.15
N ARG A 1590 -50.88 35.12 -10.35
CA ARG A 1590 -49.51 35.06 -10.84
C ARG A 1590 -48.52 34.58 -9.78
N ARG A 1591 -48.86 34.72 -8.50
CA ARG A 1591 -47.95 34.24 -7.47
C ARG A 1591 -47.96 32.71 -7.34
N PHE A 1592 -48.88 32.04 -8.00
CA PHE A 1592 -48.91 30.58 -7.99
C PHE A 1592 -48.13 30.03 -9.17
N LYS A 1593 -47.36 28.98 -8.91
CA LYS A 1593 -46.61 28.25 -9.94
C LYS A 1593 -47.21 26.87 -10.08
N THR A 1594 -47.24 26.34 -11.31
CA THR A 1594 -47.84 25.04 -11.55
C THR A 1594 -47.07 23.94 -10.83
N GLY A 1595 -47.79 23.21 -9.97
CA GLY A 1595 -47.22 22.19 -9.13
C GLY A 1595 -48.25 21.62 -8.18
N GLN A 1596 -48.00 20.42 -7.68
CA GLN A 1596 -48.95 19.60 -6.94
C GLN A 1596 -49.20 20.02 -5.49
N ILE A 1597 -48.13 20.14 -4.68
CA ILE A 1597 -48.26 20.57 -3.30
C ILE A 1597 -48.65 22.03 -3.24
N ASN A 1598 -48.13 22.82 -4.17
CA ASN A 1598 -48.62 24.18 -4.35
C ASN A 1598 -50.13 24.20 -4.54
N GLY A 1599 -50.67 23.34 -5.42
CA GLY A 1599 -52.10 23.30 -5.65
C GLY A 1599 -52.94 22.80 -4.49
N ASP A 1600 -52.54 21.70 -3.86
CA ASP A 1600 -53.34 21.14 -2.78
C ASP A 1600 -53.26 21.95 -1.51
N LEU A 1601 -52.08 22.47 -1.16
CA LEU A 1601 -51.98 23.43 -0.07
C LEU A 1601 -52.74 24.71 -0.40
N LEU A 1602 -52.80 25.08 -1.69
CA LEU A 1602 -53.61 26.23 -2.08
C LEU A 1602 -55.09 25.99 -1.78
N ILE A 1603 -55.61 24.83 -2.17
CA ILE A 1603 -57.04 24.60 -1.98
C ILE A 1603 -57.38 24.42 -0.51
N TYR A 1604 -56.49 23.81 0.27
CA TYR A 1604 -56.76 23.71 1.71
C TYR A 1604 -56.61 25.05 2.41
N HIS A 1605 -55.69 25.90 1.94
CA HIS A 1605 -55.56 27.24 2.50
C HIS A 1605 -56.81 28.07 2.20
N VAL A 1606 -57.35 27.92 1.00
CA VAL A 1606 -58.59 28.60 0.64
C VAL A 1606 -59.73 28.11 1.51
N LEU A 1607 -59.82 26.80 1.74
CA LEU A 1607 -60.89 26.27 2.57
C LEU A 1607 -60.76 26.74 4.02
N LEU A 1608 -59.53 26.81 4.54
CA LEU A 1608 -59.34 27.27 5.91
C LEU A 1608 -59.60 28.76 6.07
N THR A 1609 -59.09 29.60 5.18
CA THR A 1609 -59.31 31.04 5.29
C THR A 1609 -60.77 31.39 5.03
N LEU A 1610 -61.40 30.69 4.10
CA LEU A 1610 -62.76 30.99 3.70
C LEU A 1610 -63.77 30.40 4.69
N LYS A 1611 -63.32 29.52 5.58
CA LYS A 1611 -64.22 28.80 6.47
C LYS A 1611 -65.08 29.66 7.40
N PRO A 1612 -64.57 30.71 8.07
CA PRO A 1612 -65.48 31.53 8.89
C PRO A 1612 -66.56 32.24 8.09
N TYR A 1613 -66.38 32.38 6.77
CA TYR A 1613 -67.12 33.39 6.04
C TYR A 1613 -68.00 32.83 4.94
N TYR A 1614 -67.91 31.53 4.61
CA TYR A 1614 -68.74 31.03 3.51
C TYR A 1614 -70.12 30.63 3.99
N ALA A 1615 -70.39 30.77 5.28
CA ALA A 1615 -71.75 30.65 5.78
C ALA A 1615 -72.56 31.91 5.53
N LYS A 1616 -71.92 33.00 5.13
CA LYS A 1616 -72.50 34.32 4.93
C LYS A 1616 -72.12 34.80 3.53
N PRO A 1617 -72.84 35.77 2.97
CA PRO A 1617 -72.43 36.34 1.67
C PRO A 1617 -71.08 37.02 1.74
N TYR A 1618 -70.26 36.78 0.70
CA TYR A 1618 -68.90 37.27 0.58
C TYR A 1618 -68.56 37.51 -0.88
N GLU A 1619 -67.53 38.32 -1.12
CA GLU A 1619 -67.11 38.66 -2.49
C GLU A 1619 -65.62 38.45 -2.65
N ILE A 1620 -65.21 38.14 -3.88
CA ILE A 1620 -63.83 37.82 -4.21
C ILE A 1620 -63.38 38.66 -5.39
N VAL A 1621 -62.08 38.93 -5.43
CA VAL A 1621 -61.43 39.64 -6.53
C VAL A 1621 -60.32 38.74 -7.08
N VAL A 1622 -60.40 38.43 -8.36
CA VAL A 1622 -59.40 37.60 -9.02
C VAL A 1622 -58.45 38.52 -9.78
N ASP A 1623 -57.24 38.68 -9.26
CA ASP A 1623 -56.20 39.46 -9.92
C ASP A 1623 -55.53 38.58 -10.96
N LEU A 1624 -55.75 38.88 -12.23
CA LEU A 1624 -55.17 38.11 -13.31
C LEU A 1624 -54.01 38.81 -14.01
N THR A 1625 -53.23 39.61 -13.29
CA THR A 1625 -52.07 40.25 -13.89
C THR A 1625 -51.00 39.23 -14.24
N HIS A 1626 -50.48 39.33 -15.47
CA HIS A 1626 -49.28 38.63 -15.93
C HIS A 1626 -49.40 37.11 -15.82
N THR A 1627 -50.59 36.56 -16.00
CA THR A 1627 -50.77 35.13 -15.83
C THR A 1627 -50.37 34.40 -17.09
N GLY A 1628 -49.51 33.39 -16.95
CA GLY A 1628 -49.10 32.59 -18.07
C GLY A 1628 -49.35 31.11 -17.84
N PRO A 1629 -48.80 30.26 -18.73
CA PRO A 1629 -48.98 28.80 -18.56
C PRO A 1629 -48.36 28.25 -17.29
N SER A 1630 -47.38 28.95 -16.74
CA SER A 1630 -46.79 28.57 -15.46
C SER A 1630 -47.74 28.70 -14.29
N ASN A 1631 -48.82 29.48 -14.44
CA ASN A 1631 -49.77 29.68 -13.37
C ASN A 1631 -51.07 28.92 -13.58
N ARG A 1632 -51.14 28.02 -14.57
CA ARG A 1632 -52.39 27.37 -14.87
C ARG A 1632 -52.73 26.31 -13.84
N PHE A 1633 -54.01 25.96 -13.78
CA PHE A 1633 -54.49 24.83 -13.02
C PHE A 1633 -54.54 23.64 -13.96
N LYS A 1634 -54.04 22.49 -13.51
CA LYS A 1634 -54.23 21.27 -14.27
C LYS A 1634 -55.72 20.92 -14.30
N THR A 1635 -56.11 20.16 -15.34
CA THR A 1635 -57.51 19.85 -15.57
C THR A 1635 -58.12 19.07 -14.40
N ASP A 1636 -57.39 18.07 -13.91
CA ASP A 1636 -57.82 17.35 -12.72
C ASP A 1636 -57.89 18.26 -11.51
N PHE A 1637 -56.89 19.15 -11.35
CA PHE A 1637 -56.90 20.08 -10.24
C PHE A 1637 -58.01 21.12 -10.39
N LEU A 1638 -58.28 21.55 -11.63
CA LEU A 1638 -59.35 22.51 -11.85
C LEU A 1638 -60.71 21.89 -11.54
N SER A 1639 -60.85 20.58 -11.79
CA SER A 1639 -62.08 19.89 -11.43
C SER A 1639 -62.28 19.79 -9.93
N LYS A 1640 -61.22 19.97 -9.14
CA LYS A 1640 -61.33 19.81 -7.70
C LYS A 1640 -62.08 20.96 -7.05
N TRP A 1641 -62.00 22.16 -7.62
CA TRP A 1641 -62.56 23.34 -6.98
C TRP A 1641 -64.08 23.32 -6.94
N PHE A 1642 -64.73 22.55 -7.80
CA PHE A 1642 -66.18 22.56 -7.91
C PHE A 1642 -66.83 21.43 -7.13
N VAL A 1643 -66.06 20.66 -6.36
CA VAL A 1643 -66.63 19.51 -5.66
C VAL A 1643 -66.29 19.50 -4.18
N VAL A 1644 -65.22 20.18 -3.79
CA VAL A 1644 -64.72 20.03 -2.42
C VAL A 1644 -65.34 21.06 -1.49
N PHE A 1645 -65.91 22.11 -2.05
CA PHE A 1645 -66.55 23.12 -1.23
C PHE A 1645 -68.04 22.82 -1.14
N PRO A 1646 -68.69 23.20 -0.04
CA PRO A 1646 -70.14 23.00 0.05
C PRO A 1646 -70.88 23.90 -0.92
N GLY A 1647 -72.12 23.52 -1.21
CA GLY A 1647 -72.91 24.25 -2.20
C GLY A 1647 -73.20 25.68 -1.80
N PHE A 1648 -73.44 25.92 -0.51
CA PHE A 1648 -73.75 27.27 -0.08
C PHE A 1648 -72.50 28.12 -0.01
N ALA A 1649 -71.31 27.50 -0.02
CA ALA A 1649 -70.09 28.27 -0.26
C ALA A 1649 -70.10 28.87 -1.66
N TYR A 1650 -70.52 28.08 -2.65
CA TYR A 1650 -70.68 28.62 -4.00
C TYR A 1650 -71.82 29.61 -4.06
N ASP A 1651 -72.88 29.36 -3.31
CA ASP A 1651 -74.09 30.16 -3.38
C ASP A 1651 -73.95 31.50 -2.68
N ASN A 1652 -73.16 31.57 -1.61
CA ASN A 1652 -72.97 32.81 -0.87
C ASN A 1652 -72.08 33.80 -1.61
N VAL A 1653 -71.48 33.39 -2.73
CA VAL A 1653 -70.65 34.28 -3.51
C VAL A 1653 -71.54 35.37 -4.10
N SER A 1654 -71.44 36.59 -3.56
CA SER A 1654 -72.25 37.69 -4.07
C SER A 1654 -71.74 38.20 -5.41
N ALA A 1655 -70.43 38.38 -5.55
CA ALA A 1655 -69.87 38.91 -6.79
C ALA A 1655 -68.42 38.46 -6.92
N VAL A 1656 -67.99 38.26 -8.16
CA VAL A 1656 -66.62 37.88 -8.49
C VAL A 1656 -66.06 38.97 -9.39
N TYR A 1657 -65.12 39.76 -8.86
CA TYR A 1657 -64.52 40.82 -9.66
C TYR A 1657 -63.25 40.30 -10.33
N ILE A 1658 -63.31 40.21 -11.65
CA ILE A 1658 -62.21 39.66 -12.45
C ILE A 1658 -61.45 40.83 -13.04
N TYR A 1659 -60.17 40.95 -12.67
CA TYR A 1659 -59.39 42.15 -12.91
C TYR A 1659 -58.18 41.83 -13.76
N ASN A 1660 -58.01 42.60 -14.85
CA ASN A 1660 -56.90 42.47 -15.79
C ASN A 1660 -56.83 41.08 -16.44
N CYS A 1661 -57.96 40.65 -16.99
CA CYS A 1661 -58.00 39.41 -17.77
C CYS A 1661 -57.20 39.56 -19.05
N ASN A 1662 -56.49 38.51 -19.44
CA ASN A 1662 -55.61 38.59 -20.60
C ASN A 1662 -56.05 37.60 -21.66
N SER A 1663 -55.29 37.56 -22.75
CA SER A 1663 -55.61 36.68 -23.86
C SER A 1663 -55.33 35.22 -23.52
N TRP A 1664 -54.29 34.99 -22.71
CA TRP A 1664 -54.00 33.63 -22.26
C TRP A 1664 -55.12 33.07 -21.41
N VAL A 1665 -55.71 33.90 -20.54
CA VAL A 1665 -56.87 33.46 -19.77
C VAL A 1665 -58.04 33.16 -20.69
N ARG A 1666 -58.18 33.95 -21.76
CA ARG A 1666 -59.24 33.70 -22.73
C ARG A 1666 -59.04 32.37 -23.43
N GLU A 1667 -57.79 32.06 -23.79
CA GLU A 1667 -57.46 30.76 -24.37
C GLU A 1667 -57.74 29.63 -23.40
N TYR A 1668 -57.41 29.85 -22.12
CA TYR A 1668 -57.61 28.84 -21.08
C TYR A 1668 -59.09 28.55 -20.90
N THR A 1669 -59.93 29.59 -20.92
CA THR A 1669 -61.37 29.41 -20.89
C THR A 1669 -61.89 28.73 -22.14
N LYS A 1670 -61.30 29.02 -23.30
CA LYS A 1670 -61.69 28.34 -24.53
C LYS A 1670 -61.38 26.86 -24.47
N TYR A 1671 -60.34 26.48 -23.74
CA TYR A 1671 -60.08 25.06 -23.54
C TYR A 1671 -60.93 24.49 -22.41
N HIS A 1672 -61.52 25.35 -21.57
CA HIS A 1672 -62.23 24.90 -20.38
C HIS A 1672 -63.61 25.55 -20.24
N GLU A 1673 -64.42 25.57 -21.29
CA GLU A 1673 -65.80 26.01 -21.12
C GLU A 1673 -66.63 25.03 -20.31
N ARG A 1674 -66.32 23.73 -20.40
CA ARG A 1674 -67.19 22.69 -19.88
C ARG A 1674 -67.29 22.73 -18.35
N LEU A 1675 -66.16 22.86 -17.67
CA LEU A 1675 -66.20 22.94 -16.22
C LEU A 1675 -66.60 24.33 -15.74
N LEU A 1676 -66.28 25.37 -16.53
CA LEU A 1676 -66.69 26.72 -16.21
C LEU A 1676 -68.05 27.09 -16.80
N THR A 1677 -68.91 26.10 -17.07
CA THR A 1677 -70.23 26.42 -17.63
C THR A 1677 -71.12 27.06 -16.59
N GLY A 1678 -70.82 26.84 -15.30
CA GLY A 1678 -71.57 27.52 -14.26
C GLY A 1678 -71.27 29.00 -14.19
N LEU A 1679 -70.09 29.40 -14.63
CA LEU A 1679 -69.75 30.82 -14.73
C LEU A 1679 -70.10 31.40 -16.09
N LYS A 1680 -70.48 30.58 -17.06
CA LYS A 1680 -70.76 31.06 -18.41
C LYS A 1680 -72.03 31.90 -18.39
N GLY A 1681 -71.87 33.20 -18.62
CA GLY A 1681 -72.99 34.13 -18.54
C GLY A 1681 -73.33 34.61 -17.15
N SER A 1682 -72.51 34.27 -16.14
CA SER A 1682 -72.79 34.64 -14.77
C SER A 1682 -72.70 36.15 -14.56
N LYS A 1683 -73.78 36.74 -14.08
CA LYS A 1683 -73.79 38.18 -13.81
C LYS A 1683 -72.99 38.53 -12.57
N ARG A 1684 -72.69 37.54 -11.72
CA ARG A 1684 -71.81 37.75 -10.58
C ARG A 1684 -70.37 37.97 -11.01
N LEU A 1685 -70.03 37.67 -12.26
CA LEU A 1685 -68.72 37.96 -12.82
C LEU A 1685 -68.72 39.41 -13.30
N VAL A 1686 -68.15 40.30 -12.50
CA VAL A 1686 -68.02 41.70 -12.83
C VAL A 1686 -66.59 41.89 -13.30
N PHE A 1687 -66.41 42.23 -14.56
CA PHE A 1687 -65.06 42.35 -15.10
C PHE A 1687 -64.61 43.80 -14.96
N ILE A 1688 -63.57 44.01 -14.18
CA ILE A 1688 -63.09 45.36 -13.89
C ILE A 1688 -62.14 45.72 -15.04
N ASP A 1689 -62.75 46.17 -16.14
CA ASP A 1689 -62.00 46.48 -17.35
C ASP A 1689 -61.32 47.84 -17.30
N CYS A 1690 -61.67 48.68 -16.32
CA CYS A 1690 -61.00 49.92 -16.01
C CYS A 1690 -60.83 49.98 -14.50
N PRO A 1691 -59.67 50.39 -14.00
CA PRO A 1691 -59.44 50.33 -12.54
C PRO A 1691 -60.40 51.16 -11.70
N GLY A 1692 -60.95 52.23 -12.27
CA GLY A 1692 -61.93 53.02 -11.55
C GLY A 1692 -63.27 52.32 -11.38
N LYS A 1693 -63.52 51.29 -12.20
CA LYS A 1693 -64.75 50.51 -12.08
C LYS A 1693 -64.76 49.70 -10.80
N LEU A 1694 -63.58 49.39 -10.25
CA LEU A 1694 -63.51 48.68 -8.98
C LEU A 1694 -63.97 49.58 -7.83
N ALA A 1695 -63.79 50.88 -7.96
CA ALA A 1695 -64.26 51.84 -6.95
C ALA A 1695 -65.76 51.94 -6.89
N GLU A 1696 -66.45 51.43 -7.91
CA GLU A 1696 -67.90 51.41 -7.95
C GLU A 1696 -68.50 50.34 -7.06
N HIS A 1697 -67.72 49.35 -6.64
CA HIS A 1697 -68.23 48.26 -5.83
C HIS A 1697 -67.43 48.05 -4.56
N ILE A 1698 -66.16 48.43 -4.52
CA ILE A 1698 -65.33 48.32 -3.33
C ILE A 1698 -64.69 49.68 -3.09
N GLU A 1699 -64.78 50.16 -1.86
CA GLU A 1699 -64.16 51.41 -1.47
C GLU A 1699 -62.65 51.31 -1.59
N HIS A 1700 -62.01 52.41 -1.96
CA HIS A 1700 -60.56 52.41 -2.18
C HIS A 1700 -59.79 52.11 -0.90
N GLU A 1701 -60.28 52.59 0.23
CA GLU A 1701 -59.68 52.22 1.50
C GLU A 1701 -59.90 50.75 1.83
N GLN A 1702 -60.97 50.14 1.32
CA GLN A 1702 -61.18 48.71 1.43
C GLN A 1702 -60.43 47.93 0.36
N GLN A 1703 -59.80 48.62 -0.59
CA GLN A 1703 -59.03 47.98 -1.65
C GLN A 1703 -57.60 47.77 -1.17
N LYS A 1704 -57.15 46.51 -1.20
CA LYS A 1704 -55.83 46.13 -0.70
C LYS A 1704 -55.14 45.22 -1.73
N LEU A 1705 -55.20 45.63 -2.99
CA LEU A 1705 -54.54 44.88 -4.04
C LEU A 1705 -53.01 44.99 -3.87
N PRO A 1706 -52.25 44.03 -4.42
CA PRO A 1706 -50.80 44.03 -4.20
C PRO A 1706 -50.10 45.26 -4.77
N ALA A 1707 -48.99 45.63 -4.14
CA ALA A 1707 -48.31 46.87 -4.47
C ALA A 1707 -47.76 46.84 -5.89
N ALA A 1708 -47.27 45.67 -6.32
CA ALA A 1708 -46.77 45.56 -7.69
C ALA A 1708 -47.90 45.70 -8.70
N THR A 1709 -49.10 45.21 -8.34
CA THR A 1709 -50.26 45.38 -9.20
C THR A 1709 -50.59 46.86 -9.37
N LEU A 1710 -50.52 47.63 -8.29
CA LEU A 1710 -50.78 49.07 -8.38
C LEU A 1710 -49.67 49.78 -9.14
N ALA A 1711 -48.42 49.33 -8.96
CA ALA A 1711 -47.29 49.94 -9.67
C ALA A 1711 -47.37 49.64 -11.16
N LEU A 1712 -48.05 48.56 -11.53
CA LEU A 1712 -48.34 48.32 -12.94
C LEU A 1712 -49.23 49.37 -13.56
N GLU A 1713 -50.01 50.12 -12.76
CA GLU A 1713 -50.89 51.15 -13.28
C GLU A 1713 -50.27 52.53 -13.32
N GLU A 1714 -49.26 52.80 -12.49
CA GLU A 1714 -48.72 54.14 -12.35
C GLU A 1714 -47.63 54.39 -13.39
N ASP A 1715 -47.53 55.67 -13.79
CA ASP A 1715 -46.43 56.19 -14.61
C ASP A 1715 -46.34 55.46 -15.94
N LEU A 1716 -47.50 55.23 -16.55
CA LEU A 1716 -47.59 54.49 -17.80
C LEU A 1716 -47.55 55.45 -18.97
N LYS A 1717 -46.65 55.20 -19.91
CA LYS A 1717 -46.55 56.01 -21.13
C LYS A 1717 -47.54 55.43 -22.15
N VAL A 1718 -48.60 56.18 -22.42
CA VAL A 1718 -49.76 55.66 -23.14
C VAL A 1718 -49.63 55.99 -24.61
N PHE A 1719 -49.82 54.98 -25.45
CA PHE A 1719 -49.88 55.14 -26.91
C PHE A 1719 -51.20 54.50 -27.35
N HIS A 1720 -52.15 55.35 -27.72
CA HIS A 1720 -53.40 54.86 -28.29
C HIS A 1720 -53.19 54.51 -29.76
N ASN A 1721 -54.29 54.12 -30.41
CA ASN A 1721 -54.32 53.81 -31.84
C ASN A 1721 -53.33 52.69 -32.20
N ALA A 1722 -53.27 51.65 -31.38
CA ALA A 1722 -52.40 50.52 -31.64
C ALA A 1722 -53.19 49.38 -32.28
N LEU A 1723 -52.48 48.57 -33.07
CA LEU A 1723 -53.10 47.42 -33.72
C LEU A 1723 -52.22 46.20 -33.53
N LYS A 1724 -52.83 45.09 -33.16
CA LYS A 1724 -52.16 43.80 -33.13
C LYS A 1724 -52.45 43.09 -34.45
N LEU A 1725 -51.40 42.77 -35.18
CA LEU A 1725 -51.53 42.05 -36.45
C LEU A 1725 -51.37 40.57 -36.18
N ALA A 1726 -52.48 39.84 -36.27
CA ALA A 1726 -52.54 38.43 -35.99
C ALA A 1726 -53.37 37.77 -37.06
N HIS A 1727 -53.82 36.55 -36.76
CA HIS A 1727 -54.86 35.90 -37.55
C HIS A 1727 -56.09 36.79 -37.57
N LYS A 1728 -56.36 37.44 -36.44
CA LYS A 1728 -57.35 38.51 -36.34
C LYS A 1728 -56.63 39.77 -35.85
N ASP A 1729 -56.70 40.85 -36.62
CA ASP A 1729 -56.06 42.11 -36.27
C ASP A 1729 -56.98 42.89 -35.36
N THR A 1730 -56.49 43.28 -34.18
CA THR A 1730 -57.36 43.88 -33.16
C THR A 1730 -56.85 45.25 -32.74
N LYS A 1731 -57.77 46.06 -32.22
CA LYS A 1731 -57.45 47.40 -31.76
C LYS A 1731 -57.03 47.38 -30.29
N VAL A 1732 -55.80 47.80 -30.03
CA VAL A 1732 -55.23 47.79 -28.69
C VAL A 1732 -54.54 49.12 -28.43
N SER A 1733 -54.13 49.33 -27.18
CA SER A 1733 -53.35 50.49 -26.78
C SER A 1733 -52.19 50.02 -25.92
N ILE A 1734 -51.05 50.66 -26.06
CA ILE A 1734 -49.82 50.21 -25.44
C ILE A 1734 -49.40 51.19 -24.36
N LYS A 1735 -49.38 50.74 -23.12
CA LYS A 1735 -48.93 51.54 -21.99
C LYS A 1735 -47.61 50.97 -21.52
N VAL A 1736 -46.54 51.74 -21.68
CA VAL A 1736 -45.20 51.28 -21.35
C VAL A 1736 -44.79 51.88 -20.02
N GLY A 1737 -44.58 51.01 -19.01
CA GLY A 1737 -44.13 51.43 -17.71
C GLY A 1737 -42.72 50.91 -17.44
N SER A 1738 -42.14 51.45 -16.37
CA SER A 1738 -40.70 51.30 -16.12
C SER A 1738 -40.29 49.84 -15.88
N THR A 1739 -41.25 48.97 -15.62
CA THR A 1739 -40.96 47.55 -15.45
C THR A 1739 -41.56 46.67 -16.55
N ALA A 1740 -42.49 47.17 -17.35
CA ALA A 1740 -43.27 46.26 -18.18
C ALA A 1740 -43.96 47.01 -19.32
N VAL A 1741 -44.66 46.23 -20.15
CA VAL A 1741 -45.46 46.75 -21.24
C VAL A 1741 -46.84 46.12 -21.13
N GLN A 1742 -47.88 46.96 -21.10
CA GLN A 1742 -49.25 46.50 -20.98
C GLN A 1742 -49.98 46.85 -22.26
N VAL A 1743 -50.42 45.84 -23.00
CA VAL A 1743 -51.22 46.05 -24.19
C VAL A 1743 -52.68 45.75 -23.85
N THR A 1744 -53.49 46.79 -23.85
CA THR A 1744 -54.89 46.71 -23.41
C THR A 1744 -55.78 46.74 -24.63
N SER A 1745 -56.64 45.72 -24.76
CA SER A 1745 -57.53 45.64 -25.91
C SER A 1745 -58.61 46.72 -25.82
N ALA A 1746 -58.73 47.50 -26.90
CA ALA A 1746 -59.71 48.57 -26.96
C ALA A 1746 -61.07 48.11 -27.46
N GLU A 1747 -61.20 46.84 -27.85
CA GLU A 1747 -62.45 46.28 -28.31
C GLU A 1747 -62.81 45.07 -27.46
N ARG A 1748 -64.09 44.93 -27.14
CA ARG A 1748 -64.51 43.87 -26.24
C ARG A 1748 -64.56 42.51 -26.94
N THR A 1749 -64.12 41.49 -26.21
CA THR A 1749 -64.15 40.12 -26.68
C THR A 1749 -64.87 39.27 -25.64
N LYS A 1750 -65.32 38.09 -26.05
CA LYS A 1750 -66.12 37.24 -25.19
C LYS A 1750 -65.23 36.36 -24.32
N VAL A 1751 -65.38 36.51 -23.01
CA VAL A 1751 -64.91 35.52 -22.04
C VAL A 1751 -66.07 35.22 -21.09
N LEU A 1752 -66.35 33.92 -20.90
CA LEU A 1752 -67.37 33.43 -19.98
C LEU A 1752 -68.75 34.06 -20.26
N GLY A 1753 -69.02 34.31 -21.54
CA GLY A 1753 -70.26 34.88 -21.97
C GLY A 1753 -70.37 36.39 -21.89
N GLN A 1754 -69.28 37.10 -21.59
CA GLN A 1754 -69.32 38.54 -21.42
C GLN A 1754 -68.26 39.22 -22.27
N SER A 1755 -68.58 40.42 -22.75
CA SER A 1755 -67.69 41.19 -23.61
C SER A 1755 -66.83 42.13 -22.77
N VAL A 1756 -65.50 42.00 -22.90
CA VAL A 1756 -64.55 42.63 -21.98
C VAL A 1756 -63.45 43.32 -22.76
N PHE A 1757 -62.62 44.07 -22.03
CA PHE A 1757 -61.39 44.64 -22.55
C PHE A 1757 -60.20 43.89 -21.97
N LEU A 1758 -59.52 43.10 -22.80
CA LEU A 1758 -58.37 42.34 -22.33
C LEU A 1758 -57.14 43.23 -22.23
N ASN A 1759 -56.17 42.76 -21.43
CA ASN A 1759 -54.88 43.45 -21.32
C ASN A 1759 -53.81 42.39 -21.04
N ASP A 1760 -52.90 42.23 -22.00
CA ASP A 1760 -51.78 41.33 -21.86
C ASP A 1760 -50.58 42.09 -21.29
N ILE A 1761 -49.93 41.50 -20.29
CA ILE A 1761 -48.85 42.15 -19.56
C ILE A 1761 -47.56 41.40 -19.85
N TYR A 1762 -46.52 42.14 -20.22
CA TYR A 1762 -45.20 41.56 -20.51
C TYR A 1762 -44.17 42.29 -19.68
N TYR A 1763 -43.53 41.57 -18.74
CA TYR A 1763 -42.49 42.19 -17.92
C TYR A 1763 -41.28 42.50 -18.78
N ALA A 1764 -40.43 43.40 -18.29
CA ALA A 1764 -39.17 43.65 -18.97
C ALA A 1764 -38.25 42.44 -18.92
N SER A 1765 -38.41 41.59 -17.90
CA SER A 1765 -37.64 40.36 -17.80
C SER A 1765 -38.07 39.32 -18.83
N GLU A 1766 -39.24 39.49 -19.45
CA GLU A 1766 -39.74 38.54 -20.42
C GLU A 1766 -39.48 38.92 -21.87
N ILE A 1767 -39.06 40.16 -22.11
CA ILE A 1767 -38.85 40.61 -23.49
C ILE A 1767 -37.64 39.88 -24.07
N GLU A 1768 -37.83 39.29 -25.24
CA GLU A 1768 -36.77 38.50 -25.86
C GLU A 1768 -35.93 39.34 -26.83
N GLU A 1769 -36.57 39.88 -27.87
CA GLU A 1769 -35.86 40.67 -28.87
C GLU A 1769 -36.67 41.92 -29.19
N ILE A 1770 -35.96 43.03 -29.41
CA ILE A 1770 -36.56 44.31 -29.75
C ILE A 1770 -35.96 44.79 -31.06
N CYS A 1771 -36.82 45.11 -32.02
CA CYS A 1771 -36.38 45.54 -33.35
C CYS A 1771 -37.45 46.43 -33.96
N LEU A 1772 -37.06 47.18 -34.98
CA LEU A 1772 -37.95 48.08 -35.70
C LEU A 1772 -37.91 47.76 -37.18
N VAL A 1773 -38.98 47.14 -37.69
CA VAL A 1773 -39.07 46.88 -39.13
C VAL A 1773 -39.23 48.18 -39.90
N ASP A 1774 -40.12 49.04 -39.46
CA ASP A 1774 -40.28 50.37 -40.04
C ASP A 1774 -40.90 51.29 -39.00
N GLU A 1775 -41.00 52.57 -39.36
CA GLU A 1775 -41.61 53.54 -38.44
C GLU A 1775 -43.08 53.25 -38.22
N ASN A 1776 -43.73 52.64 -39.21
CA ASN A 1776 -45.17 52.40 -39.10
C ASN A 1776 -45.47 50.99 -38.60
N GLN A 1777 -44.48 50.10 -38.60
CA GLN A 1777 -44.72 48.72 -38.20
C GLN A 1777 -43.44 48.08 -37.69
N PHE A 1778 -43.57 47.28 -36.63
CA PHE A 1778 -42.44 46.49 -36.13
C PHE A 1778 -42.97 45.21 -35.52
N THR A 1779 -42.05 44.33 -35.14
CA THR A 1779 -42.37 43.09 -34.45
C THR A 1779 -41.59 43.04 -33.14
N LEU A 1780 -42.29 42.68 -32.07
CA LEU A 1780 -41.68 42.57 -30.74
C LEU A 1780 -41.65 41.10 -30.35
N THR A 1781 -40.48 40.62 -29.91
CA THR A 1781 -40.33 39.23 -29.54
C THR A 1781 -40.29 39.09 -28.02
N ILE A 1782 -41.16 38.23 -27.50
CA ILE A 1782 -41.23 37.91 -26.08
C ILE A 1782 -40.77 36.49 -25.91
N ALA A 1783 -40.19 36.19 -24.75
CA ALA A 1783 -39.66 34.86 -24.47
C ALA A 1783 -40.78 33.83 -24.47
N ASN A 1784 -40.44 32.60 -24.91
CA ASN A 1784 -41.36 31.46 -24.96
C ASN A 1784 -42.56 31.75 -25.87
N GLN A 1785 -42.31 32.39 -27.01
CA GLN A 1785 -43.33 32.60 -28.02
C GLN A 1785 -42.86 32.01 -29.34
N GLY A 1786 -43.78 31.40 -30.08
CA GLY A 1786 -43.45 30.90 -31.39
C GLY A 1786 -43.14 32.00 -32.39
N THR A 1787 -43.96 33.04 -32.40
CA THR A 1787 -43.78 34.16 -33.32
C THR A 1787 -43.79 35.48 -32.57
N PRO A 1788 -43.02 36.47 -33.03
CA PRO A 1788 -43.11 37.81 -32.44
C PRO A 1788 -44.46 38.46 -32.75
N LEU A 1789 -44.94 39.27 -31.81
CA LEU A 1789 -46.17 40.00 -32.01
C LEU A 1789 -45.92 41.18 -32.94
N THR A 1790 -46.75 41.31 -33.97
CA THR A 1790 -46.58 42.35 -34.98
C THR A 1790 -47.46 43.55 -34.62
N PHE A 1791 -46.82 44.70 -34.45
CA PHE A 1791 -47.45 45.91 -33.94
C PHE A 1791 -47.38 46.98 -35.02
N MET A 1792 -48.53 47.53 -35.41
CA MET A 1792 -48.61 48.55 -36.44
C MET A 1792 -49.22 49.81 -35.83
N HIS A 1793 -48.49 50.92 -35.88
CA HIS A 1793 -48.93 52.20 -35.38
C HIS A 1793 -48.07 53.29 -36.03
N GLN A 1794 -48.57 54.52 -36.03
CA GLN A 1794 -47.77 55.61 -36.60
C GLN A 1794 -46.56 55.91 -35.73
N GLU A 1795 -46.64 55.65 -34.42
CA GLU A 1795 -45.56 55.93 -33.48
C GLU A 1795 -44.84 54.66 -33.03
N CYS A 1796 -44.59 53.68 -33.92
CA CYS A 1796 -43.90 52.46 -33.50
C CYS A 1796 -42.47 52.72 -33.05
N GLU A 1797 -41.80 53.71 -33.67
CA GLU A 1797 -40.41 53.98 -33.30
C GLU A 1797 -40.28 54.47 -31.85
N ALA A 1798 -41.19 55.33 -31.40
CA ALA A 1798 -41.14 55.83 -30.03
C ALA A 1798 -41.38 54.71 -29.04
N ILE A 1799 -42.31 53.80 -29.37
CA ILE A 1799 -42.56 52.62 -28.55
C ILE A 1799 -41.32 51.73 -28.49
N VAL A 1800 -40.64 51.52 -29.62
CA VAL A 1800 -39.46 50.66 -29.64
C VAL A 1800 -38.34 51.26 -28.78
N GLN A 1801 -38.09 52.57 -28.90
CA GLN A 1801 -37.07 53.17 -28.06
C GLN A 1801 -37.47 53.19 -26.58
N SER A 1802 -38.75 53.44 -26.29
CA SER A 1802 -39.20 53.45 -24.90
C SER A 1802 -39.07 52.07 -24.26
N ILE A 1803 -39.40 51.02 -25.00
CA ILE A 1803 -39.23 49.66 -24.49
C ILE A 1803 -37.75 49.33 -24.36
N ILE A 1804 -36.96 49.65 -25.38
CA ILE A 1804 -35.59 49.17 -25.44
C ILE A 1804 -34.70 49.90 -24.44
N HIS A 1805 -35.02 51.14 -24.06
CA HIS A 1805 -34.21 51.84 -23.06
C HIS A 1805 -34.31 51.17 -21.70
N ILE A 1806 -35.53 50.95 -21.23
CA ILE A 1806 -35.73 50.31 -19.93
C ILE A 1806 -35.34 48.85 -19.98
N ARG A 1807 -35.50 48.21 -21.14
CA ARG A 1807 -35.11 46.81 -21.26
C ARG A 1807 -33.59 46.66 -21.19
N THR A 1808 -32.85 47.56 -21.84
CA THR A 1808 -31.39 47.50 -21.77
C THR A 1808 -30.88 47.90 -20.39
N ARG A 1809 -31.56 48.83 -19.72
CA ARG A 1809 -31.08 49.18 -18.38
C ARG A 1809 -31.43 48.10 -17.37
N TRP A 1810 -32.50 47.32 -17.63
CA TRP A 1810 -32.72 46.10 -16.87
C TRP A 1810 -31.64 45.07 -17.17
N GLU A 1811 -31.27 44.97 -18.46
CA GLU A 1811 -30.24 44.04 -18.90
C GLU A 1811 -28.93 44.32 -18.20
N LEU A 1812 -28.60 45.59 -18.03
CA LEU A 1812 -27.45 45.98 -17.22
C LEU A 1812 -27.70 45.73 -15.74
N SER A 1813 -28.94 45.93 -15.29
CA SER A 1813 -29.24 45.86 -13.86
C SER A 1813 -29.26 44.43 -13.36
N GLN A 1814 -29.73 43.50 -14.19
CA GLN A 1814 -29.90 42.12 -13.75
C GLN A 1814 -28.54 41.44 -13.57
N PRO A 1815 -28.43 40.51 -12.63
CA PRO A 1815 -27.18 39.74 -12.50
C PRO A 1815 -27.07 38.67 -13.57
N ASP A 1816 -25.92 38.01 -13.56
CA ASP A 1816 -25.63 36.97 -14.53
C ASP A 1816 -26.39 35.68 -14.22
N SER A 1817 -26.31 34.74 -15.16
CA SER A 1817 -26.91 33.43 -14.97
C SER A 1817 -26.12 32.62 -13.95
N ILE A 1818 -26.84 31.87 -13.13
CA ILE A 1818 -26.26 30.98 -12.13
C ILE A 1818 -26.78 29.57 -12.40
N PRO A 1819 -25.92 28.57 -12.54
CA PRO A 1819 -26.42 27.19 -12.62
C PRO A 1819 -27.03 26.75 -11.31
N GLN A 1820 -28.07 25.92 -11.41
CA GLN A 1820 -28.85 25.52 -10.25
C GLN A 1820 -28.90 24.00 -10.18
N HIS A 1821 -28.98 23.48 -8.97
CA HIS A 1821 -28.94 22.04 -8.78
C HIS A 1821 -30.33 21.50 -8.48
N THR A 1822 -30.47 20.19 -8.62
CA THR A 1822 -31.72 19.51 -8.34
C THR A 1822 -32.10 19.63 -6.87
N LYS A 1823 -33.38 19.85 -6.61
CA LYS A 1823 -33.90 19.90 -5.25
C LYS A 1823 -33.69 18.55 -4.56
N ILE A 1824 -33.12 18.59 -3.36
CA ILE A 1824 -32.75 17.37 -2.64
C ILE A 1824 -33.47 17.36 -1.31
N ARG A 1825 -34.16 16.27 -1.01
CA ARG A 1825 -34.88 16.16 0.24
C ARG A 1825 -34.51 14.80 0.81
N PRO A 1826 -34.33 14.67 2.14
CA PRO A 1826 -33.69 13.46 2.67
C PRO A 1826 -34.43 12.16 2.44
N LYS A 1827 -35.72 12.19 2.16
CA LYS A 1827 -36.46 10.95 2.02
C LYS A 1827 -36.36 10.36 0.62
N ASP A 1828 -35.68 11.02 -0.30
CA ASP A 1828 -35.38 10.43 -1.59
C ASP A 1828 -33.90 10.25 -1.86
N VAL A 1829 -33.05 10.42 -0.85
CA VAL A 1829 -31.63 10.10 -0.96
C VAL A 1829 -31.16 9.18 0.16
N PRO A 1830 -31.67 7.95 0.25
CA PRO A 1830 -31.16 7.06 1.31
C PRO A 1830 -29.80 6.48 0.99
N GLY A 1831 -29.42 6.42 -0.29
CA GLY A 1831 -28.13 5.85 -0.64
C GLY A 1831 -26.96 6.72 -0.22
N THR A 1832 -27.03 8.02 -0.49
CA THR A 1832 -25.91 8.90 -0.20
C THR A 1832 -25.66 9.00 1.30
N LEU A 1833 -26.72 9.01 2.09
CA LEU A 1833 -26.54 9.12 3.53
C LEU A 1833 -25.94 7.83 4.11
N LEU A 1834 -26.33 6.67 3.58
CA LEU A 1834 -25.64 5.45 3.99
C LEU A 1834 -24.17 5.48 3.62
N ASN A 1835 -23.84 6.03 2.46
CA ASN A 1835 -22.43 6.12 2.12
C ASN A 1835 -21.67 7.08 3.02
N ILE A 1836 -22.21 8.26 3.32
CA ILE A 1836 -21.53 9.19 4.21
C ILE A 1836 -21.46 8.65 5.63
N ALA A 1837 -22.37 7.77 6.02
CA ALA A 1837 -22.25 7.12 7.31
C ALA A 1837 -21.19 6.04 7.34
N LEU A 1838 -21.31 5.02 6.48
CA LEU A 1838 -20.47 3.84 6.60
C LEU A 1838 -19.02 4.16 6.29
N LEU A 1839 -18.77 5.04 5.33
CA LEU A 1839 -17.40 5.40 5.00
C LEU A 1839 -16.72 6.09 6.16
N ASN A 1840 -17.41 6.99 6.84
CA ASN A 1840 -16.77 7.72 7.92
C ASN A 1840 -16.74 6.91 9.20
N LEU A 1841 -17.53 5.82 9.27
CA LEU A 1841 -17.52 5.00 10.48
C LEU A 1841 -16.16 4.38 10.73
N GLY A 1842 -15.40 4.13 9.68
CA GLY A 1842 -14.07 3.58 9.84
C GLY A 1842 -12.95 4.58 9.84
N SER A 1843 -13.23 5.86 10.03
CA SER A 1843 -12.16 6.85 10.00
C SER A 1843 -11.37 6.83 11.31
N SER A 1844 -10.29 7.61 11.33
CA SER A 1844 -9.36 7.56 12.45
C SER A 1844 -9.94 8.22 13.69
N ASP A 1845 -10.51 9.40 13.54
CA ASP A 1845 -10.87 10.22 14.70
C ASP A 1845 -12.06 9.62 15.43
N PRO A 1846 -11.93 9.34 16.73
CA PRO A 1846 -13.03 8.68 17.47
C PRO A 1846 -14.29 9.50 17.56
N SER A 1847 -14.18 10.83 17.62
CA SER A 1847 -15.37 11.68 17.62
C SER A 1847 -16.13 11.52 16.31
N LEU A 1848 -15.40 11.42 15.20
CA LEU A 1848 -16.03 11.18 13.91
C LEU A 1848 -16.72 9.84 13.88
N ARG A 1849 -16.13 8.82 14.51
CA ARG A 1849 -16.81 7.54 14.59
C ARG A 1849 -18.08 7.62 15.41
N SER A 1850 -18.08 8.42 16.49
CA SER A 1850 -19.29 8.59 17.28
C SER A 1850 -20.39 9.25 16.45
N ALA A 1851 -20.03 10.29 15.70
CA ALA A 1851 -21.03 10.98 14.87
C ALA A 1851 -21.56 10.05 13.78
N ALA A 1852 -20.68 9.23 13.23
CA ALA A 1852 -21.12 8.28 12.21
C ALA A 1852 -22.04 7.24 12.79
N TYR A 1853 -21.77 6.82 14.03
CA TYR A 1853 -22.68 5.88 14.68
C TYR A 1853 -24.05 6.50 14.90
N ASN A 1854 -24.08 7.78 15.24
CA ASN A 1854 -25.37 8.45 15.43
C ASN A 1854 -26.17 8.52 14.13
N LEU A 1855 -25.51 8.87 13.01
CA LEU A 1855 -26.26 8.84 11.75
C LEU A 1855 -26.68 7.45 11.35
N LEU A 1856 -25.85 6.44 11.59
CA LEU A 1856 -26.26 5.10 11.17
C LEU A 1856 -27.48 4.64 11.95
N CYS A 1857 -27.50 4.92 13.26
CA CYS A 1857 -28.68 4.59 14.06
C CYS A 1857 -29.89 5.38 13.59
N ALA A 1858 -29.71 6.67 13.26
CA ALA A 1858 -30.84 7.50 12.87
C ALA A 1858 -31.43 7.07 11.53
N LEU A 1859 -30.56 6.76 10.55
CA LEU A 1859 -31.04 6.25 9.27
C LEU A 1859 -31.75 4.93 9.42
N THR A 1860 -31.24 4.04 10.25
CA THR A 1860 -31.92 2.75 10.41
C THR A 1860 -33.21 2.91 11.19
N CYS A 1861 -33.35 4.02 11.92
CA CYS A 1861 -34.60 4.26 12.65
C CYS A 1861 -35.66 4.87 11.75
N THR A 1862 -35.38 6.04 11.18
CA THR A 1862 -36.43 6.83 10.54
C THR A 1862 -36.89 6.18 9.24
N PHE A 1863 -35.95 5.70 8.44
CA PHE A 1863 -36.32 5.15 7.15
C PHE A 1863 -36.84 3.73 7.23
N ASN A 1864 -36.93 3.18 8.45
CA ASN A 1864 -37.60 1.92 8.73
C ASN A 1864 -36.96 0.72 8.04
N LEU A 1865 -35.65 0.76 7.84
CA LEU A 1865 -34.96 -0.43 7.34
C LEU A 1865 -34.90 -1.49 8.42
N LYS A 1866 -34.90 -2.75 7.99
CA LYS A 1866 -34.91 -3.88 8.92
C LYS A 1866 -33.47 -4.25 9.24
N ILE A 1867 -33.05 -3.95 10.47
CA ILE A 1867 -31.70 -4.24 10.93
C ILE A 1867 -31.67 -5.35 11.95
N GLU A 1868 -32.82 -5.91 12.31
CA GLU A 1868 -32.95 -6.99 13.29
C GLU A 1868 -32.42 -6.58 14.65
N GLY A 1869 -32.58 -5.29 14.98
CA GLY A 1869 -32.27 -4.78 16.30
C GLY A 1869 -30.81 -4.84 16.70
N GLN A 1870 -29.91 -4.41 15.81
CA GLN A 1870 -28.50 -4.44 16.09
C GLN A 1870 -27.90 -3.07 16.29
N LEU A 1871 -28.72 -2.02 16.36
CA LEU A 1871 -28.23 -0.66 16.54
C LEU A 1871 -28.92 -0.03 17.73
N LEU A 1872 -28.19 0.80 18.47
CA LEU A 1872 -28.75 1.56 19.57
C LEU A 1872 -27.88 2.79 19.78
N GLU A 1873 -28.52 3.92 20.07
CA GLU A 1873 -27.81 5.18 20.19
C GLU A 1873 -27.48 5.43 21.66
N THR A 1874 -26.25 5.82 21.92
CA THR A 1874 -25.84 6.22 23.25
C THR A 1874 -24.72 7.24 23.15
N SER A 1875 -24.49 7.96 24.25
CA SER A 1875 -23.42 8.93 24.34
C SER A 1875 -22.34 8.38 25.25
N GLY A 1876 -21.09 8.47 24.82
CA GLY A 1876 -19.99 7.91 25.55
C GLY A 1876 -19.48 6.58 25.03
N LEU A 1877 -19.97 6.12 23.89
CA LEU A 1877 -19.49 4.88 23.32
C LEU A 1877 -18.09 5.08 22.77
N CYS A 1878 -17.17 4.18 23.11
CA CYS A 1878 -15.79 4.25 22.64
C CYS A 1878 -15.60 3.22 21.54
N ILE A 1879 -15.41 3.69 20.32
CA ILE A 1879 -15.38 2.83 19.14
C ILE A 1879 -13.92 2.55 18.78
N PRO A 1880 -13.55 1.28 18.57
CA PRO A 1880 -12.18 0.97 18.15
C PRO A 1880 -11.89 1.51 16.76
N ALA A 1881 -10.61 1.73 16.47
CA ALA A 1881 -10.24 2.16 15.12
C ALA A 1881 -10.32 1.03 14.12
N ASN A 1882 -10.23 -0.22 14.57
CA ASN A 1882 -10.29 -1.37 13.65
C ASN A 1882 -11.64 -2.07 13.76
N ASN A 1883 -12.66 -1.39 13.26
CA ASN A 1883 -14.03 -1.89 13.35
C ASN A 1883 -14.57 -2.37 12.02
N THR A 1884 -13.71 -2.83 11.12
CA THR A 1884 -14.16 -3.11 9.76
C THR A 1884 -15.12 -4.29 9.69
N LEU A 1885 -15.01 -5.24 10.63
CA LEU A 1885 -15.94 -6.36 10.63
C LEU A 1885 -17.34 -5.91 10.96
N PHE A 1886 -17.47 -4.94 11.86
CA PHE A 1886 -18.76 -4.38 12.18
C PHE A 1886 -19.40 -3.72 10.97
N ILE A 1887 -18.62 -2.95 10.22
CA ILE A 1887 -19.10 -2.27 9.03
C ILE A 1887 -19.56 -3.28 7.99
N VAL A 1888 -18.78 -4.34 7.78
CA VAL A 1888 -19.16 -5.34 6.80
C VAL A 1888 -20.41 -6.09 7.22
N SER A 1889 -20.55 -6.40 8.51
CA SER A 1889 -21.76 -7.07 8.97
C SER A 1889 -22.99 -6.20 8.76
N ILE A 1890 -22.85 -4.89 9.02
CA ILE A 1890 -23.96 -3.97 8.79
C ILE A 1890 -24.34 -3.92 7.32
N SER A 1891 -23.34 -3.78 6.45
CA SER A 1891 -23.63 -3.65 5.02
C SER A 1891 -24.21 -4.94 4.45
N LYS A 1892 -23.74 -6.09 4.93
CA LYS A 1892 -24.32 -7.35 4.46
C LYS A 1892 -25.76 -7.51 4.92
N THR A 1893 -26.05 -7.15 6.17
CA THR A 1893 -27.43 -7.26 6.64
C THR A 1893 -28.35 -6.33 5.86
N LEU A 1894 -27.89 -5.13 5.55
CA LEU A 1894 -28.69 -4.21 4.75
C LEU A 1894 -28.88 -4.71 3.32
N ALA A 1895 -27.84 -5.32 2.74
CA ALA A 1895 -27.98 -5.86 1.40
C ALA A 1895 -28.90 -7.06 1.37
N ALA A 1896 -29.04 -7.74 2.50
CA ALA A 1896 -30.00 -8.84 2.54
C ALA A 1896 -31.43 -8.33 2.73
N ASN A 1897 -31.64 -7.43 3.68
CA ASN A 1897 -32.99 -7.02 4.05
C ASN A 1897 -33.52 -5.85 3.23
N GLU A 1898 -32.72 -5.29 2.35
CA GLU A 1898 -33.17 -4.09 1.66
C GLU A 1898 -32.42 -3.92 0.35
N PRO A 1899 -32.94 -4.44 -0.76
CA PRO A 1899 -32.22 -4.37 -2.03
C PRO A 1899 -32.62 -3.22 -2.93
N HIS A 1900 -33.46 -2.27 -2.48
CA HIS A 1900 -34.06 -1.40 -3.47
C HIS A 1900 -33.21 -0.17 -3.75
N LEU A 1901 -32.17 0.07 -2.96
CA LEU A 1901 -31.36 1.26 -3.16
C LEU A 1901 -29.94 0.95 -3.63
N THR A 1902 -29.72 -0.21 -4.24
CA THR A 1902 -28.36 -0.60 -4.59
C THR A 1902 -27.75 0.33 -5.62
N LEU A 1903 -28.55 0.85 -6.55
CA LEU A 1903 -27.98 1.63 -7.64
C LEU A 1903 -27.40 2.95 -7.14
N GLU A 1904 -28.16 3.70 -6.36
CA GLU A 1904 -27.64 4.96 -5.83
C GLU A 1904 -26.53 4.72 -4.83
N PHE A 1905 -26.63 3.64 -4.06
CA PHE A 1905 -25.61 3.32 -3.08
C PHE A 1905 -24.28 2.99 -3.74
N LEU A 1906 -24.31 2.11 -4.73
CA LEU A 1906 -23.09 1.74 -5.42
C LEU A 1906 -22.52 2.94 -6.17
N GLU A 1907 -23.38 3.73 -6.81
CA GLU A 1907 -22.90 4.88 -7.55
C GLU A 1907 -22.23 5.88 -6.62
N GLU A 1908 -22.84 6.15 -5.47
CA GLU A 1908 -22.22 7.09 -4.55
C GLU A 1908 -20.96 6.50 -3.93
N CYS A 1909 -20.89 5.17 -3.77
CA CYS A 1909 -19.69 4.57 -3.24
C CYS A 1909 -18.53 4.73 -4.22
N ILE A 1910 -18.79 4.49 -5.51
CA ILE A 1910 -17.80 4.70 -6.56
C ILE A 1910 -17.38 6.15 -6.61
N SER A 1911 -18.34 7.06 -6.46
CA SER A 1911 -18.02 8.47 -6.42
C SER A 1911 -17.19 8.86 -5.23
N GLY A 1912 -17.44 8.29 -4.06
CA GLY A 1912 -16.67 8.64 -2.88
C GLY A 1912 -15.33 7.96 -2.84
N PHE A 1913 -15.14 6.96 -3.70
CA PHE A 1913 -13.84 6.29 -3.80
C PHE A 1913 -12.75 7.27 -4.22
N SER A 1914 -13.04 8.12 -5.19
CA SER A 1914 -11.99 8.96 -5.79
C SER A 1914 -11.54 10.05 -4.84
N LYS A 1915 -12.34 10.34 -3.83
CA LYS A 1915 -12.05 11.41 -2.87
C LYS A 1915 -11.78 10.86 -1.47
N SER A 1916 -11.12 9.71 -1.38
CA SER A 1916 -10.93 9.05 -0.09
C SER A 1916 -9.47 8.64 0.08
N SER A 1917 -9.07 8.48 1.33
CA SER A 1917 -7.71 8.06 1.63
C SER A 1917 -7.55 6.56 1.40
N ILE A 1918 -6.32 6.10 1.53
CA ILE A 1918 -5.96 4.76 1.06
C ILE A 1918 -6.61 3.68 1.91
N GLU A 1919 -6.49 3.78 3.23
CA GLU A 1919 -7.14 2.80 4.10
C GLU A 1919 -8.65 2.90 3.96
N LEU A 1920 -9.16 4.12 3.80
CA LEU A 1920 -10.56 4.29 3.49
C LEU A 1920 -10.92 3.71 2.14
N LYS A 1921 -10.01 3.75 1.17
CA LYS A 1921 -10.29 3.14 -0.12
C LYS A 1921 -10.48 1.64 0.02
N HIS A 1922 -9.61 0.99 0.79
CA HIS A 1922 -9.78 -0.44 1.01
C HIS A 1922 -11.06 -0.73 1.78
N LEU A 1923 -11.41 0.12 2.74
CA LEU A 1923 -12.69 -0.01 3.43
C LEU A 1923 -13.86 0.07 2.46
N CYS A 1924 -13.79 1.02 1.52
CA CYS A 1924 -14.88 1.22 0.56
C CYS A 1924 -15.09 -0.02 -0.28
N LEU A 1925 -13.99 -0.61 -0.76
CA LEU A 1925 -14.07 -1.91 -1.43
C LEU A 1925 -14.75 -2.94 -0.55
N GLU A 1926 -14.36 -2.96 0.73
CA GLU A 1926 -14.75 -4.07 1.57
C GLU A 1926 -16.22 -4.02 1.96
N TYR A 1927 -16.83 -2.83 2.02
CA TYR A 1927 -18.26 -2.89 2.31
C TYR A 1927 -19.10 -2.76 1.05
N MET A 1928 -18.51 -2.39 -0.09
CA MET A 1928 -19.36 -2.40 -1.26
C MET A 1928 -19.47 -3.79 -1.85
N THR A 1929 -18.50 -4.67 -1.59
CA THR A 1929 -18.59 -6.00 -2.19
C THR A 1929 -19.77 -6.89 -1.76
N PRO A 1930 -20.46 -6.70 -0.63
CA PRO A 1930 -21.68 -7.50 -0.44
C PRO A 1930 -22.83 -7.10 -1.34
N TRP A 1931 -22.83 -5.86 -1.85
CA TRP A 1931 -23.99 -5.37 -2.59
C TRP A 1931 -24.02 -5.90 -4.01
N LEU A 1932 -22.88 -6.36 -4.53
CA LEU A 1932 -22.76 -6.62 -5.95
C LEU A 1932 -23.63 -7.80 -6.38
N SER A 1933 -23.95 -8.69 -5.45
CA SER A 1933 -24.83 -9.79 -5.78
C SER A 1933 -26.28 -9.35 -5.97
N ASN A 1934 -26.62 -8.12 -5.62
CA ASN A 1934 -27.99 -7.65 -5.83
C ASN A 1934 -28.20 -7.11 -7.23
N LEU A 1935 -27.15 -7.01 -8.03
CA LEU A 1935 -27.29 -6.43 -9.37
C LEU A 1935 -28.06 -7.32 -10.32
N VAL A 1936 -28.23 -8.60 -9.98
CA VAL A 1936 -29.06 -9.47 -10.81
C VAL A 1936 -30.51 -9.01 -10.80
N ARG A 1937 -30.98 -8.49 -9.67
CA ARG A 1937 -32.35 -8.05 -9.55
C ARG A 1937 -32.63 -6.85 -10.46
N PHE A 1938 -31.69 -5.92 -10.51
CA PHE A 1938 -31.91 -4.71 -11.29
C PHE A 1938 -31.39 -4.82 -12.70
N CYS A 1939 -30.81 -5.95 -13.07
CA CYS A 1939 -30.47 -6.23 -14.45
C CYS A 1939 -31.63 -6.98 -15.07
N LYS A 1940 -31.67 -7.01 -16.41
CA LYS A 1940 -32.70 -7.60 -17.28
C LYS A 1940 -34.13 -7.24 -16.87
N HIS A 1941 -34.32 -6.11 -16.18
CA HIS A 1941 -35.64 -5.73 -15.71
C HIS A 1941 -36.48 -5.19 -16.86
N ASN A 1942 -37.79 -5.10 -16.64
CA ASN A 1942 -38.69 -4.57 -17.65
C ASN A 1942 -38.32 -3.13 -18.02
N ASP A 1943 -37.98 -2.32 -17.03
CA ASP A 1943 -37.47 -0.99 -17.32
C ASP A 1943 -36.05 -1.10 -17.86
N ASP A 1944 -35.84 -0.56 -19.06
CA ASP A 1944 -34.51 -0.57 -19.67
C ASP A 1944 -33.58 0.47 -19.08
N ALA A 1945 -34.11 1.52 -18.46
CA ALA A 1945 -33.26 2.52 -17.84
C ALA A 1945 -32.47 1.92 -16.69
N LYS A 1946 -33.04 0.95 -15.99
CA LYS A 1946 -32.33 0.36 -14.87
C LYS A 1946 -31.18 -0.51 -15.34
N ARG A 1947 -31.38 -1.33 -16.38
CA ARG A 1947 -30.24 -2.11 -16.87
C ARG A 1947 -29.23 -1.20 -17.56
N GLN A 1948 -29.66 -0.07 -18.09
CA GLN A 1948 -28.72 0.94 -18.55
C GLN A 1948 -27.89 1.47 -17.41
N ARG A 1949 -28.51 1.69 -16.25
CA ARG A 1949 -27.77 2.12 -15.07
C ARG A 1949 -26.78 1.07 -14.62
N VAL A 1950 -27.16 -0.21 -14.73
CA VAL A 1950 -26.26 -1.31 -14.37
C VAL A 1950 -25.02 -1.27 -15.26
N THR A 1951 -25.22 -1.11 -16.57
CA THR A 1951 -24.07 -1.05 -17.48
C THR A 1951 -23.22 0.19 -17.22
N ALA A 1952 -23.86 1.30 -16.84
CA ALA A 1952 -23.10 2.50 -16.50
C ALA A 1952 -22.23 2.28 -15.27
N ILE A 1953 -22.76 1.60 -14.26
CA ILE A 1953 -21.99 1.28 -13.06
C ILE A 1953 -20.78 0.43 -13.41
N LEU A 1954 -20.99 -0.56 -14.30
CA LEU A 1954 -19.86 -1.37 -14.75
C LEU A 1954 -18.84 -0.53 -15.50
N ASP A 1955 -19.30 0.50 -16.21
CA ASP A 1955 -18.37 1.40 -16.88
C ASP A 1955 -17.50 2.16 -15.89
N LYS A 1956 -18.08 2.67 -14.80
CA LYS A 1956 -17.23 3.32 -13.80
C LYS A 1956 -16.31 2.33 -13.13
N LEU A 1957 -16.75 1.07 -12.97
CA LEU A 1957 -15.87 0.08 -12.37
C LEU A 1957 -14.64 -0.18 -13.25
N ILE A 1958 -14.86 -0.27 -14.57
CA ILE A 1958 -13.76 -0.33 -15.52
C ILE A 1958 -12.85 0.87 -15.36
N THR A 1959 -13.47 2.06 -15.24
CA THR A 1959 -12.70 3.29 -15.16
C THR A 1959 -11.81 3.32 -13.93
N MET A 1960 -12.35 2.95 -12.77
CA MET A 1960 -11.56 2.96 -11.55
C MET A 1960 -10.51 1.86 -11.55
N THR A 1961 -10.78 0.74 -12.21
CA THR A 1961 -9.77 -0.31 -12.31
C THR A 1961 -8.58 0.16 -13.14
N ILE A 1962 -8.86 0.86 -14.25
CA ILE A 1962 -7.78 1.37 -15.09
C ILE A 1962 -6.99 2.45 -14.38
N ASN A 1963 -7.70 3.41 -13.76
CA ASN A 1963 -7.04 4.59 -13.24
C ASN A 1963 -6.19 4.27 -12.01
N GLU A 1964 -6.64 3.36 -11.16
CA GLU A 1964 -5.97 3.11 -9.90
C GLU A 1964 -5.04 1.91 -10.05
N LYS A 1965 -3.78 2.19 -10.38
CA LYS A 1965 -2.80 1.13 -10.49
C LYS A 1965 -2.46 0.57 -9.11
N GLN A 1966 -2.54 1.41 -8.09
CA GLN A 1966 -2.46 0.91 -6.72
C GLN A 1966 -3.72 0.13 -6.39
N MET A 1967 -3.62 -0.75 -5.39
CA MET A 1967 -4.67 -1.66 -4.94
C MET A 1967 -5.13 -2.62 -6.02
N TYR A 1968 -4.42 -2.70 -7.13
CA TYR A 1968 -4.89 -3.47 -8.28
C TYR A 1968 -5.05 -4.96 -7.98
N PRO A 1969 -4.14 -5.64 -7.26
CA PRO A 1969 -4.48 -7.00 -6.81
C PRO A 1969 -5.68 -7.07 -5.92
N SER A 1970 -5.86 -6.11 -5.01
CA SER A 1970 -7.02 -6.15 -4.12
C SER A 1970 -8.30 -5.85 -4.88
N ILE A 1971 -8.23 -4.92 -5.84
CA ILE A 1971 -9.39 -4.60 -6.67
C ILE A 1971 -9.84 -5.84 -7.44
N GLN A 1972 -8.89 -6.51 -8.07
CA GLN A 1972 -9.24 -7.73 -8.78
C GLN A 1972 -9.65 -8.84 -7.83
N ALA A 1973 -9.13 -8.84 -6.62
CA ALA A 1973 -9.46 -9.91 -5.70
C ALA A 1973 -10.87 -9.77 -5.17
N LYS A 1974 -11.33 -8.54 -5.00
CA LYS A 1974 -12.64 -8.31 -4.41
C LYS A 1974 -13.73 -8.06 -5.45
N ILE A 1975 -13.60 -7.02 -6.28
CA ILE A 1975 -14.69 -6.62 -7.14
C ILE A 1975 -14.95 -7.67 -8.21
N TRP A 1976 -13.99 -7.86 -9.11
CA TRP A 1976 -14.19 -8.82 -10.19
C TRP A 1976 -14.20 -10.24 -9.64
N GLY A 1977 -13.53 -10.46 -8.52
CA GLY A 1977 -13.55 -11.77 -7.89
C GLY A 1977 -14.93 -12.17 -7.44
N SER A 1978 -15.67 -11.24 -6.83
CA SER A 1978 -17.04 -11.57 -6.44
C SER A 1978 -17.97 -11.54 -7.64
N LEU A 1979 -17.67 -10.69 -8.63
CA LEU A 1979 -18.54 -10.59 -9.79
C LEU A 1979 -18.55 -11.88 -10.60
N GLY A 1980 -17.39 -12.51 -10.77
CA GLY A 1980 -17.32 -13.71 -11.58
C GLY A 1980 -18.01 -14.90 -10.94
N GLN A 1981 -18.25 -14.83 -9.63
CA GLN A 1981 -18.82 -15.97 -8.92
C GLN A 1981 -20.32 -16.10 -9.10
N ILE A 1982 -20.96 -15.17 -9.80
CA ILE A 1982 -22.40 -15.14 -9.92
C ILE A 1982 -22.77 -15.42 -11.37
N THR A 1983 -23.28 -16.61 -11.63
CA THR A 1983 -23.78 -16.91 -12.96
C THR A 1983 -25.08 -16.16 -13.20
N ASP A 1984 -25.39 -15.98 -14.48
CA ASP A 1984 -26.50 -15.25 -15.12
C ASP A 1984 -26.34 -13.73 -15.02
N LEU A 1985 -25.34 -13.24 -14.30
CA LEU A 1985 -24.90 -11.86 -14.40
C LEU A 1985 -23.70 -11.73 -15.32
N LEU A 1986 -23.11 -12.85 -15.73
CA LEU A 1986 -21.84 -12.83 -16.44
C LEU A 1986 -21.95 -12.13 -17.79
N ASP A 1987 -23.05 -12.36 -18.51
CA ASP A 1987 -23.11 -12.00 -19.92
C ASP A 1987 -23.02 -10.50 -20.15
N VAL A 1988 -23.69 -9.71 -19.31
CA VAL A 1988 -23.57 -8.25 -19.43
C VAL A 1988 -22.16 -7.82 -19.09
N VAL A 1989 -21.49 -8.53 -18.18
CA VAL A 1989 -20.15 -8.17 -17.77
C VAL A 1989 -19.17 -8.40 -18.92
N LEU A 1990 -19.26 -9.57 -19.56
CA LEU A 1990 -18.40 -9.85 -20.70
C LEU A 1990 -18.71 -8.94 -21.87
N ASP A 1991 -19.98 -8.62 -22.11
CA ASP A 1991 -20.34 -7.74 -23.20
C ASP A 1991 -19.77 -6.34 -22.97
N SER A 1992 -19.82 -5.88 -21.71
CA SER A 1992 -19.16 -4.63 -21.36
C SER A 1992 -17.66 -4.72 -21.57
N PHE A 1993 -17.08 -5.87 -21.23
CA PHE A 1993 -15.66 -6.08 -21.49
C PHE A 1993 -15.33 -5.95 -22.96
N ILE A 1994 -16.17 -6.54 -23.81
CA ILE A 1994 -15.91 -6.53 -25.24
C ILE A 1994 -16.02 -5.12 -25.78
N LYS A 1995 -17.06 -4.38 -25.38
CA LYS A 1995 -17.21 -3.02 -25.92
C LYS A 1995 -16.13 -2.08 -25.39
N THR A 1996 -15.73 -2.21 -24.12
CA THR A 1996 -14.73 -1.30 -23.59
C THR A 1996 -13.31 -1.65 -23.98
N SER A 1997 -13.02 -2.94 -24.24
CA SER A 1997 -11.70 -3.28 -24.76
C SER A 1997 -11.53 -2.79 -26.19
N ALA A 1998 -12.61 -2.80 -26.98
CA ALA A 1998 -12.54 -2.29 -28.34
C ALA A 1998 -12.26 -0.79 -28.33
N THR A 1999 -12.77 -0.09 -27.34
CA THR A 1999 -12.48 1.32 -27.17
C THR A 1999 -11.01 1.53 -26.84
N GLY A 2000 -10.41 2.55 -27.47
CA GLY A 2000 -9.01 2.86 -27.27
C GLY A 2000 -8.15 2.37 -28.41
N GLY A 2001 -6.95 1.91 -28.05
CA GLY A 2001 -6.03 1.40 -29.04
C GLY A 2001 -5.60 -0.02 -28.76
N LEU A 2002 -5.28 -0.77 -29.81
CA LEU A 2002 -4.77 -2.11 -29.64
C LEU A 2002 -3.33 -2.04 -29.13
N GLY A 2003 -3.06 -2.77 -28.06
CA GLY A 2003 -1.76 -2.65 -27.42
C GLY A 2003 -1.63 -1.48 -26.49
N SER A 2004 -2.71 -0.75 -26.24
CA SER A 2004 -2.71 0.30 -25.22
C SER A 2004 -2.84 -0.31 -23.83
N ILE A 2005 -2.56 0.50 -22.82
CA ILE A 2005 -2.37 0.02 -21.45
C ILE A 2005 -3.63 -0.65 -20.92
N LYS A 2006 -4.79 -0.09 -21.26
CA LYS A 2006 -6.06 -0.65 -20.80
C LYS A 2006 -6.28 -2.04 -21.35
N ALA A 2007 -5.82 -2.31 -22.58
CA ALA A 2007 -6.02 -3.63 -23.18
C ALA A 2007 -5.31 -4.72 -22.39
N GLU A 2008 -4.05 -4.49 -22.01
CA GLU A 2008 -3.31 -5.55 -21.31
C GLU A 2008 -3.74 -5.67 -19.86
N VAL A 2009 -4.00 -4.55 -19.19
CA VAL A 2009 -4.41 -4.68 -17.78
C VAL A 2009 -5.84 -5.21 -17.69
N MET A 2010 -6.62 -5.02 -18.75
CA MET A 2010 -7.97 -5.52 -18.71
C MET A 2010 -8.02 -7.02 -18.97
N ALA A 2011 -7.20 -7.49 -19.91
CA ALA A 2011 -7.01 -8.92 -20.07
C ALA A 2011 -6.44 -9.55 -18.80
N ASP A 2012 -5.67 -8.78 -18.03
CA ASP A 2012 -5.27 -9.24 -16.70
C ASP A 2012 -6.47 -9.40 -15.79
N THR A 2013 -7.41 -8.44 -15.84
CA THR A 2013 -8.62 -8.56 -15.02
C THR A 2013 -9.47 -9.76 -15.43
N ALA A 2014 -9.34 -10.19 -16.68
CA ALA A 2014 -10.18 -11.28 -17.18
C ALA A 2014 -9.95 -12.57 -16.40
N VAL A 2015 -8.70 -12.94 -16.16
CA VAL A 2015 -8.43 -14.19 -15.46
C VAL A 2015 -8.85 -14.07 -14.00
N ALA A 2016 -8.76 -12.87 -13.43
CA ALA A 2016 -9.25 -12.66 -12.09
C ALA A 2016 -10.75 -12.87 -12.01
N LEU A 2017 -11.47 -12.39 -13.02
CA LEU A 2017 -12.91 -12.60 -13.05
C LEU A 2017 -13.23 -14.08 -13.17
N ALA A 2018 -12.45 -14.79 -13.96
CA ALA A 2018 -12.72 -16.21 -14.14
C ALA A 2018 -12.17 -17.06 -13.01
N SER A 2019 -11.42 -16.47 -12.08
CA SER A 2019 -10.80 -17.24 -11.00
C SER A 2019 -11.84 -17.91 -10.11
N GLY A 2020 -12.92 -17.20 -9.77
CA GLY A 2020 -13.94 -17.77 -8.93
C GLY A 2020 -14.68 -18.90 -9.60
N ASN A 2021 -14.89 -18.80 -10.92
CA ASN A 2021 -15.68 -19.76 -11.66
C ASN A 2021 -15.00 -19.96 -13.02
N VAL A 2022 -14.13 -20.97 -13.09
CA VAL A 2022 -13.31 -21.16 -14.28
C VAL A 2022 -14.15 -21.72 -15.43
N LYS A 2023 -14.98 -22.73 -15.16
CA LYS A 2023 -15.57 -23.49 -16.25
C LYS A 2023 -16.67 -22.71 -16.95
N LEU A 2024 -17.52 -22.03 -16.19
CA LEU A 2024 -18.64 -21.34 -16.80
C LEU A 2024 -18.19 -20.09 -17.55
N VAL A 2025 -17.26 -19.33 -16.96
CA VAL A 2025 -16.73 -18.14 -17.63
C VAL A 2025 -15.94 -18.53 -18.86
N SER A 2026 -15.14 -19.59 -18.75
CA SER A 2026 -14.40 -20.10 -19.90
C SER A 2026 -15.37 -20.55 -20.99
N SER A 2027 -16.45 -21.22 -20.61
CA SER A 2027 -17.45 -21.66 -21.57
C SER A 2027 -18.11 -20.47 -22.26
N LYS A 2028 -18.43 -19.42 -21.52
CA LYS A 2028 -19.03 -18.23 -22.12
C LYS A 2028 -18.08 -17.58 -23.10
N VAL A 2029 -16.80 -17.47 -22.74
CA VAL A 2029 -15.84 -16.81 -23.63
C VAL A 2029 -15.63 -17.64 -24.89
N ILE A 2030 -15.50 -18.96 -24.74
CA ILE A 2030 -15.17 -19.78 -25.89
C ILE A 2030 -16.39 -19.94 -26.79
N GLY A 2031 -17.59 -19.97 -26.21
CA GLY A 2031 -18.80 -19.93 -27.01
C GLY A 2031 -18.96 -18.62 -27.73
N ARG A 2032 -18.53 -17.53 -27.08
CA ARG A 2032 -18.55 -16.23 -27.74
C ARG A 2032 -17.65 -16.22 -28.97
N MET A 2033 -16.44 -16.81 -28.85
CA MET A 2033 -15.61 -17.01 -30.05
C MET A 2033 -16.32 -17.87 -31.09
N CYS A 2034 -17.02 -18.92 -30.66
CA CYS A 2034 -17.70 -19.80 -31.61
C CYS A 2034 -18.75 -19.04 -32.42
N LYS A 2035 -19.58 -18.24 -31.75
CA LYS A 2035 -20.59 -17.47 -32.49
C LYS A 2035 -19.94 -16.38 -33.35
N ILE A 2036 -18.86 -15.76 -32.86
CA ILE A 2036 -18.19 -14.73 -33.65
C ILE A 2036 -17.60 -15.32 -34.93
N ILE A 2037 -17.04 -16.53 -34.84
CA ILE A 2037 -16.62 -17.22 -36.07
C ILE A 2037 -17.82 -17.57 -36.93
N ASP A 2038 -18.90 -18.07 -36.33
CA ASP A 2038 -19.98 -18.67 -37.12
C ASP A 2038 -20.75 -17.62 -37.92
N LYS A 2039 -21.01 -16.46 -37.35
CA LYS A 2039 -21.89 -15.52 -38.05
C LYS A 2039 -21.14 -14.61 -39.01
N THR A 2040 -19.84 -14.84 -39.25
CA THR A 2040 -19.16 -14.10 -40.31
C THR A 2040 -19.57 -14.55 -41.70
N CYS A 2041 -20.21 -15.72 -41.83
CA CYS A 2041 -20.56 -16.24 -43.15
C CYS A 2041 -21.70 -15.45 -43.78
N LEU A 2042 -22.51 -14.79 -42.95
CA LEU A 2042 -23.59 -13.97 -43.48
C LEU A 2042 -23.06 -12.75 -44.22
N SER A 2043 -21.89 -12.26 -43.81
CA SER A 2043 -21.22 -11.17 -44.50
C SER A 2043 -19.83 -11.64 -44.90
N PRO A 2044 -19.70 -12.34 -46.02
CA PRO A 2044 -18.39 -12.88 -46.41
C PRO A 2044 -17.41 -11.80 -46.79
N THR A 2045 -16.15 -12.02 -46.46
CA THR A 2045 -15.05 -11.12 -46.78
C THR A 2045 -13.91 -11.95 -47.34
N PRO A 2046 -13.08 -11.37 -48.22
CA PRO A 2046 -11.94 -12.12 -48.76
C PRO A 2046 -10.96 -12.59 -47.69
N THR A 2047 -10.77 -11.80 -46.65
CA THR A 2047 -9.90 -12.16 -45.54
C THR A 2047 -10.56 -11.63 -44.27
N LEU A 2048 -10.34 -12.36 -43.16
CA LEU A 2048 -10.94 -11.96 -41.89
C LEU A 2048 -10.40 -10.62 -41.40
N GLU A 2049 -9.20 -10.22 -41.85
CA GLU A 2049 -8.68 -8.91 -41.51
C GLU A 2049 -9.51 -7.78 -42.13
N GLN A 2050 -10.01 -8.01 -43.36
CA GLN A 2050 -10.87 -7.01 -43.98
C GLN A 2050 -12.26 -7.01 -43.38
N HIS A 2051 -12.63 -8.09 -42.68
CA HIS A 2051 -13.91 -8.13 -41.99
C HIS A 2051 -13.91 -7.16 -40.82
N LEU A 2052 -15.08 -6.57 -40.56
CA LEU A 2052 -15.22 -5.66 -39.43
C LEU A 2052 -15.15 -6.37 -38.09
N MET A 2053 -15.37 -7.68 -38.07
CA MET A 2053 -15.35 -8.45 -36.83
C MET A 2053 -13.94 -8.92 -36.46
N TRP A 2054 -12.91 -8.39 -37.13
CA TRP A 2054 -11.54 -8.78 -36.81
C TRP A 2054 -11.12 -8.31 -35.43
N ASP A 2055 -11.61 -7.15 -35.01
CA ASP A 2055 -11.26 -6.62 -33.69
C ASP A 2055 -11.76 -7.54 -32.59
N ASP A 2056 -12.95 -8.11 -32.77
CA ASP A 2056 -13.47 -9.09 -31.81
C ASP A 2056 -12.57 -10.32 -31.72
N ILE A 2057 -12.10 -10.80 -32.87
CA ILE A 2057 -11.18 -11.93 -32.91
C ILE A 2057 -9.91 -11.60 -32.13
N ALA A 2058 -9.32 -10.44 -32.43
CA ALA A 2058 -8.03 -10.05 -31.84
C ALA A 2058 -8.16 -9.86 -30.34
N ILE A 2059 -9.26 -9.27 -29.89
CA ILE A 2059 -9.45 -9.06 -28.46
C ILE A 2059 -9.71 -10.39 -27.75
N LEU A 2060 -10.58 -11.23 -28.30
CA LEU A 2060 -11.10 -12.34 -27.51
C LEU A 2060 -10.11 -13.51 -27.52
N ALA A 2061 -9.26 -13.57 -28.55
CA ALA A 2061 -8.14 -14.51 -28.53
C ALA A 2061 -7.17 -14.17 -27.41
N ARG A 2062 -6.99 -12.88 -27.12
CA ARG A 2062 -6.17 -12.47 -25.99
C ARG A 2062 -6.78 -12.95 -24.67
N TYR A 2063 -8.11 -13.00 -24.60
CA TYR A 2063 -8.77 -13.52 -23.41
C TYR A 2063 -8.53 -15.01 -23.22
N MET A 2064 -8.62 -15.80 -24.30
CA MET A 2064 -8.21 -17.21 -24.13
C MET A 2064 -6.72 -17.33 -23.79
N LEU A 2065 -5.89 -16.42 -24.33
CA LEU A 2065 -4.46 -16.50 -24.07
C LEU A 2065 -4.12 -16.28 -22.60
N MET A 2066 -4.73 -15.28 -21.98
CA MET A 2066 -4.58 -15.10 -20.54
C MET A 2066 -5.37 -16.12 -19.74
N LEU A 2067 -6.34 -16.82 -20.33
CA LEU A 2067 -7.17 -17.71 -19.55
C LEU A 2067 -6.70 -19.16 -19.62
N SER A 2068 -5.45 -19.41 -19.96
CA SER A 2068 -5.06 -20.78 -20.26
C SER A 2068 -4.03 -21.34 -19.30
N PHE A 2069 -3.63 -20.58 -18.27
CA PHE A 2069 -2.37 -20.84 -17.59
C PHE A 2069 -2.36 -22.19 -16.89
N ASN A 2070 -3.21 -22.36 -15.90
CA ASN A 2070 -3.35 -23.66 -15.24
C ASN A 2070 -4.83 -24.01 -15.18
N ASN A 2071 -5.31 -24.60 -16.27
CA ASN A 2071 -6.68 -25.12 -16.39
C ASN A 2071 -7.74 -24.05 -16.19
N SER A 2072 -7.41 -22.78 -16.41
CA SER A 2072 -8.42 -21.75 -16.30
C SER A 2072 -9.43 -21.88 -17.43
N LEU A 2073 -8.97 -22.18 -18.64
CA LEU A 2073 -9.85 -22.79 -19.62
C LEU A 2073 -10.12 -24.24 -19.24
N ASP A 2074 -11.38 -24.63 -19.31
CA ASP A 2074 -11.76 -26.00 -19.01
C ASP A 2074 -11.34 -26.88 -20.18
N VAL A 2075 -10.15 -27.46 -20.08
CA VAL A 2075 -9.55 -28.15 -21.22
C VAL A 2075 -10.32 -29.43 -21.56
N ALA A 2076 -10.81 -30.13 -20.54
CA ALA A 2076 -11.56 -31.35 -20.78
C ALA A 2076 -12.88 -31.06 -21.48
N ALA A 2077 -13.56 -30.01 -21.05
CA ALA A 2077 -14.86 -29.68 -21.63
C ALA A 2077 -14.70 -29.02 -22.99
N HIS A 2078 -13.71 -28.14 -23.16
CA HIS A 2078 -13.65 -27.27 -24.32
C HIS A 2078 -12.41 -27.48 -25.19
N LEU A 2079 -11.77 -28.63 -25.10
CA LEU A 2079 -10.61 -28.90 -25.95
C LEU A 2079 -10.85 -28.85 -27.47
N PRO A 2080 -11.90 -29.48 -28.04
CA PRO A 2080 -12.04 -29.40 -29.51
C PRO A 2080 -12.26 -28.00 -30.05
N TYR A 2081 -12.96 -27.15 -29.29
CA TYR A 2081 -13.17 -25.79 -29.74
C TYR A 2081 -11.87 -24.98 -29.68
N LEU A 2082 -11.02 -25.29 -28.69
CA LEU A 2082 -9.69 -24.71 -28.65
C LEU A 2082 -8.88 -25.10 -29.85
N PHE A 2083 -8.91 -26.39 -30.23
CA PHE A 2083 -8.16 -26.82 -31.39
C PHE A 2083 -8.72 -26.21 -32.66
N HIS A 2084 -10.04 -26.00 -32.70
CA HIS A 2084 -10.70 -25.35 -33.82
C HIS A 2084 -10.23 -23.92 -34.01
N VAL A 2085 -10.23 -23.14 -32.92
CA VAL A 2085 -9.85 -21.73 -33.05
C VAL A 2085 -8.34 -21.60 -33.23
N VAL A 2086 -7.57 -22.60 -32.80
CA VAL A 2086 -6.14 -22.63 -33.11
C VAL A 2086 -5.93 -22.86 -34.60
N THR A 2087 -6.63 -23.85 -35.16
CA THR A 2087 -6.45 -24.19 -36.58
C THR A 2087 -6.95 -23.08 -37.49
N PHE A 2088 -7.97 -22.35 -37.05
CA PHE A 2088 -8.47 -21.29 -37.92
C PHE A 2088 -7.70 -20.00 -37.76
N LEU A 2089 -6.72 -19.94 -36.84
CA LEU A 2089 -5.93 -18.75 -36.60
C LEU A 2089 -4.45 -19.07 -36.52
N VAL A 2090 -3.96 -19.89 -37.45
CA VAL A 2090 -2.58 -20.37 -37.35
C VAL A 2090 -1.60 -19.24 -37.68
N ALA A 2091 -1.81 -18.55 -38.80
CA ALA A 2091 -0.89 -17.50 -39.22
C ALA A 2091 -1.64 -16.23 -39.62
N THR A 2092 -2.89 -16.11 -39.22
CA THR A 2092 -3.69 -14.94 -39.56
C THR A 2092 -3.15 -13.71 -38.83
N GLY A 2093 -3.28 -12.56 -39.47
CA GLY A 2093 -2.93 -11.29 -38.87
C GLY A 2093 -1.44 -11.11 -38.71
N PRO A 2094 -1.05 -10.16 -37.86
CA PRO A 2094 0.38 -9.88 -37.67
C PRO A 2094 1.05 -10.93 -36.81
N LEU A 2095 2.33 -10.65 -36.50
CA LEU A 2095 3.14 -11.60 -35.74
C LEU A 2095 2.67 -11.71 -34.29
N SER A 2096 2.04 -10.66 -33.76
CA SER A 2096 1.59 -10.68 -32.39
C SER A 2096 0.47 -11.68 -32.19
N LEU A 2097 -0.47 -11.74 -33.14
CA LEU A 2097 -1.56 -12.71 -33.03
C LEU A 2097 -1.04 -14.12 -33.21
N ARG A 2098 -0.08 -14.32 -34.11
CA ARG A 2098 0.52 -15.64 -34.28
C ARG A 2098 1.29 -16.06 -33.03
N ALA A 2099 1.99 -15.12 -32.41
CA ALA A 2099 2.67 -15.41 -31.15
C ALA A 2099 1.67 -15.77 -30.07
N SER A 2100 0.53 -15.09 -30.06
CA SER A 2100 -0.54 -15.42 -29.12
C SER A 2100 -1.08 -16.82 -29.36
N THR A 2101 -1.25 -17.19 -30.63
CA THR A 2101 -1.73 -18.54 -30.96
C THR A 2101 -0.71 -19.59 -30.53
N HIS A 2102 0.57 -19.33 -30.76
CA HIS A 2102 1.61 -20.27 -30.37
C HIS A 2102 1.67 -20.43 -28.85
N GLY A 2103 1.60 -19.32 -28.12
CA GLY A 2103 1.57 -19.39 -26.67
C GLY A 2103 0.33 -20.08 -26.16
N LEU A 2104 -0.80 -19.92 -26.86
CA LEU A 2104 -2.02 -20.65 -26.54
C LEU A 2104 -1.80 -22.14 -26.66
N VAL A 2105 -1.15 -22.57 -27.74
CA VAL A 2105 -0.87 -23.99 -27.93
C VAL A 2105 0.03 -24.52 -26.81
N ILE A 2106 1.07 -23.75 -26.47
CA ILE A 2106 2.01 -24.17 -25.42
C ILE A 2106 1.30 -24.30 -24.08
N ASN A 2107 0.46 -23.32 -23.74
CA ASN A 2107 -0.23 -23.37 -22.46
C ASN A 2107 -1.25 -24.49 -22.42
N ILE A 2108 -1.93 -24.75 -23.55
CA ILE A 2108 -2.90 -25.83 -23.60
C ILE A 2108 -2.22 -27.17 -23.39
N ILE A 2109 -1.10 -27.41 -24.07
CA ILE A 2109 -0.44 -28.71 -23.94
C ILE A 2109 0.21 -28.85 -22.57
N HIS A 2110 0.60 -27.72 -21.96
CA HIS A 2110 1.19 -27.79 -20.63
C HIS A 2110 0.13 -28.12 -19.57
N SER A 2111 -1.03 -27.47 -19.66
CA SER A 2111 -1.97 -27.46 -18.54
C SER A 2111 -2.64 -28.81 -18.35
N LEU A 2112 -2.79 -29.59 -19.43
CA LEU A 2112 -3.48 -30.87 -19.34
C LEU A 2112 -2.72 -31.86 -18.47
N CYS A 2113 -1.44 -32.04 -18.74
CA CYS A 2113 -0.62 -32.94 -17.94
C CYS A 2113 -0.26 -32.35 -16.59
N THR A 2114 -0.11 -31.02 -16.51
CA THR A 2114 0.16 -30.42 -15.21
C THR A 2114 -1.09 -30.20 -14.38
N CYS A 2115 -2.26 -30.56 -14.89
CA CYS A 2115 -3.45 -30.52 -14.06
C CYS A 2115 -3.38 -31.63 -13.02
N SER A 2116 -3.74 -31.29 -11.78
CA SER A 2116 -3.75 -32.28 -10.73
C SER A 2116 -4.95 -33.22 -10.86
N GLN A 2117 -6.04 -32.73 -11.42
CA GLN A 2117 -7.29 -33.49 -11.45
C GLN A 2117 -7.51 -34.27 -12.74
N LEU A 2118 -6.63 -34.12 -13.74
CA LEU A 2118 -6.86 -34.85 -14.99
C LEU A 2118 -6.32 -36.26 -14.91
N HIS A 2119 -5.05 -36.40 -14.50
CA HIS A 2119 -4.35 -37.69 -14.26
C HIS A 2119 -4.57 -38.71 -15.37
N PHE A 2120 -4.13 -38.36 -16.58
CA PHE A 2120 -4.35 -39.19 -17.74
C PHE A 2120 -3.30 -40.30 -17.81
N SER A 2121 -3.16 -40.90 -19.00
CA SER A 2121 -2.27 -42.04 -19.21
C SER A 2121 -0.84 -41.67 -18.87
N GLU A 2122 -0.26 -42.41 -17.92
CA GLU A 2122 1.08 -42.12 -17.43
C GLU A 2122 2.13 -42.39 -18.50
N GLU A 2123 1.95 -43.46 -19.27
CA GLU A 2123 2.91 -43.83 -20.30
C GLU A 2123 2.94 -42.80 -21.43
N THR A 2124 1.77 -42.29 -21.81
CA THR A 2124 1.70 -41.26 -22.84
C THR A 2124 1.96 -39.86 -22.31
N LYS A 2125 2.16 -39.71 -21.00
CA LYS A 2125 2.59 -38.41 -20.47
C LYS A 2125 3.98 -38.06 -20.98
N GLN A 2126 4.86 -39.07 -21.10
CA GLN A 2126 6.16 -38.85 -21.70
C GLN A 2126 6.02 -38.50 -23.18
N VAL A 2127 5.05 -39.11 -23.85
CA VAL A 2127 4.74 -38.76 -25.24
C VAL A 2127 4.29 -37.31 -25.34
N LEU A 2128 3.49 -36.87 -24.37
CA LEU A 2128 3.06 -35.47 -24.33
C LEU A 2128 4.23 -34.52 -24.11
N ARG A 2129 5.17 -34.92 -23.25
CA ARG A 2129 6.38 -34.13 -23.04
C ARG A 2129 7.21 -34.04 -24.32
N LEU A 2130 7.33 -35.16 -25.03
CA LEU A 2130 8.04 -35.17 -26.31
C LEU A 2130 7.31 -34.31 -27.33
N SER A 2131 5.97 -34.31 -27.30
CA SER A 2131 5.20 -33.46 -28.19
C SER A 2131 5.44 -31.99 -27.88
N LEU A 2132 5.55 -31.65 -26.60
CA LEU A 2132 5.86 -30.28 -26.21
C LEU A 2132 7.25 -29.87 -26.69
N THR A 2133 8.23 -30.75 -26.55
CA THR A 2133 9.57 -30.44 -27.05
C THR A 2133 9.58 -30.33 -28.57
N GLU A 2134 8.75 -31.14 -29.23
CA GLU A 2134 8.61 -31.08 -30.68
C GLU A 2134 8.00 -29.75 -31.12
N PHE A 2135 7.00 -29.28 -30.38
CA PHE A 2135 6.41 -27.98 -30.69
C PHE A 2135 7.35 -26.84 -30.32
N SER A 2136 8.30 -27.10 -29.42
CA SER A 2136 9.30 -26.09 -29.09
C SER A 2136 10.34 -25.93 -30.19
N LEU A 2137 10.37 -26.86 -31.15
CA LEU A 2137 11.38 -26.81 -32.19
C LEU A 2137 11.10 -25.65 -33.16
N PRO A 2138 12.14 -24.99 -33.65
CA PRO A 2138 11.93 -23.83 -34.55
C PRO A 2138 11.33 -24.19 -35.90
N LYS A 2139 11.33 -25.47 -36.29
CA LYS A 2139 10.66 -25.82 -37.54
C LYS A 2139 9.15 -25.73 -37.36
N PHE A 2140 8.64 -26.04 -36.16
CA PHE A 2140 7.25 -25.71 -35.87
C PHE A 2140 7.03 -24.21 -35.80
N TYR A 2141 8.05 -23.44 -35.38
CA TYR A 2141 7.93 -21.99 -35.40
C TYR A 2141 7.74 -21.49 -36.83
N LEU A 2142 8.47 -22.08 -37.77
CA LEU A 2142 8.25 -21.80 -39.18
C LEU A 2142 6.89 -22.31 -39.65
N LEU A 2143 6.41 -23.41 -39.05
CA LEU A 2143 5.11 -23.96 -39.41
C LEU A 2143 3.98 -22.99 -39.06
N PHE A 2144 4.05 -22.36 -37.89
CA PHE A 2144 3.04 -21.36 -37.57
C PHE A 2144 3.30 -20.03 -38.26
N GLY A 2145 4.44 -19.87 -38.91
CA GLY A 2145 4.71 -18.70 -39.71
C GLY A 2145 5.47 -17.60 -39.01
N ILE A 2146 6.01 -17.85 -37.82
CA ILE A 2146 6.81 -16.86 -37.11
C ILE A 2146 8.28 -17.16 -37.35
N SER A 2147 9.01 -16.15 -37.83
CA SER A 2147 10.42 -16.27 -38.12
C SER A 2147 11.14 -15.13 -37.44
N LYS A 2148 12.47 -15.23 -37.38
CA LYS A 2148 13.41 -14.28 -36.76
C LYS A 2148 13.12 -14.03 -35.28
N VAL A 2149 12.26 -14.84 -34.67
CA VAL A 2149 11.78 -14.61 -33.31
C VAL A 2149 12.86 -15.05 -32.33
N LYS A 2150 13.27 -14.13 -31.46
CA LYS A 2150 14.23 -14.47 -30.42
C LYS A 2150 13.61 -15.36 -29.36
N SER A 2151 12.42 -15.01 -28.88
CA SER A 2151 11.73 -15.78 -27.85
C SER A 2151 10.24 -15.68 -28.07
N ALA A 2152 9.54 -16.81 -27.96
CA ALA A 2152 8.10 -16.83 -28.20
C ALA A 2152 7.35 -16.16 -27.06
N ALA A 2153 7.82 -16.33 -25.83
CA ALA A 2153 7.11 -15.77 -24.67
C ALA A 2153 7.24 -14.26 -24.62
N VAL A 2154 8.42 -13.73 -25.00
CA VAL A 2154 8.69 -12.31 -24.82
C VAL A 2154 7.86 -11.47 -25.80
N ILE A 2155 7.80 -11.90 -27.06
CA ILE A 2155 7.22 -11.05 -28.11
C ILE A 2155 5.71 -10.93 -27.96
N ALA A 2156 5.09 -11.86 -27.24
CA ALA A 2156 3.66 -11.76 -26.98
C ALA A 2156 3.35 -10.56 -26.09
N PHE A 2157 4.18 -10.33 -25.08
CA PHE A 2157 4.00 -9.19 -24.18
C PHE A 2157 4.99 -8.06 -24.46
N ARG A 2158 5.83 -8.21 -25.49
CA ARG A 2158 6.74 -7.13 -25.86
C ARG A 2158 5.97 -5.97 -26.47
N SER A 2159 4.87 -6.26 -27.17
CA SER A 2159 4.04 -5.20 -27.74
C SER A 2159 3.35 -4.39 -26.65
N SER A 2160 3.17 -4.99 -25.47
CA SER A 2160 2.63 -4.26 -24.34
C SER A 2160 3.58 -3.16 -23.87
N TYR A 2161 4.88 -3.46 -23.84
CA TYR A 2161 5.87 -2.46 -23.43
C TYR A 2161 7.12 -2.57 -24.27
N GLU A 2172 1.49 -10.06 -41.51
CA GLU A 2172 0.41 -10.02 -42.49
C GLU A 2172 0.97 -10.09 -43.91
N ARG A 2173 2.21 -9.61 -44.06
CA ARG A 2173 2.82 -9.52 -45.38
C ARG A 2173 3.15 -10.90 -45.95
N GLU A 2174 3.67 -11.79 -45.12
CA GLU A 2174 4.05 -13.12 -45.59
C GLU A 2174 2.80 -13.96 -45.86
N THR A 2175 2.83 -14.66 -46.99
CA THR A 2175 1.71 -15.51 -47.37
C THR A 2175 1.70 -16.79 -46.54
N PHE A 2176 0.57 -17.47 -46.57
CA PHE A 2176 0.42 -18.75 -45.90
C PHE A 2176 0.09 -19.84 -46.93
N ALA A 2177 0.72 -20.99 -46.74
CA ALA A 2177 0.44 -22.17 -47.54
C ALA A 2177 -0.39 -23.13 -46.71
N LEU A 2178 -1.53 -23.56 -47.26
CA LEU A 2178 -2.40 -24.47 -46.54
C LEU A 2178 -1.83 -25.88 -46.52
N THR A 2179 -0.74 -26.11 -47.27
CA THR A 2179 -0.06 -27.40 -47.22
C THR A 2179 0.76 -27.54 -45.94
N SER A 2180 1.01 -26.44 -45.24
CA SER A 2180 1.78 -26.51 -44.00
C SER A 2180 0.88 -26.82 -42.81
N LEU A 2181 -0.43 -26.66 -42.97
CA LEU A 2181 -1.37 -26.79 -41.86
C LEU A 2181 -1.60 -28.25 -41.49
N GLU A 2182 -1.28 -29.18 -42.40
CA GLU A 2182 -1.58 -30.58 -42.18
C GLU A 2182 -0.82 -31.14 -40.99
N THR A 2183 0.52 -31.09 -41.03
CA THR A 2183 1.32 -31.70 -39.97
C THR A 2183 1.04 -31.07 -38.61
N VAL A 2184 0.60 -29.81 -38.59
CA VAL A 2184 0.09 -29.22 -37.36
C VAL A 2184 -1.20 -29.93 -36.92
N THR A 2185 -2.12 -30.19 -37.86
CA THR A 2185 -3.38 -30.83 -37.49
C THR A 2185 -3.16 -32.27 -37.02
N GLU A 2186 -2.29 -33.03 -37.69
CA GLU A 2186 -2.04 -34.39 -37.21
C GLU A 2186 -1.11 -34.41 -36.00
N ALA A 2187 -0.39 -33.33 -35.73
CA ALA A 2187 0.29 -33.24 -34.44
C ALA A 2187 -0.72 -33.10 -33.31
N LEU A 2188 -1.70 -32.23 -33.51
CA LEU A 2188 -2.80 -32.11 -32.56
C LEU A 2188 -3.58 -33.42 -32.47
N LEU A 2189 -3.74 -34.12 -33.60
CA LEU A 2189 -4.42 -35.41 -33.60
C LEU A 2189 -3.64 -36.46 -32.81
N GLU A 2190 -2.31 -36.47 -32.94
CA GLU A 2190 -1.50 -37.42 -32.19
C GLU A 2190 -1.60 -37.16 -30.69
N ILE A 2191 -1.54 -35.88 -30.31
CA ILE A 2191 -1.76 -35.52 -28.91
C ILE A 2191 -3.16 -35.92 -28.46
N MET A 2192 -4.14 -35.73 -29.34
CA MET A 2192 -5.51 -36.08 -29.04
C MET A 2192 -5.67 -37.58 -28.78
N GLU A 2193 -5.06 -38.40 -29.65
CA GLU A 2193 -5.14 -39.85 -29.50
C GLU A 2193 -4.34 -40.33 -28.28
N ALA A 2194 -3.33 -39.57 -27.87
CA ALA A 2194 -2.67 -39.87 -26.60
C ALA A 2194 -3.62 -39.61 -25.43
N CYS A 2195 -4.42 -38.53 -25.53
CA CYS A 2195 -5.33 -38.18 -24.46
C CYS A 2195 -6.60 -39.04 -24.46
N MET A 2196 -6.88 -39.71 -25.58
CA MET A 2196 -8.08 -40.54 -25.68
C MET A 2196 -8.08 -41.73 -24.74
N ARG A 2197 -6.91 -42.15 -24.25
CA ARG A 2197 -6.75 -43.54 -23.85
C ARG A 2197 -7.39 -43.81 -22.50
N ASP A 2198 -7.06 -42.99 -21.50
CA ASP A 2198 -7.41 -43.34 -20.12
C ASP A 2198 -8.90 -43.22 -19.87
N ILE A 2199 -9.52 -42.16 -20.38
CA ILE A 2199 -10.90 -41.85 -20.00
C ILE A 2199 -11.87 -42.85 -20.62
N PRO A 2200 -12.68 -43.54 -19.83
CA PRO A 2200 -13.80 -44.28 -20.41
C PRO A 2200 -14.84 -43.31 -20.93
N THR A 2201 -15.42 -43.66 -22.07
CA THR A 2201 -16.36 -42.81 -22.81
C THR A 2201 -15.72 -41.44 -23.05
N CYS A 2202 -14.63 -41.47 -23.82
CA CYS A 2202 -13.83 -40.28 -24.04
C CYS A 2202 -14.59 -39.22 -24.86
N LYS A 2203 -14.97 -39.55 -26.10
CA LYS A 2203 -15.95 -38.82 -26.90
C LYS A 2203 -15.61 -37.34 -27.17
N TRP A 2204 -14.37 -37.01 -27.52
CA TRP A 2204 -14.13 -35.66 -28.03
C TRP A 2204 -14.09 -35.64 -29.55
N LEU A 2205 -13.81 -36.78 -30.17
CA LEU A 2205 -13.61 -36.83 -31.62
C LEU A 2205 -14.91 -36.62 -32.39
N ASP A 2206 -16.01 -37.15 -31.87
CA ASP A 2206 -17.30 -37.01 -32.54
C ASP A 2206 -17.79 -35.57 -32.51
N GLN A 2207 -17.55 -34.88 -31.39
CA GLN A 2207 -17.83 -33.45 -31.32
C GLN A 2207 -16.88 -32.67 -32.21
N TRP A 2208 -15.63 -33.11 -32.30
CA TRP A 2208 -14.59 -32.35 -32.98
C TRP A 2208 -14.71 -32.44 -34.50
N THR A 2209 -15.33 -33.51 -35.00
CA THR A 2209 -15.57 -33.59 -36.44
C THR A 2209 -16.67 -32.62 -36.89
N GLU A 2210 -17.76 -32.57 -36.13
CA GLU A 2210 -18.96 -31.84 -36.56
C GLU A 2210 -18.72 -30.35 -36.61
N LEU A 2211 -17.82 -29.84 -35.77
CA LEU A 2211 -17.49 -28.42 -35.80
C LEU A 2211 -16.76 -28.05 -37.10
N ALA A 2212 -15.92 -28.95 -37.61
CA ALA A 2212 -15.22 -28.68 -38.86
C ALA A 2212 -16.15 -28.83 -40.05
N GLN A 2213 -17.11 -29.77 -39.98
CA GLN A 2213 -17.96 -30.07 -41.14
C GLN A 2213 -18.76 -28.87 -41.61
N ARG A 2214 -19.40 -28.16 -40.68
CA ARG A 2214 -20.36 -27.12 -41.05
C ARG A 2214 -19.66 -25.92 -41.66
N PHE A 2215 -18.49 -25.57 -41.15
CA PHE A 2215 -17.71 -24.50 -41.77
C PHE A 2215 -17.10 -24.96 -43.07
N ALA A 2216 -16.86 -26.28 -43.21
CA ALA A 2216 -16.35 -26.79 -44.47
C ALA A 2216 -17.40 -26.73 -45.58
N PHE A 2217 -18.67 -26.90 -45.24
CA PHE A 2217 -19.71 -27.07 -46.25
C PHE A 2217 -20.59 -25.83 -46.37
N GLN A 2218 -19.99 -24.65 -46.32
CA GLN A 2218 -20.71 -23.41 -46.53
C GLN A 2218 -19.78 -22.41 -47.20
N TYR A 2219 -20.37 -21.47 -47.94
CA TYR A 2219 -19.59 -20.55 -48.76
C TYR A 2219 -18.85 -19.52 -47.91
N ASN A 2220 -17.54 -19.38 -48.18
CA ASN A 2220 -16.74 -18.30 -47.63
C ASN A 2220 -15.49 -18.17 -48.49
N PRO A 2221 -15.02 -16.94 -48.74
CA PRO A 2221 -13.79 -16.79 -49.53
C PRO A 2221 -12.55 -17.40 -48.88
N SER A 2222 -12.43 -17.33 -47.56
CA SER A 2222 -11.21 -17.77 -46.88
C SER A 2222 -11.43 -18.82 -45.81
N LEU A 2223 -12.52 -18.74 -45.06
CA LEU A 2223 -12.75 -19.70 -43.98
C LEU A 2223 -13.12 -21.07 -44.51
N GLN A 2224 -13.85 -21.10 -45.62
CA GLN A 2224 -14.30 -22.37 -46.20
C GLN A 2224 -13.15 -23.28 -46.68
N PRO A 2225 -12.13 -22.82 -47.44
CA PRO A 2225 -11.06 -23.76 -47.83
C PRO A 2225 -10.24 -24.29 -46.65
N ARG A 2226 -9.94 -23.42 -45.68
CA ARG A 2226 -9.23 -23.86 -44.48
C ARG A 2226 -10.06 -24.86 -43.71
N ALA A 2227 -11.38 -24.63 -43.64
CA ALA A 2227 -12.27 -25.58 -42.97
C ALA A 2227 -12.35 -26.90 -43.71
N LEU A 2228 -12.30 -26.87 -45.04
CA LEU A 2228 -12.22 -28.11 -45.82
C LEU A 2228 -10.93 -28.87 -45.54
N VAL A 2229 -9.80 -28.17 -45.45
CA VAL A 2229 -8.52 -28.82 -45.16
C VAL A 2229 -8.56 -29.47 -43.79
N VAL A 2230 -9.08 -28.72 -42.80
CA VAL A 2230 -9.20 -29.26 -41.44
C VAL A 2230 -10.15 -30.45 -41.40
N PHE A 2231 -11.28 -30.34 -42.10
CA PHE A 2231 -12.26 -31.42 -42.13
C PHE A 2231 -11.67 -32.68 -42.75
N GLY A 2232 -10.88 -32.52 -43.82
CA GLY A 2232 -10.21 -33.66 -44.41
C GLY A 2232 -9.20 -34.29 -43.46
N CYS A 2233 -8.42 -33.44 -42.77
CA CYS A 2233 -7.42 -33.97 -41.83
C CYS A 2233 -8.06 -34.69 -40.67
N ILE A 2234 -9.23 -34.22 -40.21
CA ILE A 2234 -9.84 -34.75 -39.00
C ILE A 2234 -10.69 -35.98 -39.31
N SER A 2235 -11.31 -36.02 -40.49
CA SER A 2235 -12.37 -36.98 -40.79
C SER A 2235 -11.90 -38.43 -40.69
N LYS A 2236 -12.63 -39.22 -39.92
CA LYS A 2236 -12.34 -40.64 -39.72
C LYS A 2236 -13.29 -41.55 -40.50
N ARG A 2237 -14.19 -40.97 -41.30
CA ARG A 2237 -15.08 -41.73 -42.15
C ARG A 2237 -15.15 -41.05 -43.52
N VAL A 2238 -15.37 -41.85 -44.55
CA VAL A 2238 -15.42 -41.37 -45.93
C VAL A 2238 -16.83 -41.61 -46.48
N SER A 2239 -17.32 -40.62 -47.24
CA SER A 2239 -18.61 -40.73 -47.89
C SER A 2239 -18.49 -40.20 -49.31
N HIS A 2240 -19.40 -40.67 -50.17
CA HIS A 2240 -19.34 -40.33 -51.58
C HIS A 2240 -19.86 -38.92 -51.84
N GLY A 2241 -20.84 -38.46 -51.06
CA GLY A 2241 -21.42 -37.14 -51.29
C GLY A 2241 -20.44 -36.02 -51.04
N GLN A 2242 -19.52 -36.22 -50.10
CA GLN A 2242 -18.50 -35.23 -49.80
C GLN A 2242 -17.60 -34.99 -51.01
N ILE A 2243 -17.23 -36.06 -51.70
CA ILE A 2243 -16.33 -35.97 -52.84
C ILE A 2243 -16.98 -35.20 -53.99
N LYS A 2244 -18.23 -35.52 -54.32
CA LYS A 2244 -18.89 -34.79 -55.40
C LYS A 2244 -19.19 -33.35 -54.99
N GLN A 2245 -19.41 -33.11 -53.69
CA GLN A 2245 -19.59 -31.74 -53.21
C GLN A 2245 -18.32 -30.92 -53.41
N ILE A 2246 -17.17 -31.46 -53.04
CA ILE A 2246 -15.93 -30.70 -53.18
C ILE A 2246 -15.49 -30.64 -54.64
N ILE A 2247 -15.97 -31.57 -55.46
CA ILE A 2247 -15.78 -31.46 -56.91
C ILE A 2247 -16.57 -30.27 -57.47
N ARG A 2248 -17.82 -30.12 -57.03
CA ARG A 2248 -18.60 -28.93 -57.39
C ARG A 2248 -17.93 -27.65 -56.91
N ILE A 2249 -17.31 -27.72 -55.73
CA ILE A 2249 -16.58 -26.57 -55.19
C ILE A 2249 -15.44 -26.16 -56.10
N LEU A 2250 -14.62 -27.15 -56.54
CA LEU A 2250 -13.51 -26.80 -57.42
C LEU A 2250 -14.02 -26.35 -58.78
N SER A 2251 -15.15 -26.88 -59.22
CA SER A 2251 -15.72 -26.45 -60.50
C SER A 2251 -16.13 -24.98 -60.46
N LYS A 2252 -16.90 -24.59 -59.44
CA LYS A 2252 -17.29 -23.19 -59.26
C LYS A 2252 -16.05 -22.31 -59.10
N ALA A 2253 -15.02 -22.83 -58.44
CA ALA A 2253 -13.74 -22.15 -58.37
C ALA A 2253 -13.14 -21.96 -59.75
N LEU A 2254 -13.31 -22.94 -60.64
CA LEU A 2254 -12.77 -22.81 -61.99
C LEU A 2254 -13.48 -21.72 -62.79
N GLU A 2255 -14.82 -21.65 -62.69
CA GLU A 2255 -15.49 -20.55 -63.39
C GLU A 2255 -15.15 -19.21 -62.76
N SER A 2256 -14.76 -19.21 -61.48
CA SER A 2256 -14.19 -17.99 -60.91
C SER A 2256 -12.83 -17.68 -61.52
N CYS A 2257 -12.01 -18.70 -61.75
CA CYS A 2257 -10.61 -18.48 -62.12
C CYS A 2257 -10.46 -18.05 -63.57
N LEU A 2258 -11.33 -18.52 -64.47
CA LEU A 2258 -11.21 -18.11 -65.87
C LEU A 2258 -11.40 -16.60 -66.06
N LYS A 2259 -12.35 -16.00 -65.37
CA LYS A 2259 -12.64 -14.58 -65.57
C LYS A 2259 -12.17 -13.71 -64.42
N GLY A 2260 -11.40 -14.24 -63.48
CA GLY A 2260 -10.95 -13.46 -62.36
C GLY A 2260 -9.45 -13.23 -62.36
N PRO A 2261 -9.05 -11.96 -62.19
CA PRO A 2261 -7.60 -11.66 -62.17
C PRO A 2261 -6.88 -12.19 -60.94
N ASP A 2262 -7.41 -11.94 -59.74
CA ASP A 2262 -6.82 -12.40 -58.48
C ASP A 2262 -7.67 -13.49 -57.84
N THR A 2263 -7.46 -14.73 -58.32
CA THR A 2263 -8.23 -15.89 -57.87
C THR A 2263 -7.37 -16.88 -57.11
N TYR A 2264 -6.58 -16.40 -56.14
CA TYR A 2264 -5.78 -17.30 -55.34
C TYR A 2264 -6.64 -18.18 -54.46
N ASN A 2265 -7.71 -17.60 -53.87
CA ASN A 2265 -8.55 -18.33 -52.95
C ASN A 2265 -9.31 -19.46 -53.64
N SER A 2266 -9.79 -19.21 -54.85
CA SER A 2266 -10.48 -20.26 -55.60
C SER A 2266 -9.51 -21.38 -55.99
N GLN A 2267 -8.23 -21.03 -56.20
CA GLN A 2267 -7.23 -22.07 -56.42
C GLN A 2267 -7.00 -22.88 -55.15
N VAL A 2268 -6.84 -22.19 -54.01
CA VAL A 2268 -6.62 -22.85 -52.73
C VAL A 2268 -7.79 -23.75 -52.37
N LEU A 2269 -8.99 -23.41 -52.84
CA LEU A 2269 -10.11 -24.36 -52.82
C LEU A 2269 -9.76 -25.65 -53.54
N ILE A 2270 -9.06 -25.56 -54.67
CA ILE A 2270 -8.80 -26.75 -55.47
C ILE A 2270 -7.71 -27.61 -54.82
N GLU A 2271 -6.64 -26.98 -54.31
CA GLU A 2271 -5.67 -27.77 -53.54
C GLU A 2271 -6.28 -28.34 -52.27
N ALA A 2272 -7.22 -27.61 -51.66
CA ALA A 2272 -7.94 -28.14 -50.49
C ALA A 2272 -8.76 -29.36 -50.87
N THR A 2273 -9.37 -29.32 -52.06
CA THR A 2273 -10.11 -30.46 -52.57
C THR A 2273 -9.19 -31.67 -52.78
N VAL A 2274 -8.02 -31.43 -53.36
CA VAL A 2274 -7.06 -32.52 -53.59
C VAL A 2274 -6.61 -33.13 -52.28
N ILE A 2275 -6.30 -32.29 -51.29
CA ILE A 2275 -5.88 -32.79 -49.98
C ILE A 2275 -7.02 -33.55 -49.31
N ALA A 2276 -8.26 -33.08 -49.51
CA ALA A 2276 -9.43 -33.79 -48.97
C ALA A 2276 -9.56 -35.18 -49.56
N LEU A 2277 -9.35 -35.30 -50.88
CA LEU A 2277 -9.40 -36.63 -51.50
C LEU A 2277 -8.26 -37.53 -51.03
N THR A 2278 -7.06 -36.95 -50.87
CA THR A 2278 -5.93 -37.74 -50.37
C THR A 2278 -6.19 -38.26 -48.96
N LYS A 2279 -6.89 -37.46 -48.15
CA LYS A 2279 -7.23 -37.91 -46.80
C LYS A 2279 -8.37 -38.92 -46.83
N LEU A 2280 -9.30 -38.77 -47.76
CA LEU A 2280 -10.49 -39.61 -47.76
C LEU A 2280 -10.21 -41.01 -48.30
N GLN A 2281 -9.28 -41.14 -49.25
CA GLN A 2281 -9.12 -42.45 -49.90
C GLN A 2281 -8.57 -43.58 -49.02
N PRO A 2282 -7.72 -43.38 -47.99
CA PRO A 2282 -7.35 -44.54 -47.15
C PRO A 2282 -8.51 -45.11 -46.35
N LEU A 2283 -9.55 -44.32 -46.09
CA LEU A 2283 -10.68 -44.77 -45.30
C LEU A 2283 -11.70 -45.55 -46.14
N LEU A 2284 -11.45 -45.73 -47.43
CA LEU A 2284 -12.42 -46.32 -48.34
C LEU A 2284 -12.62 -47.81 -48.06
N ASN A 2285 -13.39 -48.44 -48.95
CA ASN A 2285 -13.87 -49.81 -48.77
C ASN A 2285 -13.42 -50.68 -49.93
N LYS A 2286 -14.05 -51.86 -50.02
CA LYS A 2286 -13.64 -53.05 -50.79
C LYS A 2286 -13.18 -52.67 -52.20
N ASP A 2287 -14.04 -52.14 -53.08
CA ASP A 2287 -13.61 -51.59 -54.37
C ASP A 2287 -14.68 -50.59 -54.84
N SER A 2288 -14.43 -49.31 -54.62
CA SER A 2288 -15.28 -48.30 -55.20
C SER A 2288 -14.67 -47.81 -56.51
N PRO A 2289 -15.49 -47.31 -57.44
CA PRO A 2289 -14.94 -46.68 -58.65
C PRO A 2289 -14.12 -45.45 -58.36
N LEU A 2290 -14.36 -44.79 -57.22
CA LEU A 2290 -13.61 -43.59 -56.83
C LEU A 2290 -12.12 -43.90 -56.71
N HIS A 2291 -11.78 -45.15 -56.37
CA HIS A 2291 -10.39 -45.59 -56.30
C HIS A 2291 -9.64 -45.29 -57.59
N LYS A 2292 -10.33 -45.42 -58.73
CA LYS A 2292 -9.74 -45.02 -60.00
C LYS A 2292 -9.91 -43.52 -60.22
N ALA A 2293 -11.08 -42.98 -59.87
CA ALA A 2293 -11.50 -41.66 -60.33
C ALA A 2293 -10.61 -40.56 -59.79
N LEU A 2294 -10.06 -40.74 -58.59
CA LEU A 2294 -9.14 -39.76 -58.02
C LEU A 2294 -7.91 -39.58 -58.90
N PHE A 2295 -7.37 -40.69 -59.42
CA PHE A 2295 -6.31 -40.61 -60.41
C PHE A 2295 -6.70 -39.67 -61.55
N TRP A 2296 -7.93 -39.85 -62.06
CA TRP A 2296 -8.39 -39.04 -63.17
C TRP A 2296 -8.48 -37.57 -62.78
N VAL A 2297 -8.97 -37.26 -61.58
CA VAL A 2297 -9.09 -35.84 -61.26
C VAL A 2297 -7.70 -35.26 -61.04
N ALA A 2298 -6.78 -36.12 -60.57
CA ALA A 2298 -5.37 -35.73 -60.48
C ALA A 2298 -4.81 -35.41 -61.86
N VAL A 2299 -5.21 -36.19 -62.86
CA VAL A 2299 -4.82 -35.89 -64.23
C VAL A 2299 -5.37 -34.54 -64.65
N ALA A 2300 -6.61 -34.23 -64.27
CA ALA A 2300 -7.15 -32.89 -64.50
C ALA A 2300 -6.35 -31.87 -63.72
N VAL A 2301 -5.95 -32.24 -62.50
CA VAL A 2301 -5.05 -31.42 -61.70
C VAL A 2301 -3.71 -31.26 -62.42
N LEU A 2302 -3.27 -32.31 -63.11
CA LEU A 2302 -2.03 -32.23 -63.90
C LEU A 2302 -2.22 -31.30 -65.09
N GLN A 2303 -3.46 -31.11 -65.55
CA GLN A 2303 -3.69 -30.32 -66.75
C GLN A 2303 -3.66 -28.82 -66.46
N LEU A 2304 -3.92 -28.43 -65.21
CA LEU A 2304 -3.95 -27.00 -64.88
C LEU A 2304 -2.56 -26.44 -64.66
N ASP A 2305 -1.56 -27.32 -64.53
CA ASP A 2305 -0.12 -27.02 -64.37
C ASP A 2305 0.17 -25.95 -63.30
N GLU A 2306 -0.68 -25.85 -62.28
CA GLU A 2306 -0.36 -25.01 -61.14
C GLU A 2306 0.61 -25.75 -60.22
N VAL A 2307 1.56 -25.00 -59.66
CA VAL A 2307 2.72 -25.61 -59.00
C VAL A 2307 2.30 -26.39 -57.76
N ASN A 2308 1.38 -25.84 -56.96
CA ASN A 2308 0.94 -26.54 -55.76
C ASN A 2308 0.03 -27.71 -56.09
N LEU A 2309 -0.85 -27.52 -57.09
CA LEU A 2309 -1.65 -28.63 -57.57
C LEU A 2309 -0.79 -29.74 -58.15
N TYR A 2310 0.22 -29.38 -58.94
CA TYR A 2310 1.13 -30.37 -59.50
C TYR A 2310 1.91 -31.07 -58.40
N SER A 2311 2.21 -30.34 -57.32
CA SER A 2311 2.88 -30.93 -56.17
C SER A 2311 2.00 -31.99 -55.52
N ALA A 2312 0.74 -31.64 -55.25
CA ALA A 2312 -0.14 -32.55 -54.53
C ALA A 2312 -0.60 -33.71 -55.40
N GLY A 2313 -0.66 -33.50 -56.71
CA GLY A 2313 -1.19 -34.52 -57.60
C GLY A 2313 -0.31 -35.76 -57.66
N THR A 2314 1.01 -35.57 -57.66
CA THR A 2314 1.92 -36.72 -57.71
C THR A 2314 1.85 -37.55 -56.44
N ALA A 2315 1.72 -36.90 -55.28
CA ALA A 2315 1.53 -37.64 -54.03
C ALA A 2315 0.20 -38.38 -54.04
N LEU A 2316 -0.87 -37.72 -54.51
CA LEU A 2316 -2.16 -38.38 -54.70
C LEU A 2316 -2.03 -39.62 -55.57
N LEU A 2317 -1.29 -39.51 -56.67
CA LEU A 2317 -0.95 -40.67 -57.49
C LEU A 2317 -0.23 -41.73 -56.66
N GLU A 2318 0.69 -41.30 -55.78
CA GLU A 2318 1.47 -42.27 -55.01
C GLU A 2318 0.59 -43.17 -54.16
N GLN A 2319 -0.28 -42.59 -53.31
CA GLN A 2319 -1.01 -43.56 -52.47
C GLN A 2319 -2.23 -44.13 -53.19
N ASN A 2320 -2.74 -43.52 -54.27
CA ASN A 2320 -3.83 -44.23 -54.95
C ASN A 2320 -3.29 -45.44 -55.72
N LEU A 2321 -2.12 -45.31 -56.34
CA LEU A 2321 -1.49 -46.48 -56.96
C LEU A 2321 -1.09 -47.50 -55.91
N HIS A 2322 -0.65 -47.05 -54.73
CA HIS A 2322 -0.32 -47.99 -53.66
C HIS A 2322 -1.54 -48.76 -53.19
N THR A 2323 -2.68 -48.08 -52.98
CA THR A 2323 -3.89 -48.76 -52.54
C THR A 2323 -4.43 -49.69 -53.62
N LEU A 2324 -4.38 -49.26 -54.88
CA LEU A 2324 -4.87 -50.12 -55.97
C LEU A 2324 -3.97 -51.33 -56.17
N ASP A 2325 -2.67 -51.18 -55.94
CA ASP A 2325 -1.77 -52.33 -56.03
C ASP A 2325 -1.97 -53.26 -54.84
N SER A 2326 -2.31 -52.72 -53.67
CA SER A 2326 -2.64 -53.55 -52.53
C SER A 2326 -3.93 -54.34 -52.77
N LEU A 2327 -4.90 -53.72 -53.45
CA LEU A 2327 -6.16 -54.40 -53.72
C LEU A 2327 -6.15 -55.16 -55.04
N ARG A 2328 -4.98 -55.29 -55.68
CA ARG A 2328 -4.72 -56.20 -56.80
C ARG A 2328 -5.53 -55.82 -58.05
N ILE A 2329 -5.75 -54.53 -58.28
CA ILE A 2329 -6.29 -54.11 -59.57
C ILE A 2329 -5.23 -54.25 -60.66
N PHE A 2330 -4.01 -53.81 -60.37
CA PHE A 2330 -3.02 -53.64 -61.43
C PHE A 2330 -2.32 -54.96 -61.75
N ASN A 2331 -2.47 -55.97 -60.90
CA ASN A 2331 -1.92 -57.29 -61.23
C ASN A 2331 -2.73 -57.96 -62.32
N ASP A 2332 -4.05 -57.77 -62.30
CA ASP A 2332 -4.92 -58.39 -63.29
C ASP A 2332 -4.75 -57.73 -64.66
N LYS A 2333 -4.73 -56.41 -64.69
CA LYS A 2333 -4.65 -55.65 -65.94
C LYS A 2333 -3.72 -54.47 -65.77
N SER A 2334 -3.14 -54.01 -66.87
CA SER A 2334 -2.18 -52.91 -66.83
C SER A 2334 -2.92 -51.62 -66.48
N PRO A 2335 -2.21 -50.62 -65.93
CA PRO A 2335 -2.83 -49.31 -65.76
C PRO A 2335 -3.35 -48.71 -67.05
N GLU A 2336 -2.61 -48.92 -68.15
CA GLU A 2336 -3.05 -48.44 -69.46
C GLU A 2336 -4.39 -49.05 -69.86
N GLU A 2337 -4.52 -50.36 -69.73
CA GLU A 2337 -5.74 -51.05 -70.16
C GLU A 2337 -6.96 -50.62 -69.34
N VAL A 2338 -6.84 -50.65 -68.01
CA VAL A 2338 -7.98 -50.31 -67.16
C VAL A 2338 -8.33 -48.84 -67.29
N PHE A 2339 -7.32 -47.99 -67.52
CA PHE A 2339 -7.60 -46.56 -67.58
C PHE A 2339 -8.24 -46.18 -68.91
N MET A 2340 -7.84 -46.81 -70.02
CA MET A 2340 -8.61 -46.60 -71.25
C MET A 2340 -9.99 -47.23 -71.18
N ALA A 2341 -10.13 -48.32 -70.40
CA ALA A 2341 -11.44 -48.93 -70.21
C ALA A 2341 -12.39 -47.99 -69.47
N ILE A 2342 -11.88 -47.29 -68.47
CA ILE A 2342 -12.69 -46.29 -67.78
C ILE A 2342 -12.93 -45.08 -68.67
N ARG A 2343 -11.89 -44.64 -69.41
CA ARG A 2343 -11.94 -43.35 -70.09
C ARG A 2343 -12.84 -43.40 -71.33
N ASN A 2344 -12.84 -44.52 -72.05
CA ASN A 2344 -13.52 -44.60 -73.34
C ASN A 2344 -15.03 -44.32 -73.31
N PRO A 2345 -15.82 -44.73 -72.30
CA PRO A 2345 -17.24 -44.33 -72.31
C PRO A 2345 -17.47 -42.82 -72.25
N LEU A 2346 -16.55 -42.06 -71.65
CA LEU A 2346 -16.70 -40.61 -71.55
C LEU A 2346 -15.58 -39.84 -72.25
N GLU A 2347 -14.85 -40.48 -73.17
CA GLU A 2347 -13.70 -39.81 -73.76
C GLU A 2347 -14.09 -38.85 -74.87
N TRP A 2348 -15.40 -38.63 -75.10
CA TRP A 2348 -15.86 -37.81 -76.22
C TRP A 2348 -15.33 -36.39 -76.13
N HIS A 2349 -15.53 -35.73 -74.99
CA HIS A 2349 -14.92 -34.44 -74.79
C HIS A 2349 -13.44 -34.57 -74.46
N CYS A 2350 -13.03 -35.74 -73.94
CA CYS A 2350 -11.63 -35.93 -73.58
C CYS A 2350 -10.76 -36.06 -74.82
N LYS A 2351 -11.32 -36.50 -75.95
CA LYS A 2351 -10.55 -36.56 -77.18
C LYS A 2351 -10.18 -35.16 -77.67
N GLN A 2352 -11.16 -34.25 -77.75
CA GLN A 2352 -10.87 -32.89 -78.18
C GLN A 2352 -10.11 -32.13 -77.10
N MET A 2353 -10.28 -32.53 -75.83
CA MET A 2353 -9.40 -32.09 -74.75
C MET A 2353 -7.95 -32.40 -75.07
N ASP A 2354 -7.67 -33.65 -75.45
CA ASP A 2354 -6.31 -34.06 -75.79
C ASP A 2354 -5.80 -33.35 -77.03
N HIS A 2355 -6.67 -33.14 -78.02
CA HIS A 2355 -6.25 -32.40 -79.21
C HIS A 2355 -5.94 -30.95 -78.89
N PHE A 2356 -6.63 -30.37 -77.91
CA PHE A 2356 -6.24 -29.05 -77.42
C PHE A 2356 -4.88 -29.09 -76.73
N VAL A 2357 -4.67 -30.11 -75.88
CA VAL A 2357 -3.37 -30.27 -75.22
C VAL A 2357 -2.31 -30.73 -76.21
N GLY A 2358 -2.67 -31.66 -77.08
CA GLY A 2358 -1.69 -32.35 -77.90
C GLY A 2358 -1.28 -33.70 -77.35
N LEU A 2359 -1.51 -33.95 -76.07
CA LEU A 2359 -1.12 -35.21 -75.42
C LEU A 2359 -2.31 -36.16 -75.41
N ASN A 2360 -2.40 -36.95 -76.47
CA ASN A 2360 -3.53 -37.86 -76.64
C ASN A 2360 -3.37 -39.11 -75.78
N PHE A 2361 -4.34 -39.35 -74.89
CA PHE A 2361 -4.35 -40.61 -74.14
C PHE A 2361 -4.79 -41.77 -75.02
N ASN A 2362 -5.62 -41.48 -76.03
CA ASN A 2362 -6.06 -42.52 -76.96
C ASN A 2362 -4.89 -43.06 -77.78
N SER A 2363 -3.91 -42.20 -78.07
CA SER A 2363 -2.75 -42.63 -78.84
C SER A 2363 -1.86 -43.56 -78.01
N ASN A 2364 -1.33 -43.06 -76.90
CA ASN A 2364 -0.53 -43.89 -75.99
C ASN A 2364 -0.61 -43.29 -74.59
N PHE A 2365 -1.00 -44.14 -73.63
CA PHE A 2365 -1.07 -43.73 -72.23
C PHE A 2365 0.32 -43.45 -71.67
N ASN A 2366 1.30 -44.28 -72.05
CA ASN A 2366 2.63 -44.25 -71.44
C ASN A 2366 3.36 -42.96 -71.77
N PHE A 2367 3.44 -42.59 -73.05
CA PHE A 2367 4.12 -41.35 -73.42
C PHE A 2367 3.35 -40.13 -72.94
N ALA A 2368 2.02 -40.23 -72.86
CA ALA A 2368 1.21 -39.11 -72.39
C ALA A 2368 1.49 -38.79 -70.93
N LEU A 2369 1.58 -39.83 -70.09
CA LEU A 2369 1.86 -39.57 -68.68
C LEU A 2369 3.30 -39.12 -68.46
N VAL A 2370 4.23 -39.63 -69.27
CA VAL A 2370 5.62 -39.16 -69.16
C VAL A 2370 5.73 -37.70 -69.57
N GLY A 2371 5.07 -37.31 -70.66
CA GLY A 2371 5.07 -35.90 -71.06
C GLY A 2371 4.35 -35.02 -70.05
N HIS A 2372 3.34 -35.57 -69.37
CA HIS A 2372 2.67 -34.85 -68.30
C HIS A 2372 3.62 -34.64 -67.11
N LEU A 2373 4.42 -35.65 -66.79
CA LEU A 2373 5.30 -35.58 -65.61
C LEU A 2373 6.63 -34.93 -65.92
N LEU A 2374 6.93 -34.63 -67.18
CA LEU A 2374 8.20 -34.00 -67.53
C LEU A 2374 8.33 -32.60 -66.95
N LYS A 2375 7.19 -31.94 -66.67
CA LYS A 2375 7.23 -30.57 -66.18
C LYS A 2375 7.76 -30.47 -64.76
N GLY A 2376 7.88 -31.60 -64.05
CA GLY A 2376 8.34 -31.55 -62.67
C GLY A 2376 9.82 -31.25 -62.54
N TYR A 2377 10.59 -31.50 -63.61
CA TYR A 2377 12.03 -31.27 -63.54
C TYR A 2377 12.37 -29.79 -63.52
N ARG A 2378 11.45 -28.94 -64.00
CA ARG A 2378 11.63 -27.50 -63.99
C ARG A 2378 10.95 -26.82 -62.80
N HIS A 2379 10.46 -27.59 -61.84
CA HIS A 2379 9.88 -27.00 -60.64
C HIS A 2379 11.00 -26.36 -59.81
N PRO A 2380 10.79 -25.15 -59.28
CA PRO A 2380 11.84 -24.52 -58.45
C PRO A 2380 12.18 -25.30 -57.19
N SER A 2381 11.23 -26.02 -56.62
CA SER A 2381 11.52 -26.81 -55.43
C SER A 2381 11.97 -28.21 -55.83
N PRO A 2382 13.06 -28.71 -55.26
CA PRO A 2382 13.54 -30.05 -55.66
C PRO A 2382 12.74 -31.19 -55.07
N ALA A 2383 11.88 -30.92 -54.08
CA ALA A 2383 11.06 -31.97 -53.48
C ALA A 2383 10.05 -32.52 -54.49
N ILE A 2384 9.46 -31.64 -55.30
CA ILE A 2384 8.56 -32.08 -56.36
C ILE A 2384 9.32 -32.87 -57.40
N VAL A 2385 10.57 -32.49 -57.67
CA VAL A 2385 11.42 -33.26 -58.59
C VAL A 2385 11.66 -34.67 -58.05
N ALA A 2386 11.97 -34.78 -56.74
CA ALA A 2386 12.17 -36.08 -56.13
C ALA A 2386 10.89 -36.93 -56.17
N ARG A 2387 9.76 -36.29 -55.90
CA ARG A 2387 8.50 -37.04 -55.85
C ARG A 2387 8.05 -37.48 -57.25
N THR A 2388 8.32 -36.67 -58.27
CA THR A 2388 7.96 -37.10 -59.63
C THR A 2388 8.94 -38.15 -60.14
N VAL A 2389 10.18 -38.13 -59.65
CA VAL A 2389 11.09 -39.25 -59.94
C VAL A 2389 10.58 -40.53 -59.29
N ARG A 2390 10.08 -40.44 -58.06
CA ARG A 2390 9.52 -41.61 -57.38
C ARG A 2390 8.28 -42.13 -58.09
N ILE A 2391 7.41 -41.23 -58.56
CA ILE A 2391 6.19 -41.70 -59.24
C ILE A 2391 6.53 -42.28 -60.60
N LEU A 2392 7.57 -41.76 -61.27
CA LEU A 2392 8.03 -42.37 -62.52
C LEU A 2392 8.59 -43.76 -62.28
N HIS A 2393 9.36 -43.91 -61.20
CA HIS A 2393 9.92 -45.22 -60.84
C HIS A 2393 8.82 -46.23 -60.53
N THR A 2394 7.81 -45.81 -59.76
CA THR A 2394 6.79 -46.78 -59.37
C THR A 2394 5.85 -47.09 -60.55
N LEU A 2395 5.67 -46.14 -61.48
CA LEU A 2395 4.95 -46.46 -62.70
C LEU A 2395 5.72 -47.47 -63.55
N LEU A 2396 7.05 -47.31 -63.62
CA LEU A 2396 7.88 -48.28 -64.31
C LEU A 2396 7.77 -49.67 -63.69
N THR A 2397 7.77 -49.73 -62.36
CA THR A 2397 7.64 -51.02 -61.68
C THR A 2397 6.27 -51.65 -61.94
N LEU A 2398 5.19 -50.85 -61.91
CA LEU A 2398 3.86 -51.39 -62.17
C LEU A 2398 3.72 -51.92 -63.58
N VAL A 2399 4.23 -51.17 -64.57
CA VAL A 2399 4.16 -51.63 -65.96
C VAL A 2399 4.99 -52.90 -66.15
N ASN A 2400 6.17 -52.95 -65.53
CA ASN A 2400 7.03 -54.12 -65.69
C ASN A 2400 6.44 -55.34 -64.98
N LYS A 2401 5.79 -55.16 -63.83
CA LYS A 2401 5.24 -56.31 -63.11
C LYS A 2401 3.96 -56.80 -63.77
N HIS A 2402 3.22 -55.91 -64.44
CA HIS A 2402 2.14 -56.39 -65.30
C HIS A 2402 2.70 -57.16 -66.49
N ARG A 2403 3.79 -56.67 -67.08
CA ARG A 2403 4.41 -57.38 -68.19
C ARG A 2403 5.24 -58.58 -67.74
N ASN A 2404 5.37 -58.77 -66.42
CA ASN A 2404 6.10 -59.83 -65.72
C ASN A 2404 7.60 -59.70 -65.88
N CYS A 2405 8.09 -58.62 -66.49
CA CYS A 2405 9.52 -58.39 -66.62
C CYS A 2405 10.05 -57.70 -65.36
N ASP A 2406 11.38 -57.72 -65.22
CA ASP A 2406 12.01 -57.09 -64.08
C ASP A 2406 12.02 -55.57 -64.24
N LYS A 2407 12.45 -54.89 -63.18
CA LYS A 2407 12.56 -53.44 -63.21
C LYS A 2407 13.71 -53.04 -64.14
N PHE A 2408 13.57 -51.84 -64.73
CA PHE A 2408 14.52 -51.25 -65.66
C PHE A 2408 14.75 -52.11 -66.90
N GLU A 2409 13.71 -52.82 -67.36
CA GLU A 2409 13.76 -53.60 -68.58
C GLU A 2409 13.12 -52.78 -69.69
N VAL A 2410 13.81 -52.64 -70.82
CA VAL A 2410 13.33 -51.80 -71.91
C VAL A 2410 12.27 -52.56 -72.69
N ASN A 2411 11.08 -51.99 -72.77
CA ASN A 2411 10.00 -52.52 -73.60
C ASN A 2411 9.20 -51.33 -74.12
N THR A 2412 8.21 -51.62 -74.96
CA THR A 2412 7.50 -50.57 -75.69
C THR A 2412 6.77 -49.62 -74.73
N GLN A 2413 6.13 -50.18 -73.70
CA GLN A 2413 5.37 -49.35 -72.77
C GLN A 2413 6.29 -48.62 -71.81
N SER A 2414 7.43 -49.23 -71.45
CA SER A 2414 8.27 -48.72 -70.38
C SER A 2414 9.41 -47.83 -70.85
N VAL A 2415 9.70 -47.79 -72.16
CA VAL A 2415 10.89 -47.10 -72.62
C VAL A 2415 10.71 -45.58 -72.52
N ALA A 2416 9.46 -45.11 -72.47
CA ALA A 2416 9.20 -43.73 -72.14
C ALA A 2416 9.65 -43.40 -70.72
N TYR A 2417 9.37 -44.30 -69.77
CA TYR A 2417 9.84 -44.13 -68.40
C TYR A 2417 11.36 -44.26 -68.31
N LEU A 2418 11.94 -45.15 -69.11
CA LEU A 2418 13.40 -45.26 -69.17
C LEU A 2418 14.05 -43.99 -69.69
N ALA A 2419 13.47 -43.39 -70.74
CA ALA A 2419 14.03 -42.16 -71.30
C ALA A 2419 13.81 -40.98 -70.36
N ALA A 2420 12.71 -41.00 -69.60
CA ALA A 2420 12.52 -40.00 -68.55
C ALA A 2420 13.54 -40.17 -67.43
N LEU A 2421 13.87 -41.42 -67.09
CA LEU A 2421 14.78 -41.70 -65.99
C LEU A 2421 16.23 -41.82 -66.44
N LEU A 2422 16.54 -41.47 -67.70
CA LEU A 2422 17.92 -41.52 -68.16
C LEU A 2422 18.79 -40.49 -67.44
N THR A 2423 18.24 -39.29 -67.21
CA THR A 2423 18.99 -38.25 -66.50
C THR A 2423 19.26 -38.65 -65.05
N VAL A 2424 18.26 -39.22 -64.39
CA VAL A 2424 18.40 -39.64 -63.01
C VAL A 2424 18.47 -41.16 -62.92
N LEU A 2583 22.37 -50.71 -75.26
CA LEU A 2583 21.81 -49.39 -75.03
C LEU A 2583 20.47 -49.25 -75.73
N LEU A 2584 20.50 -48.76 -76.97
CA LEU A 2584 19.30 -48.61 -77.79
C LEU A 2584 19.26 -49.78 -78.76
N ASP A 2585 18.38 -50.74 -78.50
CA ASP A 2585 18.27 -51.95 -79.31
C ASP A 2585 17.44 -51.63 -80.55
N GLU A 2586 18.09 -51.60 -81.72
CA GLU A 2586 17.37 -51.30 -82.95
C GLU A 2586 16.49 -52.46 -83.37
N GLU A 2587 16.86 -53.69 -82.99
CA GLU A 2587 16.04 -54.85 -83.34
C GLU A 2587 14.71 -54.83 -82.59
N VAL A 2588 14.75 -54.52 -81.29
CA VAL A 2588 13.52 -54.45 -80.51
C VAL A 2588 12.71 -53.23 -80.92
N LEU A 2589 13.36 -52.09 -81.08
CA LEU A 2589 12.70 -50.84 -81.42
C LEU A 2589 12.83 -50.64 -82.93
N THR A 2590 11.86 -51.16 -83.67
CA THR A 2590 11.89 -51.13 -85.13
C THR A 2590 10.82 -50.23 -85.73
N ASP A 2591 9.66 -50.11 -85.09
CA ASP A 2591 8.60 -49.24 -85.59
C ASP A 2591 9.04 -47.78 -85.53
N PRO A 2592 8.85 -47.01 -86.61
CA PRO A 2592 9.31 -45.61 -86.61
C PRO A 2592 8.67 -44.73 -85.55
N LYS A 2593 7.41 -45.00 -85.19
CA LYS A 2593 6.68 -44.12 -84.27
C LYS A 2593 7.29 -44.16 -82.86
N ILE A 2594 7.62 -45.36 -82.37
CA ILE A 2594 8.08 -45.50 -81.00
C ILE A 2594 9.44 -44.83 -80.80
N GLN A 2595 10.39 -45.11 -81.69
CA GLN A 2595 11.70 -44.50 -81.54
C GLN A 2595 11.70 -43.04 -81.98
N ALA A 2596 10.72 -42.64 -82.80
CA ALA A 2596 10.54 -41.22 -83.09
C ALA A 2596 10.08 -40.46 -81.85
N LEU A 2597 9.12 -41.02 -81.11
CA LEU A 2597 8.70 -40.42 -79.85
C LEU A 2597 9.83 -40.45 -78.83
N LEU A 2598 10.65 -41.50 -78.86
CA LEU A 2598 11.84 -41.56 -78.01
C LEU A 2598 12.81 -40.43 -78.34
N LEU A 2599 13.02 -40.17 -79.63
CA LEU A 2599 13.89 -39.06 -80.04
C LEU A 2599 13.30 -37.72 -79.61
N THR A 2600 11.98 -37.56 -79.66
CA THR A 2600 11.36 -36.32 -79.19
C THR A 2600 11.56 -36.15 -77.68
N VAL A 2601 11.40 -37.24 -76.92
CA VAL A 2601 11.62 -37.18 -75.48
C VAL A 2601 13.07 -36.82 -75.17
N LEU A 2602 14.01 -37.40 -75.90
CA LEU A 2602 15.43 -37.08 -75.70
C LEU A 2602 15.74 -35.64 -76.11
N ALA A 2603 15.07 -35.14 -77.14
CA ALA A 2603 15.36 -33.80 -77.65
C ALA A 2603 14.77 -32.71 -76.77
N THR A 2604 13.63 -32.98 -76.13
CA THR A 2604 13.03 -31.97 -75.25
C THR A 2604 13.89 -31.72 -74.02
N LEU A 2605 14.47 -32.78 -73.45
CA LEU A 2605 15.22 -32.66 -72.21
C LEU A 2605 16.50 -31.85 -72.41
N VAL A 2606 17.15 -31.98 -73.56
CA VAL A 2606 18.39 -31.25 -73.78
C VAL A 2606 18.09 -29.76 -74.02
N LYS A 2607 16.90 -29.45 -74.52
CA LYS A 2607 16.50 -28.06 -74.64
C LYS A 2607 16.17 -27.47 -73.28
N TYR A 2608 15.45 -28.22 -72.45
CA TYR A 2608 14.96 -27.65 -71.19
C TYR A 2608 16.01 -27.68 -70.09
N THR A 2609 16.65 -28.82 -69.87
CA THR A 2609 17.70 -28.88 -68.86
C THR A 2609 18.97 -28.22 -69.38
N THR A 2610 19.67 -27.52 -68.48
CA THR A 2610 20.87 -26.77 -68.81
C THR A 2610 21.99 -27.08 -67.80
N ASP A 2611 22.17 -28.37 -67.54
CA ASP A 2611 23.19 -28.84 -66.60
C ASP A 2611 24.27 -29.59 -67.37
N GLU A 2612 25.53 -29.33 -67.04
CA GLU A 2612 26.68 -29.72 -67.84
C GLU A 2612 26.78 -31.23 -68.06
N PHE A 2613 26.61 -32.01 -66.99
CA PHE A 2613 26.72 -33.46 -67.11
C PHE A 2613 25.54 -34.05 -67.87
N ASP A 2614 24.34 -33.53 -67.61
CA ASP A 2614 23.15 -34.00 -68.32
C ASP A 2614 23.23 -33.69 -69.81
N GLN A 2615 23.69 -32.48 -70.15
CA GLN A 2615 23.81 -32.10 -71.56
C GLN A 2615 24.80 -32.99 -72.30
N ARG A 2616 25.94 -33.31 -71.68
CA ARG A 2616 26.94 -34.11 -72.39
C ARG A 2616 26.52 -35.57 -72.49
N ILE A 2617 25.87 -36.13 -71.45
CA ILE A 2617 25.43 -37.51 -71.56
C ILE A 2617 24.29 -37.64 -72.57
N LEU A 2618 23.43 -36.61 -72.65
CA LEU A 2618 22.33 -36.66 -73.60
C LEU A 2618 22.83 -36.41 -75.02
N TYR A 2619 23.88 -35.60 -75.17
CA TYR A 2619 24.56 -35.46 -76.46
C TYR A 2619 25.21 -36.76 -76.92
N GLU A 2620 25.83 -37.51 -76.00
CA GLU A 2620 26.40 -38.80 -76.39
C GLU A 2620 25.31 -39.79 -76.79
N TYR A 2621 24.20 -39.83 -76.03
CA TYR A 2621 23.13 -40.77 -76.35
C TYR A 2621 22.37 -40.34 -77.59
N LEU A 2622 22.43 -39.06 -77.94
CA LEU A 2622 21.82 -38.60 -79.19
C LEU A 2622 22.76 -38.81 -80.37
N ALA A 2623 24.07 -38.76 -80.11
CA ALA A 2623 25.07 -38.98 -81.16
C ALA A 2623 25.08 -40.44 -81.60
N GLU A 2624 24.91 -41.36 -80.64
CA GLU A 2624 24.78 -42.76 -81.04
C GLU A 2624 23.47 -43.00 -81.78
N ALA A 2625 22.40 -42.31 -81.39
CA ALA A 2625 21.09 -42.52 -82.00
C ALA A 2625 21.00 -41.96 -83.42
N SER A 2626 21.75 -40.90 -83.72
CA SER A 2626 21.78 -40.38 -85.10
C SER A 2626 22.41 -41.39 -86.04
N VAL A 2627 23.45 -42.08 -85.57
CA VAL A 2627 24.05 -43.16 -86.35
C VAL A 2627 23.10 -44.34 -86.45
N VAL A 2628 22.43 -44.68 -85.33
CA VAL A 2628 21.49 -45.79 -85.33
C VAL A 2628 20.26 -45.50 -86.17
N PHE A 2629 19.66 -44.32 -86.00
CA PHE A 2629 18.40 -43.97 -86.66
C PHE A 2629 18.54 -42.65 -87.40
N PRO A 2630 19.15 -42.67 -88.58
CA PRO A 2630 19.34 -41.40 -89.31
C PRO A 2630 18.11 -40.92 -90.06
N LYS A 2631 17.32 -41.84 -90.63
CA LYS A 2631 16.21 -41.44 -91.49
C LYS A 2631 15.09 -40.79 -90.71
N VAL A 2632 14.84 -41.25 -89.48
CA VAL A 2632 13.79 -40.71 -88.64
C VAL A 2632 14.29 -39.51 -87.83
N PHE A 2633 15.61 -39.30 -87.79
CA PHE A 2633 16.18 -38.15 -87.09
C PHE A 2633 15.73 -36.78 -87.59
N PRO A 2634 15.30 -36.57 -88.88
CA PRO A 2634 14.69 -35.28 -89.25
C PRO A 2634 13.53 -34.75 -88.41
N VAL A 2635 12.92 -35.56 -87.55
CA VAL A 2635 11.78 -35.07 -86.77
C VAL A 2635 12.21 -34.06 -85.71
N VAL A 2636 13.36 -34.27 -85.06
CA VAL A 2636 13.68 -33.53 -83.83
C VAL A 2636 14.70 -32.42 -84.06
N HIS A 2637 14.79 -31.92 -85.29
CA HIS A 2637 15.75 -30.86 -85.60
C HIS A 2637 15.38 -29.55 -84.92
N ASN A 2638 14.10 -29.20 -84.92
CA ASN A 2638 13.69 -27.87 -84.48
C ASN A 2638 13.82 -27.72 -82.97
N LEU A 2639 13.76 -28.83 -82.23
CA LEU A 2639 13.87 -28.75 -80.77
C LEU A 2639 15.28 -28.40 -80.33
N LEU A 2640 16.28 -28.98 -81.00
CA LEU A 2640 17.68 -28.84 -80.62
C LEU A 2640 18.42 -27.78 -81.45
N ASP A 2641 17.70 -27.15 -82.38
CA ASP A 2641 18.29 -26.17 -83.30
C ASP A 2641 18.84 -24.96 -82.53
N SER A 2642 18.09 -24.50 -81.53
CA SER A 2642 18.55 -23.34 -80.76
C SER A 2642 19.73 -23.71 -79.87
N LYS A 2643 19.77 -24.94 -79.35
CA LYS A 2643 20.74 -25.27 -78.30
C LYS A 2643 22.12 -25.56 -78.88
N ILE A 2644 22.18 -26.46 -79.88
CA ILE A 2644 23.47 -26.74 -80.51
C ILE A 2644 24.04 -25.54 -81.26
N ASN A 2645 23.17 -24.65 -81.76
CA ASN A 2645 23.68 -23.42 -82.39
C ASN A 2645 24.46 -22.57 -81.40
N THR A 2646 23.88 -22.28 -80.23
CA THR A 2646 24.56 -21.46 -79.23
C THR A 2646 25.77 -22.17 -78.65
N LEU A 2647 25.66 -23.48 -78.42
CA LEU A 2647 26.76 -24.20 -77.78
C LEU A 2647 27.93 -24.40 -78.75
N LEU A 2648 27.64 -24.48 -80.04
CA LEU A 2648 28.73 -24.46 -81.01
C LEU A 2648 29.32 -23.07 -81.13
N SER A 2649 28.49 -22.04 -80.95
CA SER A 2649 28.99 -20.68 -81.09
C SER A 2649 29.92 -20.29 -79.95
N LEU A 2650 29.57 -20.63 -78.70
CA LEU A 2650 30.26 -20.05 -77.55
C LEU A 2650 31.00 -21.03 -76.64
N CYS A 2651 30.60 -22.30 -76.57
CA CYS A 2651 31.14 -23.18 -75.55
C CYS A 2651 32.56 -23.61 -75.90
N GLN A 2652 33.42 -23.67 -74.89
CA GLN A 2652 34.82 -24.05 -75.05
C GLN A 2652 35.14 -25.41 -74.44
N ASP A 2653 34.19 -26.06 -73.79
CA ASP A 2653 34.46 -27.33 -73.15
C ASP A 2653 34.50 -28.44 -74.19
N PRO A 2654 35.62 -29.14 -74.33
CA PRO A 2654 35.72 -30.18 -75.38
C PRO A 2654 34.75 -31.33 -75.20
N ASN A 2655 34.48 -31.74 -73.96
CA ASN A 2655 33.61 -32.88 -73.71
C ASN A 2655 32.17 -32.55 -74.08
N LEU A 2656 31.81 -31.27 -74.04
CA LEU A 2656 30.46 -30.88 -74.44
C LEU A 2656 30.34 -30.77 -75.96
N LEU A 2657 31.40 -30.31 -76.63
CA LEU A 2657 31.28 -29.98 -78.05
C LEU A 2657 31.62 -31.18 -78.95
N ASN A 2658 32.35 -32.17 -78.43
CA ASN A 2658 32.69 -33.33 -79.25
C ASN A 2658 31.47 -34.16 -79.67
N PRO A 2659 30.53 -34.54 -78.78
CA PRO A 2659 29.31 -35.19 -79.29
C PRO A 2659 28.43 -34.24 -80.10
N ILE A 2660 28.53 -32.94 -79.86
CA ILE A 2660 27.87 -31.95 -80.73
C ILE A 2660 28.39 -32.07 -82.16
N HIS A 2661 29.72 -32.10 -82.31
CA HIS A 2661 30.30 -32.24 -83.64
C HIS A 2661 29.95 -33.58 -84.25
N GLY A 2662 29.87 -34.63 -83.42
CA GLY A 2662 29.42 -35.92 -83.91
C GLY A 2662 28.00 -35.90 -84.47
N ILE A 2663 27.08 -35.26 -83.74
CA ILE A 2663 25.70 -35.16 -84.20
C ILE A 2663 25.61 -34.34 -85.49
N VAL A 2664 26.32 -33.21 -85.55
CA VAL A 2664 26.28 -32.35 -86.73
C VAL A 2664 26.83 -33.09 -87.95
N GLN A 2665 27.96 -33.79 -87.76
CA GLN A 2665 28.58 -34.53 -88.84
C GLN A 2665 27.70 -35.69 -89.30
N SER A 2666 27.04 -36.37 -88.37
CA SER A 2666 26.15 -37.47 -88.73
C SER A 2666 24.93 -36.96 -89.51
N VAL A 2667 24.40 -35.80 -89.12
CA VAL A 2667 23.25 -35.24 -89.82
C VAL A 2667 23.65 -34.77 -91.21
N VAL A 2668 24.82 -34.12 -91.32
CA VAL A 2668 25.32 -33.66 -92.62
C VAL A 2668 25.56 -34.84 -93.54
N TYR A 2669 26.06 -35.96 -93.00
CA TYR A 2669 26.24 -37.16 -93.82
C TYR A 2669 24.90 -37.77 -94.22
N HIS A 2670 23.89 -37.65 -93.36
CA HIS A 2670 22.60 -38.32 -93.58
C HIS A 2670 21.51 -37.36 -94.04
N GLU A 2671 21.83 -36.41 -94.91
CA GLU A 2671 20.84 -35.51 -95.47
C GLU A 2671 20.27 -36.01 -96.80
N GLU A 2672 20.35 -37.32 -97.04
CA GLU A 2672 19.96 -37.87 -98.35
C GLU A 2672 18.45 -37.79 -98.57
N SER A 2673 17.65 -38.11 -97.56
CA SER A 2673 16.19 -38.12 -97.68
C SER A 2673 15.55 -37.30 -96.56
N PRO A 2674 15.49 -35.97 -96.72
CA PRO A 2674 14.72 -35.14 -95.76
C PRO A 2674 13.22 -35.44 -95.77
N PRO A 2675 12.53 -35.60 -96.91
CA PRO A 2675 11.07 -35.80 -96.83
C PRO A 2675 10.63 -37.18 -96.36
N GLN A 2676 11.53 -38.02 -95.85
CA GLN A 2676 11.11 -39.29 -95.26
C GLN A 2676 10.24 -39.05 -94.03
N TYR A 2677 10.67 -38.15 -93.15
CA TYR A 2677 9.89 -37.75 -92.00
C TYR A 2677 10.16 -36.27 -91.72
N GLN A 2678 9.19 -35.62 -91.08
CA GLN A 2678 9.21 -34.19 -90.82
C GLN A 2678 8.80 -33.96 -89.36
N THR A 2679 8.84 -32.70 -88.93
CA THR A 2679 8.37 -32.34 -87.59
C THR A 2679 6.87 -32.57 -87.45
N SER A 2680 6.13 -32.52 -88.56
CA SER A 2680 4.69 -32.73 -88.55
C SER A 2680 4.31 -34.21 -88.58
N TYR A 2681 5.29 -35.12 -88.54
CA TYR A 2681 4.98 -36.55 -88.44
C TYR A 2681 4.28 -36.86 -87.12
N LEU A 2682 4.59 -36.09 -86.08
CA LEU A 2682 3.85 -36.23 -84.82
C LEU A 2682 2.38 -35.88 -85.00
N GLN A 2683 2.09 -34.82 -85.76
CA GLN A 2683 0.72 -34.35 -85.93
C GLN A 2683 -0.12 -35.28 -86.79
N SER A 2684 0.49 -36.25 -87.46
CA SER A 2684 -0.28 -37.27 -88.16
C SER A 2684 -1.09 -38.10 -87.17
N PHE A 2685 -0.44 -38.61 -86.13
CA PHE A 2685 -1.13 -39.30 -85.06
C PHE A 2685 -1.43 -38.33 -83.92
N GLY A 2686 -1.86 -38.88 -82.78
CA GLY A 2686 -2.45 -38.06 -81.73
C GLY A 2686 -1.47 -37.13 -81.03
N PHE A 2687 -0.23 -37.59 -80.83
CA PHE A 2687 0.70 -36.87 -79.97
C PHE A 2687 1.21 -35.60 -80.64
N ASN A 2688 1.21 -34.52 -79.88
CA ASN A 2688 1.73 -33.22 -80.30
C ASN A 2688 2.07 -32.43 -79.05
N GLY A 2689 3.01 -31.49 -79.19
CA GLY A 2689 3.34 -30.64 -78.06
C GLY A 2689 3.94 -31.37 -76.87
N LEU A 2690 4.76 -32.39 -77.11
CA LEU A 2690 5.53 -33.00 -76.03
C LEU A 2690 6.48 -31.99 -75.41
N TRP A 2691 6.96 -31.03 -76.22
CA TRP A 2691 7.80 -29.96 -75.70
C TRP A 2691 6.99 -28.91 -74.95
N ARG A 2692 5.76 -28.64 -75.42
CA ARG A 2692 5.02 -27.50 -74.90
C ARG A 2692 4.51 -27.76 -73.48
N PHE A 2693 4.36 -29.04 -73.11
CA PHE A 2693 3.94 -29.39 -71.76
C PHE A 2693 5.13 -29.72 -70.85
N ALA A 2694 6.35 -29.64 -71.36
CA ALA A 2694 7.54 -29.94 -70.59
C ALA A 2694 8.37 -28.69 -70.32
N GLY A 2695 7.83 -27.51 -70.58
CA GLY A 2695 8.58 -26.29 -70.41
C GLY A 2695 8.57 -25.82 -68.97
N PRO A 2696 9.08 -24.60 -68.78
CA PRO A 2696 9.03 -24.00 -67.44
C PRO A 2696 7.60 -23.64 -67.05
N PHE A 2697 7.39 -23.55 -65.74
CA PHE A 2697 6.07 -23.22 -65.22
C PHE A 2697 5.74 -21.75 -65.52
N SER A 2698 4.48 -21.50 -65.85
CA SER A 2698 4.07 -20.16 -66.24
C SER A 2698 4.08 -19.21 -65.05
N LYS A 2699 4.62 -18.01 -65.27
CA LYS A 2699 4.67 -17.02 -64.19
C LYS A 2699 3.30 -16.40 -63.94
N GLN A 2700 2.41 -16.45 -64.94
CA GLN A 2700 1.07 -15.90 -64.76
C GLN A 2700 0.28 -16.70 -63.74
N THR A 2701 0.46 -18.03 -63.75
CA THR A 2701 -0.22 -19.03 -62.91
C THR A 2701 -1.73 -18.92 -63.15
N GLN A 2702 -2.14 -18.55 -64.36
CA GLN A 2702 -3.56 -18.50 -64.69
C GLN A 2702 -4.05 -19.89 -65.05
N ILE A 2703 -5.33 -20.14 -64.75
CA ILE A 2703 -5.93 -21.42 -65.15
C ILE A 2703 -6.09 -21.45 -66.66
N PRO A 2704 -5.60 -22.47 -67.35
CA PRO A 2704 -5.70 -22.51 -68.81
C PRO A 2704 -7.12 -22.81 -69.27
N ASP A 2705 -7.25 -23.00 -70.58
CA ASP A 2705 -8.54 -23.25 -71.21
C ASP A 2705 -9.01 -24.67 -70.90
N TYR A 2706 -10.08 -25.09 -71.58
CA TYR A 2706 -10.78 -26.38 -71.44
C TYR A 2706 -11.12 -26.75 -69.99
N ALA A 2707 -11.15 -25.78 -69.08
CA ALA A 2707 -11.56 -26.08 -67.71
C ALA A 2707 -13.05 -26.35 -67.64
N GLU A 2708 -13.82 -25.80 -68.59
CA GLU A 2708 -15.20 -26.21 -68.74
C GLU A 2708 -15.30 -27.68 -69.16
N LEU A 2709 -14.38 -28.11 -70.02
CA LEU A 2709 -14.31 -29.54 -70.36
C LEU A 2709 -13.86 -30.37 -69.16
N ILE A 2710 -13.02 -29.79 -68.29
CA ILE A 2710 -12.68 -30.45 -67.04
C ILE A 2710 -13.95 -30.63 -66.20
N VAL A 2711 -14.78 -29.59 -66.13
CA VAL A 2711 -16.02 -29.63 -65.34
C VAL A 2711 -16.96 -30.68 -65.87
N LYS A 2712 -17.12 -30.74 -67.20
CA LYS A 2712 -18.02 -31.74 -67.79
C LYS A 2712 -17.44 -33.15 -67.64
N PHE A 2713 -16.12 -33.28 -67.64
CA PHE A 2713 -15.48 -34.56 -67.36
C PHE A 2713 -15.79 -35.03 -65.96
N LEU A 2714 -15.70 -34.12 -64.99
CA LEU A 2714 -16.06 -34.43 -63.61
C LEU A 2714 -17.53 -34.81 -63.47
N ASP A 2715 -18.39 -34.05 -64.14
CA ASP A 2715 -19.83 -34.31 -64.06
C ASP A 2715 -20.19 -35.64 -64.69
N ALA A 2716 -19.54 -35.97 -65.81
CA ALA A 2716 -19.76 -37.28 -66.42
C ALA A 2716 -19.28 -38.40 -65.53
N LEU A 2717 -18.12 -38.23 -64.87
CA LEU A 2717 -17.64 -39.24 -63.93
C LEU A 2717 -18.63 -39.43 -62.78
N ILE A 2718 -19.13 -38.32 -62.22
CA ILE A 2718 -20.05 -38.39 -61.10
C ILE A 2718 -21.35 -39.08 -61.51
N ASP A 2719 -21.91 -38.65 -62.65
CA ASP A 2719 -23.19 -39.20 -63.09
C ASP A 2719 -23.08 -40.66 -63.48
N THR A 2720 -21.93 -41.07 -64.01
CA THR A 2720 -21.76 -42.47 -64.39
C THR A 2720 -21.54 -43.36 -63.18
N TYR A 2721 -20.71 -42.94 -62.22
CA TYR A 2721 -20.25 -43.89 -61.21
C TYR A 2721 -20.90 -43.72 -59.85
N LEU A 2722 -21.38 -42.53 -59.50
CA LEU A 2722 -21.94 -42.35 -58.16
C LEU A 2722 -23.36 -42.93 -58.02
N PRO A 2723 -24.34 -42.59 -58.88
CA PRO A 2723 -25.63 -43.22 -58.58
C PRO A 2723 -25.82 -44.56 -59.29
N ARG B 5 19.51 -25.04 -89.41
CA ARG B 5 20.14 -26.00 -90.32
C ARG B 5 21.55 -26.35 -89.89
N PRO B 6 21.86 -27.65 -89.84
CA PRO B 6 23.24 -28.08 -89.59
C PRO B 6 24.22 -27.61 -90.65
N VAL B 7 23.75 -27.39 -91.87
CA VAL B 7 24.60 -26.81 -92.91
C VAL B 7 24.93 -25.36 -92.55
N GLU B 8 24.05 -24.69 -91.83
CA GLU B 8 24.39 -23.39 -91.29
C GLU B 8 25.27 -23.52 -90.04
N TRP B 9 25.21 -24.68 -89.38
CA TRP B 9 26.06 -24.86 -88.20
C TRP B 9 27.51 -25.10 -88.59
N VAL B 10 27.75 -25.70 -89.76
CA VAL B 10 29.13 -25.82 -90.23
C VAL B 10 29.63 -24.46 -90.72
N GLN B 11 28.70 -23.61 -91.15
CA GLN B 11 29.04 -22.21 -91.39
C GLN B 11 29.40 -21.52 -90.08
N ALA B 12 28.74 -21.91 -88.99
CA ALA B 12 29.15 -21.40 -87.67
C ALA B 12 30.50 -21.96 -87.25
N VAL B 13 30.83 -23.18 -87.70
CA VAL B 13 32.14 -23.76 -87.44
C VAL B 13 33.23 -22.95 -88.15
N VAL B 14 33.03 -22.63 -89.43
CA VAL B 14 34.02 -21.83 -90.14
C VAL B 14 34.00 -20.39 -89.63
N SER B 15 32.87 -19.96 -89.07
CA SER B 15 32.84 -18.66 -88.40
C SER B 15 33.64 -18.68 -87.11
N ARG B 16 33.65 -19.82 -86.41
CA ARG B 16 34.52 -19.98 -85.25
C ARG B 16 35.98 -19.95 -85.68
N PHE B 17 36.28 -20.51 -86.84
CA PHE B 17 37.64 -20.38 -87.40
C PHE B 17 37.95 -18.92 -87.69
N ASP B 18 36.97 -18.18 -88.22
CA ASP B 18 37.13 -16.75 -88.45
C ASP B 18 37.29 -15.99 -87.14
N GLU B 19 36.77 -16.56 -86.04
CA GLU B 19 36.98 -15.95 -84.72
C GLU B 19 38.39 -16.23 -84.22
N GLN B 20 38.92 -17.41 -84.53
CA GLN B 20 40.31 -17.70 -84.17
C GLN B 20 41.29 -16.92 -85.02
N LEU B 21 40.85 -16.42 -86.18
CA LEU B 21 41.75 -15.68 -87.06
C LEU B 21 42.34 -14.40 -86.47
N PRO B 22 41.59 -13.48 -85.84
CA PRO B 22 42.27 -12.31 -85.25
C PRO B 22 43.12 -12.65 -84.04
N ILE B 23 42.88 -13.80 -83.41
CA ILE B 23 43.79 -14.27 -82.38
C ILE B 23 45.10 -14.72 -83.01
N LYS B 24 45.04 -15.18 -84.26
CA LYS B 24 46.16 -15.73 -85.02
C LYS B 24 46.85 -16.88 -84.28
N THR B 32 41.30 -22.30 -74.62
CA THR B 32 41.02 -21.66 -75.90
C THR B 32 41.71 -22.40 -77.04
N LYS B 33 42.90 -22.92 -76.75
CA LYS B 33 43.66 -23.61 -77.80
C LYS B 33 43.05 -24.96 -78.13
N VAL B 34 42.37 -25.58 -77.16
CA VAL B 34 41.70 -26.85 -77.43
C VAL B 34 40.49 -26.64 -78.32
N SER B 35 39.95 -25.41 -78.34
CA SER B 35 38.79 -25.12 -79.16
C SER B 35 39.14 -25.08 -80.64
N THR B 36 40.27 -24.46 -80.98
CA THR B 36 40.59 -24.26 -82.40
C THR B 36 41.04 -25.55 -83.07
N GLU B 37 41.62 -26.47 -82.31
CA GLU B 37 42.04 -27.75 -82.89
C GLU B 37 40.82 -28.62 -83.22
N HIS B 38 39.86 -28.67 -82.29
CA HIS B 38 38.61 -29.37 -82.55
C HIS B 38 37.83 -28.70 -83.67
N ASN B 39 37.89 -27.37 -83.72
CA ASN B 39 37.34 -26.60 -84.84
C ASN B 39 37.94 -27.05 -86.17
N LYS B 40 39.26 -27.16 -86.23
CA LYS B 40 39.92 -27.50 -87.49
C LYS B 40 39.62 -28.94 -87.91
N GLU B 41 39.67 -29.88 -86.96
CA GLU B 41 39.39 -31.27 -87.35
C GLU B 41 37.93 -31.47 -87.71
N CYS B 42 37.02 -30.73 -87.06
CA CYS B 42 35.63 -30.75 -87.48
C CYS B 42 35.46 -30.20 -88.88
N LEU B 43 36.18 -29.12 -89.21
CA LEU B 43 36.14 -28.56 -90.55
C LEU B 43 36.64 -29.55 -91.58
N ILE B 44 37.70 -30.29 -91.26
CA ILE B 44 38.20 -31.33 -92.16
C ILE B 44 37.14 -32.41 -92.36
N ASN B 45 36.46 -32.81 -91.29
CA ASN B 45 35.42 -33.83 -91.41
C ASN B 45 34.27 -33.36 -92.29
N ILE B 46 33.83 -32.11 -92.10
CA ILE B 46 32.73 -31.59 -92.92
C ILE B 46 33.16 -31.44 -94.38
N SER B 47 34.41 -31.04 -94.60
CA SER B 47 34.93 -30.97 -95.97
C SER B 47 35.00 -32.36 -96.60
N LYS B 48 35.24 -33.38 -95.78
CA LYS B 48 35.16 -34.76 -96.27
C LYS B 48 33.74 -35.12 -96.66
N TYR B 49 32.75 -34.74 -95.84
CA TYR B 49 31.36 -35.08 -96.14
C TYR B 49 30.83 -34.28 -97.33
N LYS B 50 31.07 -32.97 -97.34
CA LYS B 50 30.67 -32.13 -98.48
C LYS B 50 31.79 -31.14 -98.73
N PHE B 51 32.28 -31.12 -99.97
CA PHE B 51 33.42 -30.28 -100.29
C PHE B 51 33.00 -28.84 -100.60
N SER B 52 31.86 -28.68 -101.30
CA SER B 52 31.60 -27.46 -102.05
C SER B 52 31.45 -26.24 -101.14
N LEU B 53 30.57 -26.32 -100.14
CA LEU B 53 30.29 -25.15 -99.32
C LEU B 53 31.46 -24.83 -98.41
N VAL B 54 32.14 -25.87 -97.92
CA VAL B 54 33.30 -25.68 -97.04
C VAL B 54 34.41 -24.96 -97.78
N ILE B 55 34.71 -25.40 -99.00
CA ILE B 55 35.80 -24.78 -99.73
C ILE B 55 35.38 -23.43 -100.30
N SER B 56 34.07 -23.24 -100.52
CA SER B 56 33.56 -21.92 -100.89
C SER B 56 33.83 -20.93 -99.77
N GLY B 57 33.49 -21.31 -98.53
CA GLY B 57 33.77 -20.45 -97.40
C GLY B 57 35.26 -20.23 -97.19
N LEU B 58 36.06 -21.28 -97.38
CA LEU B 58 37.50 -21.17 -97.19
C LEU B 58 38.13 -20.24 -98.23
N THR B 59 37.68 -20.33 -99.48
CA THR B 59 38.19 -19.44 -100.51
C THR B 59 37.75 -18.00 -100.28
N THR B 60 36.51 -17.80 -99.80
CA THR B 60 36.06 -16.46 -99.48
C THR B 60 36.88 -15.85 -98.34
N ILE B 61 37.18 -16.66 -97.32
CA ILE B 61 38.00 -16.19 -96.21
C ILE B 61 39.41 -15.89 -96.68
N LEU B 62 39.95 -16.72 -97.57
CA LEU B 62 41.24 -16.45 -98.19
C LEU B 62 41.25 -15.11 -98.91
N LYS B 63 40.20 -14.85 -99.68
CA LYS B 63 40.13 -13.60 -100.45
C LYS B 63 40.08 -12.38 -99.52
N ASN B 64 39.22 -12.42 -98.51
CA ASN B 64 39.06 -11.23 -97.67
C ASN B 64 40.26 -11.05 -96.73
N VAL B 65 40.88 -12.15 -96.29
CA VAL B 65 42.03 -12.05 -95.40
C VAL B 65 43.26 -11.55 -96.17
N ASN B 66 43.54 -12.16 -97.32
CA ASN B 66 44.73 -11.78 -98.07
C ASN B 66 44.54 -10.42 -98.74
N ASN B 67 43.30 -10.02 -98.98
CA ASN B 67 43.02 -8.65 -99.40
C ASN B 67 43.39 -7.67 -98.28
N MET B 68 43.10 -8.05 -97.04
CA MET B 68 43.37 -7.19 -95.90
C MET B 68 44.88 -7.06 -95.68
N ARG B 69 45.36 -5.82 -95.61
CA ARG B 69 46.78 -5.52 -95.47
C ARG B 69 47.00 -4.68 -94.22
N ILE B 70 48.10 -4.96 -93.51
CA ILE B 70 48.42 -4.31 -92.24
C ILE B 70 49.92 -4.05 -92.17
N PHE B 71 50.28 -2.84 -91.72
CA PHE B 71 51.67 -2.40 -91.66
C PHE B 71 52.29 -2.62 -90.27
N GLY B 72 52.12 -3.83 -89.76
CA GLY B 72 52.69 -4.15 -88.46
C GLY B 72 53.70 -5.29 -88.51
N GLU B 73 54.88 -5.07 -87.94
CA GLU B 73 55.96 -6.05 -88.06
C GLU B 73 55.63 -7.33 -87.29
N ALA B 74 55.20 -7.20 -86.03
CA ALA B 74 54.67 -8.36 -85.33
C ALA B 74 53.34 -8.79 -85.93
N ALA B 75 52.60 -7.84 -86.48
CA ALA B 75 51.32 -8.16 -87.11
C ALA B 75 51.51 -8.91 -88.42
N GLU B 76 52.60 -8.62 -89.14
CA GLU B 76 52.94 -9.43 -90.32
C GLU B 76 53.29 -10.87 -89.92
N LYS B 77 53.98 -11.04 -88.79
CA LYS B 77 54.28 -12.39 -88.32
C LYS B 77 53.02 -13.14 -87.94
N ASN B 78 52.09 -12.47 -87.27
CA ASN B 78 50.82 -13.09 -86.93
C ASN B 78 50.01 -13.41 -88.18
N LEU B 79 50.08 -12.53 -89.19
CA LEU B 79 49.46 -12.82 -90.47
C LEU B 79 50.08 -14.04 -91.13
N TYR B 80 51.41 -14.17 -91.04
CA TYR B 80 52.09 -15.33 -91.60
C TYR B 80 51.65 -16.62 -90.91
N LEU B 81 51.55 -16.61 -89.59
CA LEU B 81 51.05 -17.79 -88.88
C LEU B 81 49.61 -18.09 -89.23
N SER B 82 48.79 -17.05 -89.43
CA SER B 82 47.41 -17.25 -89.84
C SER B 82 47.32 -17.90 -91.21
N GLN B 83 48.14 -17.42 -92.16
CA GLN B 83 48.16 -18.04 -93.49
C GLN B 83 48.71 -19.45 -93.43
N LEU B 84 49.66 -19.71 -92.53
CA LEU B 84 50.19 -21.06 -92.37
C LEU B 84 49.11 -22.01 -91.87
N ILE B 85 48.35 -21.58 -90.88
CA ILE B 85 47.24 -22.39 -90.36
C ILE B 85 46.19 -22.60 -91.45
N ILE B 86 45.86 -21.54 -92.18
CA ILE B 86 44.86 -21.63 -93.25
C ILE B 86 45.33 -22.61 -94.32
N LEU B 87 46.62 -22.56 -94.68
CA LEU B 87 47.12 -23.42 -95.73
C LEU B 87 47.22 -24.87 -95.30
N ASP B 88 47.58 -25.14 -94.05
CA ASP B 88 47.62 -26.55 -93.63
C ASP B 88 46.22 -27.12 -93.48
N THR B 89 45.27 -26.30 -93.02
CA THR B 89 43.87 -26.75 -93.01
C THR B 89 43.36 -26.96 -94.44
N LEU B 90 43.82 -26.14 -95.38
CA LEU B 90 43.50 -26.33 -96.78
C LEU B 90 44.06 -27.65 -97.29
N GLU B 91 45.29 -27.97 -96.88
CA GLU B 91 45.90 -29.24 -97.26
C GLU B 91 45.10 -30.40 -96.74
N LYS B 92 44.66 -30.31 -95.48
CA LYS B 92 43.88 -31.39 -94.89
C LYS B 92 42.50 -31.51 -95.54
N CYS B 93 41.88 -30.38 -95.88
CA CYS B 93 40.58 -30.43 -96.57
C CYS B 93 40.71 -31.01 -97.96
N LEU B 94 41.75 -30.62 -98.71
CA LEU B 94 41.96 -31.17 -100.04
C LEU B 94 42.38 -32.64 -99.99
N ALA B 95 43.00 -33.06 -98.89
CA ALA B 95 43.22 -34.49 -98.68
C ALA B 95 41.93 -35.19 -98.30
N GLY B 96 40.99 -34.46 -97.71
CA GLY B 96 39.69 -35.03 -97.40
C GLY B 96 38.75 -35.03 -98.60
N GLN B 97 39.13 -34.34 -99.68
CA GLN B 97 38.34 -34.40 -100.91
C GLN B 97 38.25 -35.81 -101.49
N PRO B 98 39.35 -36.58 -101.63
CA PRO B 98 39.09 -37.96 -102.12
C PRO B 98 38.70 -38.89 -101.00
N LYS B 99 37.42 -38.82 -100.60
CA LYS B 99 36.87 -39.88 -99.76
C LYS B 99 36.75 -41.18 -100.57
N ASP B 100 36.67 -41.05 -101.89
CA ASP B 100 36.79 -42.14 -102.84
C ASP B 100 37.37 -41.57 -104.12
N THR B 101 37.22 -42.31 -105.22
CA THR B 101 37.59 -41.78 -106.52
C THR B 101 36.64 -40.65 -106.90
N MET B 102 37.11 -39.41 -106.75
CA MET B 102 36.27 -38.22 -106.87
C MET B 102 37.03 -37.23 -107.76
N ARG B 103 37.47 -37.73 -108.92
CA ARG B 103 38.20 -36.89 -109.86
C ARG B 103 37.31 -35.79 -110.43
N LEU B 104 36.00 -36.03 -110.48
CA LEU B 104 35.07 -34.97 -110.86
C LEU B 104 35.05 -33.89 -109.80
N ASP B 105 35.56 -32.71 -110.16
CA ASP B 105 35.62 -31.61 -109.23
C ASP B 105 35.13 -30.35 -109.93
N GLU B 106 34.50 -29.47 -109.16
CA GLU B 106 33.86 -28.28 -109.72
C GLU B 106 34.93 -27.24 -110.03
N THR B 107 35.26 -27.11 -111.32
CA THR B 107 36.20 -26.08 -111.75
C THR B 107 35.59 -24.70 -111.62
N MET B 108 34.27 -24.58 -111.79
CA MET B 108 33.61 -23.29 -111.70
C MET B 108 33.57 -22.78 -110.26
N LEU B 109 33.78 -23.68 -109.29
CA LEU B 109 33.68 -23.27 -107.90
C LEU B 109 34.99 -22.67 -107.39
N VAL B 110 36.09 -23.41 -107.54
CA VAL B 110 37.33 -23.13 -106.82
C VAL B 110 38.40 -22.55 -107.75
N LYS B 111 38.35 -22.91 -109.03
CA LYS B 111 39.52 -22.68 -109.87
C LYS B 111 39.58 -21.27 -110.45
N GLN B 112 38.63 -20.40 -110.09
CA GLN B 112 38.69 -19.02 -110.55
C GLN B 112 39.44 -18.13 -109.56
N LEU B 113 39.45 -18.51 -108.28
CA LEU B 113 39.99 -17.63 -107.26
C LEU B 113 41.08 -18.29 -106.43
N LEU B 114 40.90 -19.57 -106.11
CA LEU B 114 41.91 -20.27 -105.30
C LEU B 114 43.27 -20.41 -105.98
N PRO B 115 43.38 -20.82 -107.26
CA PRO B 115 44.70 -20.73 -107.90
C PRO B 115 45.22 -19.31 -107.99
N GLU B 116 44.34 -18.33 -108.15
CA GLU B 116 44.79 -16.94 -108.24
C GLU B 116 45.35 -16.44 -106.92
N ILE B 117 44.67 -16.77 -105.82
CA ILE B 117 45.15 -16.28 -104.53
C ILE B 117 46.38 -17.07 -104.07
N CYS B 118 46.42 -18.38 -104.36
CA CYS B 118 47.60 -19.17 -104.04
C CYS B 118 48.79 -18.71 -104.87
N HIS B 119 48.54 -18.37 -106.13
CA HIS B 119 49.50 -17.67 -106.98
C HIS B 119 50.02 -16.40 -106.35
N PHE B 120 49.12 -15.51 -105.92
CA PHE B 120 49.56 -14.21 -105.42
C PHE B 120 50.31 -14.36 -104.10
N LEU B 121 50.06 -15.45 -103.38
CA LEU B 121 50.82 -15.73 -102.17
C LEU B 121 52.29 -15.99 -102.47
N HIS B 122 52.60 -16.72 -103.54
CA HIS B 122 53.97 -17.20 -103.73
C HIS B 122 54.61 -16.78 -105.04
N THR B 123 53.99 -15.90 -105.82
CA THR B 123 54.65 -15.45 -107.04
C THR B 123 55.56 -14.27 -106.78
N CYS B 124 56.41 -13.97 -107.77
CA CYS B 124 57.32 -12.82 -107.78
C CYS B 124 58.34 -12.91 -106.63
N ARG B 125 58.52 -14.13 -106.12
CA ARG B 125 59.39 -14.43 -104.97
C ARG B 125 58.98 -13.54 -103.79
N GLU B 126 57.67 -13.53 -103.53
CA GLU B 126 57.14 -12.71 -102.45
C GLU B 126 57.33 -13.40 -101.11
N GLY B 127 57.34 -12.61 -100.05
CA GLY B 127 57.56 -13.13 -98.72
C GLY B 127 58.96 -13.66 -98.53
N ASN B 128 59.94 -12.74 -98.51
CA ASN B 128 61.34 -13.12 -98.52
C ASN B 128 61.73 -13.89 -97.26
N GLN B 129 61.10 -13.56 -96.13
CA GLN B 129 61.51 -14.14 -94.86
C GLN B 129 60.84 -15.49 -94.61
N HIS B 130 59.54 -15.58 -94.87
CA HIS B 130 58.76 -16.72 -94.37
C HIS B 130 57.95 -17.47 -95.42
N ALA B 131 57.86 -17.00 -96.65
CA ALA B 131 56.93 -17.62 -97.59
C ALA B 131 57.50 -18.81 -98.34
N ALA B 132 58.71 -19.26 -98.02
CA ALA B 132 59.26 -20.44 -98.71
C ALA B 132 58.48 -21.69 -98.37
N GLU B 133 58.25 -21.94 -97.08
CA GLU B 133 57.40 -23.07 -96.68
C GLU B 133 55.94 -22.79 -96.99
N LEU B 134 55.55 -21.51 -97.04
CA LEU B 134 54.24 -21.16 -97.58
C LEU B 134 54.14 -21.52 -99.05
N ARG B 135 55.23 -21.29 -99.80
CA ARG B 135 55.28 -21.72 -101.20
C ARG B 135 55.20 -23.24 -101.31
N ASN B 136 55.83 -23.94 -100.36
CA ASN B 136 55.75 -25.40 -100.33
C ASN B 136 54.32 -25.87 -100.07
N SER B 137 53.62 -25.21 -99.15
CA SER B 137 52.23 -25.57 -98.89
C SER B 137 51.34 -25.25 -100.08
N ALA B 138 51.64 -24.16 -100.79
CA ALA B 138 50.94 -23.86 -102.04
C ALA B 138 51.21 -24.95 -103.08
N SER B 139 52.44 -25.44 -103.13
CA SER B 139 52.75 -26.54 -104.03
C SER B 139 52.00 -27.81 -103.64
N GLY B 140 51.82 -28.04 -102.34
CA GLY B 140 51.06 -29.20 -101.90
C GLY B 140 49.58 -29.11 -102.21
N VAL B 141 48.99 -27.92 -102.05
CA VAL B 141 47.58 -27.81 -102.39
C VAL B 141 47.40 -27.87 -103.91
N LEU B 142 48.39 -27.40 -104.67
CA LEU B 142 48.34 -27.58 -106.12
C LEU B 142 48.55 -29.04 -106.51
N PHE B 143 49.36 -29.76 -105.74
CA PHE B 143 49.44 -31.22 -105.83
C PHE B 143 48.06 -31.87 -105.71
N SER B 144 47.30 -31.48 -104.68
CA SER B 144 45.97 -32.07 -104.51
C SER B 144 45.02 -31.66 -105.62
N LEU B 145 45.09 -30.39 -106.05
CA LEU B 145 44.23 -29.93 -107.14
C LEU B 145 44.52 -30.65 -108.44
N SER B 146 45.80 -30.82 -108.77
CA SER B 146 46.18 -31.51 -109.99
C SER B 146 45.87 -33.00 -109.89
N CYS B 147 45.85 -33.54 -108.67
CA CYS B 147 45.31 -34.88 -108.47
C CYS B 147 43.83 -34.92 -108.80
N ASN B 148 43.08 -33.91 -108.41
CA ASN B 148 41.65 -33.90 -108.72
C ASN B 148 41.39 -33.41 -110.15
N ASN B 149 41.71 -32.15 -110.43
CA ASN B 149 41.44 -31.52 -111.72
C ASN B 149 42.27 -30.27 -111.88
N PHE B 150 42.99 -30.17 -113.00
CA PHE B 150 43.85 -29.01 -113.27
C PHE B 150 43.70 -28.49 -114.70
N ASN B 151 42.69 -28.97 -115.45
CA ASN B 151 42.62 -28.71 -116.88
C ASN B 151 42.45 -27.24 -117.19
N ALA B 152 41.59 -26.54 -116.43
CA ALA B 152 41.48 -25.10 -116.58
C ALA B 152 42.78 -24.40 -116.24
N VAL B 153 43.48 -24.90 -115.22
CA VAL B 153 44.83 -24.42 -114.93
C VAL B 153 45.74 -24.67 -116.12
N PHE B 154 45.55 -25.81 -116.78
CA PHE B 154 46.26 -26.08 -118.03
C PHE B 154 45.92 -25.03 -119.08
N SER B 155 44.64 -24.61 -119.16
CA SER B 155 44.28 -23.53 -120.06
C SER B 155 44.90 -22.22 -119.58
N ARG B 156 45.05 -22.06 -118.26
CA ARG B 156 45.80 -20.92 -117.74
C ARG B 156 47.26 -21.00 -118.20
N ILE B 157 47.77 -22.22 -118.38
CA ILE B 157 49.06 -22.41 -119.02
C ILE B 157 49.02 -21.88 -120.44
N SER B 158 47.95 -22.18 -121.17
CA SER B 158 47.85 -21.74 -122.55
C SER B 158 47.56 -20.25 -122.63
N THR B 159 46.54 -19.78 -121.91
CA THR B 159 46.01 -18.44 -122.11
C THR B 159 47.00 -17.36 -121.69
N ARG B 160 47.75 -17.60 -120.61
CA ARG B 160 48.74 -16.62 -120.17
C ARG B 160 49.93 -16.56 -121.11
N LEU B 161 50.13 -17.60 -121.93
CA LEU B 161 51.31 -17.64 -122.77
C LEU B 161 51.04 -17.10 -124.17
N GLN B 162 49.77 -17.02 -124.56
CA GLN B 162 49.42 -16.17 -125.71
C GLN B 162 49.61 -14.70 -125.38
N GLU B 163 49.62 -14.34 -124.09
CA GLU B 163 49.59 -12.93 -123.71
C GLU B 163 50.93 -12.25 -123.99
N LEU B 164 52.01 -13.03 -124.05
CA LEU B 164 53.35 -12.44 -124.12
C LEU B 164 53.73 -12.08 -125.56
N THR B 165 52.94 -12.54 -126.54
CA THR B 165 53.34 -12.74 -127.96
C THR B 165 53.94 -11.46 -128.54
N VAL B 166 53.51 -10.27 -128.13
CA VAL B 166 54.10 -9.05 -128.69
C VAL B 166 54.97 -8.34 -127.66
N CYS B 167 54.53 -8.30 -126.40
CA CYS B 167 55.23 -7.51 -125.38
C CYS B 167 56.56 -8.16 -125.01
N SER B 168 57.63 -7.34 -125.04
CA SER B 168 58.96 -7.86 -124.79
C SER B 168 59.20 -8.11 -123.30
N GLU B 169 58.77 -7.19 -122.45
CA GLU B 169 59.08 -7.24 -121.01
C GLU B 169 57.85 -7.70 -120.26
N ASP B 170 57.93 -8.91 -119.69
CA ASP B 170 56.83 -9.48 -118.94
C ASP B 170 57.37 -10.31 -117.79
N ASN B 171 56.66 -10.27 -116.67
CA ASN B 171 56.86 -11.22 -115.58
C ASN B 171 55.82 -12.32 -115.59
N VAL B 172 55.11 -12.50 -116.72
CA VAL B 172 54.06 -13.51 -116.78
C VAL B 172 54.66 -14.90 -116.82
N ASP B 173 55.95 -15.02 -117.14
CA ASP B 173 56.62 -16.30 -116.99
C ASP B 173 56.77 -16.67 -115.53
N VAL B 174 57.03 -15.69 -114.67
CA VAL B 174 56.93 -15.92 -113.23
C VAL B 174 55.48 -16.20 -112.86
N HIS B 175 54.53 -15.65 -113.62
CA HIS B 175 53.13 -15.73 -113.21
C HIS B 175 52.49 -17.05 -113.62
N ASP B 176 52.94 -17.66 -114.70
CA ASP B 176 52.34 -18.90 -115.15
C ASP B 176 53.34 -20.03 -115.33
N ILE B 177 54.56 -19.71 -115.76
CA ILE B 177 55.61 -20.73 -115.91
C ILE B 177 56.04 -21.29 -114.56
N GLU B 178 56.11 -20.43 -113.53
CA GLU B 178 56.38 -20.91 -112.18
C GLU B 178 55.23 -21.75 -111.67
N LEU B 179 54.01 -21.51 -112.17
CA LEU B 179 52.93 -22.43 -111.82
C LEU B 179 53.01 -23.71 -112.64
N LEU B 180 53.56 -23.64 -113.85
CA LEU B 180 53.72 -24.80 -114.71
C LEU B 180 54.71 -25.79 -114.11
N GLN B 181 55.72 -25.28 -113.41
CA GLN B 181 56.70 -26.20 -112.82
C GLN B 181 56.11 -26.96 -111.62
N TYR B 182 55.01 -26.44 -111.04
CA TYR B 182 54.48 -27.08 -109.83
C TYR B 182 53.34 -28.04 -110.11
N ILE B 183 52.85 -28.10 -111.36
CA ILE B 183 51.71 -28.98 -111.62
C ILE B 183 52.18 -30.42 -111.68
N ASN B 184 51.30 -31.33 -111.31
CA ASN B 184 51.56 -32.76 -111.53
C ASN B 184 51.51 -33.08 -113.02
N VAL B 185 52.37 -34.00 -113.43
CA VAL B 185 52.52 -34.37 -114.83
C VAL B 185 52.40 -35.88 -114.94
N ASP B 186 51.47 -36.33 -115.77
CA ASP B 186 51.39 -37.73 -116.16
C ASP B 186 51.88 -37.85 -117.61
N CYS B 187 52.14 -39.09 -118.05
CA CYS B 187 52.75 -39.32 -119.36
C CYS B 187 51.90 -38.77 -120.50
N ALA B 188 50.58 -38.99 -120.45
CA ALA B 188 49.70 -38.34 -121.42
C ALA B 188 49.67 -36.84 -121.22
N LYS B 189 49.65 -36.41 -119.96
CA LYS B 189 49.74 -34.98 -119.65
C LYS B 189 51.08 -34.42 -120.09
N LEU B 190 52.15 -35.20 -119.95
CA LEU B 190 53.45 -34.79 -120.47
C LEU B 190 53.41 -34.61 -121.96
N LYS B 191 52.76 -35.54 -122.67
CA LYS B 191 52.69 -35.47 -124.12
C LYS B 191 51.92 -34.23 -124.57
N ARG B 192 50.81 -33.93 -123.88
CA ARG B 192 50.03 -32.74 -124.22
C ARG B 192 50.79 -31.45 -123.88
N LEU B 193 51.49 -31.42 -122.75
CA LEU B 193 52.28 -30.25 -122.41
C LEU B 193 53.44 -30.05 -123.38
N LEU B 194 54.04 -31.15 -123.83
CA LEU B 194 55.11 -31.06 -124.82
C LEU B 194 54.59 -30.49 -126.13
N LYS B 195 53.42 -30.97 -126.58
CA LYS B 195 52.83 -30.44 -127.81
C LYS B 195 52.49 -28.97 -127.66
N GLU B 196 51.91 -28.61 -126.51
CA GLU B 196 51.48 -27.24 -126.22
C GLU B 196 52.67 -26.27 -126.19
N THR B 197 53.73 -26.64 -125.46
CA THR B 197 54.92 -25.83 -125.40
C THR B 197 55.63 -25.77 -126.75
N ALA B 198 55.61 -26.86 -127.50
CA ALA B 198 56.21 -26.88 -128.83
C ALA B 198 55.49 -25.94 -129.77
N PHE B 199 54.16 -25.87 -129.65
CA PHE B 199 53.40 -24.91 -130.46
C PHE B 199 53.76 -23.48 -130.09
N LYS B 200 53.98 -23.21 -128.80
CA LYS B 200 54.16 -21.80 -128.43
C LYS B 200 55.62 -21.38 -128.29
N PHE B 201 56.56 -22.33 -128.28
CA PHE B 201 57.97 -21.95 -128.09
C PHE B 201 58.52 -21.19 -129.29
N LYS B 202 57.86 -21.29 -130.44
CA LYS B 202 58.37 -20.65 -131.65
C LYS B 202 58.31 -19.14 -131.55
N ALA B 203 59.48 -18.51 -131.72
CA ALA B 203 59.64 -17.05 -131.87
C ALA B 203 59.13 -16.28 -130.66
N LEU B 204 59.41 -16.81 -129.46
CA LEU B 204 59.12 -16.04 -128.25
C LEU B 204 60.34 -15.22 -127.83
N LYS B 205 60.16 -14.47 -126.75
CA LYS B 205 61.25 -13.68 -126.21
C LYS B 205 62.24 -14.59 -125.50
N LYS B 206 63.46 -14.07 -125.30
CA LYS B 206 64.55 -14.91 -124.79
C LYS B 206 64.32 -15.32 -123.34
N VAL B 207 63.91 -14.37 -122.50
CA VAL B 207 63.70 -14.65 -121.08
C VAL B 207 62.52 -15.60 -120.89
N ALA B 208 61.47 -15.42 -121.69
CA ALA B 208 60.33 -16.33 -121.64
C ALA B 208 60.74 -17.74 -122.05
N GLN B 209 61.54 -17.84 -123.10
CA GLN B 209 61.98 -19.15 -123.59
C GLN B 209 62.86 -19.86 -122.56
N LEU B 210 63.77 -19.14 -121.91
CA LEU B 210 64.61 -19.80 -120.91
C LEU B 210 63.81 -20.16 -119.66
N ALA B 211 62.81 -19.36 -119.31
CA ALA B 211 61.92 -19.72 -118.21
C ALA B 211 61.15 -21.00 -118.53
N VAL B 212 60.66 -21.11 -119.76
CA VAL B 212 60.00 -22.34 -120.22
C VAL B 212 60.97 -23.52 -120.15
N ILE B 213 62.23 -23.28 -120.51
CA ILE B 213 63.25 -24.33 -120.49
C ILE B 213 63.45 -24.86 -119.07
N ASN B 214 63.63 -23.95 -118.10
CA ASN B 214 63.84 -24.36 -116.72
C ASN B 214 62.62 -25.05 -116.14
N SER B 215 61.44 -24.55 -116.48
CA SER B 215 60.21 -25.14 -115.94
C SER B 215 59.94 -26.52 -116.53
N LEU B 216 60.26 -26.72 -117.80
CA LEU B 216 60.10 -28.05 -118.38
C LEU B 216 61.11 -29.03 -117.80
N GLU B 217 62.32 -28.56 -117.49
CA GLU B 217 63.27 -29.41 -116.78
C GLU B 217 62.72 -29.84 -115.42
N LYS B 218 62.28 -28.88 -114.61
CA LYS B 218 61.80 -29.21 -113.28
C LYS B 218 60.47 -29.94 -113.31
N ALA B 219 59.68 -29.74 -114.38
CA ALA B 219 58.43 -30.48 -114.51
C ALA B 219 58.68 -31.91 -114.92
N PHE B 220 59.69 -32.14 -115.76
CA PHE B 220 60.10 -33.51 -116.05
C PHE B 220 60.57 -34.21 -114.79
N TRP B 221 61.32 -33.49 -113.94
CA TRP B 221 61.73 -34.10 -112.67
C TRP B 221 60.52 -34.37 -111.78
N ASN B 222 59.55 -33.45 -111.76
CA ASN B 222 58.34 -33.65 -110.97
C ASN B 222 57.56 -34.85 -111.49
N TRP B 223 57.65 -35.15 -112.78
CA TRP B 223 57.11 -36.40 -113.28
C TRP B 223 58.02 -37.58 -112.92
N VAL B 224 59.31 -37.31 -112.68
CA VAL B 224 60.21 -38.40 -112.28
C VAL B 224 59.81 -38.97 -110.92
N GLU B 225 59.47 -38.12 -109.94
CA GLU B 225 58.98 -38.77 -108.72
C GLU B 225 57.51 -39.18 -108.85
N ASN B 226 56.84 -38.78 -109.93
CA ASN B 226 55.40 -39.02 -110.03
C ASN B 226 55.10 -40.49 -110.32
N TYR B 227 55.54 -40.98 -111.47
CA TYR B 227 55.21 -42.34 -111.91
C TYR B 227 56.48 -43.07 -112.34
N PRO B 228 57.24 -43.62 -111.39
CA PRO B 228 58.44 -44.38 -111.77
C PRO B 228 58.15 -45.66 -112.54
N ASP B 229 56.98 -46.27 -112.31
CA ASP B 229 56.61 -47.46 -113.07
C ASP B 229 56.37 -47.13 -114.54
N GLU B 230 55.93 -45.90 -114.82
CA GLU B 230 55.82 -45.47 -116.21
C GLU B 230 57.19 -45.34 -116.86
N PHE B 231 58.19 -44.89 -116.09
CA PHE B 231 59.57 -44.93 -116.59
C PHE B 231 60.03 -46.36 -116.83
N THR B 232 59.63 -47.28 -115.96
CA THR B 232 59.99 -48.67 -116.12
C THR B 232 59.41 -49.24 -117.41
N LYS B 233 58.15 -48.92 -117.70
CA LYS B 233 57.51 -49.44 -118.91
C LYS B 233 57.88 -48.64 -120.16
N LEU B 234 58.42 -47.43 -119.99
CA LEU B 234 58.69 -46.58 -121.14
C LEU B 234 59.87 -47.10 -121.96
N TYR B 235 60.93 -47.56 -121.29
CA TYR B 235 62.06 -48.10 -122.04
C TYR B 235 61.78 -49.53 -122.47
N GLN B 236 60.83 -50.20 -121.82
CA GLN B 236 60.45 -51.54 -122.23
C GLN B 236 59.69 -51.51 -123.56
N ILE B 237 58.69 -50.62 -123.66
CA ILE B 237 57.95 -50.40 -124.90
C ILE B 237 57.94 -48.91 -125.22
N PRO B 238 58.42 -48.49 -126.39
CA PRO B 238 58.67 -47.06 -126.62
C PRO B 238 57.38 -46.28 -126.92
N GLN B 239 57.24 -45.13 -126.28
CA GLN B 239 56.20 -44.17 -126.61
C GLN B 239 56.83 -43.15 -127.55
N THR B 240 56.71 -43.41 -128.85
CA THR B 240 57.48 -42.65 -129.83
C THR B 240 56.89 -41.26 -130.04
N ASP B 241 55.62 -41.06 -129.67
CA ASP B 241 54.97 -39.77 -129.93
C ASP B 241 55.56 -38.67 -129.08
N MET B 242 55.79 -38.94 -127.79
CA MET B 242 56.39 -37.93 -126.91
C MET B 242 57.85 -37.70 -127.26
N ALA B 243 58.53 -38.72 -127.77
CA ALA B 243 59.90 -38.55 -128.27
C ALA B 243 59.91 -37.65 -129.49
N GLU B 244 58.91 -37.80 -130.36
CA GLU B 244 58.77 -36.91 -131.51
C GLU B 244 58.47 -35.48 -131.06
N CYS B 245 57.64 -35.33 -130.02
CA CYS B 245 57.43 -34.02 -129.43
C CYS B 245 58.71 -33.48 -128.83
N ALA B 246 59.47 -34.34 -128.14
CA ALA B 246 60.74 -33.91 -127.56
C ALA B 246 61.75 -33.56 -128.65
N GLU B 247 61.67 -34.23 -129.80
CA GLU B 247 62.53 -33.88 -130.92
C GLU B 247 62.22 -32.48 -131.43
N LYS B 248 60.94 -32.12 -131.48
CA LYS B 248 60.57 -30.75 -131.83
C LYS B 248 61.09 -29.77 -130.78
N LEU B 249 60.98 -30.15 -129.51
CA LEU B 249 61.56 -29.32 -128.44
C LEU B 249 63.07 -29.24 -128.58
N PHE B 250 63.72 -30.34 -128.99
CA PHE B 250 65.17 -30.31 -129.18
C PHE B 250 65.56 -29.34 -130.29
N ASP B 251 64.82 -29.35 -131.40
CA ASP B 251 65.11 -28.43 -132.50
C ASP B 251 64.84 -26.99 -132.09
N LEU B 252 63.76 -26.76 -131.34
CA LEU B 252 63.45 -25.41 -130.88
C LEU B 252 64.50 -24.88 -129.91
N VAL B 253 64.99 -25.75 -129.02
CA VAL B 253 66.03 -25.37 -128.08
C VAL B 253 67.34 -25.08 -128.82
N ASP B 254 67.69 -25.92 -129.79
CA ASP B 254 68.90 -25.71 -130.56
C ASP B 254 68.83 -24.43 -131.38
N GLY B 255 67.64 -24.10 -131.89
CA GLY B 255 67.45 -22.82 -132.55
C GLY B 255 67.54 -21.65 -131.58
N PHE B 256 67.08 -21.85 -130.34
CA PHE B 256 67.08 -20.76 -129.37
C PHE B 256 68.50 -20.39 -128.94
N ALA B 257 69.39 -21.39 -128.82
CA ALA B 257 70.74 -21.17 -128.30
C ALA B 257 71.72 -21.19 -129.47
N GLU B 258 72.35 -20.04 -129.73
CA GLU B 258 73.32 -19.95 -130.81
C GLU B 258 74.74 -20.03 -130.29
N SER B 259 74.98 -19.53 -129.07
CA SER B 259 76.34 -19.34 -128.59
C SER B 259 76.52 -19.77 -127.15
N THR B 260 77.69 -19.45 -126.59
CA THR B 260 78.30 -20.07 -125.39
C THR B 260 77.34 -19.99 -124.19
N LYS B 261 76.90 -18.81 -123.77
CA LYS B 261 76.11 -18.72 -122.54
C LYS B 261 74.72 -19.31 -122.73
N ARG B 262 74.11 -19.09 -123.90
CA ARG B 262 72.83 -19.70 -124.21
C ARG B 262 72.94 -21.21 -124.28
N LYS B 263 74.03 -21.70 -124.88
CA LYS B 263 74.26 -23.14 -124.96
C LYS B 263 74.44 -23.74 -123.58
N ALA B 264 75.16 -23.04 -122.71
CA ALA B 264 75.34 -23.50 -121.34
C ALA B 264 74.02 -23.52 -120.57
N ALA B 265 73.17 -22.52 -120.81
CA ALA B 265 71.88 -22.49 -120.16
C ALA B 265 70.99 -23.64 -120.63
N VAL B 266 71.04 -23.97 -121.93
CA VAL B 266 70.14 -25.00 -122.44
C VAL B 266 70.71 -26.40 -122.35
N TRP B 267 72.00 -26.54 -121.98
CA TRP B 267 72.58 -27.86 -121.80
C TRP B 267 71.82 -28.78 -120.84
N PRO B 268 71.30 -28.33 -119.68
CA PRO B 268 70.44 -29.23 -118.90
C PRO B 268 69.21 -29.71 -119.65
N LEU B 269 68.48 -28.81 -120.31
CA LEU B 269 67.28 -29.24 -121.01
C LEU B 269 67.62 -30.04 -122.26
N GLN B 270 68.78 -29.80 -122.85
CA GLN B 270 69.20 -30.64 -123.97
C GLN B 270 69.48 -32.07 -123.50
N ILE B 271 70.06 -32.21 -122.30
CA ILE B 271 70.19 -33.53 -121.69
C ILE B 271 68.81 -34.13 -121.41
N ILE B 272 67.88 -33.31 -120.90
CA ILE B 272 66.53 -33.78 -120.61
C ILE B 272 65.84 -34.26 -121.87
N LEU B 273 66.00 -33.52 -122.97
CA LEU B 273 65.35 -33.90 -124.21
C LEU B 273 66.01 -35.14 -124.81
N LEU B 274 67.30 -35.33 -124.57
CA LEU B 274 67.95 -36.58 -124.98
C LEU B 274 67.40 -37.77 -124.19
N ILE B 275 67.18 -37.59 -122.89
CA ILE B 275 66.82 -38.74 -122.07
C ILE B 275 65.32 -39.01 -122.15
N LEU B 276 64.53 -38.03 -122.59
CA LEU B 276 63.11 -38.27 -122.83
C LEU B 276 62.91 -39.26 -123.97
N CYS B 277 63.78 -39.23 -124.96
CA CYS B 277 63.70 -40.11 -126.11
C CYS B 277 64.66 -41.30 -125.96
N PRO B 278 64.12 -42.51 -125.75
CA PRO B 278 65.00 -43.67 -125.50
C PRO B 278 65.65 -44.23 -126.74
N GLU B 279 64.92 -44.23 -127.86
CA GLU B 279 65.34 -45.02 -129.01
C GLU B 279 66.49 -44.37 -129.78
N ILE B 280 66.54 -43.04 -129.83
CA ILE B 280 67.61 -42.41 -130.60
C ILE B 280 68.88 -42.24 -129.77
N ILE B 281 68.83 -42.62 -128.49
CA ILE B 281 70.05 -42.71 -127.68
C ILE B 281 70.99 -43.74 -128.29
N GLN B 282 70.43 -44.78 -128.89
CA GLN B 282 71.24 -45.81 -129.55
C GLN B 282 71.93 -45.26 -130.79
N ASP B 283 71.20 -44.50 -131.62
CA ASP B 283 71.78 -44.14 -132.92
C ASP B 283 72.54 -42.81 -132.86
N ILE B 284 72.38 -42.04 -131.79
CA ILE B 284 73.22 -40.85 -131.63
C ILE B 284 74.66 -41.27 -131.33
N SER B 285 74.84 -42.41 -130.67
CA SER B 285 76.16 -42.89 -130.31
C SER B 285 76.42 -44.27 -130.91
N GLU B 291 71.59 -37.45 -140.28
CA GLU B 291 72.28 -36.16 -140.19
C GLU B 291 71.65 -35.30 -139.10
N ASN B 292 70.42 -35.66 -138.71
CA ASN B 292 69.74 -34.93 -137.63
C ASN B 292 70.45 -35.12 -136.30
N ASN B 293 70.97 -36.33 -136.05
CA ASN B 293 71.66 -36.60 -134.80
C ASN B 293 73.04 -35.96 -134.73
N MET B 294 73.56 -35.48 -135.86
CA MET B 294 74.91 -34.92 -135.90
C MET B 294 75.02 -33.68 -135.03
N ASN B 295 74.00 -32.81 -135.06
CA ASN B 295 73.96 -31.68 -134.15
C ASN B 295 73.81 -32.15 -132.71
N LYS B 296 73.01 -33.19 -132.48
CA LYS B 296 72.87 -33.75 -131.14
C LYS B 296 74.13 -34.47 -130.70
N LYS B 297 74.78 -35.18 -131.63
CA LYS B 297 76.06 -35.83 -131.32
C LYS B 297 77.14 -34.80 -131.06
N LEU B 298 77.06 -33.65 -131.73
CA LEU B 298 77.97 -32.54 -131.44
C LEU B 298 77.79 -32.07 -130.00
N PHE B 299 76.54 -31.93 -129.55
CA PHE B 299 76.26 -31.55 -128.17
C PHE B 299 76.75 -32.60 -127.19
N LEU B 300 76.53 -33.88 -127.49
CA LEU B 300 76.91 -34.94 -126.56
C LEU B 300 78.42 -35.05 -126.44
N ASP B 301 79.13 -34.93 -127.56
CA ASP B 301 80.60 -34.97 -127.51
C ASP B 301 81.17 -33.71 -126.88
N SER B 302 80.50 -32.57 -127.08
CA SER B 302 80.91 -31.35 -126.39
C SER B 302 80.68 -31.46 -124.89
N LEU B 303 79.63 -32.16 -124.49
CA LEU B 303 79.42 -32.48 -123.07
C LEU B 303 80.54 -33.35 -122.54
N ARG B 304 80.92 -34.40 -123.30
CA ARG B 304 81.99 -35.28 -122.86
C ARG B 304 83.32 -34.54 -122.74
N LYS B 305 83.57 -33.59 -123.65
CA LYS B 305 84.79 -32.80 -123.56
C LYS B 305 84.73 -31.80 -122.40
N ALA B 306 83.60 -31.10 -122.26
CA ALA B 306 83.49 -30.02 -121.28
C ALA B 306 83.26 -30.52 -119.87
N LEU B 307 83.02 -31.82 -119.68
CA LEU B 307 83.14 -32.38 -118.34
C LEU B 307 84.56 -32.26 -117.83
N ALA B 308 85.54 -32.43 -118.72
CA ALA B 308 86.92 -32.08 -118.38
C ALA B 308 87.11 -30.57 -118.38
N GLY B 309 86.30 -29.85 -119.14
CA GLY B 309 86.37 -28.39 -119.18
C GLY B 309 87.63 -27.82 -119.77
N HIS B 310 88.09 -28.39 -120.89
CA HIS B 310 89.32 -27.95 -121.51
C HIS B 310 89.11 -26.60 -122.20
N GLY B 311 89.62 -25.54 -121.59
CA GLY B 311 89.45 -24.21 -122.15
C GLY B 311 88.01 -23.75 -122.07
N GLY B 312 87.63 -22.87 -122.99
CA GLY B 312 86.27 -22.34 -122.98
C GLY B 312 86.05 -21.44 -121.79
N SER B 313 84.99 -21.73 -121.03
CA SER B 313 84.65 -20.97 -119.84
C SER B 313 84.42 -21.94 -118.68
N ARG B 314 84.66 -21.44 -117.47
CA ARG B 314 84.38 -22.24 -116.28
C ARG B 314 82.89 -22.45 -116.09
N GLN B 315 82.09 -21.46 -116.52
CA GLN B 315 80.64 -21.59 -116.46
C GLN B 315 80.16 -22.70 -117.39
N LEU B 316 80.83 -22.86 -118.55
CA LEU B 316 80.52 -23.97 -119.44
C LEU B 316 80.77 -25.31 -118.76
N THR B 317 81.89 -25.43 -118.06
CA THR B 317 82.22 -26.66 -117.35
C THR B 317 81.22 -26.94 -116.24
N GLU B 318 80.84 -25.90 -115.49
CA GLU B 318 79.87 -26.08 -114.41
C GLU B 318 78.51 -26.49 -114.94
N SER B 319 78.06 -25.86 -116.02
CA SER B 319 76.77 -26.21 -116.60
C SER B 319 76.77 -27.63 -117.16
N ALA B 320 77.88 -28.02 -117.82
CA ALA B 320 78.00 -29.38 -118.33
C ALA B 320 77.99 -30.39 -117.19
N ALA B 321 78.68 -30.07 -116.09
CA ALA B 321 78.69 -30.95 -114.93
C ALA B 321 77.30 -31.10 -114.33
N ILE B 322 76.57 -29.99 -114.20
CA ILE B 322 75.23 -30.03 -113.64
C ILE B 322 74.31 -30.87 -114.53
N ALA B 323 74.39 -30.66 -115.84
CA ALA B 323 73.57 -31.42 -116.78
C ALA B 323 73.88 -32.90 -116.72
N CYS B 324 75.16 -33.26 -116.59
CA CYS B 324 75.50 -34.67 -116.58
C CYS B 324 75.17 -35.32 -115.24
N VAL B 325 75.14 -34.53 -114.16
CA VAL B 325 74.62 -35.04 -112.88
C VAL B 325 73.12 -35.29 -112.99
N LYS B 326 72.40 -34.42 -113.71
CA LYS B 326 70.99 -34.71 -113.99
C LYS B 326 70.85 -35.98 -114.81
N LEU B 327 71.78 -36.21 -115.75
CA LEU B 327 71.80 -37.45 -116.52
C LEU B 327 71.98 -38.67 -115.62
N CYS B 328 72.93 -38.60 -114.70
CA CYS B 328 73.18 -39.73 -113.79
C CYS B 328 72.01 -39.94 -112.84
N LYS B 329 71.35 -38.84 -112.45
CA LYS B 329 70.17 -38.96 -111.60
C LYS B 329 69.02 -39.62 -112.36
N ALA B 330 68.89 -39.31 -113.65
CA ALA B 330 67.89 -39.97 -114.46
C ALA B 330 68.24 -41.43 -114.71
N SER B 331 69.52 -41.78 -114.59
CA SER B 331 69.93 -43.17 -114.74
C SER B 331 69.46 -44.04 -113.58
N THR B 332 68.94 -43.45 -112.51
CA THR B 332 68.58 -44.21 -111.33
C THR B 332 67.37 -45.12 -111.58
N TYR B 333 66.37 -44.62 -112.31
CA TYR B 333 65.11 -45.32 -112.43
C TYR B 333 65.09 -46.26 -113.63
N ILE B 334 66.25 -46.60 -114.18
CA ILE B 334 66.30 -47.49 -115.34
C ILE B 334 66.21 -48.94 -114.88
N ASN B 335 65.53 -49.76 -115.69
CA ASN B 335 65.21 -51.15 -115.33
C ASN B 335 66.44 -52.04 -115.54
N TRP B 336 66.23 -53.35 -115.55
CA TRP B 336 67.33 -54.31 -115.66
C TRP B 336 67.96 -54.29 -117.06
N GLU B 337 67.32 -53.63 -118.03
CA GLU B 337 67.88 -53.52 -119.36
C GLU B 337 69.21 -52.78 -119.34
N ASP B 338 69.28 -51.68 -118.58
CA ASP B 338 70.49 -50.92 -118.30
C ASP B 338 71.19 -50.42 -119.55
N ASN B 339 70.43 -50.21 -120.63
CA ASN B 339 71.03 -49.85 -121.90
C ASN B 339 71.60 -48.44 -121.85
N SER B 340 70.86 -47.50 -121.29
CA SER B 340 71.39 -46.16 -121.09
C SER B 340 72.37 -46.14 -119.91
N VAL B 341 72.20 -47.09 -118.97
CA VAL B 341 73.09 -47.16 -117.81
C VAL B 341 74.52 -47.46 -118.23
N ILE B 342 74.69 -48.47 -119.09
CA ILE B 342 76.03 -48.79 -119.59
C ILE B 342 76.48 -47.75 -120.60
N PHE B 343 75.52 -47.00 -121.17
CA PHE B 343 75.88 -45.92 -122.08
C PHE B 343 76.54 -44.76 -121.34
N LEU B 344 76.00 -44.37 -120.19
CA LEU B 344 76.55 -43.25 -119.44
C LEU B 344 77.51 -43.68 -118.34
N LEU B 345 77.67 -44.99 -118.11
CA LEU B 345 78.59 -45.45 -117.07
C LEU B 345 80.03 -45.21 -117.48
N VAL B 346 80.30 -45.22 -118.79
CA VAL B 346 81.63 -44.87 -119.29
C VAL B 346 81.94 -43.42 -118.94
N GLN B 347 80.97 -42.52 -119.16
CA GLN B 347 81.18 -41.11 -118.84
C GLN B 347 81.14 -40.87 -117.34
N SER B 348 80.39 -41.69 -116.61
CA SER B 348 80.28 -41.51 -115.16
C SER B 348 81.58 -41.88 -114.45
N MET B 349 82.27 -42.92 -114.95
CA MET B 349 83.44 -43.41 -114.24
C MET B 349 84.64 -42.49 -114.41
N VAL B 350 84.69 -41.74 -115.51
CA VAL B 350 85.84 -40.89 -115.79
C VAL B 350 85.85 -39.72 -114.80
N VAL B 351 87.05 -39.36 -114.34
CA VAL B 351 87.24 -38.38 -113.28
C VAL B 351 86.77 -36.98 -113.65
N ASP B 352 86.51 -36.72 -114.94
CA ASP B 352 85.94 -35.44 -115.35
C ASP B 352 84.54 -35.25 -114.76
N LEU B 353 83.82 -36.36 -114.57
CA LEU B 353 82.58 -36.35 -113.81
C LEU B 353 82.83 -36.67 -112.33
N LYS B 354 83.47 -37.80 -112.06
CA LYS B 354 83.49 -38.34 -110.71
C LYS B 354 84.36 -37.50 -109.78
N ASN B 355 85.62 -37.26 -110.17
CA ASN B 355 86.55 -36.62 -109.27
C ASN B 355 86.61 -35.11 -109.42
N LEU B 356 85.88 -34.54 -110.38
CA LEU B 356 85.74 -33.08 -110.40
C LEU B 356 84.93 -32.61 -109.21
N LEU B 357 83.90 -33.36 -108.84
CA LEU B 357 83.12 -33.09 -107.64
C LEU B 357 83.78 -33.61 -106.37
N PHE B 358 84.75 -34.51 -106.49
CA PHE B 358 85.45 -35.03 -105.33
C PHE B 358 86.54 -34.07 -104.89
N ASN B 359 87.41 -34.55 -104.02
CA ASN B 359 88.60 -33.77 -103.67
C ASN B 359 89.93 -34.51 -103.77
N PRO B 360 90.34 -34.99 -104.95
CA PRO B 360 91.76 -35.28 -105.12
C PRO B 360 92.58 -34.00 -105.17
N SER B 361 92.16 -33.05 -105.99
CA SER B 361 92.70 -31.70 -106.03
C SER B 361 91.64 -30.80 -106.64
N LYS B 362 91.77 -29.50 -106.33
CA LYS B 362 90.87 -28.42 -106.78
C LYS B 362 89.41 -28.73 -106.46
N PRO B 363 89.00 -28.73 -105.19
CA PRO B 363 87.59 -29.00 -104.89
C PRO B 363 86.68 -27.85 -105.24
N PHE B 364 87.23 -26.64 -105.43
CA PHE B 364 86.45 -25.46 -105.74
C PHE B 364 85.97 -25.47 -107.19
N SER B 365 84.86 -26.18 -107.43
CA SER B 365 84.26 -26.20 -108.76
C SER B 365 83.71 -24.83 -109.13
N ARG B 366 83.14 -24.12 -108.17
CA ARG B 366 82.64 -22.76 -108.37
C ARG B 366 83.48 -21.79 -107.58
N GLY B 367 83.67 -20.58 -108.11
CA GLY B 367 84.46 -19.58 -107.41
C GLY B 367 83.69 -18.88 -106.31
N SER B 368 82.50 -18.38 -106.62
CA SER B 368 81.71 -17.67 -105.62
C SER B 368 81.16 -18.62 -104.56
N GLN B 369 80.58 -19.74 -104.99
CA GLN B 369 80.06 -20.73 -104.05
C GLN B 369 81.17 -21.70 -103.67
N PRO B 370 81.45 -21.87 -102.38
CA PRO B 370 82.49 -22.84 -101.98
C PRO B 370 82.20 -24.26 -102.40
N ALA B 371 80.92 -24.66 -102.40
CA ALA B 371 80.55 -26.01 -102.81
C ALA B 371 79.08 -26.03 -103.17
N ASP B 372 78.79 -26.56 -104.36
CA ASP B 372 77.41 -26.82 -104.78
C ASP B 372 77.02 -28.17 -104.18
N VAL B 373 76.65 -28.15 -102.90
CA VAL B 373 76.70 -29.33 -102.06
C VAL B 373 75.72 -30.40 -102.52
N ASP B 374 74.55 -29.99 -103.01
CA ASP B 374 73.54 -30.97 -103.43
C ASP B 374 73.98 -31.71 -104.69
N LEU B 375 74.81 -31.07 -105.51
CA LEU B 375 75.36 -31.72 -106.69
C LEU B 375 76.26 -32.89 -106.29
N MET B 376 77.16 -32.66 -105.33
CA MET B 376 77.99 -33.76 -104.83
C MET B 376 77.15 -34.80 -104.11
N ILE B 377 76.09 -34.37 -103.42
CA ILE B 377 75.20 -35.30 -102.75
C ILE B 377 74.56 -36.25 -103.75
N ASP B 378 74.03 -35.70 -104.84
CA ASP B 378 73.40 -36.51 -105.86
C ASP B 378 74.40 -37.41 -106.57
N CYS B 379 75.61 -36.89 -106.81
CA CYS B 379 76.64 -37.71 -107.45
C CYS B 379 77.04 -38.90 -106.58
N LEU B 380 77.22 -38.66 -105.27
CA LEU B 380 77.59 -39.75 -104.37
C LEU B 380 76.45 -40.75 -104.22
N VAL B 381 75.21 -40.27 -104.17
CA VAL B 381 74.06 -41.18 -104.07
C VAL B 381 73.96 -42.04 -105.32
N SER B 382 74.15 -41.42 -106.50
CA SER B 382 74.13 -42.17 -107.75
C SER B 382 75.25 -43.19 -107.82
N CYS B 383 76.45 -42.80 -107.38
CA CYS B 383 77.59 -43.71 -107.43
C CYS B 383 77.41 -44.87 -106.46
N PHE B 384 76.79 -44.63 -105.31
CA PHE B 384 76.54 -45.72 -104.36
C PHE B 384 75.45 -46.65 -104.88
N ARG B 385 74.36 -46.08 -105.39
CA ARG B 385 73.23 -46.90 -105.82
C ARG B 385 73.56 -47.69 -107.07
N ILE B 386 74.42 -47.15 -107.94
CA ILE B 386 74.84 -47.88 -109.13
C ILE B 386 75.74 -49.05 -108.74
N SER B 387 76.73 -48.79 -107.89
CA SER B 387 77.72 -49.79 -107.51
C SER B 387 77.84 -49.83 -105.99
N PRO B 388 77.32 -50.85 -105.32
CA PRO B 388 77.49 -50.91 -103.86
C PRO B 388 78.90 -51.30 -103.45
N HIS B 389 79.58 -52.11 -104.28
CA HIS B 389 80.90 -52.62 -103.88
C HIS B 389 81.97 -51.55 -103.97
N ASN B 390 81.84 -50.62 -104.91
CA ASN B 390 82.81 -49.53 -105.03
C ASN B 390 82.68 -48.59 -103.84
N ASN B 391 83.83 -48.21 -103.27
CA ASN B 391 83.84 -47.34 -102.10
C ASN B 391 84.82 -46.20 -102.25
N GLN B 392 85.26 -45.91 -103.48
CA GLN B 392 86.15 -44.77 -103.71
C GLN B 392 85.43 -43.45 -103.45
N HIS B 393 84.15 -43.39 -103.82
CA HIS B 393 83.38 -42.17 -103.62
C HIS B 393 83.15 -41.90 -102.13
N PHE B 394 82.99 -42.95 -101.34
CA PHE B 394 83.01 -42.79 -99.88
C PHE B 394 84.41 -42.37 -99.40
N LYS B 395 85.42 -43.17 -99.73
CA LYS B 395 86.72 -43.08 -99.06
C LYS B 395 87.41 -41.73 -99.33
N ILE B 396 87.14 -41.13 -100.48
CA ILE B 396 87.78 -39.85 -100.80
C ILE B 396 87.23 -38.74 -99.91
N CYS B 397 86.02 -38.93 -99.37
CA CYS B 397 85.50 -37.98 -98.39
C CYS B 397 85.68 -38.52 -96.96
N LEU B 398 85.93 -39.82 -96.82
CA LEU B 398 86.13 -40.40 -95.50
C LEU B 398 87.52 -40.09 -94.95
N ALA B 399 88.42 -39.61 -95.80
CA ALA B 399 89.78 -39.33 -95.37
C ALA B 399 89.83 -38.17 -94.39
N GLN B 400 90.77 -38.24 -93.46
CA GLN B 400 90.88 -37.20 -92.43
C GLN B 400 91.38 -35.88 -93.01
N ASN B 401 92.16 -35.95 -94.10
CA ASN B 401 92.68 -34.74 -94.72
C ASN B 401 91.63 -33.98 -95.52
N SER B 402 90.47 -34.58 -95.76
CA SER B 402 89.44 -33.93 -96.57
C SER B 402 88.86 -32.74 -95.83
N PRO B 403 88.52 -31.66 -96.54
CA PRO B 403 87.81 -30.55 -95.88
C PRO B 403 86.41 -30.97 -95.44
N SER B 404 85.92 -30.28 -94.41
CA SER B 404 84.74 -30.74 -93.70
C SER B 404 83.47 -30.62 -94.54
N THR B 405 83.53 -29.85 -95.64
CA THR B 405 82.37 -29.70 -96.51
C THR B 405 81.99 -31.02 -97.17
N PHE B 406 82.98 -31.80 -97.60
CA PHE B 406 82.65 -33.06 -98.27
C PHE B 406 82.32 -34.15 -97.27
N HIS B 407 82.83 -34.04 -96.05
CA HIS B 407 82.31 -34.85 -94.95
C HIS B 407 80.83 -34.56 -94.71
N TYR B 408 80.46 -33.27 -94.71
CA TYR B 408 79.08 -32.86 -94.57
C TYR B 408 78.23 -33.43 -95.69
N VAL B 409 78.75 -33.39 -96.92
CA VAL B 409 78.06 -33.94 -98.08
C VAL B 409 77.84 -35.45 -97.91
N LEU B 410 78.88 -36.16 -97.46
CA LEU B 410 78.76 -37.60 -97.27
C LEU B 410 77.75 -37.95 -96.19
N VAL B 411 77.70 -37.16 -95.12
CA VAL B 411 76.75 -37.42 -94.04
C VAL B 411 75.32 -37.18 -94.51
N ASN B 412 75.10 -36.09 -95.24
CA ASN B 412 73.77 -35.82 -95.79
C ASN B 412 73.35 -36.90 -96.78
N SER B 413 74.30 -37.39 -97.60
CA SER B 413 74.00 -38.45 -98.54
C SER B 413 73.64 -39.74 -97.84
N LEU B 414 74.35 -40.07 -96.75
CA LEU B 414 74.03 -41.25 -95.97
C LEU B 414 72.64 -41.13 -95.35
N HIS B 415 72.32 -39.93 -94.84
CA HIS B 415 70.98 -39.69 -94.29
C HIS B 415 69.91 -39.87 -95.36
N ARG B 416 70.17 -39.36 -96.56
CA ARG B 416 69.21 -39.50 -97.65
C ARG B 416 69.05 -40.96 -98.06
N ILE B 417 70.14 -41.73 -97.97
CA ILE B 417 70.05 -43.18 -98.20
C ILE B 417 69.16 -43.82 -97.14
N ILE B 418 69.28 -43.37 -95.90
CA ILE B 418 68.43 -43.91 -94.83
C ILE B 418 66.95 -43.57 -95.08
N THR B 419 66.68 -42.38 -95.61
CA THR B 419 65.29 -41.91 -95.72
C THR B 419 64.47 -42.77 -96.68
N ASN B 420 64.97 -43.00 -97.89
CA ASN B 420 64.24 -43.77 -98.89
C ASN B 420 65.16 -44.79 -99.55
N SER B 421 64.55 -45.87 -100.06
CA SER B 421 65.32 -46.93 -100.69
C SER B 421 64.65 -47.54 -101.92
N ALA B 422 63.54 -46.96 -102.40
CA ALA B 422 62.87 -47.53 -103.57
C ALA B 422 63.66 -47.26 -104.85
N LEU B 423 64.54 -46.26 -104.82
CA LEU B 423 65.38 -45.94 -105.97
C LEU B 423 66.37 -47.06 -106.21
N ASP B 424 66.57 -47.42 -107.48
CA ASP B 424 67.43 -48.52 -107.92
C ASP B 424 67.05 -49.86 -107.30
N TRP B 425 65.76 -50.15 -107.21
CA TRP B 425 65.21 -51.50 -107.04
C TRP B 425 65.71 -52.17 -105.76
N TRP B 426 65.38 -51.54 -104.63
CA TRP B 426 65.64 -51.98 -103.27
C TRP B 426 67.10 -52.34 -102.98
N PRO B 427 68.02 -51.38 -102.90
CA PRO B 427 69.29 -51.64 -102.25
C PRO B 427 69.17 -51.38 -100.76
N LYS B 428 70.11 -51.94 -99.99
CA LYS B 428 70.04 -51.90 -98.54
C LYS B 428 71.28 -51.26 -97.96
N ILE B 429 71.14 -50.81 -96.70
CA ILE B 429 72.24 -50.21 -95.95
C ILE B 429 73.13 -51.30 -95.33
N ASP B 430 72.78 -52.58 -95.54
CA ASP B 430 73.58 -53.67 -95.03
C ASP B 430 74.96 -53.72 -95.70
N ALA B 431 75.07 -53.18 -96.91
CA ALA B 431 76.38 -53.00 -97.51
C ALA B 431 77.16 -51.90 -96.80
N VAL B 432 76.46 -50.86 -96.32
CA VAL B 432 77.08 -49.78 -95.56
C VAL B 432 77.44 -50.22 -94.15
N TYR B 433 76.86 -51.36 -93.70
CA TYR B 433 77.13 -51.88 -92.36
C TYR B 433 78.60 -52.21 -92.15
N CYS B 434 79.35 -52.45 -93.23
CA CYS B 434 80.77 -52.76 -93.12
C CYS B 434 81.56 -51.58 -92.57
N HIS B 435 81.24 -50.36 -93.01
CA HIS B 435 82.01 -49.17 -92.64
C HIS B 435 81.26 -48.35 -91.60
N SER B 436 81.63 -48.54 -90.34
CA SER B 436 81.02 -47.79 -89.25
C SER B 436 82.00 -47.26 -88.21
N VAL B 437 83.18 -47.88 -88.06
CA VAL B 437 84.08 -47.49 -86.98
C VAL B 437 84.75 -46.15 -87.29
N GLU B 438 84.99 -45.87 -88.56
CA GLU B 438 85.56 -44.57 -88.92
C GLU B 438 84.54 -43.47 -88.68
N LEU B 439 83.24 -43.81 -88.75
CA LEU B 439 82.20 -42.81 -88.48
C LEU B 439 82.15 -42.45 -87.00
N ARG B 440 82.26 -43.43 -86.11
CA ARG B 440 82.25 -43.12 -84.69
C ARG B 440 83.54 -42.42 -84.27
N ASN B 441 84.66 -42.79 -84.90
CA ASN B 441 85.91 -42.07 -84.67
C ASN B 441 85.81 -40.63 -85.18
N MET B 442 85.12 -40.44 -86.31
CA MET B 442 84.85 -39.12 -86.83
C MET B 442 84.00 -38.30 -85.87
N PHE B 443 83.00 -38.93 -85.26
CA PHE B 443 82.15 -38.16 -84.34
C PHE B 443 82.92 -37.77 -83.09
N GLY B 444 83.80 -38.66 -82.61
CA GLY B 444 84.68 -38.28 -81.51
C GLY B 444 85.60 -37.13 -81.87
N GLU B 445 86.18 -37.17 -83.07
CA GLU B 445 87.05 -36.09 -83.53
C GLU B 445 86.28 -34.78 -83.68
N THR B 446 85.04 -34.86 -84.16
CA THR B 446 84.24 -33.66 -84.36
C THR B 446 83.75 -33.10 -83.03
N LEU B 447 83.51 -33.97 -82.05
CA LEU B 447 83.20 -33.50 -80.70
C LEU B 447 84.41 -32.80 -80.09
N HIS B 448 85.61 -33.32 -80.33
CA HIS B 448 86.80 -32.63 -79.86
C HIS B 448 87.01 -31.31 -80.62
N LYS B 449 86.57 -31.27 -81.88
CA LYS B 449 86.56 -30.02 -82.62
C LYS B 449 85.58 -29.02 -82.00
N ALA B 450 84.45 -29.52 -81.51
CA ALA B 450 83.50 -28.68 -80.78
C ALA B 450 84.11 -28.14 -79.50
N VAL B 451 84.91 -28.97 -78.82
CA VAL B 451 85.69 -28.49 -77.67
C VAL B 451 86.66 -27.40 -78.11
N GLN B 452 87.28 -27.58 -79.27
CA GLN B 452 88.17 -26.57 -79.83
C GLN B 452 87.39 -25.37 -80.37
N THR B 486 87.08 -22.20 -88.43
CA THR B 486 86.06 -21.16 -88.50
C THR B 486 84.78 -21.59 -87.79
N ARG B 487 83.64 -21.24 -88.37
CA ARG B 487 82.34 -21.52 -87.78
C ARG B 487 81.67 -22.73 -88.42
N SER B 488 82.35 -23.40 -89.36
CA SER B 488 81.71 -24.44 -90.14
C SER B 488 81.49 -25.71 -89.33
N TYR B 489 82.40 -25.99 -88.39
CA TYR B 489 82.42 -27.25 -87.65
C TYR B 489 81.10 -27.47 -86.92
N LYS B 490 80.56 -26.39 -86.34
CA LYS B 490 79.29 -26.46 -85.64
C LYS B 490 78.18 -26.91 -86.57
N TYR B 491 78.14 -26.35 -87.79
CA TYR B 491 77.21 -26.83 -88.80
C TYR B 491 77.44 -28.30 -89.08
N LEU B 492 78.72 -28.67 -89.21
CA LEU B 492 79.10 -30.07 -89.33
C LEU B 492 78.57 -30.87 -88.16
N LEU B 493 78.73 -30.35 -86.93
CA LEU B 493 78.19 -30.98 -85.74
C LEU B 493 76.71 -31.22 -85.87
N LEU B 494 75.99 -30.19 -86.36
CA LEU B 494 74.57 -30.29 -86.62
C LEU B 494 74.27 -31.49 -87.52
N SER B 495 74.99 -31.56 -88.64
CA SER B 495 74.82 -32.66 -89.57
C SER B 495 75.13 -33.99 -88.92
N MET B 496 76.18 -34.01 -88.07
CA MET B 496 76.55 -35.21 -87.33
C MET B 496 75.35 -35.79 -86.62
N VAL B 497 74.65 -34.95 -85.87
CA VAL B 497 73.60 -35.48 -85.00
C VAL B 497 72.42 -35.95 -85.83
N LYS B 498 72.21 -35.33 -87.03
CA LYS B 498 71.19 -35.82 -87.95
C LYS B 498 71.36 -37.29 -88.27
N LEU B 499 72.60 -37.75 -88.45
CA LEU B 499 72.79 -39.14 -88.79
C LEU B 499 72.46 -40.02 -87.59
N ILE B 500 72.81 -39.56 -86.38
CA ILE B 500 72.31 -40.23 -85.18
C ILE B 500 70.79 -40.10 -85.12
N HIS B 501 70.26 -38.94 -85.53
CA HIS B 501 68.81 -38.81 -85.62
C HIS B 501 68.27 -39.66 -86.75
N ALA B 502 69.11 -39.99 -87.74
CA ALA B 502 68.67 -40.88 -88.80
C ALA B 502 68.71 -42.33 -88.35
N ASP B 503 69.89 -42.82 -87.99
CA ASP B 503 70.04 -44.19 -87.54
C ASP B 503 70.95 -44.23 -86.32
N PRO B 504 70.43 -44.67 -85.17
CA PRO B 504 71.31 -44.90 -84.02
C PRO B 504 72.29 -46.03 -84.25
N LYS B 505 71.98 -46.97 -85.16
CA LYS B 505 72.85 -48.12 -85.38
C LYS B 505 74.13 -47.73 -86.13
N LEU B 506 74.02 -46.78 -87.06
CA LEU B 506 75.02 -46.69 -88.13
C LEU B 506 76.36 -46.16 -87.62
N LEU B 507 76.36 -45.41 -86.51
CA LEU B 507 77.62 -45.07 -85.86
C LEU B 507 78.27 -46.31 -85.27
N LEU B 508 77.46 -47.30 -84.90
CA LEU B 508 77.92 -48.46 -84.13
C LEU B 508 77.69 -49.79 -84.85
N CYS B 509 77.47 -49.78 -86.16
CA CYS B 509 77.37 -51.03 -86.92
C CYS B 509 78.74 -51.69 -87.10
N ASN B 510 79.29 -52.14 -85.98
CA ASN B 510 80.54 -52.87 -85.91
C ASN B 510 80.33 -54.01 -84.92
N PRO B 511 81.21 -55.01 -84.94
CA PRO B 511 81.40 -55.82 -83.72
C PRO B 511 81.77 -54.90 -82.58
N ARG B 512 80.87 -54.81 -81.60
CA ARG B 512 80.83 -53.65 -80.71
C ARG B 512 82.08 -53.55 -79.85
N LYS B 513 82.69 -52.36 -79.85
CA LYS B 513 83.79 -52.08 -78.93
C LYS B 513 83.30 -51.91 -77.49
N GLN B 514 81.99 -51.81 -77.30
CA GLN B 514 81.40 -51.83 -75.96
C GLN B 514 81.67 -53.17 -75.28
N GLY B 515 81.77 -54.24 -76.05
CA GLY B 515 82.12 -55.56 -75.55
C GLY B 515 83.49 -55.60 -74.88
N PRO B 516 84.52 -55.07 -75.54
CA PRO B 516 85.75 -54.76 -74.82
C PRO B 516 85.49 -53.76 -73.69
N GLU B 517 86.02 -54.08 -72.51
CA GLU B 517 85.74 -53.29 -71.32
C GLU B 517 86.72 -52.14 -71.13
N THR B 518 87.72 -52.01 -72.01
CA THR B 518 88.67 -50.91 -71.91
C THR B 518 87.99 -49.57 -72.17
N GLN B 519 87.16 -49.50 -73.19
CA GLN B 519 86.41 -48.29 -73.50
C GLN B 519 85.13 -48.68 -74.23
N GLY B 520 84.00 -48.18 -73.76
CA GLY B 520 82.75 -48.38 -74.46
C GLY B 520 82.57 -47.33 -75.54
N SER B 521 82.67 -47.75 -76.80
CA SER B 521 82.51 -46.83 -77.91
C SER B 521 81.09 -46.26 -77.95
N THR B 522 80.09 -47.13 -77.76
CA THR B 522 78.72 -46.66 -77.64
C THR B 522 78.57 -45.73 -76.45
N ALA B 523 79.19 -46.10 -75.33
CA ALA B 523 79.21 -45.23 -74.16
C ALA B 523 79.93 -43.91 -74.47
N GLU B 524 80.96 -43.95 -75.31
CA GLU B 524 81.65 -42.72 -75.70
C GLU B 524 80.73 -41.80 -76.49
N LEU B 525 79.94 -42.37 -77.40
CA LEU B 525 78.92 -41.60 -78.11
C LEU B 525 77.93 -40.95 -77.14
N ILE B 526 77.42 -41.73 -76.17
CA ILE B 526 76.41 -41.23 -75.26
C ILE B 526 76.99 -40.14 -74.35
N THR B 527 78.23 -40.32 -73.90
CA THR B 527 78.87 -39.31 -73.05
C THR B 527 79.19 -38.04 -73.83
N GLY B 528 79.58 -38.16 -75.11
CA GLY B 528 79.77 -36.97 -75.91
C GLY B 528 78.49 -36.19 -76.11
N LEU B 529 77.39 -36.90 -76.33
CA LEU B 529 76.09 -36.23 -76.48
C LEU B 529 75.67 -35.56 -75.18
N VAL B 530 75.89 -36.21 -74.04
CA VAL B 530 75.46 -35.58 -72.80
C VAL B 530 76.40 -34.47 -72.40
N GLN B 531 77.62 -34.46 -72.93
CA GLN B 531 78.46 -33.28 -72.77
C GLN B 531 77.93 -32.14 -73.62
N LEU B 532 77.34 -32.48 -74.77
CA LEU B 532 76.77 -31.45 -75.63
C LEU B 532 75.47 -30.86 -75.09
N VAL B 533 74.62 -31.65 -74.42
CA VAL B 533 73.27 -31.18 -74.07
C VAL B 533 73.20 -29.98 -73.13
N PRO B 534 74.02 -29.82 -72.07
CA PRO B 534 73.78 -28.67 -71.19
C PRO B 534 74.30 -27.36 -71.77
N GLN B 535 75.02 -27.43 -72.89
CA GLN B 535 75.56 -26.23 -73.50
C GLN B 535 74.45 -25.33 -74.01
N SER B 536 74.40 -24.11 -73.49
CA SER B 536 73.41 -23.13 -73.90
C SER B 536 73.93 -22.19 -74.98
N HIS B 537 75.19 -22.32 -75.37
CA HIS B 537 75.71 -21.50 -76.46
C HIS B 537 75.14 -21.93 -77.79
N MET B 538 74.95 -23.23 -77.99
CA MET B 538 74.34 -23.78 -79.20
C MET B 538 73.14 -24.62 -78.76
N PRO B 539 72.00 -23.97 -78.50
CA PRO B 539 70.85 -24.72 -77.97
C PRO B 539 70.23 -25.68 -78.95
N GLU B 540 70.25 -25.36 -80.25
CA GLU B 540 69.53 -26.15 -81.25
C GLU B 540 70.10 -27.55 -81.37
N ILE B 541 71.43 -27.67 -81.37
CA ILE B 541 72.04 -29.00 -81.40
C ILE B 541 71.81 -29.71 -80.08
N ALA B 542 71.63 -28.94 -79.00
CA ALA B 542 71.31 -29.56 -77.72
C ALA B 542 69.92 -30.20 -77.75
N GLN B 543 68.93 -29.53 -78.35
CA GLN B 543 67.60 -30.13 -78.45
C GLN B 543 67.60 -31.31 -79.42
N GLU B 544 68.36 -31.20 -80.51
CA GLU B 544 68.35 -32.30 -81.46
C GLU B 544 69.09 -33.51 -80.91
N ALA B 545 70.20 -33.28 -80.21
CA ALA B 545 70.90 -34.36 -79.54
C ALA B 545 70.12 -34.87 -78.34
N MET B 546 69.24 -34.03 -77.80
CA MET B 546 68.34 -34.45 -76.73
C MET B 546 67.38 -35.51 -77.25
N GLU B 547 66.75 -35.22 -78.40
CA GLU B 547 65.91 -36.22 -79.06
C GLU B 547 66.73 -37.41 -79.54
N ALA B 548 67.99 -37.18 -79.92
CA ALA B 548 68.83 -38.28 -80.38
C ALA B 548 69.18 -39.23 -79.24
N LEU B 549 69.38 -38.68 -78.05
CA LEU B 549 69.60 -39.52 -76.87
C LEU B 549 68.33 -40.25 -76.48
N LEU B 550 67.18 -39.63 -76.72
CA LEU B 550 65.92 -40.36 -76.57
C LEU B 550 65.85 -41.53 -77.54
N VAL B 551 66.29 -41.30 -78.78
CA VAL B 551 66.29 -42.35 -79.79
C VAL B 551 67.25 -43.47 -79.41
N LEU B 552 68.40 -43.10 -78.82
CA LEU B 552 69.36 -44.09 -78.37
C LEU B 552 68.81 -44.94 -77.24
N HIS B 553 67.84 -44.43 -76.49
CA HIS B 553 67.25 -45.16 -75.39
C HIS B 553 65.95 -45.85 -75.75
N GLN B 554 65.72 -46.12 -77.04
CA GLN B 554 64.58 -46.94 -77.42
C GLN B 554 64.82 -48.38 -76.96
N LEU B 555 63.72 -49.15 -76.91
CA LEU B 555 63.75 -50.47 -76.28
C LEU B 555 64.66 -51.43 -77.04
N ASP B 556 64.84 -51.20 -78.35
CA ASP B 556 65.72 -52.06 -79.13
C ASP B 556 67.14 -51.50 -79.16
N SER B 557 67.29 -50.17 -79.08
CA SER B 557 68.60 -49.56 -79.26
C SER B 557 69.52 -49.86 -78.08
N ILE B 558 68.98 -49.87 -76.86
CA ILE B 558 69.80 -50.16 -75.68
C ILE B 558 70.22 -51.62 -75.68
N ASP B 559 69.38 -52.49 -76.25
CA ASP B 559 69.79 -53.88 -76.47
C ASP B 559 70.83 -53.95 -77.59
N LEU B 560 70.79 -53.00 -78.52
CA LEU B 560 71.76 -52.97 -79.61
C LEU B 560 73.09 -52.34 -79.20
N TRP B 561 73.17 -51.73 -78.01
CA TRP B 561 74.44 -51.17 -77.56
C TRP B 561 75.50 -52.24 -77.38
N ASN B 562 75.12 -53.41 -76.85
CA ASN B 562 76.02 -54.54 -76.73
C ASN B 562 75.29 -55.80 -77.20
N PRO B 563 75.93 -56.66 -77.98
CA PRO B 563 75.19 -57.76 -78.63
C PRO B 563 74.68 -58.81 -77.66
N ASP B 564 75.51 -59.28 -76.74
CA ASP B 564 75.12 -60.32 -75.79
C ASP B 564 75.38 -59.84 -74.37
N ALA B 565 74.41 -60.13 -73.50
CA ALA B 565 74.38 -59.66 -72.12
C ALA B 565 74.60 -58.16 -71.97
N PRO B 566 73.69 -57.32 -72.45
CA PRO B 566 73.88 -55.86 -72.36
C PRO B 566 73.21 -55.20 -71.16
N VAL B 567 72.65 -55.98 -70.23
CA VAL B 567 71.80 -55.42 -69.17
C VAL B 567 72.63 -54.57 -68.22
N GLU B 568 73.70 -55.15 -67.66
CA GLU B 568 74.52 -54.43 -66.69
C GLU B 568 75.27 -53.28 -67.36
N THR B 569 75.61 -53.43 -68.64
CA THR B 569 76.26 -52.36 -69.38
C THR B 569 75.33 -51.17 -69.53
N PHE B 570 74.09 -51.43 -69.98
CA PHE B 570 73.10 -50.38 -70.13
C PHE B 570 72.79 -49.71 -68.80
N TRP B 571 72.63 -50.51 -67.75
CA TRP B 571 72.27 -49.94 -66.45
C TRP B 571 73.40 -49.10 -65.88
N GLU B 572 74.66 -49.52 -66.05
CA GLU B 572 75.78 -48.73 -65.58
C GLU B 572 75.88 -47.41 -66.35
N ILE B 573 75.80 -47.48 -67.69
CA ILE B 573 75.97 -46.26 -68.47
C ILE B 573 74.79 -45.32 -68.29
N SER B 574 73.59 -45.88 -68.06
CA SER B 574 72.43 -45.04 -67.82
C SER B 574 72.47 -44.40 -66.44
N SER B 575 73.01 -45.13 -65.46
CA SER B 575 73.22 -44.54 -64.14
C SER B 575 74.22 -43.40 -64.22
N GLN B 576 75.31 -43.58 -64.97
CA GLN B 576 76.29 -42.51 -65.14
C GLN B 576 75.68 -41.30 -65.85
N MET B 577 74.90 -41.56 -66.90
CA MET B 577 74.19 -40.51 -67.62
C MET B 577 73.25 -39.73 -66.71
N LEU B 578 72.40 -40.46 -65.99
CA LEU B 578 71.41 -39.84 -65.13
C LEU B 578 72.07 -39.03 -64.02
N PHE B 579 73.14 -39.58 -63.43
CA PHE B 579 73.86 -38.87 -62.39
C PHE B 579 74.52 -37.59 -62.93
N TYR B 580 75.12 -37.66 -64.11
CA TYR B 580 75.80 -36.48 -64.65
C TYR B 580 74.81 -35.38 -65.00
N ILE B 581 73.74 -35.71 -65.73
CA ILE B 581 72.78 -34.69 -66.12
C ILE B 581 72.02 -34.19 -64.90
N CYS B 582 71.86 -35.04 -63.88
CA CYS B 582 71.17 -34.64 -62.66
C CYS B 582 72.00 -33.67 -61.85
N LYS B 583 73.30 -33.94 -61.75
CA LYS B 583 74.19 -33.03 -61.03
C LYS B 583 74.32 -31.70 -61.77
N LYS B 584 74.31 -31.74 -63.11
CA LYS B 584 74.33 -30.49 -63.87
C LYS B 584 73.03 -29.71 -63.69
N LEU B 585 71.89 -30.41 -63.60
CA LEU B 585 70.63 -29.74 -63.33
C LEU B 585 70.61 -29.09 -61.96
N THR B 586 71.09 -29.82 -60.94
CA THR B 586 71.05 -29.29 -59.58
C THR B 586 72.12 -28.22 -59.37
N SER B 587 73.15 -28.21 -60.22
CA SER B 587 74.25 -27.28 -60.04
C SER B 587 73.84 -25.85 -60.40
N HIS B 588 73.16 -25.69 -61.54
CA HIS B 588 72.88 -24.36 -62.07
C HIS B 588 71.43 -24.27 -62.52
N GLN B 589 70.99 -23.05 -62.80
CA GLN B 589 69.64 -22.79 -63.27
C GLN B 589 69.67 -22.47 -64.76
N MET B 590 69.02 -23.33 -65.56
CA MET B 590 68.88 -23.10 -66.99
C MET B 590 67.40 -23.09 -67.34
N LEU B 591 67.02 -22.25 -68.31
CA LEU B 591 65.62 -22.09 -68.65
C LEU B 591 65.05 -23.32 -69.34
N SER B 592 65.89 -24.04 -70.08
CA SER B 592 65.43 -25.20 -70.83
C SER B 592 65.35 -26.46 -69.99
N SER B 593 65.51 -26.35 -68.66
CA SER B 593 65.56 -27.52 -67.80
C SER B 593 64.23 -28.26 -67.73
N THR B 594 63.13 -27.58 -68.07
CA THR B 594 61.82 -28.23 -68.08
C THR B 594 61.76 -29.30 -69.17
N GLU B 595 62.20 -28.96 -70.38
CA GLU B 595 62.22 -29.93 -71.47
C GLU B 595 63.22 -31.03 -71.18
N ILE B 596 64.32 -30.67 -70.52
CA ILE B 596 65.30 -31.66 -70.07
C ILE B 596 64.66 -32.64 -69.10
N LEU B 597 63.79 -32.16 -68.22
CA LEU B 597 63.14 -33.03 -67.26
C LEU B 597 62.08 -33.90 -67.92
N LYS B 598 61.39 -33.36 -68.92
CA LYS B 598 60.43 -34.16 -69.68
C LYS B 598 61.14 -35.29 -70.41
N TRP B 599 62.28 -34.98 -71.04
CA TRP B 599 63.11 -36.03 -71.62
C TRP B 599 63.60 -36.99 -70.55
N LEU B 600 63.92 -36.48 -69.36
CA LEU B 600 64.39 -37.34 -68.28
C LEU B 600 63.33 -38.35 -67.87
N ARG B 601 62.08 -37.92 -67.75
CA ARG B 601 61.02 -38.85 -67.36
C ARG B 601 60.72 -39.82 -68.50
N GLU B 602 60.88 -39.39 -69.75
CA GLU B 602 60.76 -40.33 -70.86
C GLU B 602 61.86 -41.39 -70.82
N ILE B 603 63.09 -40.97 -70.49
CA ILE B 603 64.21 -41.90 -70.36
C ILE B 603 63.93 -42.89 -69.24
N LEU B 604 63.39 -42.41 -68.12
CA LEU B 604 63.05 -43.30 -67.02
C LEU B 604 61.95 -44.26 -67.40
N ILE B 605 60.99 -43.82 -68.22
CA ILE B 605 59.96 -44.70 -68.73
C ILE B 605 60.58 -45.82 -69.56
N CYS B 606 61.51 -45.47 -70.45
CA CYS B 606 62.18 -46.48 -71.25
C CYS B 606 63.03 -47.41 -70.39
N ARG B 607 63.65 -46.88 -69.34
CA ARG B 607 64.47 -47.69 -68.45
C ARG B 607 63.63 -48.68 -67.66
N ASN B 608 62.45 -48.24 -67.21
CA ASN B 608 61.53 -49.17 -66.55
C ASN B 608 61.01 -50.21 -67.53
N LYS B 609 60.80 -49.81 -68.79
CA LYS B 609 60.40 -50.77 -69.81
C LYS B 609 61.48 -51.83 -70.02
N PHE B 610 62.75 -51.42 -70.03
CA PHE B 610 63.84 -52.39 -70.16
C PHE B 610 63.94 -53.29 -68.94
N LEU B 611 63.68 -52.74 -67.74
CA LEU B 611 63.71 -53.58 -66.55
C LEU B 611 62.57 -54.60 -66.56
N LEU B 612 61.41 -54.20 -67.09
CA LEU B 612 60.33 -55.15 -67.31
C LEU B 612 60.71 -56.19 -68.35
N LYS B 613 61.46 -55.77 -69.37
CA LYS B 613 61.96 -56.69 -70.39
C LYS B 613 62.91 -57.72 -69.79
N ASN B 614 63.75 -57.29 -68.83
CA ASN B 614 64.69 -58.21 -68.20
C ASN B 614 63.98 -59.27 -67.38
N LYS B 615 63.02 -58.86 -66.57
CA LYS B 615 62.26 -59.81 -65.74
C LYS B 615 60.80 -59.37 -65.66
N THR B 676 75.18 -53.84 -58.84
CA THR B 676 74.08 -53.29 -59.64
C THR B 676 73.04 -52.50 -58.80
N PRO B 677 72.69 -52.92 -57.58
CA PRO B 677 71.91 -52.03 -56.69
C PRO B 677 72.61 -50.72 -56.35
N PRO B 678 73.89 -50.68 -55.91
CA PRO B 678 74.39 -49.41 -55.33
C PRO B 678 74.48 -48.23 -56.30
N ILE B 679 74.85 -48.48 -57.57
CA ILE B 679 74.95 -47.40 -58.53
C ILE B 679 73.57 -46.88 -58.90
N CYS B 680 72.59 -47.77 -59.08
CA CYS B 680 71.25 -47.31 -59.35
C CYS B 680 70.62 -46.69 -58.10
N ARG B 681 71.04 -47.14 -56.91
CA ARG B 681 70.60 -46.50 -55.68
C ARG B 681 71.07 -45.06 -55.60
N GLN B 682 72.35 -44.81 -55.86
CA GLN B 682 72.87 -43.44 -55.76
C GLN B 682 72.29 -42.56 -56.88
N ALA B 683 72.08 -43.15 -58.06
CA ALA B 683 71.43 -42.41 -59.14
C ALA B 683 69.99 -42.04 -58.78
N GLN B 684 69.24 -42.97 -58.17
CA GLN B 684 67.86 -42.68 -57.81
C GLN B 684 67.77 -41.68 -56.67
N THR B 685 68.72 -41.72 -55.73
CA THR B 685 68.71 -40.73 -54.65
C THR B 685 69.00 -39.34 -55.19
N LYS B 686 69.98 -39.23 -56.11
CA LYS B 686 70.24 -37.95 -56.76
C LYS B 686 69.03 -37.49 -57.56
N LEU B 687 68.32 -38.43 -58.18
CA LEU B 687 67.10 -38.12 -58.90
C LEU B 687 66.03 -37.54 -57.97
N GLU B 688 65.84 -38.15 -56.80
CA GLU B 688 64.86 -37.64 -55.85
C GLU B 688 65.24 -36.25 -55.37
N VAL B 689 66.54 -36.02 -55.13
CA VAL B 689 67.01 -34.69 -54.75
C VAL B 689 66.66 -33.67 -55.83
N ALA B 690 66.91 -34.01 -57.09
CA ALA B 690 66.59 -33.08 -58.18
C ALA B 690 65.08 -32.86 -58.30
N LEU B 691 64.29 -33.89 -58.00
CA LEU B 691 62.84 -33.71 -58.03
C LEU B 691 62.38 -32.72 -56.98
N TYR B 692 62.95 -32.78 -55.77
CA TYR B 692 62.60 -31.78 -54.76
C TYR B 692 63.11 -30.40 -55.14
N MET B 693 64.29 -30.35 -55.78
CA MET B 693 64.84 -29.09 -56.27
C MET B 693 63.90 -28.45 -57.29
N PHE B 694 63.29 -29.25 -58.15
CA PHE B 694 62.33 -28.69 -59.09
C PHE B 694 60.96 -28.50 -58.44
N LEU B 695 60.72 -29.11 -57.29
CA LEU B 695 59.50 -28.79 -56.54
C LEU B 695 59.54 -27.38 -55.99
N TRP B 696 60.71 -26.92 -55.52
CA TRP B 696 60.74 -25.52 -55.10
C TRP B 696 60.79 -24.58 -56.30
N ASN B 697 61.02 -25.10 -57.50
CA ASN B 697 61.28 -24.25 -58.65
C ASN B 697 60.02 -23.46 -59.01
N PRO B 698 60.14 -22.16 -59.29
CA PRO B 698 58.94 -21.32 -59.49
C PRO B 698 58.08 -21.71 -60.68
N ASP B 699 58.65 -22.32 -61.71
CA ASP B 699 57.87 -22.66 -62.89
C ASP B 699 56.95 -23.84 -62.60
N THR B 700 55.68 -23.68 -62.96
CA THR B 700 54.65 -24.67 -62.63
C THR B 700 54.88 -25.99 -63.36
N GLU B 701 55.29 -25.90 -64.63
CA GLU B 701 55.43 -27.08 -65.47
C GLU B 701 56.48 -28.03 -64.95
N ALA B 702 57.60 -27.48 -64.45
CA ALA B 702 58.64 -28.33 -63.87
C ALA B 702 58.15 -29.04 -62.62
N VAL B 703 57.35 -28.33 -61.81
CA VAL B 703 56.76 -28.94 -60.61
C VAL B 703 55.84 -30.09 -61.00
N LEU B 704 55.01 -29.88 -62.02
CA LEU B 704 54.08 -30.92 -62.47
C LEU B 704 54.83 -32.13 -63.00
N VAL B 705 55.89 -31.90 -63.78
CA VAL B 705 56.63 -33.02 -64.36
C VAL B 705 57.38 -33.79 -63.29
N ALA B 706 57.99 -33.09 -62.32
CA ALA B 706 58.65 -33.79 -61.22
C ALA B 706 57.65 -34.55 -60.35
N MET B 707 56.46 -33.98 -60.20
CA MET B 707 55.40 -34.64 -59.45
C MET B 707 54.98 -35.94 -60.14
N SER B 708 54.98 -35.93 -61.47
CA SER B 708 54.73 -37.17 -62.20
C SER B 708 55.93 -38.11 -62.12
N CYS B 709 57.13 -37.56 -62.00
CA CYS B 709 58.33 -38.39 -61.90
C CYS B 709 58.36 -39.18 -60.60
N PHE B 710 57.75 -38.63 -59.55
CA PHE B 710 57.58 -39.38 -58.31
C PHE B 710 56.79 -40.66 -58.55
N ARG B 711 55.76 -40.58 -59.39
CA ARG B 711 55.01 -41.79 -59.76
C ARG B 711 55.89 -42.79 -60.48
N HIS B 712 56.72 -42.33 -61.40
CA HIS B 712 57.59 -43.23 -62.15
C HIS B 712 58.57 -43.92 -61.22
N LEU B 713 59.03 -43.20 -60.19
CA LEU B 713 59.77 -43.84 -59.12
C LEU B 713 58.95 -44.90 -58.41
N CYS B 714 57.64 -44.64 -58.24
CA CYS B 714 56.79 -45.63 -57.57
C CYS B 714 56.66 -46.92 -58.39
N GLU B 715 56.41 -46.82 -59.70
CA GLU B 715 56.41 -48.08 -60.48
C GLU B 715 57.81 -48.67 -60.61
N GLU B 716 58.86 -47.87 -60.50
CA GLU B 716 60.21 -48.44 -60.45
C GLU B 716 60.38 -49.32 -59.22
N ALA B 717 59.91 -48.83 -58.07
CA ALA B 717 59.93 -49.63 -56.84
C ALA B 717 59.03 -50.86 -56.98
N ASP B 718 57.90 -50.71 -57.66
CA ASP B 718 56.99 -51.84 -57.86
C ASP B 718 57.63 -52.93 -58.71
N ILE B 719 58.34 -52.55 -59.77
CA ILE B 719 59.03 -53.53 -60.60
C ILE B 719 60.19 -54.17 -59.83
N ARG B 720 60.85 -53.38 -58.97
CA ARG B 720 61.96 -53.93 -58.18
C ARG B 720 61.51 -55.04 -57.24
N CYS B 721 60.35 -54.87 -56.60
CA CYS B 721 59.84 -55.92 -55.72
C CYS B 721 59.05 -56.94 -56.51
N SER B 727 57.16 -58.19 -52.21
CA SER B 727 56.09 -57.24 -52.46
C SER B 727 55.84 -56.35 -51.24
N VAL B 728 56.88 -56.15 -50.45
CA VAL B 728 56.81 -55.34 -49.24
C VAL B 728 57.02 -53.90 -49.66
N HIS B 729 55.97 -53.08 -49.56
CA HIS B 729 56.00 -51.74 -50.13
C HIS B 729 56.82 -50.78 -49.27
N ASN B 730 56.80 -50.97 -47.95
CA ASN B 730 57.40 -49.99 -47.06
C ASN B 730 58.90 -50.18 -46.90
N LEU B 731 59.49 -51.11 -47.65
CA LEU B 731 60.95 -51.24 -47.66
C LEU B 731 61.59 -49.98 -48.23
N LEU B 732 61.04 -49.45 -49.30
CA LEU B 732 61.47 -48.14 -49.79
C LEU B 732 60.83 -47.06 -48.92
N PRO B 733 61.62 -46.14 -48.36
CA PRO B 733 61.06 -45.14 -47.45
C PRO B 733 60.15 -44.15 -48.17
N ASN B 734 59.19 -43.61 -47.42
CA ASN B 734 58.23 -42.62 -47.89
C ASN B 734 57.40 -43.14 -49.07
N TYR B 735 57.12 -44.44 -49.08
CA TYR B 735 56.35 -45.04 -50.17
C TYR B 735 54.93 -44.48 -50.23
N ASN B 736 54.30 -44.32 -49.07
CA ASN B 736 52.93 -43.83 -49.02
C ASN B 736 52.84 -42.39 -49.50
N THR B 737 53.87 -41.59 -49.22
CA THR B 737 53.86 -40.21 -49.69
C THR B 737 54.17 -40.13 -51.19
N PHE B 738 54.97 -41.08 -51.70
CA PHE B 738 55.16 -41.15 -53.15
C PHE B 738 53.86 -41.53 -53.85
N MET B 739 53.11 -42.45 -53.26
CA MET B 739 51.79 -42.78 -53.79
C MET B 739 50.83 -41.60 -53.66
N GLU B 740 51.00 -40.80 -52.60
CA GLU B 740 50.24 -39.57 -52.46
C GLU B 740 50.54 -38.61 -53.60
N PHE B 741 51.83 -38.47 -53.96
CA PHE B 741 52.22 -37.62 -55.08
C PHE B 741 51.61 -38.13 -56.37
N ALA B 742 51.65 -39.46 -56.56
CA ALA B 742 51.06 -40.09 -57.75
C ALA B 742 49.57 -39.82 -57.83
N SER B 743 48.89 -39.83 -56.69
CA SER B 743 47.46 -39.60 -56.67
C SER B 743 47.12 -38.14 -56.95
N VAL B 744 47.88 -37.21 -56.37
CA VAL B 744 47.47 -35.80 -56.39
C VAL B 744 48.04 -35.11 -57.63
N SER B 745 48.92 -35.80 -58.37
CA SER B 745 49.58 -35.19 -59.53
C SER B 745 48.62 -34.84 -60.65
N ASN B 746 47.41 -35.41 -60.65
CA ASN B 746 46.45 -35.19 -61.73
C ASN B 746 45.19 -34.43 -61.29
N MET B 747 45.25 -33.68 -60.19
CA MET B 747 44.08 -32.93 -59.74
C MET B 747 43.69 -31.83 -60.73
N MET B 748 44.52 -30.79 -60.83
CA MET B 748 44.12 -29.55 -61.51
C MET B 748 45.31 -28.61 -61.61
N SER B 749 45.30 -27.72 -62.60
CA SER B 749 46.26 -26.62 -62.72
C SER B 749 45.57 -25.31 -62.39
N THR B 750 46.10 -24.60 -61.40
CA THR B 750 45.53 -23.36 -60.92
C THR B 750 46.63 -22.31 -60.85
N GLY B 751 46.36 -21.23 -60.12
CA GLY B 751 47.35 -20.18 -59.97
C GLY B 751 48.58 -20.64 -59.20
N ARG B 752 49.63 -19.83 -59.29
CA ARG B 752 50.92 -20.22 -58.73
C ARG B 752 50.88 -20.27 -57.21
N ALA B 753 50.10 -19.39 -56.58
CA ALA B 753 50.01 -19.39 -55.12
C ALA B 753 49.25 -20.61 -54.62
N ALA B 754 48.14 -20.94 -55.29
CA ALA B 754 47.33 -22.09 -54.85
C ALA B 754 48.09 -23.40 -55.03
N LEU B 755 48.73 -23.58 -56.19
CA LEU B 755 49.54 -24.78 -56.41
C LEU B 755 50.74 -24.79 -55.49
N GLN B 756 51.30 -23.62 -55.19
CA GLN B 756 52.40 -23.52 -54.23
C GLN B 756 51.96 -24.02 -52.86
N LYS B 757 50.80 -23.58 -52.38
CA LYS B 757 50.33 -23.98 -51.06
C LYS B 757 49.91 -25.44 -51.03
N ARG B 758 49.35 -25.94 -52.13
CA ARG B 758 49.02 -27.35 -52.22
C ARG B 758 50.29 -28.20 -52.15
N VAL B 759 51.34 -27.78 -52.86
CA VAL B 759 52.63 -28.46 -52.81
C VAL B 759 53.24 -28.34 -51.41
N MET B 760 53.03 -27.18 -50.76
CA MET B 760 53.53 -26.93 -49.41
C MET B 760 52.97 -27.97 -48.45
N ALA B 761 51.65 -28.11 -48.42
CA ALA B 761 51.01 -29.07 -47.53
C ALA B 761 51.33 -30.50 -47.94
N LEU B 762 51.54 -30.73 -49.25
CA LEU B 762 51.94 -32.05 -49.71
C LEU B 762 53.28 -32.45 -49.14
N LEU B 763 54.25 -31.53 -49.14
CA LEU B 763 55.53 -31.82 -48.51
C LEU B 763 55.38 -31.91 -47.00
N ARG B 764 54.36 -31.27 -46.45
CA ARG B 764 54.14 -31.39 -45.01
C ARG B 764 53.48 -32.72 -44.66
N ARG B 765 52.91 -33.38 -45.66
CA ARG B 765 52.26 -34.67 -45.41
C ARG B 765 53.28 -35.80 -45.26
N ILE B 766 54.56 -35.54 -45.52
CA ILE B 766 55.55 -36.60 -45.41
C ILE B 766 55.88 -36.84 -43.94
N GLU B 767 56.28 -38.08 -43.63
CA GLU B 767 56.60 -38.46 -42.26
C GLU B 767 57.94 -39.16 -42.12
N HIS B 768 58.32 -40.01 -43.07
CA HIS B 768 59.51 -40.83 -42.88
C HIS B 768 60.76 -40.05 -43.28
N PRO B 769 61.86 -40.20 -42.54
CA PRO B 769 63.12 -39.57 -42.97
C PRO B 769 63.76 -40.33 -44.11
N THR B 770 64.26 -39.59 -45.09
CA THR B 770 65.02 -40.14 -46.20
C THR B 770 66.30 -39.35 -46.35
N ALA B 771 67.39 -40.04 -46.69
CA ALA B 771 68.68 -39.39 -46.87
C ALA B 771 68.64 -38.39 -48.01
N GLY B 772 67.97 -38.75 -49.11
CA GLY B 772 67.81 -37.82 -50.22
C GLY B 772 67.03 -36.58 -49.83
N ASN B 773 66.02 -36.75 -48.97
CA ASN B 773 65.28 -35.60 -48.45
C ASN B 773 66.18 -34.68 -47.64
N THR B 774 67.05 -35.26 -46.83
CA THR B 774 67.98 -34.48 -46.02
C THR B 774 68.97 -33.73 -46.89
N GLU B 775 69.50 -34.40 -47.93
CA GLU B 775 70.43 -33.74 -48.84
C GLU B 775 69.75 -32.61 -49.59
N ALA B 776 68.51 -32.82 -50.02
CA ALA B 776 67.75 -31.77 -50.68
C ALA B 776 67.54 -30.59 -49.75
N TRP B 777 67.24 -30.86 -48.48
CA TRP B 777 67.06 -29.80 -47.50
C TRP B 777 68.35 -29.00 -47.33
N GLU B 778 69.48 -29.69 -47.22
CA GLU B 778 70.75 -28.99 -47.01
C GLU B 778 71.14 -28.16 -48.22
N ASP B 779 70.96 -28.71 -49.42
CA ASP B 779 71.30 -27.96 -50.63
C ASP B 779 70.39 -26.76 -50.80
N THR B 780 69.10 -26.95 -50.55
CA THR B 780 68.14 -25.86 -50.62
C THR B 780 68.43 -24.81 -49.57
N HIS B 781 68.88 -25.23 -48.39
CA HIS B 781 69.24 -24.28 -47.35
C HIS B 781 70.45 -23.45 -47.72
N ALA B 782 71.46 -24.08 -48.32
CA ALA B 782 72.63 -23.34 -48.78
C ALA B 782 72.24 -22.33 -49.85
N LYS B 783 71.44 -22.76 -50.83
CA LYS B 783 71.01 -21.86 -51.89
C LYS B 783 70.12 -20.76 -51.36
N TRP B 784 69.30 -21.08 -50.35
CA TRP B 784 68.47 -20.07 -49.70
C TRP B 784 69.31 -19.06 -48.95
N GLU B 785 70.39 -19.50 -48.33
CA GLU B 785 71.26 -18.57 -47.63
C GLU B 785 71.93 -17.60 -48.60
N GLN B 786 72.44 -18.14 -49.71
CA GLN B 786 73.07 -17.27 -50.71
C GLN B 786 72.06 -16.31 -51.33
N ALA B 787 70.87 -16.82 -51.65
CA ALA B 787 69.84 -15.97 -52.24
C ALA B 787 69.36 -14.92 -51.24
N THR B 788 69.28 -15.29 -49.96
CA THR B 788 68.87 -14.35 -48.92
C THR B 788 69.88 -13.22 -48.77
N LYS B 789 71.17 -13.57 -48.79
CA LYS B 789 72.21 -12.54 -48.76
C LYS B 789 72.16 -11.66 -49.99
N LEU B 790 71.79 -12.24 -51.14
CA LEU B 790 71.62 -11.44 -52.35
C LEU B 790 70.44 -10.49 -52.23
N ILE B 791 69.34 -10.93 -51.62
CA ILE B 791 68.17 -10.07 -51.44
C ILE B 791 68.49 -8.94 -50.47
N LEU B 792 69.25 -9.23 -49.41
CA LEU B 792 69.61 -8.19 -48.45
C LEU B 792 70.49 -7.13 -49.08
N ASN B 793 71.33 -7.51 -50.03
CA ASN B 793 72.22 -6.56 -50.67
C ASN B 793 71.86 -6.39 -52.14
N ASP B 830 63.22 -8.02 -59.79
CA ASP B 830 63.68 -8.62 -58.55
C ASP B 830 62.53 -9.32 -57.82
N THR B 831 61.33 -9.18 -58.38
CA THR B 831 60.17 -9.80 -57.74
C THR B 831 60.16 -11.31 -57.96
N ASP B 832 60.74 -11.79 -59.06
CA ASP B 832 60.86 -13.23 -59.26
C ASP B 832 61.86 -13.83 -58.28
N SER B 833 62.90 -13.06 -57.94
CA SER B 833 63.81 -13.48 -56.88
C SER B 833 63.08 -13.58 -55.56
N LEU B 834 62.16 -12.66 -55.29
CA LEU B 834 61.37 -12.72 -54.07
C LEU B 834 60.43 -13.94 -54.08
N GLN B 835 59.85 -14.26 -55.24
CA GLN B 835 58.98 -15.42 -55.33
C GLN B 835 59.75 -16.72 -55.11
N GLU B 836 60.90 -16.87 -55.76
CA GLU B 836 61.69 -18.08 -55.55
C GLU B 836 62.28 -18.10 -54.14
N TRP B 837 62.48 -16.93 -53.53
CA TRP B 837 63.01 -16.88 -52.17
C TRP B 837 61.98 -17.33 -51.15
N ILE B 838 60.73 -16.88 -51.29
CA ILE B 838 59.69 -17.35 -50.39
C ILE B 838 59.38 -18.81 -50.68
N ASN B 839 59.57 -19.25 -51.93
CA ASN B 839 59.40 -20.66 -52.25
C ASN B 839 60.46 -21.51 -51.55
N MET B 840 61.71 -21.04 -51.57
CA MET B 840 62.78 -21.64 -50.77
C MET B 840 62.42 -21.67 -49.29
N THR B 841 61.91 -20.56 -48.76
CA THR B 841 61.63 -20.46 -47.34
C THR B 841 60.58 -21.46 -46.91
N GLY B 842 59.46 -21.50 -47.61
CA GLY B 842 58.41 -22.45 -47.28
C GLY B 842 58.80 -23.88 -47.59
N PHE B 843 59.67 -24.07 -48.60
CA PHE B 843 60.16 -25.41 -48.90
C PHE B 843 61.04 -25.94 -47.77
N LEU B 844 61.88 -25.06 -47.21
CA LEU B 844 62.71 -25.45 -46.07
C LEU B 844 61.86 -25.66 -44.83
N CYS B 845 60.78 -24.87 -44.69
CA CYS B 845 59.85 -25.09 -43.57
C CYS B 845 59.16 -26.43 -43.70
N ALA B 846 58.72 -26.78 -44.91
CA ALA B 846 57.96 -28.02 -45.10
C ALA B 846 58.86 -29.25 -45.03
N LEU B 847 60.09 -29.14 -45.53
CA LEU B 847 60.96 -30.31 -45.56
C LEU B 847 61.78 -30.48 -44.28
N GLY B 848 61.55 -29.64 -43.27
CA GLY B 848 62.28 -29.76 -42.02
C GLY B 848 61.85 -30.92 -41.15
N GLY B 849 60.84 -31.69 -41.57
CA GLY B 849 60.40 -32.84 -40.79
C GLY B 849 61.47 -33.91 -40.70
N VAL B 850 62.27 -34.05 -41.75
CA VAL B 850 63.39 -35.00 -41.70
C VAL B 850 64.55 -34.41 -40.89
N CYS B 851 64.52 -33.10 -40.66
CA CYS B 851 65.53 -32.34 -39.92
C CYS B 851 66.94 -32.51 -40.48
N THR B 889 71.67 -28.95 -35.35
CA THR B 889 70.98 -29.19 -36.61
C THR B 889 70.88 -27.91 -37.43
N PRO B 890 71.00 -28.04 -38.76
CA PRO B 890 70.85 -26.85 -39.62
C PRO B 890 69.44 -26.26 -39.60
N VAL B 891 68.43 -27.04 -39.17
CA VAL B 891 67.08 -26.50 -39.05
C VAL B 891 67.04 -25.44 -37.96
N SER B 892 67.82 -25.63 -36.90
CA SER B 892 67.93 -24.61 -35.86
C SER B 892 68.52 -23.32 -36.41
N LYS B 893 69.55 -23.43 -37.26
CA LYS B 893 70.12 -22.25 -37.90
C LYS B 893 69.12 -21.63 -38.86
N PHE B 894 68.29 -22.45 -39.50
CA PHE B 894 67.26 -21.93 -40.40
C PHE B 894 66.23 -21.10 -39.64
N MET B 895 65.81 -21.58 -38.47
CA MET B 895 64.86 -20.82 -37.66
C MET B 895 65.49 -19.54 -37.12
N ASP B 896 66.74 -19.62 -36.69
CA ASP B 896 67.45 -18.42 -36.23
C ASP B 896 67.62 -17.42 -37.37
N ARG B 897 67.84 -17.92 -38.59
CA ARG B 897 67.97 -17.05 -39.75
C ARG B 897 66.65 -16.38 -40.08
N LEU B 898 65.54 -17.11 -39.94
CA LEU B 898 64.22 -16.50 -40.12
C LEU B 898 63.96 -15.43 -39.08
N LEU B 899 64.37 -15.67 -37.83
CA LEU B 899 64.19 -14.65 -36.81
C LEU B 899 65.04 -13.41 -37.08
N SER B 900 66.27 -13.63 -37.57
CA SER B 900 67.10 -12.50 -37.97
C SER B 900 66.50 -11.76 -39.15
N LEU B 901 65.85 -12.46 -40.08
CA LEU B 901 65.17 -11.81 -41.19
C LEU B 901 63.94 -11.06 -40.71
N MET B 902 63.29 -11.56 -39.65
CA MET B 902 62.22 -10.83 -39.01
C MET B 902 62.74 -9.53 -38.41
N VAL B 903 63.97 -9.57 -37.88
CA VAL B 903 64.65 -8.32 -37.51
C VAL B 903 64.95 -7.48 -38.75
N CYS B 904 65.24 -8.14 -39.87
CA CYS B 904 65.63 -7.45 -41.10
C CYS B 904 64.47 -6.81 -41.84
N ASN B 905 63.32 -6.63 -41.20
CA ASN B 905 62.19 -5.95 -41.82
C ASN B 905 62.42 -4.46 -42.02
N HIS B 906 63.49 -3.90 -41.42
CA HIS B 906 63.73 -2.47 -41.51
C HIS B 906 64.08 -2.05 -42.94
N GLU B 907 64.72 -2.94 -43.70
CA GLU B 907 64.93 -2.68 -45.12
C GLU B 907 63.58 -2.69 -45.83
N LYS B 908 63.51 -1.91 -46.93
CA LYS B 908 62.22 -1.64 -47.57
C LYS B 908 61.58 -2.90 -48.14
N VAL B 909 62.34 -3.71 -48.87
CA VAL B 909 61.81 -4.99 -49.36
C VAL B 909 61.51 -5.90 -48.18
N GLY B 910 62.33 -5.80 -47.12
CA GLY B 910 62.07 -6.54 -45.90
C GLY B 910 60.68 -6.29 -45.35
N LEU B 911 60.16 -5.07 -45.56
CA LEU B 911 58.77 -4.73 -45.27
C LEU B 911 57.82 -5.81 -45.77
N GLN B 912 57.76 -5.99 -47.09
CA GLN B 912 56.85 -7.01 -47.61
C GLN B 912 57.34 -8.40 -47.25
N ILE B 913 58.67 -8.55 -47.15
CA ILE B 913 59.26 -9.83 -46.77
C ILE B 913 58.78 -10.21 -45.39
N ARG B 914 58.66 -9.22 -44.50
CA ARG B 914 58.12 -9.43 -43.16
C ARG B 914 56.77 -10.11 -43.24
N THR B 915 55.86 -9.53 -44.03
CA THR B 915 54.54 -10.12 -44.21
C THR B 915 54.65 -11.52 -44.76
N ASN B 916 55.49 -11.68 -45.79
CA ASN B 916 55.71 -12.98 -46.38
C ASN B 916 56.27 -13.95 -45.36
N VAL B 917 57.28 -13.51 -44.60
CA VAL B 917 57.90 -14.38 -43.60
C VAL B 917 56.87 -14.74 -42.55
N LYS B 918 56.00 -13.76 -42.20
CA LYS B 918 54.91 -14.01 -41.26
C LYS B 918 54.05 -15.15 -41.75
N ASP B 919 53.62 -15.07 -43.01
CA ASP B 919 52.82 -16.14 -43.60
C ASP B 919 53.60 -17.44 -43.58
N LEU B 920 54.89 -17.36 -43.93
CA LEU B 920 55.71 -18.54 -44.10
C LEU B 920 55.97 -19.23 -42.75
N VAL B 921 55.69 -18.54 -41.65
CA VAL B 921 55.81 -19.20 -40.36
C VAL B 921 54.45 -19.27 -39.69
N GLY B 922 53.50 -18.45 -40.15
CA GLY B 922 52.22 -18.37 -39.47
C GLY B 922 51.21 -19.33 -40.04
N LEU B 923 51.02 -19.29 -41.36
CA LEU B 923 50.06 -20.18 -42.00
C LEU B 923 50.62 -21.60 -42.08
N GLU B 924 51.95 -21.75 -42.12
CA GLU B 924 52.58 -23.04 -42.34
C GLU B 924 53.76 -23.23 -41.40
N LEU B 925 53.74 -24.34 -40.66
CA LEU B 925 54.87 -24.81 -39.88
C LEU B 925 54.66 -26.31 -39.63
N SER B 926 55.75 -27.07 -39.70
CA SER B 926 55.66 -28.51 -39.55
C SER B 926 55.28 -28.88 -38.11
N PRO B 927 54.53 -29.98 -37.94
CA PRO B 927 54.11 -30.37 -36.58
C PRO B 927 55.26 -30.66 -35.63
N ALA B 928 56.36 -31.20 -36.12
CA ALA B 928 57.51 -31.46 -35.25
C ALA B 928 58.36 -30.22 -35.08
N LEU B 929 58.11 -29.19 -35.89
CA LEU B 929 58.96 -28.01 -35.90
C LEU B 929 58.49 -26.94 -34.92
N TYR B 930 57.30 -27.10 -34.34
CA TYR B 930 56.79 -26.12 -33.38
C TYR B 930 57.66 -25.93 -32.14
N PRO B 931 58.01 -26.96 -31.34
CA PRO B 931 58.50 -26.68 -29.97
C PRO B 931 59.82 -25.94 -29.92
N MET B 932 60.70 -26.22 -30.87
CA MET B 932 61.99 -25.55 -30.90
C MET B 932 61.85 -24.08 -31.27
N LEU B 933 60.90 -23.76 -32.16
CA LEU B 933 60.59 -22.36 -32.45
C LEU B 933 60.00 -21.68 -31.22
N PHE B 934 59.12 -22.37 -30.49
CA PHE B 934 58.56 -21.81 -29.25
C PHE B 934 59.68 -21.54 -28.25
N ASN B 935 60.64 -22.45 -28.15
CA ASN B 935 61.76 -22.28 -27.23
C ASN B 935 62.61 -21.08 -27.62
N LYS B 936 62.87 -20.91 -28.93
CA LYS B 936 63.63 -19.74 -29.35
C LYS B 936 62.89 -18.44 -29.06
N LEU B 937 61.58 -18.40 -29.29
CA LEU B 937 60.83 -17.18 -29.03
C LEU B 937 60.80 -16.88 -27.55
N LYS B 938 60.73 -17.93 -26.73
CA LYS B 938 60.89 -17.81 -25.28
C LYS B 938 62.22 -17.16 -24.93
N ASN B 939 63.31 -17.65 -25.54
CA ASN B 939 64.62 -17.08 -25.28
C ASN B 939 64.71 -15.62 -25.72
N THR B 940 64.12 -15.30 -26.88
CA THR B 940 64.20 -13.93 -27.39
C THR B 940 63.47 -12.94 -26.49
N ILE B 941 62.25 -13.30 -26.07
CA ILE B 941 61.53 -12.34 -25.24
C ILE B 941 62.00 -12.41 -23.80
N SER B 942 62.70 -13.48 -23.42
CA SER B 942 63.43 -13.46 -22.16
C SER B 942 64.58 -12.47 -22.24
N LYS B 943 65.21 -12.36 -23.41
CA LYS B 943 66.23 -11.34 -23.61
C LYS B 943 65.62 -9.94 -23.66
N PHE B 944 64.38 -9.83 -24.14
CA PHE B 944 63.76 -8.50 -24.22
C PHE B 944 63.45 -7.94 -22.85
N PHE B 945 63.28 -8.79 -21.84
CA PHE B 945 63.07 -8.30 -20.49
C PHE B 945 64.40 -7.93 -19.84
N ASP B 946 64.32 -7.06 -18.84
CA ASP B 946 65.49 -6.69 -18.06
C ASP B 946 65.72 -7.72 -16.95
N SER B 947 66.85 -7.59 -16.27
CA SER B 947 67.21 -8.53 -15.22
C SER B 947 66.33 -8.35 -13.99
N GLN B 948 65.92 -7.11 -13.71
CA GLN B 948 65.11 -6.83 -12.52
C GLN B 948 63.63 -7.15 -12.72
N GLY B 949 63.24 -7.55 -13.92
CA GLY B 949 61.84 -7.74 -14.24
C GLY B 949 61.24 -6.65 -15.10
N GLN B 950 62.02 -5.62 -15.45
CA GLN B 950 61.58 -4.59 -16.37
C GLN B 950 61.81 -5.11 -17.80
N VAL B 951 61.57 -4.26 -18.80
CA VAL B 951 61.74 -4.65 -20.19
C VAL B 951 62.69 -3.66 -20.85
N LEU B 952 63.20 -4.05 -22.01
CA LEU B 952 64.12 -3.18 -22.74
C LEU B 952 63.39 -1.99 -23.35
N LEU B 953 62.10 -2.16 -23.63
CA LEU B 953 61.18 -1.11 -24.08
C LEU B 953 61.59 -0.49 -25.41
N THR B 954 62.34 -1.22 -26.24
CA THR B 954 62.73 -0.69 -27.54
C THR B 954 61.64 -0.96 -28.57
N ASP B 955 61.64 -0.17 -29.64
CA ASP B 955 60.63 -0.31 -30.68
C ASP B 955 60.85 -1.59 -31.48
N THR B 956 62.11 -2.02 -31.62
CA THR B 956 62.40 -3.26 -32.32
C THR B 956 61.84 -4.46 -31.56
N ASN B 957 62.01 -4.47 -30.23
CA ASN B 957 61.42 -5.53 -29.44
C ASN B 957 59.90 -5.45 -29.45
N THR B 958 59.36 -4.23 -29.53
CA THR B 958 57.91 -4.07 -29.63
C THR B 958 57.37 -4.66 -30.93
N GLN B 959 58.08 -4.42 -32.04
CA GLN B 959 57.70 -5.01 -33.31
C GLN B 959 57.84 -6.52 -33.28
N PHE B 960 58.89 -7.01 -32.63
CA PHE B 960 59.05 -8.45 -32.44
C PHE B 960 57.88 -9.04 -31.67
N VAL B 961 57.47 -8.37 -30.59
CA VAL B 961 56.37 -8.87 -29.77
C VAL B 961 55.07 -8.87 -30.56
N GLU B 962 54.81 -7.79 -31.30
CA GLU B 962 53.59 -7.68 -32.11
C GLU B 962 53.52 -8.78 -33.16
N GLN B 963 54.60 -8.93 -33.93
CA GLN B 963 54.61 -9.95 -34.97
C GLN B 963 54.59 -11.35 -34.36
N THR B 964 55.17 -11.49 -33.17
CA THR B 964 55.13 -12.77 -32.46
C THR B 964 53.70 -13.14 -32.08
N ILE B 965 52.92 -12.15 -31.62
CA ILE B 965 51.51 -12.38 -31.35
C ILE B 965 50.79 -12.80 -32.62
N ALA B 966 51.09 -12.14 -33.73
CA ALA B 966 50.47 -12.52 -35.00
C ALA B 966 50.81 -13.95 -35.40
N ILE B 967 52.09 -14.33 -35.24
CA ILE B 967 52.54 -15.66 -35.63
C ILE B 967 51.89 -16.72 -34.76
N MET B 968 51.85 -16.48 -33.45
CA MET B 968 51.21 -17.43 -32.54
C MET B 968 49.72 -17.55 -32.81
N LYS B 969 49.06 -16.43 -33.13
CA LYS B 969 47.65 -16.49 -33.46
C LYS B 969 47.41 -17.34 -34.68
N ASN B 970 48.25 -17.15 -35.71
CA ASN B 970 48.12 -17.94 -36.93
C ASN B 970 48.46 -19.41 -36.69
N LEU B 971 49.33 -19.69 -35.72
CA LEU B 971 49.71 -21.06 -35.44
C LEU B 971 48.68 -21.76 -34.56
N LEU B 972 47.89 -20.99 -33.82
CA LEU B 972 46.85 -21.62 -33.00
C LEU B 972 45.54 -21.74 -33.77
N ASP B 973 45.29 -20.86 -34.73
CA ASP B 973 44.00 -20.97 -35.42
C ASP B 973 43.99 -22.07 -36.48
N ASN B 974 45.14 -22.69 -36.75
CA ASN B 974 45.22 -23.64 -37.87
C ASN B 974 44.45 -24.92 -37.58
N HIS B 975 44.46 -25.36 -36.32
CA HIS B 975 43.74 -26.56 -35.86
C HIS B 975 44.17 -27.82 -36.64
N THR B 976 45.47 -27.99 -36.83
CA THR B 976 45.97 -29.18 -37.49
C THR B 976 45.93 -30.38 -36.55
N GLU B 977 45.72 -31.56 -37.13
CA GLU B 977 45.70 -32.79 -36.36
C GLU B 977 47.13 -33.19 -35.97
N GLY B 978 47.22 -33.91 -34.85
CA GLY B 978 48.51 -34.38 -34.38
C GLY B 978 49.40 -33.29 -33.84
N SER B 979 48.85 -32.40 -33.04
CA SER B 979 49.62 -31.35 -32.39
C SER B 979 50.31 -31.83 -31.12
N SER B 980 50.28 -33.14 -30.85
CA SER B 980 50.97 -33.68 -29.68
C SER B 980 52.48 -33.52 -29.78
N GLU B 981 53.01 -33.40 -30.99
CA GLU B 981 54.43 -33.11 -31.17
C GLU B 981 54.77 -31.74 -30.61
N HIS B 982 53.89 -30.76 -30.82
CA HIS B 982 54.05 -29.47 -30.15
C HIS B 982 53.78 -29.59 -28.65
N LEU B 983 52.87 -30.48 -28.27
CA LEU B 983 52.49 -30.63 -26.87
C LEU B 983 53.64 -31.14 -26.01
N GLY B 984 54.43 -32.07 -26.56
CA GLY B 984 55.40 -32.79 -25.76
C GLY B 984 56.51 -31.91 -25.21
N GLN B 985 57.02 -30.98 -26.02
CA GLN B 985 58.18 -30.19 -25.61
C GLN B 985 57.86 -28.73 -25.38
N ALA B 986 56.61 -28.31 -25.49
CA ALA B 986 56.25 -26.90 -25.31
C ALA B 986 55.08 -26.78 -24.35
N SER B 987 55.23 -25.93 -23.33
CA SER B 987 54.13 -25.51 -22.47
C SER B 987 54.14 -23.99 -22.47
N ILE B 988 53.06 -23.40 -22.94
CA ILE B 988 53.19 -22.03 -23.46
C ILE B 988 52.81 -20.98 -22.43
N GLU B 989 52.82 -21.35 -21.15
CA GLU B 989 52.45 -20.42 -20.08
C GLU B 989 53.47 -19.27 -19.95
N THR B 990 54.76 -19.60 -19.94
CA THR B 990 55.75 -18.65 -19.42
C THR B 990 56.00 -17.49 -20.39
N MET B 991 56.11 -17.78 -21.68
CA MET B 991 56.36 -16.69 -22.62
C MET B 991 55.15 -15.79 -22.77
N MET B 992 53.93 -16.31 -22.58
CA MET B 992 52.80 -15.38 -22.60
C MET B 992 52.68 -14.60 -21.30
N LEU B 993 53.16 -15.17 -20.19
CA LEU B 993 53.33 -14.36 -18.98
C LEU B 993 54.23 -13.16 -19.28
N ASN B 994 55.34 -13.43 -19.97
CA ASN B 994 56.23 -12.35 -20.41
C ASN B 994 55.53 -11.42 -21.40
N LEU B 995 54.70 -11.97 -22.27
CA LEU B 995 54.03 -11.19 -23.29
C LEU B 995 53.05 -10.21 -22.68
N VAL B 996 52.17 -10.69 -21.79
CA VAL B 996 51.20 -9.81 -21.18
C VAL B 996 51.90 -8.79 -20.28
N ARG B 997 53.03 -9.18 -19.68
CA ARG B 997 53.78 -8.21 -18.88
C ARG B 997 54.37 -7.11 -19.76
N TYR B 998 54.94 -7.49 -20.91
CA TYR B 998 55.51 -6.50 -21.83
C TYR B 998 54.44 -5.56 -22.36
N VAL B 999 53.29 -6.10 -22.76
CA VAL B 999 52.25 -5.26 -23.34
C VAL B 999 51.60 -4.40 -22.26
N ARG B 1000 51.56 -4.88 -21.02
CA ARG B 1000 51.12 -4.03 -19.91
C ARG B 1000 52.09 -2.88 -19.69
N VAL B 1001 53.39 -3.15 -19.84
CA VAL B 1001 54.38 -2.07 -19.77
C VAL B 1001 54.24 -1.11 -20.95
N LEU B 1002 53.75 -1.61 -22.10
CA LEU B 1002 53.68 -0.81 -23.32
C LEU B 1002 52.76 0.40 -23.15
N GLY B 1003 51.65 0.24 -22.45
CA GLY B 1003 50.76 1.36 -22.24
C GLY B 1003 49.71 1.49 -23.33
N ASN B 1004 49.19 2.70 -23.44
CA ASN B 1004 48.03 2.97 -24.30
C ASN B 1004 48.46 3.69 -25.57
N MET B 1005 48.50 2.95 -26.67
CA MET B 1005 48.60 3.50 -28.01
C MET B 1005 47.56 2.79 -28.86
N VAL B 1006 47.12 3.44 -29.95
CA VAL B 1006 46.08 2.85 -30.81
C VAL B 1006 46.58 1.55 -31.43
N HIS B 1007 47.81 1.55 -31.93
CA HIS B 1007 48.43 0.29 -32.35
C HIS B 1007 48.59 -0.65 -31.18
N ALA B 1008 48.86 -0.11 -29.98
CA ALA B 1008 48.92 -0.96 -28.79
C ALA B 1008 47.53 -1.43 -28.38
N ILE B 1009 46.49 -0.63 -28.65
CA ILE B 1009 45.11 -1.08 -28.46
C ILE B 1009 44.84 -2.31 -29.32
N GLN B 1010 45.24 -2.23 -30.58
CA GLN B 1010 45.06 -3.37 -31.49
C GLN B 1010 45.92 -4.54 -31.08
N ILE B 1011 47.11 -4.27 -30.55
CA ILE B 1011 48.00 -5.31 -30.04
C ILE B 1011 47.34 -6.05 -28.89
N LYS B 1012 46.75 -5.30 -27.95
CA LYS B 1012 46.06 -5.90 -26.82
C LYS B 1012 44.86 -6.71 -27.29
N THR B 1013 44.15 -6.21 -28.31
CA THR B 1013 43.00 -6.93 -28.87
C THR B 1013 43.44 -8.28 -29.44
N LYS B 1014 44.52 -8.27 -30.22
CA LYS B 1014 45.04 -9.51 -30.78
C LYS B 1014 45.52 -10.46 -29.70
N LEU B 1015 46.13 -9.91 -28.65
CA LEU B 1015 46.62 -10.76 -27.56
C LEU B 1015 45.48 -11.42 -26.81
N CYS B 1016 44.39 -10.67 -26.57
CA CYS B 1016 43.23 -11.25 -25.93
C CYS B 1016 42.59 -12.32 -26.81
N GLN B 1017 42.55 -12.08 -28.12
CA GLN B 1017 42.06 -13.11 -29.05
C GLN B 1017 42.94 -14.34 -29.00
N LEU B 1018 44.25 -14.15 -28.89
CA LEU B 1018 45.19 -15.27 -28.79
C LEU B 1018 44.94 -16.09 -27.54
N VAL B 1019 44.71 -15.40 -26.42
CA VAL B 1019 44.38 -16.07 -25.16
C VAL B 1019 43.11 -16.88 -25.32
N GLU B 1020 42.12 -16.30 -26.00
CA GLU B 1020 40.86 -17.00 -26.25
C GLU B 1020 41.08 -18.25 -27.09
N VAL B 1021 41.92 -18.15 -28.11
CA VAL B 1021 42.13 -19.29 -29.01
C VAL B 1021 42.87 -20.40 -28.29
N MET B 1022 43.84 -20.06 -27.43
CA MET B 1022 44.53 -21.14 -26.75
C MET B 1022 43.71 -21.75 -25.60
N MET B 1023 42.87 -20.94 -24.92
CA MET B 1023 41.80 -21.51 -24.08
C MET B 1023 40.82 -22.37 -24.87
N ALA B 1024 40.69 -22.14 -26.17
CA ALA B 1024 39.88 -23.07 -26.96
C ALA B 1024 40.59 -24.41 -27.14
N ARG B 1025 41.93 -24.42 -27.10
CA ARG B 1025 42.70 -25.66 -27.12
C ARG B 1025 43.19 -26.08 -25.73
N ARG B 1026 42.50 -25.72 -24.65
CA ARG B 1026 43.01 -26.09 -23.32
C ARG B 1026 42.95 -27.60 -23.12
N ASP B 1027 42.02 -28.27 -23.81
CA ASP B 1027 41.91 -29.72 -23.72
C ASP B 1027 43.16 -30.41 -24.24
N ASP B 1028 43.65 -29.99 -25.39
CA ASP B 1028 44.81 -30.63 -25.99
C ASP B 1028 46.10 -30.24 -25.27
N LEU B 1029 46.19 -28.98 -24.86
CA LEU B 1029 47.41 -28.49 -24.24
C LEU B 1029 47.52 -28.96 -22.79
N SER B 1030 48.75 -28.92 -22.27
CA SER B 1030 49.06 -29.30 -20.91
C SER B 1030 50.19 -28.42 -20.40
N PHE B 1031 50.08 -27.99 -19.14
CA PHE B 1031 51.04 -27.08 -18.53
C PHE B 1031 51.44 -27.59 -17.15
N CYS B 1032 52.50 -26.99 -16.61
CA CYS B 1032 52.96 -27.35 -15.28
C CYS B 1032 51.92 -26.99 -14.23
N GLN B 1033 51.39 -25.76 -14.30
CA GLN B 1033 50.25 -25.34 -13.47
C GLN B 1033 49.36 -24.48 -14.37
N GLU B 1034 48.08 -24.84 -14.42
CA GLU B 1034 47.14 -24.04 -15.20
C GLU B 1034 46.36 -23.09 -14.32
N MET B 1035 46.12 -23.47 -13.08
CA MET B 1035 45.26 -22.68 -12.20
C MET B 1035 45.95 -21.41 -11.72
N LYS B 1036 47.23 -21.51 -11.35
CA LYS B 1036 47.95 -20.30 -10.93
C LYS B 1036 48.23 -19.38 -12.11
N PHE B 1037 48.66 -19.95 -13.24
CA PHE B 1037 48.93 -19.15 -14.43
C PHE B 1037 47.66 -18.44 -14.88
N ARG B 1038 46.54 -19.16 -14.88
CA ARG B 1038 45.25 -18.54 -15.17
C ARG B 1038 44.90 -17.48 -14.15
N ASN B 1039 45.29 -17.66 -12.90
CA ASN B 1039 45.00 -16.66 -11.88
C ASN B 1039 45.73 -15.35 -12.17
N LYS B 1040 47.02 -15.42 -12.52
CA LYS B 1040 47.70 -14.20 -12.96
C LYS B 1040 47.11 -13.63 -14.24
N MET B 1041 46.68 -14.49 -15.16
CA MET B 1041 46.01 -13.98 -16.36
C MET B 1041 44.75 -13.20 -16.00
N VAL B 1042 44.00 -13.69 -15.02
CA VAL B 1042 42.80 -12.99 -14.56
C VAL B 1042 43.18 -11.64 -13.94
N GLU B 1043 44.23 -11.63 -13.12
CA GLU B 1043 44.65 -10.38 -12.48
C GLU B 1043 45.06 -9.33 -13.51
N TYR B 1044 45.89 -9.74 -14.48
CA TYR B 1044 46.31 -8.79 -15.50
C TYR B 1044 45.15 -8.36 -16.38
N LEU B 1045 44.22 -9.28 -16.67
CA LEU B 1045 43.09 -8.91 -17.52
C LEU B 1045 42.13 -7.98 -16.79
N THR B 1046 42.01 -8.13 -15.47
CA THR B 1046 41.19 -7.20 -14.70
C THR B 1046 41.84 -5.82 -14.62
N ASP B 1047 43.17 -5.77 -14.58
CA ASP B 1047 43.85 -4.48 -14.76
C ASP B 1047 43.63 -3.95 -16.18
N TRP B 1048 43.45 -4.87 -17.13
CA TRP B 1048 43.29 -4.58 -18.55
C TRP B 1048 41.87 -4.27 -18.96
N VAL B 1049 40.90 -4.36 -18.03
CA VAL B 1049 39.49 -4.15 -18.38
C VAL B 1049 39.25 -2.72 -18.85
N MET B 1050 39.75 -1.75 -18.11
CA MET B 1050 39.57 -0.35 -18.48
C MET B 1050 40.40 0.01 -19.70
N VAL B 1061 38.09 5.85 -31.78
CA VAL B 1061 38.66 6.46 -30.58
C VAL B 1061 38.23 5.71 -29.34
N LYS B 1062 37.18 6.19 -28.69
CA LYS B 1062 36.64 5.51 -27.52
C LYS B 1062 35.99 4.19 -27.90
N CYS B 1063 35.44 4.11 -29.12
CA CYS B 1063 34.85 2.87 -29.60
C CYS B 1063 35.92 1.79 -29.78
N LEU B 1064 37.13 2.19 -30.17
CA LEU B 1064 38.22 1.22 -30.27
C LEU B 1064 38.63 0.70 -28.90
N THR B 1065 38.65 1.58 -27.89
CA THR B 1065 38.94 1.15 -26.53
C THR B 1065 37.85 0.22 -26.01
N ARG B 1066 36.60 0.51 -26.36
CA ARG B 1066 35.50 -0.36 -25.95
C ARG B 1066 35.55 -1.69 -26.70
N ASP B 1067 36.04 -1.69 -27.94
CA ASP B 1067 36.28 -2.95 -28.65
C ASP B 1067 37.35 -3.76 -27.96
N LEU B 1068 38.41 -3.08 -27.49
CA LEU B 1068 39.42 -3.73 -26.66
C LEU B 1068 38.80 -4.35 -25.42
N ASP B 1069 37.91 -3.62 -24.76
CA ASP B 1069 37.26 -4.16 -23.56
C ASP B 1069 36.38 -5.36 -23.91
N GLN B 1070 35.65 -5.27 -25.03
CA GLN B 1070 34.81 -6.38 -25.44
C GLN B 1070 35.62 -7.63 -25.70
N ALA B 1071 36.73 -7.50 -26.41
CA ALA B 1071 37.62 -8.64 -26.61
C ALA B 1071 38.25 -9.11 -25.32
N SER B 1072 38.54 -8.16 -24.41
CA SER B 1072 39.17 -8.49 -23.13
C SER B 1072 38.25 -9.37 -22.29
N MET B 1073 37.02 -8.94 -22.07
CA MET B 1073 36.10 -9.77 -21.30
C MET B 1073 35.64 -10.98 -22.08
N GLU B 1074 35.73 -10.94 -23.42
CA GLU B 1074 35.56 -12.16 -24.21
C GLU B 1074 36.60 -13.21 -23.83
N ALA B 1075 37.85 -12.77 -23.69
CA ALA B 1075 38.89 -13.69 -23.21
C ALA B 1075 38.65 -14.08 -21.76
N VAL B 1076 38.11 -13.15 -20.96
CA VAL B 1076 37.86 -13.39 -19.54
C VAL B 1076 36.85 -14.52 -19.35
N VAL B 1077 35.84 -14.59 -20.22
CA VAL B 1077 34.81 -15.63 -20.09
C VAL B 1077 35.40 -17.03 -20.19
N SER B 1078 36.23 -17.27 -21.20
CA SER B 1078 36.86 -18.58 -21.33
C SER B 1078 38.00 -18.73 -20.34
N LEU B 1079 38.55 -17.61 -19.85
CA LEU B 1079 39.62 -17.68 -18.86
C LEU B 1079 39.10 -18.21 -17.54
N LEU B 1080 37.96 -17.71 -17.08
CA LEU B 1080 37.37 -18.18 -15.83
C LEU B 1080 36.50 -19.41 -16.01
N ALA B 1081 36.42 -19.95 -17.23
CA ALA B 1081 35.63 -21.14 -17.47
C ALA B 1081 36.19 -22.32 -16.70
N GLY B 1082 35.50 -22.70 -15.64
CA GLY B 1082 35.97 -23.78 -14.78
C GLY B 1082 37.25 -23.45 -14.04
N LEU B 1083 37.40 -22.20 -13.63
CA LEU B 1083 38.61 -21.76 -12.93
C LEU B 1083 38.31 -21.49 -11.47
N PRO B 1084 38.75 -22.35 -10.55
CA PRO B 1084 38.67 -21.98 -9.12
C PRO B 1084 39.59 -20.84 -8.81
N LEU B 1085 39.17 -19.99 -7.88
CA LEU B 1085 40.00 -18.87 -7.42
C LEU B 1085 41.05 -19.42 -6.49
N GLN B 1086 42.26 -19.57 -7.01
CA GLN B 1086 43.39 -19.89 -6.15
C GLN B 1086 43.73 -18.67 -5.29
N PRO B 1087 44.26 -18.86 -4.10
CA PRO B 1087 44.62 -17.72 -3.25
C PRO B 1087 45.67 -16.83 -3.91
N GLU B 1088 45.54 -15.53 -3.68
CA GLU B 1088 46.48 -14.56 -4.20
C GLU B 1088 47.85 -14.79 -3.57
N GLU B 1089 48.91 -14.54 -4.34
CA GLU B 1089 50.26 -14.75 -3.84
C GLU B 1089 50.56 -13.80 -2.68
N GLY B 1090 50.88 -14.38 -1.54
CA GLY B 1090 51.06 -13.60 -0.33
C GLY B 1090 51.19 -14.52 0.87
N ASP B 1091 50.83 -13.98 2.03
CA ASP B 1091 51.01 -14.72 3.27
C ASP B 1091 50.01 -15.86 3.40
N GLY B 1092 48.80 -15.69 2.86
CA GLY B 1092 47.83 -16.76 2.88
C GLY B 1092 47.27 -17.10 4.25
N VAL B 1093 46.41 -16.23 4.80
CA VAL B 1093 45.84 -16.48 6.13
C VAL B 1093 45.00 -17.75 6.13
N GLU B 1094 44.06 -17.86 5.20
CA GLU B 1094 43.11 -18.98 5.22
C GLU B 1094 42.42 -19.03 3.86
N LEU B 1095 41.99 -20.25 3.49
CA LEU B 1095 41.43 -20.49 2.17
C LEU B 1095 40.11 -19.76 1.96
N MET B 1096 39.19 -19.89 2.93
CA MET B 1096 37.84 -19.35 2.76
C MET B 1096 37.85 -17.84 2.64
N GLU B 1097 38.62 -17.16 3.50
CA GLU B 1097 38.65 -15.70 3.48
C GLU B 1097 39.30 -15.18 2.19
N ALA B 1098 40.36 -15.86 1.72
CA ALA B 1098 41.03 -15.42 0.50
C ALA B 1098 40.14 -15.62 -0.71
N LYS B 1099 39.47 -16.79 -0.79
CA LYS B 1099 38.58 -17.03 -1.92
C LYS B 1099 37.39 -16.10 -1.91
N SER B 1100 36.82 -15.84 -0.73
CA SER B 1100 35.72 -14.90 -0.62
C SER B 1100 36.17 -13.48 -0.97
N GLN B 1101 37.38 -13.11 -0.57
CA GLN B 1101 37.89 -11.77 -0.87
C GLN B 1101 38.08 -11.58 -2.37
N LEU B 1102 38.70 -12.55 -3.04
CA LEU B 1102 38.85 -12.45 -4.48
C LEU B 1102 37.50 -12.49 -5.19
N PHE B 1103 36.57 -13.33 -4.71
CA PHE B 1103 35.25 -13.37 -5.32
C PHE B 1103 34.52 -12.04 -5.17
N LEU B 1104 34.59 -11.43 -3.98
CA LEU B 1104 33.87 -10.18 -3.78
C LEU B 1104 34.50 -9.05 -4.59
N LYS B 1105 35.83 -9.05 -4.71
CA LYS B 1105 36.48 -8.04 -5.53
C LYS B 1105 36.09 -8.17 -6.99
N TYR B 1106 36.14 -9.39 -7.53
CA TYR B 1106 35.80 -9.60 -8.93
C TYR B 1106 34.31 -9.41 -9.16
N PHE B 1107 33.50 -9.71 -8.15
CA PHE B 1107 32.06 -9.54 -8.23
C PHE B 1107 31.70 -8.06 -8.25
N THR B 1108 32.35 -7.25 -7.42
CA THR B 1108 32.12 -5.81 -7.43
C THR B 1108 32.54 -5.20 -8.75
N LEU B 1109 33.69 -5.64 -9.28
CA LEU B 1109 34.15 -5.13 -10.57
C LEU B 1109 33.19 -5.53 -11.70
N PHE B 1110 32.64 -6.73 -11.66
CA PHE B 1110 31.75 -7.14 -12.74
C PHE B 1110 30.36 -6.53 -12.59
N MET B 1111 29.92 -6.25 -11.37
CA MET B 1111 28.66 -5.53 -11.23
C MET B 1111 28.82 -4.08 -11.65
N ASN B 1112 30.00 -3.50 -11.42
CA ASN B 1112 30.33 -2.21 -12.01
C ASN B 1112 30.34 -2.29 -13.53
N LEU B 1113 30.85 -3.39 -14.08
CA LEU B 1113 30.86 -3.61 -15.51
C LEU B 1113 29.44 -3.75 -16.06
N LEU B 1114 28.56 -4.40 -15.31
CA LEU B 1114 27.19 -4.56 -15.77
C LEU B 1114 26.41 -3.25 -15.65
N ASN B 1115 26.78 -2.42 -14.68
CA ASN B 1115 26.26 -1.05 -14.67
C ASN B 1115 26.79 -0.26 -15.86
N ASP B 1116 28.03 -0.52 -16.27
CA ASP B 1116 28.56 0.09 -17.49
C ASP B 1116 27.76 -0.35 -18.71
N CYS B 1117 27.32 -1.61 -18.71
CA CYS B 1117 26.36 -2.06 -19.72
C CYS B 1117 25.06 -1.26 -19.61
N SER B 1118 24.62 -1.00 -18.37
CA SER B 1118 23.44 -0.16 -18.18
C SER B 1118 23.74 1.30 -18.48
N GLU B 1119 25.01 1.71 -18.31
CA GLU B 1119 25.43 3.07 -18.63
C GLU B 1119 25.35 3.31 -20.14
N MET B 1134 26.68 1.25 -30.52
CA MET B 1134 26.96 1.18 -29.09
C MET B 1134 25.96 0.26 -28.39
N SER B 1135 24.72 0.26 -28.89
CA SER B 1135 23.67 -0.58 -28.33
C SER B 1135 23.98 -2.05 -28.54
N ARG B 1136 24.48 -2.41 -29.73
CA ARG B 1136 24.91 -3.78 -30.00
C ARG B 1136 26.07 -4.16 -29.09
N ARG B 1137 27.00 -3.21 -28.88
CA ARG B 1137 28.10 -3.42 -27.97
C ARG B 1137 27.62 -3.69 -26.56
N LEU B 1138 26.64 -2.91 -26.09
CA LEU B 1138 26.10 -3.10 -24.74
C LEU B 1138 25.41 -4.45 -24.61
N ALA B 1139 24.66 -4.85 -25.64
CA ALA B 1139 23.96 -6.13 -25.60
C ALA B 1139 24.93 -7.30 -25.57
N SER B 1140 25.98 -7.25 -26.39
CA SER B 1140 26.98 -8.32 -26.39
C SER B 1140 27.76 -8.36 -25.08
N LEU B 1141 28.09 -7.17 -24.54
CA LEU B 1141 28.80 -7.11 -23.26
C LEU B 1141 27.95 -7.67 -22.13
N ARG B 1142 26.65 -7.38 -22.14
CA ARG B 1142 25.74 -7.95 -21.16
C ARG B 1142 25.64 -9.46 -21.32
N HIS B 1143 25.57 -9.94 -22.56
CA HIS B 1143 25.46 -11.37 -22.82
C HIS B 1143 26.69 -12.13 -22.33
N CYS B 1144 27.88 -11.55 -22.51
CA CYS B 1144 29.08 -12.24 -22.05
C CYS B 1144 29.25 -12.11 -20.53
N THR B 1145 28.76 -11.00 -19.94
CA THR B 1145 28.84 -10.85 -18.50
C THR B 1145 27.96 -11.87 -17.79
N VAL B 1146 26.82 -12.21 -18.40
CA VAL B 1146 25.97 -13.27 -17.87
C VAL B 1146 26.73 -14.58 -17.76
N LEU B 1147 27.42 -14.96 -18.85
CA LEU B 1147 28.19 -16.21 -18.86
C LEU B 1147 29.37 -16.13 -17.89
N ALA B 1148 29.97 -14.94 -17.76
CA ALA B 1148 31.09 -14.75 -16.84
C ALA B 1148 30.66 -15.02 -15.40
N MET B 1149 29.54 -14.42 -14.98
CA MET B 1149 29.05 -14.67 -13.63
C MET B 1149 28.55 -16.09 -13.45
N SER B 1150 27.99 -16.69 -14.52
CA SER B 1150 27.60 -18.09 -14.46
C SER B 1150 28.77 -18.98 -14.12
N ASN B 1151 29.87 -18.85 -14.87
CA ASN B 1151 31.03 -19.72 -14.63
C ASN B 1151 31.73 -19.36 -13.33
N LEU B 1152 31.81 -18.08 -12.99
CA LEU B 1152 32.51 -17.66 -11.77
C LEU B 1152 31.80 -18.16 -10.53
N LEU B 1153 30.49 -17.99 -10.46
CA LEU B 1153 29.78 -18.44 -9.26
C LEU B 1153 29.60 -19.95 -9.29
N ASN B 1154 29.61 -20.56 -10.48
CA ASN B 1154 29.61 -22.01 -10.57
C ASN B 1154 30.88 -22.60 -9.97
N ALA B 1155 32.03 -21.99 -10.25
CA ALA B 1155 33.28 -22.47 -9.69
C ALA B 1155 33.36 -22.20 -8.19
N ASN B 1156 33.08 -20.97 -7.78
CA ASN B 1156 33.16 -20.58 -6.37
C ASN B 1156 31.79 -20.59 -5.70
N VAL B 1157 31.22 -21.78 -5.51
CA VAL B 1157 29.91 -21.85 -4.86
C VAL B 1157 30.03 -21.53 -3.37
N ASP B 1158 31.04 -22.08 -2.70
CA ASP B 1158 31.10 -21.97 -1.24
C ASP B 1158 31.54 -20.57 -0.80
N SER B 1159 32.54 -20.00 -1.47
CA SER B 1159 32.98 -18.65 -1.16
C SER B 1159 32.22 -17.59 -1.93
N GLY B 1160 31.20 -17.99 -2.70
CA GLY B 1160 30.44 -17.03 -3.48
C GLY B 1160 28.98 -16.96 -3.11
N LEU B 1161 28.46 -17.98 -2.42
CA LEU B 1161 27.05 -18.00 -2.05
C LEU B 1161 26.73 -16.90 -1.04
N MET B 1162 27.75 -16.43 -0.31
CA MET B 1162 27.52 -15.39 0.68
C MET B 1162 27.18 -14.07 0.02
N HIS B 1163 27.86 -13.72 -1.06
CA HIS B 1163 27.58 -12.50 -1.80
C HIS B 1163 26.61 -12.68 -2.94
N SER B 1164 26.24 -13.93 -3.26
CA SER B 1164 25.38 -14.18 -4.41
C SER B 1164 23.95 -13.71 -4.17
N ILE B 1165 23.39 -14.07 -3.01
CA ILE B 1165 21.95 -13.96 -2.75
C ILE B 1165 21.44 -12.52 -2.79
N GLY B 1166 22.32 -11.54 -2.58
CA GLY B 1166 21.91 -10.14 -2.59
C GLY B 1166 21.42 -9.66 -3.93
N LEU B 1167 21.78 -10.35 -5.02
CA LEU B 1167 21.27 -9.99 -6.33
C LEU B 1167 19.83 -10.45 -6.56
N GLY B 1168 19.33 -11.35 -5.72
CA GLY B 1168 17.96 -11.83 -5.91
C GLY B 1168 16.93 -10.76 -5.65
N TYR B 1169 17.29 -9.77 -4.83
CA TYR B 1169 16.41 -8.67 -4.49
C TYR B 1169 16.93 -7.35 -5.04
N HIS B 1170 17.62 -7.39 -6.18
CA HIS B 1170 18.24 -6.21 -6.75
C HIS B 1170 17.17 -5.31 -7.39
N LYS B 1171 17.54 -4.02 -7.53
CA LYS B 1171 16.62 -3.05 -8.10
C LYS B 1171 16.43 -3.25 -9.59
N ASP B 1172 17.51 -3.46 -10.35
CA ASP B 1172 17.42 -3.55 -11.80
C ASP B 1172 16.88 -4.93 -12.20
N LEU B 1173 15.90 -4.92 -13.10
CA LEU B 1173 15.25 -6.18 -13.49
C LEU B 1173 16.14 -7.00 -14.41
N GLN B 1174 16.95 -6.34 -15.25
CA GLN B 1174 17.82 -7.07 -16.16
C GLN B 1174 18.88 -7.83 -15.40
N THR B 1175 19.53 -7.17 -14.43
CA THR B 1175 20.46 -7.83 -13.54
C THR B 1175 19.77 -8.93 -12.75
N ARG B 1176 18.50 -8.71 -12.38
CA ARG B 1176 17.76 -9.67 -11.59
C ARG B 1176 17.53 -10.96 -12.38
N ALA B 1177 17.04 -10.84 -13.61
CA ALA B 1177 16.81 -12.02 -14.44
C ALA B 1177 18.12 -12.69 -14.82
N THR B 1178 19.18 -11.88 -14.98
CA THR B 1178 20.51 -12.41 -15.16
C THR B 1178 20.90 -13.32 -14.00
N PHE B 1179 20.71 -12.83 -12.77
CA PHE B 1179 21.04 -13.61 -11.60
C PHE B 1179 20.17 -14.86 -11.49
N MET B 1180 18.90 -14.74 -11.88
CA MET B 1180 17.98 -15.88 -11.84
C MET B 1180 18.46 -17.00 -12.76
N GLU B 1181 18.82 -16.65 -13.99
CA GLU B 1181 19.24 -17.68 -14.93
C GLU B 1181 20.63 -18.21 -14.59
N VAL B 1182 21.47 -17.38 -13.96
CA VAL B 1182 22.74 -17.88 -13.42
C VAL B 1182 22.50 -18.93 -12.34
N LEU B 1183 21.56 -18.66 -11.43
CA LEU B 1183 21.22 -19.65 -10.41
C LEU B 1183 20.64 -20.92 -11.02
N THR B 1184 19.84 -20.76 -12.07
CA THR B 1184 19.27 -21.93 -12.74
C THR B 1184 20.35 -22.77 -13.37
N LYS B 1185 21.37 -22.13 -13.96
CA LYS B 1185 22.48 -22.88 -14.54
C LYS B 1185 23.31 -23.57 -13.47
N ILE B 1186 23.51 -22.91 -12.34
CA ILE B 1186 24.35 -23.50 -11.29
C ILE B 1186 23.65 -24.68 -10.63
N LEU B 1187 22.35 -24.56 -10.35
CA LEU B 1187 21.63 -25.63 -9.68
C LEU B 1187 21.58 -26.89 -10.53
N GLN B 1188 21.37 -26.73 -11.83
CA GLN B 1188 21.31 -27.90 -12.72
C GLN B 1188 22.70 -28.49 -12.92
N GLN B 1189 23.74 -27.74 -12.62
CA GLN B 1189 25.11 -28.25 -12.68
C GLN B 1189 25.42 -29.11 -11.45
N GLY B 1219 46.26 -40.61 -7.54
CA GLY B 1219 45.94 -41.29 -6.30
C GLY B 1219 46.07 -42.79 -6.39
N GLU B 1220 47.19 -43.25 -6.95
CA GLU B 1220 47.44 -44.70 -7.05
C GLU B 1220 47.67 -45.33 -5.69
N LEU B 1221 48.35 -44.61 -4.78
CA LEU B 1221 48.79 -45.07 -3.46
C LEU B 1221 49.59 -46.36 -3.62
N PRO B 1222 50.82 -46.28 -4.16
CA PRO B 1222 51.53 -47.51 -4.52
C PRO B 1222 51.95 -48.35 -3.33
N ILE B 1223 52.16 -47.75 -2.16
CA ILE B 1223 52.49 -48.52 -0.97
C ILE B 1223 51.29 -49.34 -0.51
N ALA B 1224 50.12 -48.72 -0.42
CA ALA B 1224 48.94 -49.41 0.11
C ALA B 1224 48.36 -50.38 -0.90
N MET B 1225 48.41 -50.03 -2.18
CA MET B 1225 47.82 -50.90 -3.21
C MET B 1225 48.64 -52.18 -3.39
N ALA B 1226 49.96 -52.06 -3.42
CA ALA B 1226 50.81 -53.25 -3.47
C ALA B 1226 50.90 -53.93 -2.11
N LEU B 1227 50.51 -53.21 -1.06
CA LEU B 1227 50.55 -53.76 0.29
C LEU B 1227 49.35 -54.67 0.57
N ALA B 1228 48.31 -54.57 -0.25
CA ALA B 1228 47.02 -55.17 0.12
C ALA B 1228 46.93 -56.66 -0.20
N ASN B 1229 47.20 -57.06 -1.45
CA ASN B 1229 46.79 -58.36 -1.95
C ASN B 1229 47.83 -59.45 -1.80
N VAL B 1230 48.99 -59.15 -1.19
CA VAL B 1230 50.07 -60.13 -1.09
C VAL B 1230 50.53 -60.38 0.35
N VAL B 1231 49.90 -59.78 1.35
CA VAL B 1231 50.25 -60.09 2.75
C VAL B 1231 49.42 -61.25 3.24
N PRO B 1232 49.87 -62.01 4.25
CA PRO B 1232 49.07 -63.14 4.76
C PRO B 1232 47.76 -62.70 5.39
N CYS B 1233 46.71 -63.44 5.08
CA CYS B 1233 45.35 -63.11 5.53
C CYS B 1233 45.19 -63.23 7.05
N SER B 1234 46.08 -63.99 7.71
CA SER B 1234 46.05 -64.05 9.17
C SER B 1234 46.39 -62.70 9.79
N GLN B 1235 47.13 -61.86 9.07
CA GLN B 1235 47.35 -60.50 9.52
C GLN B 1235 46.28 -59.54 9.04
N TRP B 1236 45.37 -59.98 8.16
CA TRP B 1236 44.35 -59.10 7.60
C TRP B 1236 43.43 -58.52 8.66
N ASP B 1237 43.00 -59.34 9.63
CA ASP B 1237 42.21 -58.84 10.74
C ASP B 1237 42.99 -57.84 11.58
N GLU B 1238 44.31 -58.00 11.65
CA GLU B 1238 45.15 -56.95 12.21
C GLU B 1238 45.41 -55.82 11.23
N LEU B 1239 45.47 -56.12 9.93
CA LEU B 1239 45.81 -55.11 8.94
C LEU B 1239 44.73 -54.03 8.83
N ALA B 1240 43.46 -54.46 8.88
CA ALA B 1240 42.36 -53.49 8.99
C ALA B 1240 42.45 -52.69 10.27
N ARG B 1241 43.03 -53.28 11.32
CA ARG B 1241 43.41 -52.51 12.49
C ARG B 1241 44.65 -51.67 12.21
N VAL B 1242 45.63 -52.22 11.49
CA VAL B 1242 46.86 -51.48 11.21
C VAL B 1242 46.58 -50.30 10.27
N LEU B 1243 45.86 -50.54 9.18
CA LEU B 1243 45.68 -49.49 8.18
C LEU B 1243 44.73 -48.40 8.69
N VAL B 1244 43.50 -48.78 9.04
CA VAL B 1244 42.45 -47.79 9.28
C VAL B 1244 42.75 -46.96 10.53
N THR B 1245 43.54 -47.50 11.46
CA THR B 1245 44.01 -46.66 12.57
C THR B 1245 45.13 -45.74 12.12
N LEU B 1246 46.09 -46.26 11.35
CA LEU B 1246 47.12 -45.39 10.76
C LEU B 1246 46.52 -44.44 9.74
N PHE B 1247 45.68 -44.96 8.84
CA PHE B 1247 45.12 -44.12 7.79
C PHE B 1247 43.79 -43.50 8.21
N ASP B 1248 43.62 -43.24 9.51
CA ASP B 1248 42.42 -42.60 10.01
C ASP B 1248 42.35 -41.12 9.62
N SER B 1249 43.50 -40.44 9.56
CA SER B 1249 43.52 -39.04 9.93
C SER B 1249 44.18 -38.12 8.89
N ARG B 1250 43.74 -38.14 7.63
CA ARG B 1250 43.98 -37.05 6.68
C ARG B 1250 42.69 -36.50 6.11
N HIS B 1251 41.55 -37.15 6.40
CA HIS B 1251 40.33 -37.04 5.60
C HIS B 1251 40.59 -37.35 4.12
N LEU B 1252 41.61 -38.17 3.86
CA LEU B 1252 41.68 -38.97 2.65
C LEU B 1252 41.11 -40.35 2.91
N LEU B 1253 40.18 -40.45 3.86
CA LEU B 1253 39.33 -41.62 3.95
C LEU B 1253 38.61 -41.87 2.64
N TYR B 1254 38.16 -40.78 1.99
CA TYR B 1254 37.56 -40.91 0.65
C TYR B 1254 38.56 -41.46 -0.35
N GLN B 1255 39.81 -40.97 -0.34
CA GLN B 1255 40.82 -41.45 -1.28
C GLN B 1255 41.15 -42.92 -1.04
N LEU B 1256 41.36 -43.31 0.22
CA LEU B 1256 41.79 -44.67 0.53
C LEU B 1256 40.66 -45.67 0.30
N LEU B 1257 39.45 -45.34 0.77
CA LEU B 1257 38.29 -46.18 0.50
C LEU B 1257 37.99 -46.23 -0.99
N TRP B 1258 38.19 -45.10 -1.71
CA TRP B 1258 38.02 -45.09 -3.15
C TRP B 1258 38.96 -46.05 -3.83
N ASN B 1259 40.24 -46.05 -3.42
CA ASN B 1259 41.23 -46.96 -3.99
C ASN B 1259 40.90 -48.42 -3.74
N MET B 1260 40.67 -48.79 -2.47
CA MET B 1260 40.48 -50.22 -2.20
C MET B 1260 39.08 -50.70 -2.58
N PHE B 1261 38.09 -49.81 -2.57
CA PHE B 1261 36.75 -50.20 -3.00
C PHE B 1261 36.69 -50.31 -4.52
N SER B 1262 37.44 -49.47 -5.25
CA SER B 1262 37.56 -49.65 -6.69
C SER B 1262 38.34 -50.92 -7.01
N LYS B 1263 39.30 -51.28 -6.15
CA LYS B 1263 39.96 -52.58 -6.27
C LYS B 1263 38.98 -53.74 -6.05
N GLU B 1264 38.06 -53.59 -5.10
CA GLU B 1264 37.13 -54.68 -4.79
C GLU B 1264 36.10 -54.89 -5.90
N VAL B 1265 35.53 -53.79 -6.41
CA VAL B 1265 34.47 -53.91 -7.42
C VAL B 1265 35.05 -54.38 -8.76
N GLU B 1266 36.30 -54.01 -9.04
CA GLU B 1266 36.93 -54.37 -10.32
C GLU B 1266 37.08 -55.88 -10.48
N LEU B 1267 37.50 -56.56 -9.40
CA LEU B 1267 37.63 -58.01 -9.44
C LEU B 1267 36.33 -58.73 -9.11
N ALA B 1268 35.26 -58.00 -8.81
CA ALA B 1268 33.99 -58.65 -8.52
C ALA B 1268 33.37 -59.21 -9.79
N ASP B 1269 32.91 -60.46 -9.71
CA ASP B 1269 32.30 -61.11 -10.88
C ASP B 1269 30.90 -60.57 -11.16
N SER B 1270 30.12 -60.34 -10.10
CA SER B 1270 28.75 -59.87 -10.24
C SER B 1270 28.40 -58.96 -9.07
N MET B 1271 27.18 -58.41 -9.11
CA MET B 1271 26.71 -57.54 -8.03
C MET B 1271 26.50 -58.33 -6.74
N GLN B 1272 25.97 -59.53 -6.83
CA GLN B 1272 25.75 -60.37 -5.66
C GLN B 1272 27.06 -60.89 -5.07
N THR B 1273 28.15 -60.87 -5.82
CA THR B 1273 29.45 -61.28 -5.33
C THR B 1273 30.15 -60.15 -4.57
N LEU B 1274 29.86 -58.90 -4.93
CA LEU B 1274 30.58 -57.74 -4.37
C LEU B 1274 30.30 -57.56 -2.89
N PHE B 1275 31.38 -57.42 -2.12
CA PHE B 1275 31.35 -57.17 -0.66
C PHE B 1275 30.60 -58.26 0.10
N ARG B 1276 30.70 -59.49 -0.39
CA ARG B 1276 30.21 -60.66 0.35
C ARG B 1276 31.37 -61.60 0.61
N GLY B 1277 31.46 -62.08 1.85
CA GLY B 1277 32.61 -62.84 2.29
C GLY B 1277 33.62 -61.97 3.01
N ASN B 1278 34.64 -62.63 3.55
CA ASN B 1278 35.65 -61.97 4.37
C ASN B 1278 36.87 -61.66 3.49
N SER B 1279 36.98 -60.41 3.08
CA SER B 1279 38.13 -59.88 2.36
C SER B 1279 38.71 -58.71 3.15
N LEU B 1280 39.84 -58.19 2.64
CA LEU B 1280 40.51 -57.08 3.32
C LEU B 1280 39.65 -55.83 3.34
N ALA B 1281 39.02 -55.51 2.21
CA ALA B 1281 38.14 -54.35 2.15
C ALA B 1281 36.91 -54.53 3.04
N SER B 1282 36.38 -55.75 3.12
CA SER B 1282 35.24 -56.03 3.99
C SER B 1282 35.61 -55.87 5.45
N LYS B 1283 36.78 -56.37 5.86
CA LYS B 1283 37.27 -56.13 7.21
C LYS B 1283 37.50 -54.64 7.47
N ILE B 1284 37.92 -53.90 6.44
CA ILE B 1284 38.19 -52.47 6.61
C ILE B 1284 36.88 -51.71 6.83
N MET B 1285 35.83 -52.01 6.06
CA MET B 1285 34.58 -51.29 6.28
C MET B 1285 33.92 -51.74 7.58
N THR B 1286 34.12 -53.02 7.95
CA THR B 1286 33.67 -53.48 9.27
C THR B 1286 34.38 -52.75 10.40
N PHE B 1287 35.69 -52.54 10.27
CA PHE B 1287 36.44 -51.80 11.28
C PHE B 1287 36.00 -50.34 11.33
N CYS B 1288 35.68 -49.76 10.16
CA CYS B 1288 35.16 -48.39 10.14
C CYS B 1288 33.81 -48.30 10.85
N PHE B 1289 32.92 -49.28 10.60
CA PHE B 1289 31.64 -49.34 11.30
C PHE B 1289 31.84 -49.50 12.80
N LYS B 1290 32.83 -50.30 13.20
CA LYS B 1290 33.08 -50.53 14.62
C LYS B 1290 33.64 -49.28 15.30
N VAL B 1291 34.61 -48.62 14.66
CA VAL B 1291 35.30 -47.52 15.32
C VAL B 1291 34.50 -46.22 15.25
N TYR B 1292 33.62 -46.06 14.27
CA TYR B 1292 32.83 -44.84 14.15
C TYR B 1292 31.39 -45.00 14.57
N GLY B 1293 30.88 -46.22 14.66
CA GLY B 1293 29.51 -46.47 15.06
C GLY B 1293 29.32 -47.19 16.38
N ALA B 1294 30.37 -47.27 17.22
CA ALA B 1294 30.22 -47.93 18.53
C ALA B 1294 29.27 -47.16 19.43
N THR B 1295 29.38 -45.83 19.44
CA THR B 1295 28.48 -45.01 20.24
C THR B 1295 27.08 -44.97 19.64
N TYR B 1296 26.99 -44.99 18.30
CA TYR B 1296 25.71 -44.88 17.62
C TYR B 1296 24.80 -46.06 17.92
N LEU B 1297 25.33 -47.29 17.83
CA LEU B 1297 24.50 -48.46 18.07
C LEU B 1297 24.26 -48.67 19.57
N GLN B 1298 25.17 -48.19 20.41
CA GLN B 1298 25.01 -48.37 21.85
C GLN B 1298 23.90 -47.47 22.39
N LYS B 1299 23.87 -46.21 21.96
CA LYS B 1299 22.83 -45.31 22.42
C LYS B 1299 21.48 -45.56 21.74
N LEU B 1300 21.47 -46.38 20.67
CA LEU B 1300 20.22 -46.69 19.99
C LEU B 1300 19.57 -47.95 20.52
N LEU B 1301 20.34 -49.03 20.68
CA LEU B 1301 19.75 -50.34 20.98
C LEU B 1301 19.59 -50.60 22.47
N ASP B 1302 20.50 -50.07 23.31
CA ASP B 1302 20.43 -50.34 24.75
C ASP B 1302 19.15 -49.82 25.42
N PRO B 1303 18.65 -48.59 25.14
CA PRO B 1303 17.30 -48.27 25.63
C PRO B 1303 16.21 -49.16 25.04
N LEU B 1304 16.37 -49.60 23.80
CA LEU B 1304 15.40 -50.53 23.22
C LEU B 1304 15.50 -51.91 23.82
N LEU B 1305 16.73 -52.39 24.05
CA LEU B 1305 16.92 -53.74 24.59
C LEU B 1305 16.52 -53.82 26.06
N ARG B 1306 16.70 -52.73 26.80
CA ARG B 1306 16.33 -52.72 28.22
C ARG B 1306 14.83 -52.77 28.41
N ILE B 1307 14.05 -52.29 27.43
CA ILE B 1307 12.60 -52.50 27.46
C ILE B 1307 12.28 -53.98 27.34
N VAL B 1308 13.02 -54.70 26.50
CA VAL B 1308 12.79 -56.11 26.29
C VAL B 1308 13.13 -56.94 27.53
N ILE B 1309 14.21 -56.59 28.25
CA ILE B 1309 14.65 -57.40 29.39
C ILE B 1309 13.98 -56.97 30.69
N THR B 1310 14.18 -55.71 31.10
CA THR B 1310 13.66 -55.23 32.38
C THR B 1310 12.14 -55.22 32.39
N SER B 1311 11.53 -54.64 31.35
CA SER B 1311 10.09 -54.75 31.18
C SER B 1311 9.76 -55.96 30.31
N SER B 1312 8.46 -56.27 30.24
CA SER B 1312 7.86 -57.34 29.43
C SER B 1312 8.30 -58.74 29.81
N ASP B 1313 9.14 -58.91 30.84
CA ASP B 1313 9.48 -60.23 31.34
C ASP B 1313 8.49 -60.75 32.37
N TRP B 1314 7.47 -59.94 32.71
CA TRP B 1314 6.42 -60.40 33.62
C TRP B 1314 5.62 -61.54 33.02
N GLN B 1315 5.31 -61.44 31.72
CA GLN B 1315 4.58 -62.47 31.01
C GLN B 1315 5.53 -63.50 30.43
N HIS B 1316 4.95 -64.62 29.97
CA HIS B 1316 5.73 -65.68 29.32
C HIS B 1316 5.84 -65.38 27.83
N VAL B 1317 6.68 -64.41 27.51
CA VAL B 1317 6.87 -63.99 26.12
C VAL B 1317 7.69 -65.05 25.39
N SER B 1318 7.28 -65.37 24.17
CA SER B 1318 7.95 -66.36 23.35
C SER B 1318 7.97 -65.91 21.90
N PHE B 1319 9.09 -66.14 21.22
CA PHE B 1319 9.25 -65.80 19.82
C PHE B 1319 9.54 -67.01 18.94
N GLU B 1320 9.26 -68.22 19.42
CA GLU B 1320 9.48 -69.43 18.64
C GLU B 1320 8.43 -69.53 17.54
N VAL B 1321 8.87 -69.43 16.29
CA VAL B 1321 7.96 -69.46 15.14
C VAL B 1321 8.10 -70.73 14.32
N ASP B 1322 9.02 -71.62 14.69
CA ASP B 1322 9.16 -72.90 14.00
C ASP B 1322 8.22 -73.91 14.65
N PRO B 1323 7.26 -74.47 13.89
CA PRO B 1323 6.33 -75.45 14.47
C PRO B 1323 6.99 -76.70 15.00
N THR B 1324 8.11 -77.12 14.40
CA THR B 1324 8.84 -78.28 14.90
C THR B 1324 9.57 -78.00 16.20
N ARG B 1325 9.93 -76.75 16.46
CA ARG B 1325 10.63 -76.36 17.68
C ARG B 1325 9.73 -75.69 18.70
N LEU B 1326 8.43 -75.60 18.44
CA LEU B 1326 7.50 -74.90 19.30
C LEU B 1326 7.03 -75.79 20.43
N GLU B 1327 7.00 -75.25 21.64
CA GLU B 1327 6.45 -75.97 22.77
C GLU B 1327 4.94 -76.12 22.63
N PRO B 1328 4.36 -77.22 23.11
CA PRO B 1328 2.90 -77.38 23.05
C PRO B 1328 2.13 -76.33 23.85
N SER B 1329 2.73 -75.77 24.89
CA SER B 1329 2.03 -74.77 25.70
C SER B 1329 1.93 -73.43 24.97
N GLU B 1330 2.97 -73.06 24.23
CA GLU B 1330 3.01 -71.76 23.58
C GLU B 1330 2.11 -71.74 22.34
N SER B 1331 1.81 -70.53 21.88
CA SER B 1331 0.93 -70.32 20.75
C SER B 1331 1.70 -69.72 19.58
N LEU B 1332 1.55 -70.36 18.41
CA LEU B 1332 2.28 -69.92 17.22
C LEU B 1332 1.84 -68.53 16.79
N GLU B 1333 0.52 -68.27 16.79
CA GLU B 1333 0.02 -66.97 16.38
C GLU B 1333 0.42 -65.87 17.37
N GLU B 1334 0.42 -66.19 18.66
CA GLU B 1334 0.84 -65.20 19.67
C GLU B 1334 2.32 -64.88 19.54
N ASN B 1335 3.15 -65.90 19.30
CA ASN B 1335 4.58 -65.66 19.05
C ASN B 1335 4.80 -64.85 17.79
N GLN B 1336 4.04 -65.15 16.72
CA GLN B 1336 4.16 -64.38 15.49
C GLN B 1336 3.76 -62.93 15.69
N ARG B 1337 2.69 -62.68 16.45
CA ARG B 1337 2.27 -61.31 16.72
C ARG B 1337 3.31 -60.55 17.54
N ASN B 1338 3.87 -61.20 18.57
CA ASN B 1338 4.90 -60.55 19.38
C ASN B 1338 6.13 -60.21 18.55
N LEU B 1339 6.59 -61.16 17.72
CA LEU B 1339 7.74 -60.92 16.86
C LEU B 1339 7.48 -59.80 15.87
N LEU B 1340 6.30 -59.82 15.24
CA LEU B 1340 5.95 -58.79 14.27
C LEU B 1340 5.88 -57.41 14.91
N GLN B 1341 5.22 -57.30 16.07
CA GLN B 1341 5.11 -56.00 16.73
C GLN B 1341 6.47 -55.48 17.14
N MET B 1342 7.28 -56.33 17.78
CA MET B 1342 8.46 -55.79 18.44
C MET B 1342 9.55 -55.53 17.40
N THR B 1343 9.58 -56.35 16.33
CA THR B 1343 10.45 -56.11 15.20
C THR B 1343 10.02 -54.87 14.44
N GLU B 1344 8.71 -54.62 14.33
CA GLU B 1344 8.24 -53.39 13.71
C GLU B 1344 8.70 -52.17 14.52
N LYS B 1345 8.70 -52.30 15.85
CA LYS B 1345 9.18 -51.22 16.72
C LYS B 1345 10.67 -50.96 16.55
N PHE B 1346 11.48 -52.02 16.51
CA PHE B 1346 12.92 -51.86 16.26
C PHE B 1346 13.21 -51.31 14.87
N PHE B 1347 12.46 -51.75 13.86
CA PHE B 1347 12.66 -51.24 12.51
C PHE B 1347 12.28 -49.76 12.43
N HIS B 1348 11.20 -49.37 13.11
CA HIS B 1348 10.81 -47.97 13.15
C HIS B 1348 11.86 -47.13 13.84
N ALA B 1349 12.46 -47.65 14.92
CA ALA B 1349 13.56 -46.95 15.58
C ALA B 1349 14.79 -46.83 14.68
N ILE B 1350 15.14 -47.89 13.94
CA ILE B 1350 16.29 -47.84 13.05
C ILE B 1350 16.08 -46.84 11.92
N ILE B 1351 14.87 -46.77 11.36
CA ILE B 1351 14.59 -45.78 10.33
C ILE B 1351 14.59 -44.38 10.91
N SER B 1352 14.00 -44.19 12.10
CA SER B 1352 13.89 -42.87 12.68
C SER B 1352 15.16 -42.38 13.36
N SER B 1353 16.20 -43.21 13.46
CA SER B 1353 17.49 -42.80 13.99
C SER B 1353 18.40 -42.20 12.92
N SER B 1354 17.82 -41.65 11.85
CA SER B 1354 18.62 -41.06 10.77
C SER B 1354 19.31 -39.78 11.23
N SER B 1355 18.67 -39.00 12.10
CA SER B 1355 19.22 -37.72 12.53
C SER B 1355 20.43 -37.88 13.46
N GLU B 1356 20.63 -39.04 14.05
CA GLU B 1356 21.76 -39.28 14.95
C GLU B 1356 22.87 -40.09 14.28
N PHE B 1357 22.87 -40.17 12.95
CA PHE B 1357 23.91 -40.90 12.24
C PHE B 1357 25.24 -40.15 12.34
N PRO B 1358 26.34 -40.84 12.64
CA PRO B 1358 27.63 -40.15 12.70
C PRO B 1358 28.08 -39.69 11.34
N PRO B 1359 28.82 -38.58 11.24
CA PRO B 1359 29.24 -38.09 9.91
C PRO B 1359 30.29 -38.97 9.26
N GLN B 1360 31.10 -39.69 10.04
CA GLN B 1360 32.12 -40.56 9.46
C GLN B 1360 31.50 -41.73 8.72
N LEU B 1361 30.50 -42.37 9.32
CA LEU B 1361 29.80 -43.47 8.64
C LEU B 1361 29.03 -42.96 7.44
N ARG B 1362 28.54 -41.70 7.51
CA ARG B 1362 27.92 -41.10 6.34
C ARG B 1362 28.91 -40.96 5.18
N SER B 1363 30.14 -40.54 5.47
CA SER B 1363 31.18 -40.46 4.45
C SER B 1363 31.56 -41.84 3.91
N VAL B 1364 31.66 -42.83 4.79
CA VAL B 1364 31.99 -44.19 4.35
C VAL B 1364 30.91 -44.75 3.43
N CYS B 1365 29.63 -44.58 3.82
CA CYS B 1365 28.54 -45.09 3.01
C CYS B 1365 28.39 -44.30 1.71
N HIS B 1366 28.68 -43.00 1.73
CA HIS B 1366 28.64 -42.20 0.51
C HIS B 1366 29.74 -42.64 -0.46
N CYS B 1367 30.95 -42.89 0.04
CA CYS B 1367 32.02 -43.38 -0.81
C CYS B 1367 31.71 -44.77 -1.37
N LEU B 1368 31.14 -45.65 -0.53
CA LEU B 1368 30.74 -46.98 -0.98
C LEU B 1368 29.63 -46.92 -2.02
N TYR B 1369 28.70 -45.98 -1.87
CA TYR B 1369 27.65 -45.76 -2.86
C TYR B 1369 28.25 -45.27 -4.18
N GLN B 1370 29.18 -44.31 -4.11
CA GLN B 1370 29.72 -43.71 -5.32
C GLN B 1370 30.61 -44.68 -6.10
N VAL B 1371 31.37 -45.53 -5.39
CA VAL B 1371 32.26 -46.44 -6.09
C VAL B 1371 31.47 -47.55 -6.79
N VAL B 1372 30.37 -48.00 -6.19
CA VAL B 1372 29.59 -49.07 -6.80
C VAL B 1372 28.62 -48.49 -7.83
N SER B 1373 28.38 -47.18 -7.78
CA SER B 1373 27.57 -46.53 -8.81
C SER B 1373 28.31 -46.45 -10.14
N GLN B 1374 29.63 -46.61 -10.15
CA GLN B 1374 30.39 -46.49 -11.39
C GLN B 1374 30.19 -47.69 -12.30
N ARG B 1375 30.19 -48.90 -11.76
CA ARG B 1375 30.05 -50.11 -12.57
C ARG B 1375 28.62 -50.62 -12.66
N PHE B 1376 27.82 -50.44 -11.62
CA PHE B 1376 26.42 -50.85 -11.61
C PHE B 1376 25.56 -49.66 -11.20
N PRO B 1377 25.23 -48.79 -12.17
CA PRO B 1377 24.41 -47.60 -11.84
C PRO B 1377 22.99 -47.92 -11.44
N GLN B 1378 22.48 -49.12 -11.73
CA GLN B 1378 21.10 -49.47 -11.42
C GLN B 1378 21.04 -50.21 -10.08
N ASN B 1379 20.26 -49.67 -9.15
CA ASN B 1379 19.98 -50.26 -7.84
C ASN B 1379 21.26 -50.56 -7.04
N SER B 1380 22.24 -49.65 -7.11
CA SER B 1380 23.47 -49.83 -6.37
C SER B 1380 23.32 -49.56 -4.89
N ILE B 1381 22.24 -48.88 -4.48
CA ILE B 1381 22.05 -48.54 -3.08
C ILE B 1381 21.64 -49.77 -2.27
N GLY B 1382 21.09 -50.80 -2.93
CA GLY B 1382 20.73 -52.01 -2.23
C GLY B 1382 21.92 -52.76 -1.68
N ALA B 1383 23.03 -52.79 -2.44
CA ALA B 1383 24.27 -53.38 -1.94
C ALA B 1383 24.82 -52.61 -0.75
N VAL B 1384 24.71 -51.28 -0.77
CA VAL B 1384 25.16 -50.46 0.35
C VAL B 1384 24.33 -50.76 1.59
N GLY B 1385 23.00 -50.88 1.42
CA GLY B 1385 22.15 -51.23 2.54
C GLY B 1385 22.39 -52.64 3.08
N SER B 1386 22.67 -53.59 2.19
CA SER B 1386 22.98 -54.94 2.61
C SER B 1386 24.29 -54.99 3.39
N ALA B 1387 25.30 -54.24 2.93
CA ALA B 1387 26.55 -54.17 3.66
C ALA B 1387 26.40 -53.42 4.98
N MET B 1388 25.47 -52.46 5.04
CA MET B 1388 25.23 -51.72 6.27
C MET B 1388 24.59 -52.60 7.33
N PHE B 1389 23.53 -53.34 6.96
CA PHE B 1389 22.84 -54.18 7.93
C PHE B 1389 23.59 -55.47 8.24
N LEU B 1390 24.26 -56.05 7.23
CA LEU B 1390 24.77 -57.41 7.36
C LEU B 1390 25.97 -57.49 8.29
N ARG B 1391 26.83 -56.48 8.28
CA ARG B 1391 28.08 -56.53 9.02
C ARG B 1391 28.10 -55.64 10.26
N PHE B 1392 27.16 -54.71 10.39
CA PHE B 1392 27.22 -53.77 11.50
C PHE B 1392 26.01 -53.87 12.43
N ILE B 1393 24.80 -53.77 11.89
CA ILE B 1393 23.61 -53.69 12.72
C ILE B 1393 23.24 -55.06 13.26
N ASN B 1394 23.00 -56.01 12.36
CA ASN B 1394 22.55 -57.35 12.76
C ASN B 1394 23.53 -58.13 13.63
N PRO B 1395 24.85 -58.14 13.40
CA PRO B 1395 25.74 -58.80 14.38
C PRO B 1395 25.68 -58.20 15.77
N ALA B 1396 25.43 -56.90 15.89
CA ALA B 1396 25.20 -56.32 17.21
C ALA B 1396 23.84 -56.71 17.77
N ILE B 1397 22.85 -56.92 16.89
CA ILE B 1397 21.53 -57.38 17.36
C ILE B 1397 21.61 -58.81 17.89
N VAL B 1398 22.33 -59.69 17.17
CA VAL B 1398 22.39 -61.09 17.56
C VAL B 1398 23.17 -61.25 18.86
N SER B 1399 24.29 -60.54 19.01
CA SER B 1399 25.16 -60.63 20.18
C SER B 1399 25.31 -59.25 20.80
N PRO B 1400 24.37 -58.85 21.66
CA PRO B 1400 24.51 -57.53 22.30
C PRO B 1400 25.58 -57.50 23.38
N TYR B 1401 25.77 -58.60 24.11
CA TYR B 1401 26.80 -58.64 25.15
C TYR B 1401 28.19 -58.66 24.53
N GLU B 1402 28.36 -59.38 23.43
CA GLU B 1402 29.66 -59.44 22.76
C GLU B 1402 29.98 -58.14 22.04
N ALA B 1403 28.97 -57.34 21.70
CA ALA B 1403 29.18 -56.06 21.07
C ALA B 1403 29.44 -54.93 22.05
N GLY B 1404 29.37 -55.21 23.36
CA GLY B 1404 29.57 -54.19 24.37
C GLY B 1404 28.37 -53.33 24.66
N ILE B 1405 27.19 -53.70 24.14
CA ILE B 1405 26.01 -52.88 24.38
C ILE B 1405 25.41 -53.17 25.76
N LEU B 1406 25.18 -54.44 26.07
CA LEU B 1406 24.57 -54.85 27.31
C LEU B 1406 25.62 -55.37 28.29
N ASP B 1407 25.27 -55.33 29.57
CA ASP B 1407 26.18 -55.80 30.62
C ASP B 1407 26.30 -57.31 30.65
N LYS B 1408 25.21 -58.03 30.39
CA LYS B 1408 25.22 -59.49 30.38
C LYS B 1408 24.31 -59.97 29.25
N LYS B 1409 24.33 -61.29 29.03
CA LYS B 1409 23.54 -61.86 27.95
C LYS B 1409 22.05 -61.84 28.30
N PRO B 1410 21.18 -61.68 27.30
CA PRO B 1410 19.74 -61.76 27.53
C PRO B 1410 19.30 -63.19 27.78
N PRO B 1411 18.07 -63.41 28.25
CA PRO B 1411 17.55 -64.77 28.44
C PRO B 1411 17.49 -65.54 27.13
N PRO B 1412 17.52 -66.89 27.19
CA PRO B 1412 17.54 -67.69 25.95
C PRO B 1412 16.34 -67.48 25.03
N ARG B 1413 15.15 -67.21 25.59
CA ARG B 1413 14.02 -66.84 24.74
C ARG B 1413 14.27 -65.54 24.01
N ILE B 1414 14.82 -64.55 24.71
CA ILE B 1414 15.21 -63.29 24.08
C ILE B 1414 16.31 -63.52 23.05
N GLU B 1415 17.25 -64.42 23.36
CA GLU B 1415 18.33 -64.73 22.42
C GLU B 1415 17.81 -65.38 21.15
N ARG B 1416 16.80 -66.24 21.27
CA ARG B 1416 16.15 -66.78 20.09
C ARG B 1416 15.38 -65.69 19.34
N GLY B 1417 14.79 -64.75 20.07
CA GLY B 1417 14.07 -63.65 19.43
C GLY B 1417 14.98 -62.75 18.62
N LEU B 1418 16.18 -62.46 19.13
CA LEU B 1418 17.08 -61.54 18.44
C LEU B 1418 17.66 -62.15 17.17
N LYS B 1419 17.72 -63.49 17.11
CA LYS B 1419 18.25 -64.15 15.93
C LYS B 1419 17.28 -64.02 14.74
N LEU B 1420 15.98 -64.11 15.01
CA LEU B 1420 15.00 -64.01 13.93
C LEU B 1420 14.84 -62.57 13.44
N MET B 1421 14.98 -61.60 14.34
CA MET B 1421 14.90 -60.20 13.95
C MET B 1421 16.02 -59.82 13.00
N SER B 1422 17.18 -60.47 13.14
CA SER B 1422 18.26 -60.29 12.19
C SER B 1422 17.87 -60.76 10.80
N LYS B 1423 17.18 -61.91 10.70
CA LYS B 1423 16.72 -62.41 9.41
C LYS B 1423 15.66 -61.48 8.80
N ILE B 1424 14.74 -60.98 9.63
CA ILE B 1424 13.72 -60.04 9.16
C ILE B 1424 14.35 -58.78 8.61
N LEU B 1425 15.27 -58.18 9.37
CA LEU B 1425 15.90 -56.93 8.95
C LEU B 1425 16.83 -57.14 7.76
N GLN B 1426 17.42 -58.34 7.63
CA GLN B 1426 18.27 -58.62 6.49
C GLN B 1426 17.45 -58.78 5.22
N SER B 1427 16.32 -59.50 5.29
CA SER B 1427 15.48 -59.64 4.10
C SER B 1427 14.77 -58.33 3.75
N ILE B 1428 14.55 -57.47 4.74
CA ILE B 1428 14.13 -56.11 4.45
C ILE B 1428 15.23 -55.35 3.72
N ALA B 1429 16.48 -55.50 4.19
CA ALA B 1429 17.59 -54.75 3.59
C ALA B 1429 17.97 -55.31 2.22
N ASN B 1430 17.96 -56.63 2.07
CA ASN B 1430 18.35 -57.25 0.80
C ASN B 1430 17.28 -57.14 -0.28
N HIS B 1431 16.06 -56.70 0.08
CA HIS B 1431 14.94 -56.55 -0.85
C HIS B 1431 14.58 -57.87 -1.51
N VAL B 1432 14.75 -58.96 -0.77
CA VAL B 1432 14.46 -60.31 -1.26
C VAL B 1432 13.51 -60.99 -0.27
N LEU B 1433 12.41 -61.51 -0.79
CA LEU B 1433 11.45 -62.23 0.04
C LEU B 1433 12.00 -63.58 0.47
N PHE B 1434 11.45 -64.11 1.55
CA PHE B 1434 11.88 -65.39 2.09
C PHE B 1434 11.43 -66.52 1.18
N THR B 1435 12.38 -67.40 0.81
CA THR B 1435 12.10 -68.53 -0.05
C THR B 1435 12.74 -69.84 0.40
N LYS B 1436 13.48 -69.84 1.51
CA LYS B 1436 14.18 -71.04 1.95
C LYS B 1436 13.39 -71.80 3.00
N GLU B 1437 13.04 -71.11 4.09
CA GLU B 1437 12.38 -71.75 5.21
C GLU B 1437 10.86 -71.57 5.12
N GLU B 1438 10.13 -72.67 5.27
CA GLU B 1438 8.68 -72.64 5.11
C GLU B 1438 7.97 -71.96 6.27
N HIS B 1439 8.54 -72.02 7.47
CA HIS B 1439 7.92 -71.42 8.65
C HIS B 1439 8.09 -69.90 8.71
N MET B 1440 8.88 -69.34 7.79
CA MET B 1440 9.19 -67.91 7.81
C MET B 1440 8.35 -67.14 6.79
N ARG B 1441 7.83 -67.83 5.77
CA ARG B 1441 7.06 -67.21 4.69
C ARG B 1441 5.86 -66.37 5.13
N PRO B 1442 5.08 -66.71 6.22
CA PRO B 1442 4.01 -65.78 6.64
C PRO B 1442 4.47 -64.40 7.06
N PHE B 1443 5.76 -64.23 7.36
CA PHE B 1443 6.30 -62.91 7.66
C PHE B 1443 6.63 -62.10 6.41
N ASN B 1444 6.47 -62.71 5.23
CA ASN B 1444 6.76 -62.01 3.97
C ASN B 1444 5.88 -60.78 3.79
N ASP B 1445 4.59 -60.90 4.15
CA ASP B 1445 3.67 -59.77 4.08
C ASP B 1445 4.11 -58.63 4.99
N PHE B 1446 4.92 -58.93 6.00
CA PHE B 1446 5.55 -57.86 6.76
C PHE B 1446 6.67 -57.19 5.97
N VAL B 1447 7.62 -57.98 5.46
CA VAL B 1447 8.85 -57.39 4.93
C VAL B 1447 8.58 -56.66 3.62
N LYS B 1448 7.62 -57.13 2.83
CA LYS B 1448 7.22 -56.43 1.61
C LYS B 1448 6.62 -55.06 1.90
N SER B 1449 6.09 -54.88 3.11
CA SER B 1449 5.60 -53.56 3.49
C SER B 1449 6.72 -52.61 3.89
N ASN B 1450 7.90 -53.12 4.20
CA ASN B 1450 8.96 -52.31 4.77
C ASN B 1450 10.21 -52.21 3.90
N PHE B 1451 10.11 -52.57 2.61
CA PHE B 1451 11.26 -52.47 1.71
C PHE B 1451 11.68 -51.01 1.51
N ASP B 1452 10.82 -50.24 0.85
CA ASP B 1452 11.18 -48.93 0.31
C ASP B 1452 11.57 -47.92 1.38
N ALA B 1453 10.89 -47.94 2.53
CA ALA B 1453 11.25 -47.07 3.63
C ALA B 1453 12.68 -47.32 4.08
N ALA B 1454 13.07 -48.60 4.18
CA ALA B 1454 14.47 -48.93 4.45
C ALA B 1454 15.36 -48.42 3.34
N ARG B 1455 14.91 -48.56 2.09
CA ARG B 1455 15.63 -47.98 0.96
C ARG B 1455 15.76 -46.47 1.12
N ARG B 1456 14.71 -45.82 1.65
CA ARG B 1456 14.79 -44.39 1.92
C ARG B 1456 15.87 -44.10 2.96
N PHE B 1457 15.97 -44.95 3.99
CA PHE B 1457 17.04 -44.78 4.97
C PHE B 1457 18.39 -45.06 4.34
N PHE B 1458 18.42 -45.87 3.29
CA PHE B 1458 19.67 -46.08 2.57
C PHE B 1458 20.01 -44.87 1.71
N LEU B 1459 18.99 -44.13 1.28
CA LEU B 1459 19.24 -42.96 0.44
C LEU B 1459 19.72 -41.76 1.25
N ASP B 1460 19.46 -41.75 2.57
CA ASP B 1460 19.82 -40.60 3.38
C ASP B 1460 21.27 -40.69 3.85
N ILE B 1461 21.68 -41.86 4.36
CA ILE B 1461 23.02 -41.99 4.93
C ILE B 1461 24.09 -42.08 3.85
N ALA B 1462 23.72 -42.40 2.61
CA ALA B 1462 24.68 -42.45 1.52
C ALA B 1462 24.76 -41.15 0.74
N SER B 1463 23.97 -40.15 1.10
CA SER B 1463 23.99 -38.84 0.45
C SER B 1463 24.60 -37.83 1.39
N ASP B 1464 25.59 -37.08 0.90
CA ASP B 1464 26.28 -36.09 1.72
C ASP B 1464 25.41 -34.87 1.94
N HIS B 1487 56.13 -53.12 9.20
CA HIS B 1487 57.40 -53.40 8.55
C HIS B 1487 57.42 -54.78 7.91
N ARG B 1488 56.94 -55.78 8.66
CA ARG B 1488 56.87 -57.14 8.15
C ARG B 1488 55.89 -57.25 6.98
N LEU B 1489 54.76 -56.54 7.08
CA LEU B 1489 53.79 -56.54 5.99
C LEU B 1489 54.35 -55.89 4.73
N LEU B 1490 55.30 -54.97 4.87
CA LEU B 1490 55.92 -54.36 3.70
C LEU B 1490 57.02 -55.24 3.11
N TRP B 1491 58.04 -55.56 3.92
CA TRP B 1491 59.21 -56.25 3.37
C TRP B 1491 58.99 -57.74 3.14
N ASN B 1492 58.18 -58.41 3.97
CA ASN B 1492 57.92 -59.83 3.75
C ASN B 1492 57.07 -60.05 2.50
N ASN B 1493 56.32 -59.04 2.09
CA ASN B 1493 55.50 -59.10 0.89
C ASN B 1493 56.03 -58.18 -0.21
N GLN B 1494 57.31 -57.83 -0.15
CA GLN B 1494 57.87 -56.86 -1.10
C GLN B 1494 58.20 -57.51 -2.44
N GLU B 1495 58.22 -58.83 -2.50
CA GLU B 1495 58.66 -59.54 -3.69
C GLU B 1495 57.67 -59.34 -4.85
N LYS B 1496 58.22 -58.99 -6.02
CA LYS B 1496 57.48 -58.88 -7.28
C LYS B 1496 56.38 -57.84 -7.21
N ILE B 1497 56.70 -56.65 -6.68
CA ILE B 1497 55.76 -55.54 -6.75
C ILE B 1497 55.84 -54.85 -8.11
N GLY B 1498 56.95 -55.03 -8.82
CA GLY B 1498 57.11 -54.42 -10.14
C GLY B 1498 56.61 -55.29 -11.27
N GLN B 1499 55.40 -55.83 -11.12
CA GLN B 1499 54.79 -56.70 -12.12
C GLN B 1499 53.74 -55.98 -12.95
N TYR B 1500 53.74 -54.65 -12.94
CA TYR B 1500 52.69 -53.86 -13.58
C TYR B 1500 52.71 -54.02 -15.10
N LEU B 1501 51.51 -54.09 -15.68
CA LEU B 1501 51.29 -54.17 -17.12
C LEU B 1501 52.02 -55.34 -17.78
N ARG B 1513 62.43 -47.30 1.19
CA ARG B 1513 62.84 -46.73 2.47
C ARG B 1513 62.35 -47.37 3.80
N PRO B 1514 61.11 -47.90 3.91
CA PRO B 1514 60.70 -48.37 5.25
C PRO B 1514 61.32 -49.69 5.64
N PHE B 1515 61.60 -50.57 4.67
CA PHE B 1515 62.25 -51.84 4.97
C PHE B 1515 63.65 -51.60 5.52
N ASP B 1516 64.41 -50.72 4.86
CA ASP B 1516 65.74 -50.39 5.38
C ASP B 1516 65.64 -49.47 6.59
N LYS B 1517 64.47 -48.89 6.85
CA LYS B 1517 64.31 -48.05 8.02
C LYS B 1517 64.19 -48.90 9.29
N MET B 1518 63.15 -49.73 9.38
CA MET B 1518 63.03 -50.58 10.58
C MET B 1518 63.11 -52.07 10.26
N ALA B 1519 64.07 -52.48 9.42
CA ALA B 1519 64.59 -53.83 9.53
C ALA B 1519 65.54 -53.96 10.71
N THR B 1520 66.21 -52.86 11.06
CA THR B 1520 67.07 -52.84 12.24
C THR B 1520 66.27 -53.02 13.52
N LEU B 1521 65.08 -52.41 13.59
CA LEU B 1521 64.23 -52.55 14.77
C LEU B 1521 63.74 -53.98 14.93
N LEU B 1522 63.56 -54.69 13.82
CA LEU B 1522 63.26 -56.12 13.90
C LEU B 1522 64.46 -56.91 14.40
N ALA B 1523 65.67 -56.48 14.01
CA ALA B 1523 66.87 -57.16 14.48
C ALA B 1523 67.15 -56.87 15.95
N TYR B 1524 66.89 -55.63 16.38
CA TYR B 1524 67.11 -55.28 17.78
C TYR B 1524 66.08 -55.94 18.69
N LEU B 1525 64.82 -55.95 18.27
CA LEU B 1525 63.75 -56.56 19.06
C LEU B 1525 63.41 -57.96 18.54
N LYS B 1567 47.25 -21.19 1.27
CA LYS B 1567 47.02 -20.33 2.43
C LYS B 1567 47.33 -21.08 3.73
N THR B 1568 46.37 -21.91 4.16
CA THR B 1568 46.60 -22.76 5.32
C THR B 1568 47.60 -23.86 5.01
N LEU B 1569 47.75 -24.22 3.72
CA LEU B 1569 48.67 -25.28 3.31
C LEU B 1569 50.12 -24.90 3.57
N SER B 1570 50.45 -23.61 3.60
CA SER B 1570 51.80 -23.16 3.90
C SER B 1570 52.11 -23.17 5.39
N ILE B 1571 51.09 -23.26 6.24
CA ILE B 1571 51.31 -23.25 7.69
C ILE B 1571 52.00 -24.54 8.14
N PHE B 1572 51.52 -25.68 7.65
CA PHE B 1572 51.99 -26.99 8.06
C PHE B 1572 52.21 -27.82 6.81
N TYR B 1573 53.41 -28.38 6.66
CA TYR B 1573 53.70 -29.10 5.43
C TYR B 1573 54.76 -30.18 5.64
N GLN B 1574 54.73 -31.17 4.76
CA GLN B 1574 55.71 -32.26 4.77
C GLN B 1574 56.92 -31.83 3.95
N ALA B 1575 58.11 -31.94 4.55
CA ALA B 1575 59.32 -31.46 3.91
C ALA B 1575 60.58 -32.10 4.47
N GLY B 1576 61.32 -32.84 3.63
CA GLY B 1576 62.65 -33.30 3.99
C GLY B 1576 62.65 -34.58 4.80
N THR B 1577 63.87 -35.09 5.00
CA THR B 1577 64.11 -36.31 5.76
C THR B 1577 65.30 -36.07 6.67
N SER B 1578 65.20 -36.52 7.92
CA SER B 1578 66.22 -36.23 8.92
C SER B 1578 67.44 -37.14 8.75
N LYS B 1579 68.44 -36.90 9.60
CA LYS B 1579 69.64 -37.73 9.60
C LYS B 1579 69.33 -39.15 10.06
N ALA B 1580 68.35 -39.31 10.95
CA ALA B 1580 67.95 -40.63 11.42
C ALA B 1580 66.95 -41.32 10.51
N GLY B 1581 66.65 -40.73 9.35
CA GLY B 1581 65.72 -41.32 8.42
C GLY B 1581 64.26 -41.09 8.73
N ASN B 1582 63.94 -40.02 9.46
CA ASN B 1582 62.56 -39.73 9.81
C ASN B 1582 62.03 -38.60 8.96
N PRO B 1583 60.82 -38.74 8.40
CA PRO B 1583 60.21 -37.63 7.67
C PRO B 1583 59.90 -36.46 8.60
N ILE B 1584 60.03 -35.25 8.06
CA ILE B 1584 59.97 -34.03 8.84
C ILE B 1584 58.78 -33.21 8.42
N PHE B 1585 58.01 -32.74 9.41
CA PHE B 1585 56.85 -31.90 9.20
C PHE B 1585 57.09 -30.53 9.82
N TYR B 1586 56.91 -29.48 9.03
CA TYR B 1586 57.15 -28.12 9.46
C TYR B 1586 55.84 -27.45 9.84
N TYR B 1587 55.80 -26.85 11.03
CA TYR B 1587 54.70 -26.02 11.50
C TYR B 1587 55.18 -24.58 11.62
N VAL B 1588 54.60 -23.69 10.83
CA VAL B 1588 54.97 -22.27 10.86
C VAL B 1588 53.85 -21.56 11.62
N ALA B 1589 54.14 -21.17 12.86
CA ALA B 1589 53.12 -20.59 13.73
C ALA B 1589 52.67 -19.21 13.28
N ARG B 1590 53.59 -18.41 12.73
CA ARG B 1590 53.26 -17.05 12.33
C ARG B 1590 52.31 -16.98 11.14
N ARG B 1591 52.24 -18.04 10.34
CA ARG B 1591 51.29 -18.09 9.24
C ARG B 1591 49.86 -18.38 9.72
N PHE B 1592 49.71 -18.86 10.94
CA PHE B 1592 48.39 -19.16 11.50
C PHE B 1592 47.88 -17.99 12.33
N LYS B 1593 46.62 -17.63 12.12
CA LYS B 1593 45.95 -16.58 12.88
C LYS B 1593 44.83 -17.22 13.69
N THR B 1594 44.69 -16.79 14.95
CA THR B 1594 43.71 -17.39 15.85
C THR B 1594 42.29 -17.10 15.38
N GLY B 1595 41.40 -18.06 15.62
CA GLY B 1595 40.02 -17.97 15.17
C GLY B 1595 39.33 -19.32 15.15
N GLN B 1596 38.02 -19.31 14.97
CA GLN B 1596 37.25 -20.56 14.99
C GLN B 1596 37.43 -21.37 13.70
N ILE B 1597 37.13 -20.78 12.54
CA ILE B 1597 37.31 -21.49 11.28
C ILE B 1597 38.79 -21.63 10.95
N ASN B 1598 39.59 -20.61 11.26
CA ASN B 1598 41.03 -20.71 11.04
C ASN B 1598 41.67 -21.78 11.91
N GLY B 1599 41.29 -21.87 13.19
CA GLY B 1599 41.78 -22.94 14.04
C GLY B 1599 41.29 -24.32 13.65
N ASP B 1600 40.03 -24.44 13.28
CA ASP B 1600 39.47 -25.70 12.79
C ASP B 1600 40.18 -26.17 11.53
N LEU B 1601 40.44 -25.27 10.57
CA LEU B 1601 41.14 -25.69 9.36
C LEU B 1601 42.63 -25.85 9.60
N LEU B 1602 43.15 -25.24 10.68
CA LEU B 1602 44.53 -25.51 11.07
C LEU B 1602 44.70 -26.94 11.56
N ILE B 1603 43.85 -27.36 12.50
CA ILE B 1603 43.93 -28.76 12.95
C ILE B 1603 43.51 -29.70 11.82
N TYR B 1604 42.63 -29.24 10.92
CA TYR B 1604 42.26 -30.02 9.74
C TYR B 1604 43.46 -30.23 8.82
N HIS B 1605 44.29 -29.19 8.63
CA HIS B 1605 45.43 -29.32 7.72
C HIS B 1605 46.60 -30.06 8.36
N VAL B 1606 46.80 -29.88 9.67
CA VAL B 1606 47.77 -30.70 10.38
C VAL B 1606 47.38 -32.17 10.30
N LEU B 1607 46.06 -32.44 10.34
CA LEU B 1607 45.57 -33.77 10.03
C LEU B 1607 45.84 -34.12 8.57
N LEU B 1608 45.64 -33.16 7.65
CA LEU B 1608 45.85 -33.39 6.21
C LEU B 1608 47.31 -33.70 5.88
N THR B 1609 48.21 -33.48 6.83
CA THR B 1609 49.62 -33.75 6.54
C THR B 1609 50.17 -34.92 7.35
N LEU B 1610 49.70 -35.13 8.60
CA LEU B 1610 50.43 -36.03 9.50
C LEU B 1610 50.05 -37.51 9.42
N LYS B 1611 49.08 -37.90 8.59
CA LYS B 1611 48.50 -39.25 8.70
C LYS B 1611 49.49 -40.39 8.41
N PRO B 1612 50.06 -40.54 7.20
CA PRO B 1612 50.62 -41.86 6.86
C PRO B 1612 51.93 -42.17 7.57
N TYR B 1613 52.48 -41.20 8.29
CA TYR B 1613 53.84 -41.29 8.81
C TYR B 1613 53.90 -41.34 10.34
N TYR B 1614 52.78 -41.57 11.03
CA TYR B 1614 52.84 -41.59 12.50
C TYR B 1614 52.87 -42.99 13.09
N ALA B 1615 52.78 -44.05 12.28
CA ALA B 1615 53.11 -45.39 12.75
C ALA B 1615 54.60 -45.67 12.63
N LYS B 1616 55.34 -44.78 12.00
CA LYS B 1616 56.79 -44.82 11.83
C LYS B 1616 57.38 -43.59 12.51
N PRO B 1617 58.66 -43.64 12.89
CA PRO B 1617 59.26 -42.46 13.54
C PRO B 1617 59.35 -41.27 12.60
N TYR B 1618 58.84 -40.14 13.07
CA TYR B 1618 58.82 -38.89 12.31
C TYR B 1618 59.15 -37.74 13.25
N GLU B 1619 59.61 -36.63 12.66
CA GLU B 1619 60.07 -35.48 13.43
C GLU B 1619 59.36 -34.22 12.94
N ILE B 1620 59.26 -33.25 13.84
CA ILE B 1620 58.49 -32.02 13.62
C ILE B 1620 59.38 -30.82 13.92
N VAL B 1621 59.43 -29.88 12.98
CA VAL B 1621 60.13 -28.61 13.17
C VAL B 1621 59.08 -27.53 13.39
N VAL B 1622 59.11 -26.91 14.58
CA VAL B 1622 58.17 -25.85 14.94
C VAL B 1622 58.89 -24.52 14.77
N ASP B 1623 58.61 -23.82 13.68
CA ASP B 1623 59.24 -22.53 13.38
C ASP B 1623 58.44 -21.45 14.10
N LEU B 1624 58.93 -21.02 15.26
CA LEU B 1624 58.24 -20.05 16.08
C LEU B 1624 58.70 -18.61 15.85
N THR B 1625 59.18 -18.29 14.65
CA THR B 1625 59.54 -16.91 14.33
C THR B 1625 58.30 -16.03 14.28
N HIS B 1626 58.39 -14.86 14.93
CA HIS B 1626 57.35 -13.83 14.95
C HIS B 1626 56.01 -14.34 15.48
N THR B 1627 56.04 -15.30 16.40
CA THR B 1627 54.79 -15.83 16.97
C THR B 1627 54.34 -14.94 18.12
N GLY B 1628 53.16 -14.33 17.98
CA GLY B 1628 52.63 -13.44 18.98
C GLY B 1628 51.24 -13.83 19.42
N PRO B 1629 50.51 -12.89 20.05
CA PRO B 1629 49.15 -13.19 20.50
C PRO B 1629 48.18 -13.52 19.37
N SER B 1630 48.44 -13.04 18.17
CA SER B 1630 47.57 -13.36 17.03
C SER B 1630 47.75 -14.80 16.54
N ASN B 1631 48.82 -15.49 16.94
CA ASN B 1631 49.08 -16.85 16.50
C ASN B 1631 48.86 -17.88 17.59
N ARG B 1632 48.12 -17.53 18.65
CA ARG B 1632 47.97 -18.43 19.79
C ARG B 1632 46.96 -19.53 19.49
N PHE B 1633 47.00 -20.57 20.32
CA PHE B 1633 45.95 -21.58 20.37
C PHE B 1633 45.06 -21.24 21.56
N LYS B 1634 43.75 -21.21 21.33
CA LYS B 1634 42.83 -21.05 22.44
C LYS B 1634 42.85 -22.29 23.32
N THR B 1635 42.44 -22.11 24.58
CA THR B 1635 42.55 -23.18 25.57
C THR B 1635 41.71 -24.40 25.18
N ASP B 1636 40.47 -24.16 24.74
CA ASP B 1636 39.65 -25.24 24.21
C ASP B 1636 40.23 -25.78 22.91
N PHE B 1637 40.87 -24.93 22.11
CA PHE B 1637 41.52 -25.40 20.89
C PHE B 1637 42.80 -26.16 21.20
N LEU B 1638 43.60 -25.67 22.16
CA LEU B 1638 44.86 -26.34 22.50
C LEU B 1638 44.60 -27.69 23.17
N SER B 1639 43.49 -27.80 23.91
CA SER B 1639 43.12 -29.08 24.51
C SER B 1639 42.74 -30.13 23.47
N LYS B 1640 42.34 -29.70 22.26
CA LYS B 1640 42.00 -30.66 21.22
C LYS B 1640 43.24 -31.35 20.65
N TRP B 1641 44.40 -30.69 20.70
CA TRP B 1641 45.61 -31.24 20.07
C TRP B 1641 46.10 -32.50 20.77
N PHE B 1642 45.69 -32.75 22.01
CA PHE B 1642 46.17 -33.90 22.76
C PHE B 1642 45.15 -35.03 22.83
N VAL B 1643 44.03 -34.93 22.10
CA VAL B 1643 42.98 -35.95 22.17
C VAL B 1643 42.59 -36.49 20.80
N VAL B 1644 42.85 -35.73 19.74
CA VAL B 1644 42.31 -36.10 18.43
C VAL B 1644 43.23 -37.06 17.69
N PHE B 1645 44.48 -37.14 18.10
CA PHE B 1645 45.43 -38.06 17.50
C PHE B 1645 45.53 -39.33 18.32
N PRO B 1646 45.91 -40.45 17.72
CA PRO B 1646 46.12 -41.68 18.50
C PRO B 1646 47.36 -41.58 19.38
N GLY B 1647 47.42 -42.48 20.36
CA GLY B 1647 48.52 -42.45 21.32
C GLY B 1647 49.87 -42.76 20.70
N PHE B 1648 49.92 -43.73 19.77
CA PHE B 1648 51.19 -44.05 19.12
C PHE B 1648 51.60 -42.98 18.12
N ALA B 1649 50.66 -42.14 17.69
CA ALA B 1649 51.03 -40.97 16.90
C ALA B 1649 51.85 -40.00 17.74
N TYR B 1650 51.49 -39.83 19.01
CA TYR B 1650 52.32 -39.03 19.91
C TYR B 1650 53.60 -39.76 20.25
N ASP B 1651 53.52 -41.07 20.45
CA ASP B 1651 54.69 -41.85 20.88
C ASP B 1651 55.74 -41.99 19.79
N ASN B 1652 55.37 -41.90 18.52
CA ASN B 1652 56.31 -42.09 17.43
C ASN B 1652 57.05 -40.82 17.04
N VAL B 1653 56.79 -39.70 17.71
CA VAL B 1653 57.50 -38.47 17.41
C VAL B 1653 58.92 -38.60 17.95
N SER B 1654 59.90 -38.74 17.06
CA SER B 1654 61.28 -38.89 17.48
C SER B 1654 61.85 -37.60 18.09
N ALA B 1655 61.52 -36.46 17.50
CA ALA B 1655 62.00 -35.19 18.02
C ALA B 1655 61.07 -34.07 17.57
N VAL B 1656 60.90 -33.07 18.42
CA VAL B 1656 60.18 -31.84 18.11
C VAL B 1656 61.21 -30.72 18.15
N TYR B 1657 61.58 -30.21 16.98
CA TYR B 1657 62.54 -29.11 16.89
C TYR B 1657 61.81 -27.78 16.98
N ILE B 1658 62.09 -27.03 18.03
CA ILE B 1658 61.43 -25.76 18.29
C ILE B 1658 62.43 -24.65 18.02
N TYR B 1659 62.18 -23.86 16.97
CA TYR B 1659 63.15 -22.90 16.46
C TYR B 1659 62.68 -21.47 16.72
N ASN B 1660 63.57 -20.68 17.32
CA ASN B 1660 63.33 -19.28 17.70
C ASN B 1660 62.10 -19.14 18.59
N CYS B 1661 62.13 -19.80 19.75
CA CYS B 1661 61.18 -19.50 20.80
C CYS B 1661 61.44 -18.10 21.34
N ASN B 1662 60.36 -17.42 21.75
CA ASN B 1662 60.48 -16.04 22.21
C ASN B 1662 59.87 -15.89 23.60
N SER B 1663 59.79 -14.64 24.06
CA SER B 1663 59.24 -14.34 25.37
C SER B 1663 57.75 -14.65 25.44
N TRP B 1664 57.03 -14.36 24.36
CA TRP B 1664 55.59 -14.61 24.33
C TRP B 1664 55.29 -16.10 24.39
N VAL B 1665 56.07 -16.92 23.68
CA VAL B 1665 55.86 -18.36 23.70
C VAL B 1665 56.17 -18.93 25.08
N ARG B 1666 57.20 -18.40 25.74
CA ARG B 1666 57.51 -18.80 27.11
C ARG B 1666 56.36 -18.45 28.05
N GLU B 1667 55.79 -17.25 27.88
CA GLU B 1667 54.65 -16.83 28.68
C GLU B 1667 53.44 -17.73 28.43
N TYR B 1668 53.23 -18.10 27.16
CA TYR B 1668 52.09 -18.94 26.79
C TYR B 1668 52.23 -20.35 27.38
N THR B 1669 53.44 -20.90 27.35
CA THR B 1669 53.69 -22.19 27.98
C THR B 1669 53.58 -22.14 29.49
N LYS B 1670 53.98 -21.01 30.10
CA LYS B 1670 53.74 -20.84 31.54
C LYS B 1670 52.25 -20.78 31.85
N TYR B 1671 51.45 -20.18 30.97
CA TYR B 1671 50.01 -20.16 31.17
C TYR B 1671 49.38 -21.53 30.95
N HIS B 1672 49.96 -22.35 30.07
CA HIS B 1672 49.46 -23.69 29.79
C HIS B 1672 50.44 -24.78 30.23
N GLU B 1673 51.00 -24.64 31.44
CA GLU B 1673 51.85 -25.68 31.99
C GLU B 1673 51.09 -26.98 32.21
N ARG B 1674 49.78 -26.90 32.48
CA ARG B 1674 48.98 -28.09 32.72
C ARG B 1674 48.76 -28.88 31.43
N LEU B 1675 48.50 -28.18 30.31
CA LEU B 1675 48.26 -28.87 29.05
C LEU B 1675 49.56 -29.40 28.45
N LEU B 1676 50.65 -28.64 28.60
CA LEU B 1676 51.94 -29.03 28.05
C LEU B 1676 52.83 -29.75 29.07
N THR B 1677 52.24 -30.47 30.02
CA THR B 1677 53.04 -31.23 30.97
C THR B 1677 53.66 -32.47 30.31
N GLY B 1678 53.08 -32.91 29.20
CA GLY B 1678 53.68 -34.01 28.46
C GLY B 1678 54.96 -33.60 27.74
N LEU B 1679 55.06 -32.33 27.37
CA LEU B 1679 56.28 -31.80 26.78
C LEU B 1679 57.25 -31.24 27.82
N LYS B 1680 56.78 -30.97 29.03
CA LYS B 1680 57.62 -30.40 30.07
C LYS B 1680 58.66 -31.43 30.53
N GLY B 1681 59.94 -31.13 30.28
CA GLY B 1681 61.01 -32.01 30.67
C GLY B 1681 61.33 -33.12 29.68
N SER B 1682 60.60 -33.22 28.58
CA SER B 1682 60.80 -34.27 27.60
C SER B 1682 62.10 -34.10 26.82
N LYS B 1683 62.86 -35.18 26.66
CA LYS B 1683 64.03 -35.17 25.80
C LYS B 1683 63.66 -34.95 24.34
N ARG B 1684 62.45 -35.32 23.94
CA ARG B 1684 62.00 -35.22 22.56
C ARG B 1684 61.88 -33.78 22.07
N LEU B 1685 61.85 -32.81 22.97
CA LEU B 1685 61.91 -31.41 22.57
C LEU B 1685 63.37 -31.00 22.42
N VAL B 1686 63.76 -30.61 21.22
CA VAL B 1686 65.08 -30.06 20.94
C VAL B 1686 64.88 -28.60 20.53
N PHE B 1687 65.38 -27.68 21.34
CA PHE B 1687 65.25 -26.27 21.04
C PHE B 1687 66.46 -25.80 20.24
N ILE B 1688 66.20 -25.11 19.13
CA ILE B 1688 67.26 -24.63 18.24
C ILE B 1688 67.58 -23.21 18.67
N ASP B 1689 68.50 -23.10 19.62
CA ASP B 1689 68.95 -21.80 20.11
C ASP B 1689 69.99 -21.15 19.21
N CYS B 1690 70.53 -21.90 18.25
CA CYS B 1690 71.47 -21.38 17.26
C CYS B 1690 71.15 -22.07 15.94
N PRO B 1691 71.00 -21.30 14.85
CA PRO B 1691 70.55 -21.88 13.58
C PRO B 1691 71.46 -22.97 13.00
N GLY B 1692 72.73 -22.94 13.37
CA GLY B 1692 73.65 -23.99 12.96
C GLY B 1692 73.44 -25.29 13.69
N LYS B 1693 72.77 -25.22 14.85
CA LYS B 1693 72.51 -26.43 15.62
C LYS B 1693 71.45 -27.30 14.97
N LEU B 1694 70.53 -26.68 14.21
CA LEU B 1694 69.49 -27.45 13.52
C LEU B 1694 70.08 -28.36 12.46
N ALA B 1695 71.28 -28.03 11.96
CA ALA B 1695 72.03 -28.89 11.06
C ALA B 1695 72.69 -30.08 11.76
N GLU B 1696 72.52 -30.27 13.08
CA GLU B 1696 73.09 -31.42 13.77
C GLU B 1696 72.19 -32.64 13.79
N HIS B 1697 70.89 -32.48 13.53
CA HIS B 1697 69.98 -33.60 13.39
C HIS B 1697 69.32 -33.68 12.02
N ILE B 1698 69.38 -32.63 11.21
CA ILE B 1698 68.75 -32.57 9.90
C ILE B 1698 69.79 -32.06 8.91
N GLU B 1699 69.88 -32.70 7.74
CA GLU B 1699 70.79 -32.22 6.70
C GLU B 1699 70.36 -30.84 6.22
N HIS B 1700 71.35 -30.00 5.91
CA HIS B 1700 71.08 -28.61 5.57
C HIS B 1700 70.36 -28.48 4.24
N GLU B 1701 70.66 -29.39 3.29
CA GLU B 1701 69.93 -29.39 2.03
C GLU B 1701 68.51 -29.91 2.22
N GLN B 1702 68.30 -30.75 3.23
CA GLN B 1702 66.97 -31.24 3.58
C GLN B 1702 66.16 -30.22 4.37
N GLN B 1703 66.76 -29.11 4.77
CA GLN B 1703 66.07 -28.05 5.50
C GLN B 1703 65.18 -27.28 4.54
N LYS B 1704 63.89 -27.20 4.86
CA LYS B 1704 62.93 -26.48 4.04
C LYS B 1704 62.14 -25.52 4.94
N LEU B 1705 62.86 -24.80 5.79
CA LEU B 1705 62.27 -23.68 6.52
C LEU B 1705 61.89 -22.58 5.53
N PRO B 1706 60.91 -21.74 5.88
CA PRO B 1706 60.49 -20.68 4.95
C PRO B 1706 61.61 -19.70 4.64
N ALA B 1707 61.54 -19.13 3.42
CA ALA B 1707 62.59 -18.23 2.96
C ALA B 1707 62.65 -16.95 3.78
N ALA B 1708 61.51 -16.54 4.35
CA ALA B 1708 61.51 -15.40 5.26
C ALA B 1708 62.26 -15.72 6.55
N THR B 1709 62.13 -16.96 7.02
CA THR B 1709 62.85 -17.38 8.22
C THR B 1709 64.36 -17.38 7.99
N LEU B 1710 64.80 -17.82 6.80
CA LEU B 1710 66.21 -17.76 6.45
C LEU B 1710 66.67 -16.32 6.24
N ALA B 1711 65.80 -15.46 5.68
CA ALA B 1711 66.17 -14.07 5.44
C ALA B 1711 66.25 -13.28 6.74
N LEU B 1712 65.56 -13.73 7.78
CA LEU B 1712 65.72 -13.15 9.11
C LEU B 1712 67.09 -13.45 9.72
N GLU B 1713 67.85 -14.38 9.14
CA GLU B 1713 69.19 -14.71 9.62
C GLU B 1713 70.29 -13.97 8.87
N GLU B 1714 70.06 -13.58 7.62
CA GLU B 1714 71.08 -12.94 6.81
C GLU B 1714 71.10 -11.44 7.05
N ASP B 1715 72.30 -10.87 6.94
CA ASP B 1715 72.55 -9.43 7.03
C ASP B 1715 72.04 -8.85 8.36
N LEU B 1716 72.40 -9.53 9.44
CA LEU B 1716 72.03 -9.09 10.77
C LEU B 1716 73.15 -8.25 11.37
N LYS B 1717 72.84 -7.01 11.72
CA LYS B 1717 73.76 -6.16 12.47
C LYS B 1717 73.59 -6.51 13.95
N VAL B 1718 74.54 -7.24 14.50
CA VAL B 1718 74.41 -7.84 15.82
C VAL B 1718 75.16 -6.97 16.83
N PHE B 1719 74.43 -6.55 17.87
CA PHE B 1719 75.00 -5.83 19.01
C PHE B 1719 74.86 -6.76 20.22
N HIS B 1720 75.98 -7.33 20.65
CA HIS B 1720 75.99 -8.20 21.81
C HIS B 1720 76.11 -7.38 23.09
N ASN B 1721 75.93 -8.06 24.23
CA ASN B 1721 76.10 -7.52 25.57
C ASN B 1721 75.15 -6.35 25.85
N ALA B 1722 73.95 -6.40 25.30
CA ALA B 1722 72.90 -5.47 25.65
C ALA B 1722 72.12 -5.97 26.87
N LEU B 1723 71.45 -5.05 27.56
CA LEU B 1723 70.70 -5.40 28.77
C LEU B 1723 69.27 -4.90 28.63
N LYS B 1724 68.30 -5.80 28.79
CA LYS B 1724 66.89 -5.48 28.67
C LYS B 1724 66.30 -5.31 30.07
N LEU B 1725 65.73 -4.14 30.34
CA LEU B 1725 65.05 -3.90 31.59
C LEU B 1725 63.65 -4.51 31.59
N ALA B 1726 63.27 -5.09 32.73
CA ALA B 1726 61.97 -5.69 32.95
C ALA B 1726 61.79 -5.82 34.46
N HIS B 1727 60.82 -6.63 34.89
CA HIS B 1727 60.81 -7.06 36.28
C HIS B 1727 62.07 -7.84 36.61
N LYS B 1728 62.59 -8.58 35.63
CA LYS B 1728 63.90 -9.23 35.71
C LYS B 1728 64.72 -8.76 34.51
N ASP B 1729 65.88 -8.15 34.78
CA ASP B 1729 66.74 -7.64 33.72
C ASP B 1729 67.47 -8.80 33.06
N THR B 1730 67.45 -8.84 31.73
CA THR B 1730 67.97 -9.98 30.98
C THR B 1730 69.09 -9.53 30.05
N LYS B 1731 70.19 -10.28 30.02
CA LYS B 1731 71.23 -10.02 29.03
C LYS B 1731 70.77 -10.50 27.66
N VAL B 1732 70.73 -9.59 26.69
CA VAL B 1732 70.21 -9.86 25.36
C VAL B 1732 71.16 -9.26 24.32
N SER B 1733 71.03 -9.74 23.10
CA SER B 1733 71.74 -9.20 21.95
C SER B 1733 70.71 -8.75 20.93
N ILE B 1734 70.92 -7.58 20.35
CA ILE B 1734 69.97 -6.99 19.41
C ILE B 1734 70.54 -7.10 18.00
N LYS B 1735 69.86 -7.88 17.16
CA LYS B 1735 70.26 -8.08 15.77
C LYS B 1735 69.27 -7.34 14.88
N VAL B 1736 69.73 -6.26 14.26
CA VAL B 1736 68.91 -5.46 13.37
C VAL B 1736 69.12 -5.96 11.95
N GLY B 1737 68.08 -6.58 11.38
CA GLY B 1737 68.08 -6.97 9.98
C GLY B 1737 67.14 -6.06 9.20
N SER B 1738 67.28 -6.13 7.86
CA SER B 1738 66.65 -5.17 6.98
C SER B 1738 65.12 -5.20 7.06
N THR B 1739 64.56 -6.26 7.63
CA THR B 1739 63.12 -6.34 7.83
C THR B 1739 62.71 -6.29 9.30
N ALA B 1740 63.61 -6.53 10.25
CA ALA B 1740 63.13 -6.80 11.60
C ALA B 1740 64.22 -6.55 12.64
N VAL B 1741 63.82 -6.70 13.90
CA VAL B 1741 64.71 -6.59 15.05
C VAL B 1741 64.58 -7.87 15.87
N GLN B 1742 65.72 -8.49 16.16
CA GLN B 1742 65.75 -9.75 16.90
C GLN B 1742 66.44 -9.52 18.24
N VAL B 1743 65.67 -9.63 19.32
CA VAL B 1743 66.20 -9.54 20.68
C VAL B 1743 66.41 -10.98 21.14
N THR B 1744 67.65 -11.46 21.08
CA THR B 1744 67.97 -12.84 21.40
C THR B 1744 68.62 -12.89 22.78
N SER B 1745 68.07 -13.71 23.66
CA SER B 1745 68.57 -13.78 25.03
C SER B 1745 69.96 -14.40 25.05
N ALA B 1746 70.87 -13.72 25.75
CA ALA B 1746 72.24 -14.23 25.93
C ALA B 1746 72.35 -15.24 27.06
N GLU B 1747 71.33 -15.32 27.91
CA GLU B 1747 71.27 -16.31 28.97
C GLU B 1747 70.00 -17.14 28.83
N ARG B 1748 70.09 -18.41 29.21
CA ARG B 1748 68.99 -19.33 29.05
C ARG B 1748 67.90 -19.08 30.08
N THR B 1749 66.65 -19.30 29.65
CA THR B 1749 65.49 -19.26 30.53
C THR B 1749 64.74 -20.57 30.38
N LYS B 1750 63.88 -20.85 31.35
CA LYS B 1750 63.16 -22.12 31.39
C LYS B 1750 61.91 -22.05 30.50
N VAL B 1751 61.92 -22.84 29.43
CA VAL B 1751 60.75 -23.07 28.58
C VAL B 1751 60.50 -24.56 28.55
N LEU B 1752 59.34 -24.99 29.05
CA LEU B 1752 58.91 -26.39 29.11
C LEU B 1752 59.97 -27.27 29.78
N GLY B 1753 60.58 -26.72 30.83
CA GLY B 1753 61.58 -27.44 31.59
C GLY B 1753 62.99 -27.42 31.02
N GLN B 1754 63.24 -26.72 29.91
CA GLN B 1754 64.56 -26.67 29.31
C GLN B 1754 65.11 -25.27 29.33
N SER B 1755 66.40 -25.15 29.63
CA SER B 1755 67.10 -23.86 29.62
C SER B 1755 67.50 -23.53 28.19
N VAL B 1756 66.86 -22.51 27.61
CA VAL B 1756 66.95 -22.22 26.18
C VAL B 1756 67.33 -20.75 26.00
N PHE B 1757 67.73 -20.41 24.76
CA PHE B 1757 67.98 -19.03 24.39
C PHE B 1757 66.76 -18.51 23.62
N LEU B 1758 66.03 -17.59 24.24
CA LEU B 1758 64.86 -17.00 23.62
C LEU B 1758 65.26 -16.05 22.51
N ASN B 1759 64.34 -15.84 21.56
CA ASN B 1759 64.58 -14.97 20.42
C ASN B 1759 63.29 -14.24 20.05
N ASP B 1760 63.10 -13.05 20.62
CA ASP B 1760 61.98 -12.20 20.24
C ASP B 1760 62.23 -11.60 18.87
N ILE B 1761 61.22 -11.65 18.00
CA ILE B 1761 61.31 -11.08 16.66
C ILE B 1761 60.22 -10.04 16.48
N TYR B 1762 60.60 -8.83 16.07
CA TYR B 1762 59.68 -7.73 15.86
C TYR B 1762 59.89 -7.20 14.44
N TYR B 1763 58.88 -7.37 13.59
CA TYR B 1763 58.97 -6.87 12.22
C TYR B 1763 58.88 -5.35 12.21
N ALA B 1764 59.27 -4.76 11.08
CA ALA B 1764 59.17 -3.31 10.92
C ALA B 1764 57.73 -2.83 10.88
N SER B 1765 56.79 -3.72 10.58
CA SER B 1765 55.37 -3.38 10.61
C SER B 1765 54.87 -3.13 12.04
N GLU B 1766 55.52 -3.72 13.05
CA GLU B 1766 55.03 -3.64 14.42
C GLU B 1766 55.67 -2.53 15.25
N ILE B 1767 56.91 -2.16 14.97
CA ILE B 1767 57.62 -1.22 15.84
C ILE B 1767 57.21 0.20 15.43
N GLU B 1768 56.61 0.94 16.36
CA GLU B 1768 56.01 2.24 16.06
C GLU B 1768 56.93 3.41 16.35
N GLU B 1769 57.31 3.59 17.61
CA GLU B 1769 57.92 4.83 18.07
C GLU B 1769 59.42 4.70 18.26
N ILE B 1770 60.11 5.84 18.27
CA ILE B 1770 61.56 5.90 18.45
C ILE B 1770 61.83 6.86 19.59
N CYS B 1771 62.60 6.43 20.59
CA CYS B 1771 63.03 7.29 21.68
C CYS B 1771 64.43 6.91 22.13
N LEU B 1772 65.29 7.92 22.25
CA LEU B 1772 66.65 7.75 22.76
C LEU B 1772 66.70 8.46 24.12
N VAL B 1773 66.64 7.66 25.19
CA VAL B 1773 66.55 8.20 26.54
C VAL B 1773 67.83 8.92 26.94
N ASP B 1774 68.99 8.29 26.70
CA ASP B 1774 70.28 8.89 27.04
C ASP B 1774 71.38 8.30 26.17
N GLU B 1775 72.63 8.47 26.60
CA GLU B 1775 73.77 7.99 25.82
C GLU B 1775 73.76 6.47 25.69
N ASN B 1776 73.31 5.76 26.72
CA ASN B 1776 73.40 4.31 26.78
C ASN B 1776 72.07 3.67 27.16
N GLN B 1777 70.96 4.20 26.64
CA GLN B 1777 69.65 3.61 26.90
C GLN B 1777 68.70 4.02 25.78
N PHE B 1778 67.85 3.09 25.37
CA PHE B 1778 66.83 3.38 24.37
C PHE B 1778 65.62 2.50 24.60
N THR B 1779 64.51 2.86 23.95
CA THR B 1779 63.25 2.16 24.10
C THR B 1779 62.77 1.67 22.74
N LEU B 1780 61.81 0.75 22.78
CA LEU B 1780 61.28 0.10 21.58
C LEU B 1780 59.80 -0.18 21.80
N THR B 1781 58.94 0.54 21.09
CA THR B 1781 57.49 0.41 21.24
C THR B 1781 56.93 -0.44 20.11
N ILE B 1782 56.22 -1.51 20.48
CA ILE B 1782 55.67 -2.47 19.53
C ILE B 1782 54.17 -2.26 19.44
N ALA B 1783 53.61 -2.43 18.23
CA ALA B 1783 52.17 -2.33 18.05
C ALA B 1783 51.46 -3.46 18.81
N ASN B 1784 50.33 -3.09 19.42
CA ASN B 1784 49.51 -4.00 20.25
C ASN B 1784 50.32 -4.56 21.42
N GLN B 1785 51.30 -3.78 21.88
CA GLN B 1785 52.12 -4.08 23.06
C GLN B 1785 52.34 -2.75 23.78
N GLY B 1786 51.55 -2.52 24.82
CA GLY B 1786 51.57 -1.22 25.50
C GLY B 1786 52.87 -0.94 26.25
N THR B 1787 53.46 -1.98 26.84
CA THR B 1787 54.68 -1.78 27.62
C THR B 1787 55.88 -1.64 26.69
N PRO B 1788 56.64 -0.55 26.79
CA PRO B 1788 57.84 -0.41 25.97
C PRO B 1788 58.94 -1.38 26.39
N LEU B 1789 59.75 -1.77 25.41
CA LEU B 1789 60.89 -2.65 25.65
C LEU B 1789 62.15 -1.79 25.70
N THR B 1790 62.77 -1.70 26.87
CA THR B 1790 63.87 -0.77 27.09
C THR B 1790 65.17 -1.55 27.22
N PHE B 1791 66.21 -1.08 26.51
CA PHE B 1791 67.50 -1.74 26.46
C PHE B 1791 68.62 -0.74 26.72
N MET B 1792 69.75 -1.27 27.19
CA MET B 1792 70.99 -0.52 27.38
C MET B 1792 72.07 -1.18 26.56
N HIS B 1793 72.95 -0.37 25.99
CA HIS B 1793 74.12 -0.83 25.24
C HIS B 1793 75.09 0.33 25.16
N GLN B 1794 76.36 0.02 24.91
CA GLN B 1794 77.37 1.07 24.78
C GLN B 1794 77.13 1.91 23.52
N GLU B 1795 76.58 1.29 22.49
CA GLU B 1795 76.29 1.91 21.19
C GLU B 1795 74.80 2.02 20.91
N CYS B 1796 73.98 2.45 21.90
CA CYS B 1796 72.54 2.57 21.67
C CYS B 1796 72.20 3.54 20.55
N GLU B 1797 73.04 4.56 20.33
CA GLU B 1797 72.79 5.47 19.22
C GLU B 1797 72.91 4.78 17.86
N ALA B 1798 73.87 3.85 17.73
CA ALA B 1798 73.98 3.05 16.52
C ALA B 1798 72.78 2.15 16.32
N ILE B 1799 72.29 1.52 17.39
CA ILE B 1799 71.09 0.70 17.31
C ILE B 1799 69.88 1.54 16.91
N VAL B 1800 69.76 2.73 17.48
CA VAL B 1800 68.62 3.60 17.17
C VAL B 1800 68.65 4.04 15.71
N GLN B 1801 69.82 4.44 15.21
CA GLN B 1801 69.87 4.88 13.81
C GLN B 1801 69.67 3.70 12.86
N SER B 1802 70.11 2.50 13.26
CA SER B 1802 69.85 1.32 12.43
C SER B 1802 68.37 1.00 12.36
N ILE B 1803 67.66 1.06 13.49
CA ILE B 1803 66.24 0.77 13.49
C ILE B 1803 65.45 1.86 12.78
N ILE B 1804 65.87 3.12 12.90
CA ILE B 1804 65.25 4.18 12.11
C ILE B 1804 65.48 3.95 10.62
N HIS B 1805 66.67 3.45 10.26
CA HIS B 1805 66.96 3.11 8.88
C HIS B 1805 66.03 2.01 8.36
N ILE B 1806 65.80 0.97 9.16
CA ILE B 1806 64.92 -0.10 8.68
C ILE B 1806 63.45 0.35 8.67
N ARG B 1807 63.03 1.21 9.61
CA ARG B 1807 61.66 1.74 9.56
C ARG B 1807 61.47 2.62 8.33
N THR B 1808 62.45 3.47 8.03
CA THR B 1808 62.37 4.34 6.86
C THR B 1808 62.39 3.53 5.57
N ARG B 1809 63.15 2.43 5.56
CA ARG B 1809 63.21 1.59 4.38
C ARG B 1809 61.91 0.83 4.16
N TRP B 1810 61.25 0.40 5.24
CA TRP B 1810 60.04 -0.42 5.07
C TRP B 1810 58.79 0.45 4.91
N GLU B 1811 58.56 1.37 5.85
CA GLU B 1811 57.26 2.02 5.99
C GLU B 1811 56.99 3.01 4.85
N LEU B 1812 58.05 3.60 4.29
CA LEU B 1812 57.84 4.50 3.16
C LEU B 1812 57.70 3.73 1.85
N SER B 1813 58.37 2.59 1.74
CA SER B 1813 58.40 1.87 0.47
C SER B 1813 57.17 1.00 0.27
N GLN B 1814 56.69 0.35 1.34
CA GLN B 1814 55.68 -0.70 1.15
C GLN B 1814 54.29 -0.13 0.80
N PRO B 1815 53.76 0.90 1.50
CA PRO B 1815 52.56 1.47 0.88
C PRO B 1815 52.87 2.36 -0.32
N ASP B 1828 19.84 -25.61 5.74
CA ASP B 1828 20.70 -25.05 4.70
C ASP B 1828 20.08 -23.81 4.10
N VAL B 1829 20.20 -23.65 2.78
CA VAL B 1829 19.52 -22.57 2.07
C VAL B 1829 18.60 -23.02 0.94
N PRO B 1830 17.64 -23.94 1.14
CA PRO B 1830 16.64 -24.10 0.09
C PRO B 1830 15.56 -23.04 0.16
N GLY B 1831 15.29 -22.51 1.35
CA GLY B 1831 14.17 -21.61 1.53
C GLY B 1831 14.35 -20.25 0.86
N THR B 1832 15.55 -19.67 0.99
CA THR B 1832 15.75 -18.31 0.48
C THR B 1832 15.64 -18.25 -1.03
N LEU B 1833 16.00 -19.33 -1.72
CA LEU B 1833 15.82 -19.38 -3.16
C LEU B 1833 14.34 -19.38 -3.51
N LEU B 1834 13.55 -20.15 -2.75
CA LEU B 1834 12.11 -20.13 -2.92
C LEU B 1834 11.55 -18.75 -2.71
N ASN B 1835 12.01 -18.05 -1.69
CA ASN B 1835 11.46 -16.74 -1.39
C ASN B 1835 11.80 -15.74 -2.49
N ILE B 1836 13.05 -15.77 -2.99
CA ILE B 1836 13.45 -14.87 -4.08
C ILE B 1836 12.62 -15.14 -5.33
N ALA B 1837 12.53 -16.40 -5.72
CA ALA B 1837 11.87 -16.71 -6.99
C ALA B 1837 10.36 -16.55 -6.88
N LEU B 1838 9.79 -16.88 -5.73
CA LEU B 1838 8.35 -16.70 -5.55
C LEU B 1838 7.99 -15.23 -5.50
N LEU B 1839 8.85 -14.39 -4.95
CA LEU B 1839 8.57 -12.96 -5.01
C LEU B 1839 8.68 -12.45 -6.43
N ASN B 1840 9.65 -12.94 -7.19
CA ASN B 1840 9.82 -12.41 -8.54
C ASN B 1840 8.89 -13.06 -9.56
N LEU B 1841 8.20 -14.13 -9.20
CA LEU B 1841 7.38 -14.83 -10.18
C LEU B 1841 6.17 -13.99 -10.58
N GLY B 1842 5.68 -13.16 -9.69
CA GLY B 1842 4.57 -12.30 -10.00
C GLY B 1842 5.00 -10.89 -10.33
N SER B 1843 6.23 -10.73 -10.81
CA SER B 1843 6.73 -9.39 -11.07
C SER B 1843 6.12 -8.81 -12.33
N SER B 1844 6.61 -7.62 -12.71
CA SER B 1844 5.98 -6.87 -13.78
C SER B 1844 6.27 -7.49 -15.15
N ASP B 1845 7.55 -7.73 -15.47
CA ASP B 1845 7.83 -8.11 -16.85
C ASP B 1845 7.89 -9.62 -17.00
N PRO B 1846 7.52 -10.14 -18.17
CA PRO B 1846 7.50 -11.61 -18.35
C PRO B 1846 8.87 -12.26 -18.36
N SER B 1847 9.95 -11.50 -18.54
CA SER B 1847 11.28 -12.09 -18.53
C SER B 1847 11.62 -12.67 -17.17
N LEU B 1848 11.35 -11.89 -16.11
CA LEU B 1848 11.56 -12.38 -14.75
C LEU B 1848 10.67 -13.57 -14.44
N ARG B 1849 9.43 -13.54 -14.94
CA ARG B 1849 8.50 -14.65 -14.73
C ARG B 1849 9.02 -15.92 -15.38
N SER B 1850 9.50 -15.81 -16.62
CA SER B 1850 9.99 -16.96 -17.35
C SER B 1850 11.25 -17.53 -16.71
N ALA B 1851 12.11 -16.65 -16.20
CA ALA B 1851 13.29 -17.13 -15.47
C ALA B 1851 12.89 -17.82 -14.18
N ALA B 1852 11.95 -17.22 -13.43
CA ALA B 1852 11.63 -17.69 -12.10
C ALA B 1852 10.87 -19.00 -12.14
N TYR B 1853 10.03 -19.21 -13.17
CA TYR B 1853 9.32 -20.48 -13.26
C TYR B 1853 10.27 -21.64 -13.48
N ASN B 1854 11.25 -21.45 -14.37
CA ASN B 1854 12.26 -22.47 -14.59
C ASN B 1854 13.09 -22.70 -13.35
N LEU B 1855 13.41 -21.62 -12.63
CA LEU B 1855 14.19 -21.76 -11.41
C LEU B 1855 13.41 -22.54 -10.35
N LEU B 1856 12.11 -22.27 -10.22
CA LEU B 1856 11.28 -23.07 -9.33
C LEU B 1856 11.25 -24.52 -9.75
N CYS B 1857 11.12 -24.79 -11.04
CA CYS B 1857 11.08 -26.18 -11.47
C CYS B 1857 12.40 -26.87 -11.20
N ALA B 1858 13.50 -26.13 -11.29
CA ALA B 1858 14.80 -26.67 -10.92
C ALA B 1858 14.90 -26.99 -9.44
N LEU B 1859 14.38 -26.10 -8.58
CA LEU B 1859 14.36 -26.37 -7.15
C LEU B 1859 13.50 -27.59 -6.82
N THR B 1860 12.36 -27.72 -7.48
CA THR B 1860 11.51 -28.88 -7.25
C THR B 1860 12.20 -30.15 -7.71
N CYS B 1861 12.89 -30.10 -8.84
CA CYS B 1861 13.50 -31.30 -9.40
C CYS B 1861 14.70 -31.75 -8.59
N THR B 1862 15.58 -30.81 -8.23
CA THR B 1862 16.83 -31.18 -7.59
C THR B 1862 16.62 -31.63 -6.15
N PHE B 1863 15.84 -30.90 -5.39
CA PHE B 1863 15.68 -31.17 -3.96
C PHE B 1863 14.55 -32.14 -3.66
N ASN B 1864 13.87 -32.65 -4.69
CA ASN B 1864 12.92 -33.75 -4.57
C ASN B 1864 11.76 -33.43 -3.63
N LEU B 1865 10.97 -32.44 -4.00
CA LEU B 1865 9.79 -32.04 -3.24
C LEU B 1865 8.56 -32.60 -3.95
N LYS B 1866 7.59 -33.07 -3.18
CA LYS B 1866 6.47 -33.84 -3.75
C LYS B 1866 5.32 -32.92 -4.16
N ILE B 1867 5.54 -32.20 -5.26
CA ILE B 1867 4.53 -31.37 -5.89
C ILE B 1867 3.59 -32.19 -6.75
N GLU B 1868 4.07 -33.35 -7.22
CA GLU B 1868 3.39 -34.21 -8.20
C GLU B 1868 3.22 -33.48 -9.53
N GLY B 1869 4.31 -32.91 -10.03
CA GLY B 1869 4.43 -32.53 -11.42
C GLY B 1869 3.63 -31.34 -11.88
N GLN B 1870 3.48 -30.33 -11.03
CA GLN B 1870 2.78 -29.13 -11.50
C GLN B 1870 3.70 -28.27 -12.36
N LEU B 1871 5.01 -28.45 -12.26
CA LEU B 1871 5.96 -27.64 -13.00
C LEU B 1871 6.75 -28.49 -13.98
N LEU B 1872 6.91 -27.97 -15.19
CA LEU B 1872 7.81 -28.50 -16.21
C LEU B 1872 8.62 -27.35 -16.79
N GLU B 1873 9.88 -27.61 -17.11
CA GLU B 1873 10.79 -26.57 -17.59
C GLU B 1873 10.50 -26.22 -19.05
N THR B 1874 9.34 -25.62 -19.28
CA THR B 1874 8.97 -25.25 -20.62
C THR B 1874 9.42 -23.82 -20.95
N SER B 1875 10.14 -23.69 -22.06
CA SER B 1875 10.57 -22.40 -22.56
C SER B 1875 9.53 -21.87 -23.55
N GLY B 1876 9.43 -20.56 -23.62
CA GLY B 1876 8.39 -19.93 -24.40
C GLY B 1876 7.04 -19.87 -23.73
N LEU B 1877 6.96 -20.27 -22.46
CA LEU B 1877 5.70 -20.23 -21.72
C LEU B 1877 5.34 -18.79 -21.41
N CYS B 1878 4.11 -18.40 -21.77
CA CYS B 1878 3.61 -17.06 -21.54
C CYS B 1878 2.91 -17.02 -20.19
N ILE B 1879 3.42 -16.19 -19.29
CA ILE B 1879 2.88 -16.06 -17.94
C ILE B 1879 2.18 -14.72 -17.81
N PRO B 1880 0.90 -14.70 -17.47
CA PRO B 1880 0.22 -13.42 -17.23
C PRO B 1880 0.75 -12.77 -15.96
N ALA B 1881 0.53 -11.46 -15.87
CA ALA B 1881 0.89 -10.73 -14.65
C ALA B 1881 0.08 -11.20 -13.47
N ASN B 1882 -1.23 -11.41 -13.66
CA ASN B 1882 -2.10 -11.83 -12.58
C ASN B 1882 -2.06 -13.35 -12.44
N ASN B 1883 -1.01 -13.81 -11.75
CA ASN B 1883 -0.81 -15.24 -11.52
C ASN B 1883 -0.89 -15.61 -10.05
N THR B 1884 -1.55 -14.79 -9.25
CA THR B 1884 -1.37 -14.89 -7.80
C THR B 1884 -2.03 -16.13 -7.23
N LEU B 1885 -3.10 -16.62 -7.88
CA LEU B 1885 -3.73 -17.85 -7.42
C LEU B 1885 -2.81 -19.03 -7.62
N PHE B 1886 -2.06 -19.04 -8.72
CA PHE B 1886 -1.08 -20.08 -8.98
C PHE B 1886 0.01 -20.10 -7.92
N ILE B 1887 0.50 -18.91 -7.56
CA ILE B 1887 1.53 -18.79 -6.52
C ILE B 1887 1.00 -19.29 -5.20
N VAL B 1888 -0.25 -18.95 -4.90
CA VAL B 1888 -0.87 -19.38 -3.64
C VAL B 1888 -0.97 -20.90 -3.61
N SER B 1889 -1.38 -21.51 -4.73
CA SER B 1889 -1.51 -22.97 -4.78
C SER B 1889 -0.16 -23.65 -4.57
N ILE B 1890 0.89 -23.14 -5.22
CA ILE B 1890 2.20 -23.76 -5.07
C ILE B 1890 2.72 -23.61 -3.65
N SER B 1891 2.58 -22.40 -3.08
CA SER B 1891 3.05 -22.17 -1.72
C SER B 1891 2.29 -23.01 -0.72
N LYS B 1892 0.99 -23.19 -0.95
CA LYS B 1892 0.18 -24.06 -0.08
C LYS B 1892 0.63 -25.50 -0.19
N THR B 1893 0.95 -25.95 -1.40
CA THR B 1893 1.41 -27.32 -1.59
C THR B 1893 2.73 -27.56 -0.86
N LEU B 1894 3.64 -26.61 -0.95
CA LEU B 1894 4.93 -26.74 -0.26
C LEU B 1894 4.75 -26.68 1.25
N ALA B 1895 3.86 -25.82 1.72
CA ALA B 1895 3.63 -25.72 3.16
C ALA B 1895 2.97 -26.98 3.70
N ALA B 1896 2.09 -27.59 2.91
CA ALA B 1896 1.40 -28.79 3.38
C ALA B 1896 2.32 -30.00 3.36
N ASN B 1897 3.11 -30.16 2.29
CA ASN B 1897 3.80 -31.43 2.12
C ASN B 1897 5.07 -31.50 2.95
N GLU B 1898 6.06 -30.67 2.66
CA GLU B 1898 7.32 -30.72 3.40
C GLU B 1898 7.51 -29.44 4.19
N PRO B 1899 7.19 -29.43 5.48
CA PRO B 1899 7.20 -28.21 6.27
C PRO B 1899 8.50 -27.90 6.99
N HIS B 1900 9.62 -28.52 6.64
CA HIS B 1900 10.82 -28.31 7.43
C HIS B 1900 11.61 -27.10 6.97
N LEU B 1901 11.06 -26.30 6.06
CA LEU B 1901 11.72 -25.07 5.64
C LEU B 1901 11.10 -23.82 6.24
N THR B 1902 10.08 -23.96 7.10
CA THR B 1902 9.29 -22.82 7.53
C THR B 1902 10.13 -21.79 8.26
N LEU B 1903 10.99 -22.26 9.17
CA LEU B 1903 11.74 -21.36 10.02
C LEU B 1903 12.76 -20.58 9.21
N GLU B 1904 13.15 -21.11 8.05
CA GLU B 1904 13.91 -20.34 7.09
C GLU B 1904 12.99 -19.45 6.27
N PHE B 1905 11.98 -20.07 5.63
CA PHE B 1905 11.12 -19.43 4.63
C PHE B 1905 10.54 -18.14 5.16
N LEU B 1906 10.01 -18.18 6.37
CA LEU B 1906 9.42 -16.97 6.97
C LEU B 1906 10.49 -15.92 7.20
N GLU B 1907 11.68 -16.33 7.65
CA GLU B 1907 12.74 -15.38 7.95
C GLU B 1907 13.15 -14.61 6.70
N GLU B 1908 13.43 -15.33 5.62
CA GLU B 1908 13.83 -14.64 4.42
C GLU B 1908 12.66 -13.91 3.77
N CYS B 1909 11.43 -14.35 4.03
CA CYS B 1909 10.28 -13.63 3.48
C CYS B 1909 10.12 -12.28 4.16
N ILE B 1910 10.30 -12.24 5.48
CA ILE B 1910 10.29 -10.98 6.21
C ILE B 1910 11.42 -10.08 5.74
N SER B 1911 12.60 -10.65 5.53
CA SER B 1911 13.72 -9.83 5.06
C SER B 1911 13.42 -9.26 3.69
N GLY B 1912 12.85 -10.06 2.79
CA GLY B 1912 12.57 -9.58 1.45
C GLY B 1912 11.40 -8.62 1.39
N PHE B 1913 10.55 -8.65 2.42
CA PHE B 1913 9.38 -7.79 2.40
C PHE B 1913 9.74 -6.31 2.53
N SER B 1914 10.92 -6.01 3.09
CA SER B 1914 11.30 -4.62 3.30
C SER B 1914 11.53 -3.90 1.98
N LYS B 1915 12.14 -4.58 1.00
CA LYS B 1915 12.63 -3.91 -0.18
C LYS B 1915 11.67 -3.93 -1.36
N SER B 1916 10.66 -4.79 -1.37
CA SER B 1916 9.82 -4.91 -2.55
C SER B 1916 8.87 -3.72 -2.66
N SER B 1917 8.19 -3.63 -3.79
CA SER B 1917 7.21 -2.58 -3.99
C SER B 1917 5.87 -3.01 -3.43
N ILE B 1918 4.95 -2.04 -3.36
CA ILE B 1918 3.65 -2.23 -2.72
C ILE B 1918 2.86 -3.31 -3.42
N GLU B 1919 2.87 -3.28 -4.76
CA GLU B 1919 2.19 -4.29 -5.53
C GLU B 1919 2.80 -5.66 -5.27
N LEU B 1920 4.13 -5.69 -5.15
CA LEU B 1920 4.78 -6.93 -4.72
C LEU B 1920 4.48 -7.22 -3.26
N LYS B 1921 4.30 -6.18 -2.45
CA LYS B 1921 4.10 -6.40 -1.02
C LYS B 1921 2.80 -7.13 -0.74
N HIS B 1922 1.74 -6.81 -1.49
CA HIS B 1922 0.46 -7.47 -1.27
C HIS B 1922 0.54 -8.96 -1.55
N LEU B 1923 1.16 -9.32 -2.67
CA LEU B 1923 1.32 -10.73 -2.98
C LEU B 1923 2.30 -11.39 -2.02
N CYS B 1924 3.24 -10.62 -1.47
CA CYS B 1924 4.16 -11.17 -0.49
C CYS B 1924 3.42 -11.64 0.74
N LEU B 1925 2.51 -10.79 1.26
CA LEU B 1925 1.51 -11.23 2.24
C LEU B 1925 0.79 -12.49 1.76
N GLU B 1926 0.42 -12.47 0.49
CA GLU B 1926 -0.50 -13.47 -0.01
C GLU B 1926 0.13 -14.86 -0.03
N TYR B 1927 1.45 -14.97 -0.15
CA TYR B 1927 1.97 -16.34 -0.06
C TYR B 1927 2.62 -16.61 1.29
N MET B 1928 2.87 -15.58 2.12
CA MET B 1928 3.38 -15.99 3.43
C MET B 1928 2.25 -16.56 4.28
N THR B 1929 1.03 -16.08 4.06
CA THR B 1929 -0.07 -16.48 4.94
C THR B 1929 -0.42 -17.97 5.00
N PRO B 1930 -0.10 -18.84 4.03
CA PRO B 1930 -0.31 -20.27 4.33
C PRO B 1930 0.73 -20.88 5.23
N TRP B 1931 1.93 -20.31 5.27
CA TRP B 1931 3.05 -20.97 5.95
C TRP B 1931 2.96 -20.82 7.46
N LEU B 1932 2.18 -19.84 7.95
CA LEU B 1932 2.22 -19.50 9.37
C LEU B 1932 1.60 -20.58 10.23
N SER B 1933 0.82 -21.47 9.63
CA SER B 1933 0.14 -22.49 10.41
C SER B 1933 1.09 -23.56 10.91
N ASN B 1934 2.25 -23.69 10.27
CA ASN B 1934 3.18 -24.73 10.67
C ASN B 1934 4.08 -24.33 11.82
N LEU B 1935 3.94 -23.12 12.35
CA LEU B 1935 4.77 -22.70 13.48
C LEU B 1935 4.44 -23.47 14.74
N VAL B 1936 3.23 -24.03 14.83
CA VAL B 1936 2.88 -24.86 15.97
C VAL B 1936 3.71 -26.13 15.98
N ARG B 1937 4.13 -26.60 14.80
CA ARG B 1937 5.06 -27.72 14.73
C ARG B 1937 6.40 -27.35 15.34
N PHE B 1938 6.91 -26.15 15.03
CA PHE B 1938 8.23 -25.76 15.52
C PHE B 1938 8.20 -25.20 16.93
N CYS B 1939 7.03 -25.00 17.52
CA CYS B 1939 7.02 -24.77 18.95
C CYS B 1939 7.02 -26.09 19.70
N LYS B 1940 7.07 -25.99 21.02
CA LYS B 1940 7.02 -27.09 22.00
C LYS B 1940 7.97 -28.25 21.65
N HIS B 1941 9.18 -27.91 21.25
CA HIS B 1941 10.23 -28.89 21.04
C HIS B 1941 11.25 -28.83 22.16
N ASN B 1942 12.08 -29.88 22.23
CA ASN B 1942 13.14 -29.94 23.23
C ASN B 1942 14.18 -28.84 23.03
N ASP B 1943 14.59 -28.60 21.78
CA ASP B 1943 15.44 -27.45 21.50
C ASP B 1943 14.61 -26.19 21.56
N ASP B 1944 15.08 -25.23 22.35
CA ASP B 1944 14.40 -23.95 22.47
C ASP B 1944 15.07 -22.86 21.66
N ALA B 1945 16.19 -23.16 20.99
CA ALA B 1945 16.80 -22.19 20.09
C ALA B 1945 15.85 -21.85 18.95
N LYS B 1946 15.17 -22.86 18.41
CA LYS B 1946 14.11 -22.60 17.44
C LYS B 1946 12.98 -21.82 18.07
N ARG B 1947 12.74 -21.99 19.37
CA ARG B 1947 11.67 -21.25 20.03
C ARG B 1947 12.01 -19.77 20.13
N GLN B 1948 13.25 -19.46 20.49
CA GLN B 1948 13.67 -18.07 20.50
C GLN B 1948 13.66 -17.50 19.10
N ARG B 1949 13.96 -18.31 18.09
CA ARG B 1949 13.88 -17.80 16.73
C ARG B 1949 12.43 -17.52 16.33
N VAL B 1950 11.50 -18.36 16.79
CA VAL B 1950 10.08 -18.13 16.53
C VAL B 1950 9.62 -16.82 17.14
N THR B 1951 10.03 -16.58 18.38
CA THR B 1951 9.69 -15.31 19.03
C THR B 1951 10.35 -14.14 18.30
N ALA B 1952 11.55 -14.34 17.77
CA ALA B 1952 12.20 -13.29 16.98
C ALA B 1952 11.41 -13.00 15.71
N ILE B 1953 10.88 -14.04 15.06
CA ILE B 1953 10.04 -13.87 13.88
C ILE B 1953 8.81 -13.05 14.23
N LEU B 1954 8.15 -13.39 15.34
CA LEU B 1954 6.98 -12.64 15.76
C LEU B 1954 7.34 -11.19 16.06
N ASP B 1955 8.53 -10.97 16.60
CA ASP B 1955 9.02 -9.62 16.80
C ASP B 1955 9.20 -8.89 15.48
N LYS B 1956 9.65 -9.60 14.45
CA LYS B 1956 9.77 -8.99 13.13
C LYS B 1956 8.40 -8.62 12.56
N LEU B 1957 7.41 -9.50 12.73
CA LEU B 1957 6.06 -9.17 12.27
C LEU B 1957 5.52 -7.94 12.97
N ILE B 1958 5.71 -7.86 14.28
CA ILE B 1958 5.28 -6.69 15.04
C ILE B 1958 6.01 -5.45 14.54
N THR B 1959 7.30 -5.60 14.26
CA THR B 1959 8.10 -4.49 13.76
C THR B 1959 7.55 -3.99 12.43
N MET B 1960 7.18 -4.90 11.55
CA MET B 1960 6.68 -4.46 10.26
C MET B 1960 5.31 -3.83 10.38
N THR B 1961 4.48 -4.37 11.29
CA THR B 1961 3.16 -3.79 11.51
C THR B 1961 3.26 -2.37 12.02
N ILE B 1962 4.18 -2.12 12.96
CA ILE B 1962 4.27 -0.77 13.49
C ILE B 1962 4.99 0.15 12.52
N ASN B 1963 5.82 -0.41 11.64
CA ASN B 1963 6.60 0.44 10.75
C ASN B 1963 5.77 0.96 9.58
N GLU B 1964 4.85 0.16 9.07
CA GLU B 1964 4.15 0.48 7.82
C GLU B 1964 2.78 1.04 8.13
N LYS B 1965 2.33 2.02 7.33
CA LYS B 1965 1.04 2.64 7.55
C LYS B 1965 0.05 2.33 6.43
N GLN B 1966 0.51 2.25 5.18
CA GLN B 1966 -0.43 2.13 4.06
C GLN B 1966 -1.07 0.75 4.00
N MET B 1967 -0.28 -0.30 4.07
CA MET B 1967 -0.81 -1.66 4.00
C MET B 1967 -1.25 -2.17 5.36
N TYR B 1968 -1.50 -1.27 6.30
CA TYR B 1968 -1.83 -1.64 7.67
C TYR B 1968 -3.12 -2.48 7.76
N PRO B 1969 -4.24 -2.13 7.08
CA PRO B 1969 -5.41 -3.02 7.19
C PRO B 1969 -5.22 -4.38 6.55
N SER B 1970 -4.50 -4.43 5.43
CA SER B 1970 -4.24 -5.73 4.80
C SER B 1970 -3.39 -6.60 5.69
N ILE B 1971 -2.41 -6.00 6.37
CA ILE B 1971 -1.61 -6.72 7.35
C ILE B 1971 -2.49 -7.25 8.45
N GLN B 1972 -3.33 -6.37 9.02
CA GLN B 1972 -4.16 -6.72 10.16
C GLN B 1972 -5.11 -7.85 9.83
N ALA B 1973 -5.63 -7.87 8.60
CA ALA B 1973 -6.45 -9.00 8.21
C ALA B 1973 -5.59 -10.24 8.02
N LYS B 1974 -4.73 -10.22 7.00
CA LYS B 1974 -4.17 -11.46 6.48
C LYS B 1974 -3.21 -12.13 7.46
N ILE B 1975 -2.40 -11.36 8.16
CA ILE B 1975 -1.48 -11.99 9.10
C ILE B 1975 -2.21 -12.34 10.38
N TRP B 1976 -2.77 -11.31 11.01
CA TRP B 1976 -3.15 -11.45 12.40
C TRP B 1976 -4.42 -12.27 12.54
N GLY B 1977 -5.39 -12.07 11.64
CA GLY B 1977 -6.58 -12.89 11.68
C GLY B 1977 -6.30 -14.34 11.36
N SER B 1978 -5.23 -14.59 10.59
CA SER B 1978 -4.84 -15.97 10.37
C SER B 1978 -4.20 -16.57 11.61
N LEU B 1979 -3.37 -15.80 12.31
CA LEU B 1979 -2.80 -16.31 13.56
C LEU B 1979 -3.88 -16.52 14.61
N GLY B 1980 -4.94 -15.73 14.59
CA GLY B 1980 -6.01 -15.91 15.53
C GLY B 1980 -6.79 -17.19 15.30
N GLN B 1981 -6.64 -17.80 14.12
CA GLN B 1981 -7.35 -19.04 13.84
C GLN B 1981 -6.75 -20.20 14.64
N ILE B 1982 -5.43 -20.31 14.68
CA ILE B 1982 -4.78 -21.45 15.31
C ILE B 1982 -4.70 -21.21 16.81
N THR B 1983 -5.10 -22.21 17.59
CA THR B 1983 -5.28 -22.01 19.02
C THR B 1983 -3.95 -21.87 19.74
N ASP B 1984 -2.97 -22.69 19.36
CA ASP B 1984 -1.82 -22.92 20.23
C ASP B 1984 -0.86 -21.74 20.22
N LEU B 1985 -0.75 -21.05 19.09
CA LEU B 1985 0.23 -19.97 18.99
C LEU B 1985 -0.18 -18.76 19.82
N LEU B 1986 -1.49 -18.60 20.05
CA LEU B 1986 -2.11 -17.37 20.56
C LEU B 1986 -1.37 -16.77 21.74
N ASP B 1987 -1.17 -17.59 22.78
CA ASP B 1987 -0.50 -17.16 23.99
C ASP B 1987 0.90 -16.61 23.71
N VAL B 1988 1.74 -17.38 23.00
CA VAL B 1988 3.10 -16.92 22.77
C VAL B 1988 3.08 -15.81 21.74
N VAL B 1989 1.97 -15.65 21.03
CA VAL B 1989 1.76 -14.42 20.31
C VAL B 1989 1.51 -13.27 21.26
N LEU B 1990 0.43 -13.38 22.05
CA LEU B 1990 -0.06 -12.20 22.77
C LEU B 1990 0.89 -11.82 23.88
N ASP B 1991 1.55 -12.81 24.49
CA ASP B 1991 2.58 -12.54 25.47
C ASP B 1991 3.63 -11.61 24.91
N SER B 1992 4.05 -11.87 23.67
CA SER B 1992 5.02 -11.02 23.01
C SER B 1992 4.51 -9.59 22.92
N PHE B 1993 3.21 -9.43 22.61
CA PHE B 1993 2.60 -8.12 22.58
C PHE B 1993 2.79 -7.39 23.89
N ILE B 1994 2.66 -8.14 24.99
CA ILE B 1994 2.85 -7.57 26.32
C ILE B 1994 4.23 -6.96 26.43
N LYS B 1995 5.26 -7.73 26.05
CA LYS B 1995 6.60 -7.16 26.07
C LYS B 1995 6.70 -6.02 25.07
N THR B 1996 6.04 -6.17 23.92
CA THR B 1996 5.95 -5.08 22.97
C THR B 1996 5.28 -3.87 23.59
N SER B 1997 4.19 -4.09 24.33
CA SER B 1997 3.55 -2.97 24.99
C SER B 1997 4.36 -2.53 26.19
N ALA B 1998 5.14 -3.45 26.76
CA ALA B 1998 6.13 -3.01 27.75
C ALA B 1998 7.25 -2.26 27.08
N THR B 1999 7.53 -2.60 25.82
CA THR B 1999 8.54 -1.89 25.06
C THR B 1999 8.04 -0.48 24.75
N GLY B 2000 8.93 0.50 24.92
CA GLY B 2000 8.50 1.85 24.72
C GLY B 2000 7.66 2.31 25.90
N GLY B 2001 6.78 3.27 25.64
CA GLY B 2001 5.98 3.88 26.67
C GLY B 2001 4.51 3.86 26.32
N LEU B 2002 3.70 4.00 27.35
CA LEU B 2002 2.26 4.13 27.15
C LEU B 2002 1.92 5.48 26.56
N GLY B 2003 0.82 5.54 25.84
CA GLY B 2003 0.47 6.74 25.10
C GLY B 2003 1.43 7.03 23.97
N SER B 2004 1.98 5.99 23.35
CA SER B 2004 2.86 6.14 22.22
C SER B 2004 2.29 5.39 21.03
N ILE B 2005 3.01 5.46 19.91
CA ILE B 2005 2.52 4.87 18.67
C ILE B 2005 2.47 3.35 18.78
N LYS B 2006 3.49 2.75 19.39
CA LYS B 2006 3.55 1.31 19.52
C LYS B 2006 2.39 0.78 20.34
N ALA B 2007 2.10 1.44 21.47
CA ALA B 2007 1.03 1.00 22.35
C ALA B 2007 -0.32 1.09 21.66
N GLU B 2008 -0.57 2.19 20.96
CA GLU B 2008 -1.89 2.38 20.35
C GLU B 2008 -2.11 1.41 19.20
N VAL B 2009 -1.10 1.22 18.34
CA VAL B 2009 -1.30 0.30 17.22
C VAL B 2009 -1.38 -1.13 17.71
N MET B 2010 -0.76 -1.41 18.86
CA MET B 2010 -0.92 -2.73 19.44
C MET B 2010 -2.31 -2.91 19.99
N ALA B 2011 -2.89 -1.84 20.53
CA ALA B 2011 -4.27 -1.89 20.99
C ALA B 2011 -5.22 -2.17 19.84
N ASP B 2012 -4.97 -1.56 18.68
CA ASP B 2012 -5.83 -1.89 17.53
C ASP B 2012 -5.60 -3.30 17.03
N THR B 2013 -4.35 -3.76 17.01
CA THR B 2013 -4.07 -5.09 16.49
C THR B 2013 -4.64 -6.18 17.39
N ALA B 2014 -4.88 -5.84 18.66
CA ALA B 2014 -5.49 -6.80 19.57
C ALA B 2014 -6.86 -7.29 19.08
N VAL B 2015 -7.70 -6.38 18.57
CA VAL B 2015 -9.02 -6.80 18.14
C VAL B 2015 -8.96 -7.49 16.79
N ALA B 2016 -7.97 -7.14 15.97
CA ALA B 2016 -7.78 -7.85 14.70
C ALA B 2016 -7.40 -9.29 14.96
N LEU B 2017 -6.62 -9.52 16.01
CA LEU B 2017 -6.26 -10.88 16.37
C LEU B 2017 -7.49 -11.68 16.76
N ALA B 2018 -8.43 -11.06 17.46
CA ALA B 2018 -9.56 -11.79 18.00
C ALA B 2018 -10.75 -11.82 17.05
N SER B 2019 -10.68 -11.10 15.94
CA SER B 2019 -11.80 -11.08 15.00
C SER B 2019 -12.06 -12.47 14.42
N GLY B 2020 -10.99 -13.20 14.10
CA GLY B 2020 -11.18 -14.54 13.56
C GLY B 2020 -11.75 -15.51 14.58
N ASN B 2021 -11.28 -15.43 15.82
CA ASN B 2021 -11.75 -16.32 16.89
C ASN B 2021 -11.92 -15.49 18.14
N VAL B 2022 -13.13 -15.50 18.70
CA VAL B 2022 -13.49 -14.58 19.77
C VAL B 2022 -13.39 -15.22 21.16
N LYS B 2023 -14.02 -16.37 21.38
CA LYS B 2023 -14.16 -16.89 22.74
C LYS B 2023 -12.81 -17.24 23.36
N LEU B 2024 -11.91 -17.83 22.57
CA LEU B 2024 -10.64 -18.26 23.13
C LEU B 2024 -9.72 -17.09 23.41
N VAL B 2025 -9.67 -16.11 22.50
CA VAL B 2025 -8.81 -14.95 22.74
C VAL B 2025 -9.32 -14.13 23.91
N SER B 2026 -10.64 -13.92 23.99
CA SER B 2026 -11.21 -13.24 25.14
C SER B 2026 -10.94 -13.99 26.43
N SER B 2027 -11.01 -15.33 26.38
CA SER B 2027 -10.71 -16.15 27.54
C SER B 2027 -9.27 -15.95 28.01
N LYS B 2028 -8.33 -15.93 27.06
CA LYS B 2028 -6.93 -15.72 27.43
C LYS B 2028 -6.71 -14.36 28.05
N VAL B 2029 -7.32 -13.32 27.48
CA VAL B 2029 -7.09 -11.97 27.99
C VAL B 2029 -7.67 -11.81 29.39
N ILE B 2030 -8.90 -12.27 29.61
CA ILE B 2030 -9.48 -12.09 30.94
C ILE B 2030 -8.82 -13.02 31.94
N GLY B 2031 -8.33 -14.19 31.50
CA GLY B 2031 -7.61 -15.06 32.41
C GLY B 2031 -6.30 -14.44 32.87
N ARG B 2032 -5.59 -13.77 31.96
CA ARG B 2032 -4.36 -13.12 32.36
C ARG B 2032 -4.64 -11.91 33.25
N MET B 2033 -5.73 -11.18 32.99
CA MET B 2033 -6.11 -10.12 33.93
C MET B 2033 -6.38 -10.66 35.32
N CYS B 2034 -7.12 -11.77 35.41
CA CYS B 2034 -7.41 -12.37 36.71
C CYS B 2034 -6.14 -12.83 37.41
N LYS B 2035 -5.22 -13.42 36.66
CA LYS B 2035 -3.98 -13.92 37.28
C LYS B 2035 -3.08 -12.79 37.75
N ILE B 2036 -2.98 -11.72 36.96
CA ILE B 2036 -2.11 -10.62 37.38
C ILE B 2036 -2.73 -9.86 38.54
N ILE B 2037 -4.07 -9.82 38.61
CA ILE B 2037 -4.72 -9.31 39.82
C ILE B 2037 -4.40 -10.20 41.03
N ASP B 2038 -4.53 -11.52 40.86
CA ASP B 2038 -4.42 -12.43 42.00
C ASP B 2038 -3.01 -12.51 42.53
N LYS B 2039 -2.01 -12.39 41.65
CA LYS B 2039 -0.61 -12.56 42.07
C LYS B 2039 -0.09 -11.41 42.91
N THR B 2040 -0.84 -10.32 43.06
CA THR B 2040 -0.40 -9.24 43.92
C THR B 2040 -0.47 -9.60 45.40
N CYS B 2041 -1.14 -10.70 45.75
CA CYS B 2041 -1.24 -11.09 47.15
C CYS B 2041 0.09 -11.57 47.70
N LEU B 2042 0.89 -12.23 46.87
CA LEU B 2042 2.15 -12.80 47.36
C LEU B 2042 3.18 -11.73 47.66
N SER B 2043 3.07 -10.57 47.02
CA SER B 2043 3.91 -9.40 47.31
C SER B 2043 2.98 -8.23 47.56
N PRO B 2044 2.35 -8.15 48.73
CA PRO B 2044 1.35 -7.11 48.96
C PRO B 2044 1.95 -5.72 49.08
N THR B 2045 1.23 -4.74 48.57
CA THR B 2045 1.60 -3.33 48.64
C THR B 2045 0.37 -2.56 49.07
N PRO B 2046 0.55 -1.36 49.63
CA PRO B 2046 -0.63 -0.54 49.99
C PRO B 2046 -1.52 -0.18 48.82
N THR B 2047 -0.95 0.15 47.66
CA THR B 2047 -1.72 0.57 46.50
C THR B 2047 -1.23 -0.17 45.26
N LEU B 2048 -2.11 -0.27 44.27
CA LEU B 2048 -1.79 -1.01 43.05
C LEU B 2048 -0.80 -0.25 42.19
N GLU B 2049 -0.78 1.08 42.30
CA GLU B 2049 0.05 1.89 41.41
C GLU B 2049 1.54 1.67 41.70
N GLN B 2050 1.89 1.46 42.97
CA GLN B 2050 3.29 1.22 43.30
C GLN B 2050 3.65 -0.25 43.22
N HIS B 2051 2.70 -1.11 42.89
CA HIS B 2051 2.99 -2.53 42.73
C HIS B 2051 3.81 -2.76 41.46
N LEU B 2052 4.56 -3.86 41.44
CA LEU B 2052 5.45 -4.13 40.32
C LEU B 2052 4.70 -4.55 39.07
N MET B 2053 3.67 -5.39 39.20
CA MET B 2053 2.86 -5.82 38.07
C MET B 2053 1.73 -4.87 37.76
N TRP B 2054 1.92 -3.58 38.06
CA TRP B 2054 0.94 -2.56 37.70
C TRP B 2054 0.79 -2.40 36.20
N ASP B 2055 1.90 -2.44 35.45
CA ASP B 2055 1.84 -2.16 34.02
C ASP B 2055 1.03 -3.20 33.28
N ASP B 2056 1.16 -4.47 33.67
CA ASP B 2056 0.32 -5.51 33.09
C ASP B 2056 -1.15 -5.29 33.43
N ILE B 2057 -1.42 -4.67 34.57
CA ILE B 2057 -2.79 -4.24 34.86
C ILE B 2057 -3.19 -3.12 33.91
N ALA B 2058 -2.28 -2.18 33.67
CA ALA B 2058 -2.61 -1.06 32.79
C ALA B 2058 -2.78 -1.50 31.34
N ILE B 2059 -1.79 -2.23 30.83
CA ILE B 2059 -1.72 -2.54 29.40
C ILE B 2059 -2.91 -3.38 28.97
N LEU B 2060 -3.16 -4.49 29.69
CA LEU B 2060 -4.31 -5.33 29.38
C LEU B 2060 -5.62 -4.58 29.54
N ALA B 2061 -5.66 -3.53 30.38
CA ALA B 2061 -6.87 -2.72 30.48
C ALA B 2061 -7.20 -2.08 29.15
N ARG B 2062 -6.18 -1.55 28.46
CA ARG B 2062 -6.38 -1.02 27.12
C ARG B 2062 -6.92 -2.10 26.19
N TYR B 2063 -6.43 -3.33 26.37
CA TYR B 2063 -6.86 -4.42 25.52
C TYR B 2063 -8.33 -4.72 25.73
N MET B 2064 -8.84 -4.49 26.94
CA MET B 2064 -10.25 -4.76 27.16
C MET B 2064 -11.10 -3.64 26.59
N LEU B 2065 -10.52 -2.45 26.40
CA LEU B 2065 -11.32 -1.35 25.86
C LEU B 2065 -11.57 -1.55 24.38
N MET B 2066 -10.53 -1.91 23.63
CA MET B 2066 -10.66 -2.12 22.19
C MET B 2066 -11.40 -3.40 21.85
N LEU B 2067 -11.60 -4.29 22.82
CA LEU B 2067 -12.17 -5.60 22.54
C LEU B 2067 -13.57 -5.73 23.11
N SER B 2068 -14.31 -4.65 23.21
CA SER B 2068 -15.62 -4.72 23.83
C SER B 2068 -16.72 -4.10 22.99
N PHE B 2069 -16.47 -3.90 21.70
CA PHE B 2069 -17.44 -3.17 20.90
C PHE B 2069 -18.64 -4.03 20.54
N ASN B 2070 -18.41 -5.14 19.86
CA ASN B 2070 -19.49 -6.04 19.51
C ASN B 2070 -19.09 -7.44 19.95
N ASN B 2071 -19.27 -7.71 21.25
CA ASN B 2071 -19.00 -8.99 21.88
C ASN B 2071 -17.59 -9.50 21.64
N SER B 2072 -16.64 -8.62 21.36
CA SER B 2072 -15.27 -9.06 21.13
C SER B 2072 -14.65 -9.60 22.40
N LEU B 2073 -14.98 -9.02 23.55
CA LEU B 2073 -14.99 -9.75 24.80
C LEU B 2073 -16.36 -10.41 24.89
N ASP B 2074 -16.36 -11.74 24.92
CA ASP B 2074 -17.63 -12.47 24.91
C ASP B 2074 -18.41 -12.22 26.19
N VAL B 2075 -19.52 -11.51 26.06
CA VAL B 2075 -20.31 -11.11 27.23
C VAL B 2075 -21.28 -12.18 27.64
N ALA B 2076 -21.64 -13.10 26.74
CA ALA B 2076 -22.65 -14.11 27.07
C ALA B 2076 -22.13 -15.12 28.08
N ALA B 2077 -20.81 -15.25 28.22
CA ALA B 2077 -20.25 -16.23 29.13
C ALA B 2077 -19.17 -15.67 30.05
N HIS B 2078 -18.66 -14.47 29.79
CA HIS B 2078 -17.61 -13.90 30.61
C HIS B 2078 -18.04 -12.58 31.24
N LEU B 2079 -19.25 -12.51 31.75
CA LEU B 2079 -19.64 -11.29 32.44
C LEU B 2079 -19.19 -11.20 33.91
N PRO B 2080 -19.25 -12.26 34.74
CA PRO B 2080 -18.81 -12.08 36.14
C PRO B 2080 -17.36 -11.64 36.29
N TYR B 2081 -16.44 -12.25 35.56
CA TYR B 2081 -15.03 -11.85 35.63
C TYR B 2081 -14.87 -10.41 35.13
N LEU B 2082 -15.64 -10.07 34.10
CA LEU B 2082 -15.52 -8.75 33.50
C LEU B 2082 -16.04 -7.66 34.42
N PHE B 2083 -17.10 -7.94 35.17
CA PHE B 2083 -17.53 -7.00 36.21
C PHE B 2083 -16.53 -6.92 37.34
N HIS B 2084 -15.93 -8.07 37.68
CA HIS B 2084 -15.03 -8.14 38.82
C HIS B 2084 -13.79 -7.29 38.60
N VAL B 2085 -13.27 -7.31 37.37
CA VAL B 2085 -12.13 -6.45 37.03
C VAL B 2085 -12.50 -4.98 37.17
N VAL B 2086 -13.72 -4.61 36.74
CA VAL B 2086 -14.17 -3.23 36.84
C VAL B 2086 -14.27 -2.80 38.29
N THR B 2087 -14.78 -3.69 39.14
CA THR B 2087 -14.88 -3.38 40.56
C THR B 2087 -13.51 -3.18 41.18
N PHE B 2088 -12.54 -3.97 40.75
CA PHE B 2088 -11.20 -3.80 41.31
C PHE B 2088 -10.43 -2.67 40.64
N LEU B 2089 -10.98 -2.04 39.60
CA LEU B 2089 -10.29 -0.97 38.91
C LEU B 2089 -11.17 0.25 38.68
N VAL B 2090 -11.90 0.72 39.70
CA VAL B 2090 -12.91 1.75 39.46
C VAL B 2090 -12.25 3.10 39.17
N ALA B 2091 -11.48 3.64 40.11
CA ALA B 2091 -10.93 4.98 39.96
C ALA B 2091 -9.45 4.98 40.33
N THR B 2092 -8.73 3.97 39.85
CA THR B 2092 -7.32 3.80 40.17
C THR B 2092 -6.49 4.13 38.93
N GLY B 2093 -5.49 4.97 39.11
CA GLY B 2093 -4.58 5.31 38.04
C GLY B 2093 -4.83 6.70 37.50
N PRO B 2094 -4.20 7.02 36.37
CA PRO B 2094 -4.37 8.36 35.80
C PRO B 2094 -5.72 8.56 35.13
N LEU B 2095 -5.89 9.70 34.46
CA LEU B 2095 -7.16 10.04 33.86
C LEU B 2095 -7.51 9.08 32.73
N SER B 2096 -6.49 8.66 31.97
CA SER B 2096 -6.74 7.82 30.80
C SER B 2096 -7.32 6.48 31.19
N LEU B 2097 -6.79 5.86 32.24
CA LEU B 2097 -7.27 4.53 32.62
C LEU B 2097 -8.66 4.60 33.23
N ARG B 2098 -8.95 5.66 33.99
CA ARG B 2098 -10.29 5.81 34.55
C ARG B 2098 -11.32 6.06 33.45
N ALA B 2099 -10.99 6.90 32.48
CA ALA B 2099 -11.87 7.12 31.35
C ALA B 2099 -12.04 5.85 30.54
N SER B 2100 -10.97 5.06 30.41
CA SER B 2100 -11.06 3.79 29.71
C SER B 2100 -11.96 2.82 30.45
N THR B 2101 -11.92 2.84 31.78
CA THR B 2101 -12.82 2.00 32.56
C THR B 2101 -14.26 2.41 32.34
N HIS B 2102 -14.53 3.71 32.29
CA HIS B 2102 -15.89 4.16 32.04
C HIS B 2102 -16.37 3.73 30.66
N GLY B 2103 -15.52 3.90 29.65
CA GLY B 2103 -15.87 3.44 28.32
C GLY B 2103 -16.08 1.95 28.26
N LEU B 2104 -15.32 1.20 29.06
CA LEU B 2104 -15.51 -0.23 29.15
C LEU B 2104 -16.87 -0.58 29.69
N VAL B 2105 -17.31 0.12 30.74
CA VAL B 2105 -18.63 -0.16 31.31
C VAL B 2105 -19.73 0.15 30.31
N ILE B 2106 -19.61 1.30 29.63
CA ILE B 2106 -20.62 1.70 28.65
C ILE B 2106 -20.69 0.70 27.50
N ASN B 2107 -19.53 0.28 26.99
CA ASN B 2107 -19.53 -0.68 25.88
C ASN B 2107 -20.05 -2.04 26.32
N ILE B 2108 -19.81 -2.41 27.58
CA ILE B 2108 -20.32 -3.67 28.08
C ILE B 2108 -21.83 -3.68 28.06
N ILE B 2109 -22.44 -2.61 28.58
CA ILE B 2109 -23.91 -2.55 28.59
C ILE B 2109 -24.45 -2.43 27.17
N HIS B 2110 -23.77 -1.67 26.33
CA HIS B 2110 -24.19 -1.46 24.94
C HIS B 2110 -24.22 -2.78 24.17
N SER B 2111 -23.15 -3.57 24.30
CA SER B 2111 -23.14 -4.86 23.64
C SER B 2111 -24.05 -5.84 24.34
N LEU B 2112 -24.36 -5.60 25.61
CA LEU B 2112 -25.28 -6.48 26.31
C LEU B 2112 -26.70 -6.34 25.79
N CYS B 2113 -27.10 -5.14 25.39
CA CYS B 2113 -28.46 -5.03 24.85
C CYS B 2113 -28.53 -5.27 23.35
N THR B 2114 -27.51 -4.88 22.59
CA THR B 2114 -27.56 -4.99 21.13
C THR B 2114 -26.87 -6.25 20.62
N CYS B 2115 -27.38 -7.41 21.00
CA CYS B 2115 -26.90 -8.65 20.41
C CYS B 2115 -28.04 -9.66 20.41
N SER B 2116 -28.12 -10.42 19.32
CA SER B 2116 -29.21 -11.38 19.13
C SER B 2116 -28.89 -12.73 19.77
N GLN B 2117 -27.69 -12.90 20.30
CA GLN B 2117 -27.31 -14.18 20.88
C GLN B 2117 -28.07 -14.45 22.17
N LEU B 2118 -28.22 -13.43 23.00
CA LEU B 2118 -28.82 -13.63 24.31
C LEU B 2118 -30.33 -13.75 24.24
N HIS B 2119 -30.95 -13.15 23.21
CA HIS B 2119 -32.40 -13.08 23.00
C HIS B 2119 -33.17 -12.76 24.28
N PHE B 2120 -32.91 -11.58 24.82
CA PHE B 2120 -33.55 -11.11 26.04
C PHE B 2120 -35.01 -10.76 25.79
N SER B 2121 -35.74 -10.52 26.88
CA SER B 2121 -37.10 -10.02 26.81
C SER B 2121 -37.10 -8.51 26.56
N GLU B 2122 -38.29 -7.99 26.26
CA GLU B 2122 -38.41 -6.57 25.92
C GLU B 2122 -38.25 -5.68 27.15
N GLU B 2123 -38.89 -6.05 28.26
CA GLU B 2123 -38.80 -5.25 29.47
C GLU B 2123 -37.37 -5.23 30.01
N THR B 2124 -36.67 -6.36 29.89
CA THR B 2124 -35.26 -6.40 30.24
C THR B 2124 -34.46 -5.44 29.37
N LYS B 2125 -34.77 -5.37 28.08
CA LYS B 2125 -34.10 -4.39 27.23
C LYS B 2125 -34.44 -2.97 27.64
N GLN B 2126 -35.66 -2.76 28.14
CA GLN B 2126 -36.04 -1.44 28.62
C GLN B 2126 -35.21 -1.03 29.83
N VAL B 2127 -35.04 -1.94 30.79
CA VAL B 2127 -34.31 -1.55 32.00
C VAL B 2127 -32.82 -1.41 31.70
N LEU B 2128 -32.28 -2.22 30.77
CA LEU B 2128 -30.90 -2.01 30.36
C LEU B 2128 -30.73 -0.68 29.64
N ARG B 2129 -31.71 -0.30 28.81
CA ARG B 2129 -31.65 0.99 28.13
C ARG B 2129 -31.69 2.13 29.14
N LEU B 2130 -32.49 1.98 30.20
CA LEU B 2130 -32.51 2.97 31.27
C LEU B 2130 -31.17 3.03 31.99
N SER B 2131 -30.55 1.87 32.22
CA SER B 2131 -29.28 1.82 32.92
C SER B 2131 -28.18 2.50 32.12
N LEU B 2132 -28.20 2.33 30.80
CA LEU B 2132 -27.20 3.00 29.96
C LEU B 2132 -27.33 4.51 30.08
N THR B 2133 -28.56 5.01 30.08
CA THR B 2133 -28.78 6.44 30.25
C THR B 2133 -28.32 6.92 31.61
N GLU B 2134 -28.53 6.13 32.66
CA GLU B 2134 -28.15 6.61 33.98
C GLU B 2134 -26.64 6.55 34.17
N PHE B 2135 -25.95 5.62 33.51
CA PHE B 2135 -24.49 5.67 33.52
C PHE B 2135 -23.96 6.82 32.68
N SER B 2136 -24.75 7.30 31.72
CA SER B 2136 -24.29 8.47 30.97
C SER B 2136 -24.32 9.76 31.78
N LEU B 2137 -24.92 9.73 32.97
CA LEU B 2137 -25.12 10.95 33.74
C LEU B 2137 -23.81 11.46 34.34
N PRO B 2138 -23.69 12.77 34.60
CA PRO B 2138 -22.48 13.28 35.25
C PRO B 2138 -22.29 12.81 36.67
N LYS B 2139 -23.37 12.39 37.34
CA LYS B 2139 -23.24 11.84 38.68
C LYS B 2139 -22.39 10.58 38.66
N PHE B 2140 -22.58 9.73 37.65
CA PHE B 2140 -21.73 8.56 37.54
C PHE B 2140 -20.34 8.90 37.02
N TYR B 2141 -20.16 10.04 36.34
CA TYR B 2141 -18.79 10.52 36.11
C TYR B 2141 -18.08 10.78 37.42
N LEU B 2142 -18.74 11.48 38.34
CA LEU B 2142 -18.11 11.78 39.62
C LEU B 2142 -17.94 10.52 40.46
N LEU B 2143 -18.84 9.55 40.30
CA LEU B 2143 -18.63 8.25 40.95
C LEU B 2143 -17.40 7.54 40.38
N PHE B 2144 -17.20 7.61 39.07
CA PHE B 2144 -16.08 6.93 38.45
C PHE B 2144 -14.77 7.70 38.57
N GLY B 2145 -14.78 8.86 39.24
CA GLY B 2145 -13.57 9.62 39.46
C GLY B 2145 -13.23 10.58 38.35
N ILE B 2146 -13.96 10.55 37.23
CA ILE B 2146 -13.73 11.49 36.15
C ILE B 2146 -14.59 12.74 36.39
N SER B 2147 -13.92 13.85 36.65
CA SER B 2147 -14.58 15.12 36.82
C SER B 2147 -14.03 16.08 35.78
N LYS B 2148 -14.80 17.14 35.51
CA LYS B 2148 -14.45 18.27 34.65
C LYS B 2148 -14.34 17.87 33.17
N VAL B 2149 -14.43 16.59 32.85
CA VAL B 2149 -14.26 16.11 31.49
C VAL B 2149 -15.63 15.93 30.88
N LYS B 2150 -15.85 16.59 29.73
CA LYS B 2150 -17.16 16.54 29.10
C LYS B 2150 -17.43 15.18 28.46
N SER B 2151 -16.45 14.64 27.75
CA SER B 2151 -16.63 13.39 27.01
C SER B 2151 -15.52 12.42 27.41
N ALA B 2152 -15.91 11.27 27.95
CA ALA B 2152 -14.94 10.25 28.32
C ALA B 2152 -14.28 9.65 27.09
N ALA B 2153 -15.03 9.52 25.99
CA ALA B 2153 -14.50 8.91 24.78
C ALA B 2153 -13.40 9.76 24.17
N VAL B 2154 -13.49 11.07 24.32
CA VAL B 2154 -12.48 11.96 23.76
C VAL B 2154 -11.15 11.77 24.46
N ILE B 2155 -11.14 11.81 25.80
CA ILE B 2155 -9.88 11.69 26.53
C ILE B 2155 -9.46 10.24 26.73
N ALA B 2156 -10.29 9.28 26.33
CA ALA B 2156 -9.84 7.89 26.31
C ALA B 2156 -8.74 7.69 25.29
N PHE B 2157 -8.72 8.51 24.23
CA PHE B 2157 -7.75 8.41 23.15
C PHE B 2157 -6.90 9.68 23.02
N ARG B 2158 -6.77 10.45 24.10
CA ARG B 2158 -6.29 11.83 23.96
C ARG B 2158 -4.79 11.89 23.69
N SER B 2159 -4.04 10.87 24.11
CA SER B 2159 -2.61 10.86 23.82
C SER B 2159 -2.36 10.69 22.33
N SER B 2160 -3.29 10.02 21.64
CA SER B 2160 -3.21 9.93 20.19
C SER B 2160 -3.44 11.29 19.53
N TYR B 2161 -4.44 12.03 20.02
CA TYR B 2161 -4.79 13.32 19.42
C TYR B 2161 -5.18 14.33 20.49
N GLU B 2172 -4.91 11.18 40.11
CA GLU B 2172 -4.58 10.49 41.33
C GLU B 2172 -4.81 11.37 42.55
N ARG B 2173 -5.05 12.66 42.30
CA ARG B 2173 -5.16 13.63 43.38
C ARG B 2173 -6.44 13.41 44.20
N GLU B 2174 -7.54 13.08 43.53
CA GLU B 2174 -8.80 12.87 44.22
C GLU B 2174 -8.77 11.55 44.98
N THR B 2175 -9.21 11.60 46.24
CA THR B 2175 -9.30 10.39 47.05
C THR B 2175 -10.49 9.55 46.61
N PHE B 2176 -10.49 8.29 47.01
CA PHE B 2176 -11.57 7.37 46.68
C PHE B 2176 -12.34 6.98 47.93
N ALA B 2177 -13.66 7.01 47.82
CA ALA B 2177 -14.55 6.71 48.93
C ALA B 2177 -15.37 5.47 48.58
N LEU B 2178 -15.58 4.62 49.59
CA LEU B 2178 -16.14 3.30 49.31
C LEU B 2178 -17.64 3.36 49.07
N THR B 2179 -18.30 4.45 49.45
CA THR B 2179 -19.73 4.58 49.20
C THR B 2179 -20.02 4.71 47.72
N SER B 2180 -19.13 5.38 46.97
CA SER B 2180 -19.23 5.41 45.53
C SER B 2180 -19.13 4.00 44.95
N LEU B 2181 -18.25 3.18 45.51
CA LEU B 2181 -18.14 1.81 45.07
C LEU B 2181 -19.42 1.04 45.38
N GLU B 2182 -20.07 1.36 46.52
CA GLU B 2182 -21.34 0.73 46.83
C GLU B 2182 -22.39 1.07 45.78
N THR B 2183 -22.48 2.33 45.39
CA THR B 2183 -23.46 2.74 44.38
C THR B 2183 -23.20 2.06 43.05
N VAL B 2184 -21.93 2.02 42.64
CA VAL B 2184 -21.57 1.42 41.36
C VAL B 2184 -21.88 -0.07 41.36
N THR B 2185 -21.51 -0.76 42.45
CA THR B 2185 -21.76 -2.19 42.53
C THR B 2185 -23.24 -2.51 42.59
N GLU B 2186 -24.04 -1.64 43.23
CA GLU B 2186 -25.47 -1.88 43.26
C GLU B 2186 -26.09 -1.69 41.87
N ALA B 2187 -25.60 -0.71 41.11
CA ALA B 2187 -26.09 -0.53 39.74
C ALA B 2187 -25.75 -1.74 38.88
N LEU B 2188 -24.52 -2.22 38.99
CA LEU B 2188 -24.12 -3.39 38.20
C LEU B 2188 -24.87 -4.64 38.63
N LEU B 2189 -25.15 -4.77 39.93
CA LEU B 2189 -25.95 -5.89 40.42
C LEU B 2189 -27.37 -5.82 39.87
N GLU B 2190 -27.92 -4.61 39.79
CA GLU B 2190 -29.26 -4.44 39.21
C GLU B 2190 -29.29 -4.90 37.76
N ILE B 2191 -28.29 -4.48 36.98
CA ILE B 2191 -28.20 -4.86 35.57
C ILE B 2191 -28.08 -6.37 35.44
N MET B 2192 -27.20 -6.96 36.25
CA MET B 2192 -26.93 -8.38 36.17
C MET B 2192 -28.15 -9.19 36.59
N GLU B 2193 -28.87 -8.72 37.61
CA GLU B 2193 -30.09 -9.40 38.03
C GLU B 2193 -31.16 -9.34 36.96
N ALA B 2194 -31.32 -8.16 36.34
CA ALA B 2194 -32.33 -7.99 35.30
C ALA B 2194 -32.05 -8.91 34.12
N CYS B 2195 -30.78 -9.08 33.77
CA CYS B 2195 -30.50 -9.95 32.63
C CYS B 2195 -30.54 -11.42 33.02
N MET B 2196 -30.27 -11.76 34.28
CA MET B 2196 -30.29 -13.18 34.62
C MET B 2196 -31.70 -13.67 34.92
N ARG B 2197 -32.66 -12.75 35.04
CA ARG B 2197 -34.04 -13.19 35.32
C ARG B 2197 -34.58 -14.07 34.20
N ASP B 2198 -34.41 -13.68 32.94
CA ASP B 2198 -34.96 -14.47 31.86
C ASP B 2198 -34.05 -15.64 31.50
N ILE B 2199 -32.76 -15.51 31.75
CA ILE B 2199 -31.82 -16.59 31.40
C ILE B 2199 -31.99 -17.73 32.39
N PRO B 2200 -32.25 -18.96 31.94
CA PRO B 2200 -32.36 -20.08 32.87
C PRO B 2200 -30.98 -20.54 33.31
N THR B 2201 -30.85 -20.81 34.61
CA THR B 2201 -29.66 -21.35 35.32
C THR B 2201 -28.34 -20.81 34.78
N CYS B 2202 -28.22 -19.48 34.81
CA CYS B 2202 -27.01 -18.83 34.29
C CYS B 2202 -25.81 -19.10 35.19
N LYS B 2203 -26.04 -19.17 36.50
CA LYS B 2203 -25.05 -19.38 37.56
C LYS B 2203 -24.03 -18.26 37.63
N TRP B 2204 -24.32 -17.08 37.08
CA TRP B 2204 -23.35 -15.99 37.09
C TRP B 2204 -23.12 -15.47 38.49
N LEU B 2205 -24.20 -15.37 39.27
CA LEU B 2205 -24.12 -14.77 40.60
C LEU B 2205 -23.29 -15.63 41.53
N ASP B 2206 -23.36 -16.95 41.38
CA ASP B 2206 -22.53 -17.85 42.17
C ASP B 2206 -21.06 -17.63 41.88
N GLN B 2207 -20.71 -17.46 40.60
CA GLN B 2207 -19.34 -17.20 40.23
C GLN B 2207 -18.85 -15.87 40.80
N TRP B 2208 -19.70 -14.84 40.75
CA TRP B 2208 -19.27 -13.55 41.27
C TRP B 2208 -19.13 -13.58 42.78
N THR B 2209 -20.02 -14.30 43.47
CA THR B 2209 -19.89 -14.41 44.93
C THR B 2209 -18.64 -15.19 45.32
N GLU B 2210 -18.29 -16.23 44.57
CA GLU B 2210 -17.06 -16.95 44.86
C GLU B 2210 -15.83 -16.08 44.63
N LEU B 2211 -15.85 -15.32 43.53
CA LEU B 2211 -14.75 -14.43 43.22
C LEU B 2211 -14.62 -13.32 44.24
N ALA B 2212 -15.74 -12.94 44.86
CA ALA B 2212 -15.69 -11.98 45.96
C ALA B 2212 -15.17 -12.62 47.24
N GLN B 2213 -15.60 -13.85 47.52
CA GLN B 2213 -15.24 -14.50 48.77
C GLN B 2213 -13.75 -14.76 48.86
N ARG B 2214 -13.14 -15.18 47.76
CA ARG B 2214 -11.73 -15.54 47.81
C ARG B 2214 -10.85 -14.32 48.05
N PHE B 2215 -11.25 -13.18 47.49
CA PHE B 2215 -10.46 -11.97 47.69
C PHE B 2215 -10.77 -11.28 49.00
N ALA B 2216 -11.97 -11.49 49.54
CA ALA B 2216 -12.37 -10.74 50.72
C ALA B 2216 -11.70 -11.27 51.99
N PHE B 2217 -11.49 -12.57 52.08
CA PHE B 2217 -11.10 -13.18 53.34
C PHE B 2217 -9.61 -13.51 53.42
N GLN B 2218 -8.81 -13.01 52.50
CA GLN B 2218 -7.37 -13.20 52.57
C GLN B 2218 -6.67 -11.85 52.55
N TYR B 2219 -5.46 -11.82 53.09
CA TYR B 2219 -4.78 -10.57 53.37
C TYR B 2219 -4.19 -9.99 52.09
N ASN B 2220 -4.72 -8.83 51.67
CA ASN B 2220 -4.11 -8.05 50.61
C ASN B 2220 -4.56 -6.60 50.76
N PRO B 2221 -3.69 -5.71 51.24
CA PRO B 2221 -4.12 -4.33 51.57
C PRO B 2221 -4.65 -3.53 50.40
N SER B 2222 -4.18 -3.80 49.17
CA SER B 2222 -4.64 -3.00 48.04
C SER B 2222 -6.05 -3.40 47.60
N LEU B 2223 -6.44 -4.65 47.83
CA LEU B 2223 -7.69 -5.16 47.27
C LEU B 2223 -8.72 -5.60 48.29
N GLN B 2224 -8.31 -6.04 49.48
CA GLN B 2224 -9.28 -6.54 50.46
C GLN B 2224 -10.35 -5.54 50.89
N PRO B 2225 -10.07 -4.24 51.08
CA PRO B 2225 -11.18 -3.31 51.35
C PRO B 2225 -12.26 -3.29 50.27
N ARG B 2226 -11.87 -3.35 49.00
CA ARG B 2226 -12.87 -3.35 47.94
C ARG B 2226 -13.61 -4.68 47.87
N ALA B 2227 -12.90 -5.78 48.07
CA ALA B 2227 -13.51 -7.10 47.99
C ALA B 2227 -14.51 -7.30 49.12
N LEU B 2228 -14.23 -6.73 50.29
CA LEU B 2228 -15.18 -6.84 51.39
C LEU B 2228 -16.49 -6.14 51.05
N VAL B 2229 -16.41 -4.93 50.48
CA VAL B 2229 -17.61 -4.18 50.14
C VAL B 2229 -18.39 -4.91 49.05
N VAL B 2230 -17.68 -5.45 48.05
CA VAL B 2230 -18.34 -6.16 46.96
C VAL B 2230 -19.04 -7.41 47.49
N PHE B 2231 -18.37 -8.18 48.36
CA PHE B 2231 -19.00 -9.35 48.95
C PHE B 2231 -20.19 -8.96 49.81
N GLY B 2232 -20.13 -7.79 50.45
CA GLY B 2232 -21.28 -7.32 51.19
C GLY B 2232 -22.46 -7.00 50.30
N CYS B 2233 -22.21 -6.31 49.20
CA CYS B 2233 -23.31 -5.85 48.36
C CYS B 2233 -23.93 -6.98 47.56
N ILE B 2234 -23.12 -7.95 47.14
CA ILE B 2234 -23.58 -8.92 46.15
C ILE B 2234 -24.25 -10.11 46.81
N SER B 2235 -23.72 -10.57 47.95
CA SER B 2235 -24.11 -11.87 48.49
C SER B 2235 -25.56 -11.90 48.93
N LYS B 2236 -26.15 -13.10 48.84
CA LYS B 2236 -27.53 -13.30 49.22
C LYS B 2236 -27.69 -14.25 50.41
N ARG B 2237 -26.59 -14.71 50.99
CA ARG B 2237 -26.64 -15.57 52.16
C ARG B 2237 -25.39 -15.32 52.99
N VAL B 2238 -25.48 -15.61 54.28
CA VAL B 2238 -24.37 -15.42 55.19
C VAL B 2238 -24.50 -16.41 56.33
N SER B 2239 -23.36 -16.79 56.89
CA SER B 2239 -23.30 -17.73 58.01
C SER B 2239 -22.54 -17.10 59.17
N HIS B 2240 -22.58 -17.80 60.31
CA HIS B 2240 -21.94 -17.29 61.51
C HIS B 2240 -20.44 -17.22 61.35
N GLY B 2241 -19.84 -18.22 60.69
CA GLY B 2241 -18.40 -18.24 60.53
C GLY B 2241 -17.88 -17.08 59.71
N GLN B 2242 -18.62 -16.73 58.66
CA GLN B 2242 -18.21 -15.62 57.80
C GLN B 2242 -18.21 -14.31 58.56
N ILE B 2243 -19.31 -14.01 59.26
CA ILE B 2243 -19.41 -12.74 59.95
C ILE B 2243 -18.46 -12.68 61.14
N LYS B 2244 -18.19 -13.83 61.77
CA LYS B 2244 -17.20 -13.84 62.84
C LYS B 2244 -15.79 -13.66 62.28
N GLN B 2245 -15.56 -14.15 61.06
CA GLN B 2245 -14.31 -13.83 60.37
C GLN B 2245 -14.20 -12.33 60.14
N ILE B 2246 -15.31 -11.70 59.77
CA ILE B 2246 -15.31 -10.23 59.59
C ILE B 2246 -14.95 -9.53 60.89
N ILE B 2247 -15.48 -10.03 62.02
CA ILE B 2247 -15.16 -9.42 63.31
C ILE B 2247 -13.68 -9.61 63.64
N ARG B 2248 -13.14 -10.80 63.37
CA ARG B 2248 -11.73 -11.05 63.61
C ARG B 2248 -10.85 -10.15 62.76
N ILE B 2249 -11.25 -9.93 61.51
CA ILE B 2249 -10.52 -9.03 60.63
C ILE B 2249 -10.58 -7.61 61.16
N LEU B 2250 -11.73 -7.21 61.72
CA LEU B 2250 -11.85 -5.91 62.37
C LEU B 2250 -10.87 -5.78 63.53
N SER B 2251 -10.78 -6.82 64.36
CA SER B 2251 -9.90 -6.79 65.52
C SER B 2251 -8.43 -6.71 65.10
N LYS B 2252 -8.06 -7.50 64.08
CA LYS B 2252 -6.68 -7.47 63.61
C LYS B 2252 -6.32 -6.11 63.02
N ALA B 2253 -7.25 -5.50 62.28
CA ALA B 2253 -7.00 -4.18 61.74
C ALA B 2253 -6.87 -3.15 62.84
N LEU B 2254 -7.64 -3.31 63.92
CA LEU B 2254 -7.49 -2.43 65.07
C LEU B 2254 -6.11 -2.56 65.70
N GLU B 2255 -5.64 -3.80 65.86
CA GLU B 2255 -4.31 -4.02 66.45
C GLU B 2255 -3.22 -3.44 65.56
N SER B 2256 -3.33 -3.63 64.25
CA SER B 2256 -2.34 -3.10 63.32
C SER B 2256 -2.36 -1.58 63.30
N CYS B 2257 -3.54 -0.98 63.43
CA CYS B 2257 -3.62 0.48 63.50
C CYS B 2257 -3.03 0.99 64.80
N LEU B 2258 -3.17 0.23 65.88
CA LEU B 2258 -2.55 0.62 67.14
C LEU B 2258 -1.04 0.59 67.07
N LYS B 2259 -0.46 -0.53 66.61
CA LYS B 2259 0.99 -0.64 66.66
C LYS B 2259 1.67 0.18 65.56
N GLY B 2260 1.00 0.36 64.43
CA GLY B 2260 1.61 0.99 63.29
C GLY B 2260 1.53 2.52 63.32
N PRO B 2261 2.56 3.18 62.79
CA PRO B 2261 2.46 4.63 62.61
C PRO B 2261 1.59 5.03 61.44
N ASP B 2262 1.62 4.24 60.36
CA ASP B 2262 0.75 4.50 59.21
C ASP B 2262 -0.62 3.90 59.48
N THR B 2263 -1.63 4.76 59.53
CA THR B 2263 -2.95 4.36 60.01
C THR B 2263 -4.04 4.37 58.96
N TYR B 2264 -3.84 5.08 57.83
CA TYR B 2264 -4.90 5.28 56.86
C TYR B 2264 -5.36 3.97 56.24
N ASN B 2265 -4.41 3.08 55.94
CA ASN B 2265 -4.73 1.80 55.33
C ASN B 2265 -5.59 0.93 56.24
N SER B 2266 -5.31 0.94 57.54
CA SER B 2266 -6.13 0.14 58.44
C SER B 2266 -7.49 0.78 58.68
N GLN B 2267 -7.55 2.12 58.65
CA GLN B 2267 -8.82 2.81 58.80
C GLN B 2267 -9.76 2.47 57.65
N VAL B 2268 -9.23 2.41 56.43
CA VAL B 2268 -10.04 2.04 55.28
C VAL B 2268 -10.60 0.64 55.46
N LEU B 2269 -9.80 -0.27 55.98
CA LEU B 2269 -10.29 -1.64 56.19
C LEU B 2269 -11.35 -1.67 57.28
N ILE B 2270 -11.21 -0.85 58.32
CA ILE B 2270 -12.21 -0.81 59.37
C ILE B 2270 -13.54 -0.31 58.81
N GLU B 2271 -13.49 0.75 58.00
CA GLU B 2271 -14.70 1.30 57.40
C GLU B 2271 -15.36 0.28 56.47
N ALA B 2272 -14.57 -0.41 55.66
CA ALA B 2272 -15.10 -1.43 54.77
C ALA B 2272 -15.71 -2.57 55.56
N THR B 2273 -15.09 -2.93 56.68
CA THR B 2273 -15.62 -3.96 57.55
C THR B 2273 -16.99 -3.58 58.09
N VAL B 2274 -17.13 -2.33 58.51
CA VAL B 2274 -18.40 -1.88 59.08
C VAL B 2274 -19.50 -1.89 58.02
N ILE B 2275 -19.19 -1.40 56.81
CA ILE B 2275 -20.26 -1.34 55.81
C ILE B 2275 -20.58 -2.74 55.27
N ALA B 2276 -19.60 -3.65 55.31
CA ALA B 2276 -19.90 -5.04 54.98
C ALA B 2276 -20.85 -5.65 56.00
N LEU B 2277 -20.63 -5.34 57.29
CA LEU B 2277 -21.56 -5.78 58.32
C LEU B 2277 -22.95 -5.19 58.10
N THR B 2278 -22.98 -3.91 57.69
CA THR B 2278 -24.23 -3.21 57.41
C THR B 2278 -25.03 -3.92 56.32
N LYS B 2279 -24.35 -4.32 55.25
CA LYS B 2279 -25.05 -5.01 54.18
C LYS B 2279 -25.43 -6.42 54.57
N LEU B 2280 -24.62 -7.08 55.39
CA LEU B 2280 -24.84 -8.51 55.63
C LEU B 2280 -25.78 -8.80 56.79
N GLN B 2281 -26.08 -7.83 57.66
CA GLN B 2281 -26.96 -8.13 58.79
C GLN B 2281 -28.37 -8.58 58.41
N PRO B 2282 -29.11 -7.95 57.48
CA PRO B 2282 -30.49 -8.41 57.23
C PRO B 2282 -30.60 -9.83 56.72
N LEU B 2283 -29.57 -10.35 56.05
CA LEU B 2283 -29.66 -11.71 55.53
C LEU B 2283 -29.52 -12.74 56.63
N LEU B 2284 -28.97 -12.33 57.77
CA LEU B 2284 -28.73 -13.26 58.87
C LEU B 2284 -30.05 -13.72 59.47
N ASN B 2285 -30.08 -14.98 59.91
CA ASN B 2285 -31.25 -15.53 60.56
C ASN B 2285 -31.52 -14.81 61.87
N LYS B 2286 -32.81 -14.67 62.20
CA LYS B 2286 -33.24 -13.91 63.37
C LYS B 2286 -32.86 -14.58 64.68
N ASP B 2287 -32.54 -15.87 64.69
CA ASP B 2287 -32.25 -16.55 65.94
C ASP B 2287 -30.85 -16.23 66.44
N SER B 2288 -30.02 -15.63 65.61
CA SER B 2288 -28.68 -15.26 66.02
C SER B 2288 -28.73 -14.10 67.01
N PRO B 2289 -28.06 -14.20 68.16
CA PRO B 2289 -27.98 -13.05 69.07
C PRO B 2289 -27.20 -11.89 68.48
N LEU B 2290 -26.39 -12.14 67.46
CA LEU B 2290 -25.53 -11.12 66.85
C LEU B 2290 -26.33 -9.94 66.34
N HIS B 2291 -27.59 -10.16 65.96
CA HIS B 2291 -28.49 -9.09 65.52
C HIS B 2291 -28.56 -7.96 66.53
N LYS B 2292 -28.49 -8.30 67.81
CA LYS B 2292 -28.41 -7.32 68.87
C LYS B 2292 -26.97 -6.92 69.15
N ALA B 2293 -26.05 -7.89 69.12
CA ALA B 2293 -24.69 -7.66 69.59
C ALA B 2293 -23.98 -6.61 68.74
N LEU B 2294 -24.25 -6.63 67.42
CA LEU B 2294 -23.66 -5.68 66.50
C LEU B 2294 -23.95 -4.24 66.87
N PHE B 2295 -25.08 -4.00 67.58
CA PHE B 2295 -25.39 -2.65 68.06
C PHE B 2295 -24.23 -2.08 68.87
N TRP B 2296 -23.71 -2.88 69.82
CA TRP B 2296 -22.58 -2.41 70.61
C TRP B 2296 -21.36 -2.16 69.75
N VAL B 2297 -21.17 -3.02 68.74
CA VAL B 2297 -20.07 -2.83 67.80
C VAL B 2297 -20.17 -1.47 67.15
N ALA B 2298 -21.39 -1.07 66.79
CA ALA B 2298 -21.61 0.23 66.17
C ALA B 2298 -21.15 1.36 67.07
N VAL B 2299 -21.53 1.33 68.35
CA VAL B 2299 -21.17 2.46 69.20
C VAL B 2299 -19.68 2.41 69.50
N ALA B 2300 -19.09 1.22 69.41
CA ALA B 2300 -17.64 1.12 69.55
C ALA B 2300 -16.95 1.91 68.45
N VAL B 2301 -17.46 1.82 67.23
CA VAL B 2301 -16.90 2.62 66.14
C VAL B 2301 -17.11 4.09 66.40
N LEU B 2302 -18.22 4.44 67.04
CA LEU B 2302 -18.48 5.84 67.36
C LEU B 2302 -17.47 6.36 68.39
N GLN B 2303 -16.86 5.46 69.15
CA GLN B 2303 -15.85 5.89 70.10
C GLN B 2303 -14.52 6.17 69.41
N LEU B 2304 -14.39 5.76 68.15
CA LEU B 2304 -13.11 5.87 67.46
C LEU B 2304 -12.95 7.21 66.75
N ASP B 2305 -13.88 8.13 66.96
CA ASP B 2305 -13.85 9.56 66.59
C ASP B 2305 -13.17 9.85 65.24
N GLU B 2306 -13.55 9.07 64.24
CA GLU B 2306 -13.09 9.25 62.88
C GLU B 2306 -14.30 9.51 61.99
N VAL B 2307 -14.14 10.45 61.05
CA VAL B 2307 -15.27 11.00 60.31
C VAL B 2307 -15.95 9.92 59.48
N ASN B 2308 -15.16 9.19 58.67
CA ASN B 2308 -15.72 8.11 57.87
C ASN B 2308 -16.20 6.97 58.75
N LEU B 2309 -15.46 6.70 59.83
CA LEU B 2309 -15.88 5.68 60.78
C LEU B 2309 -17.17 6.07 61.48
N TYR B 2310 -17.31 7.36 61.80
CA TYR B 2310 -18.56 7.87 62.38
C TYR B 2310 -19.72 7.65 61.42
N SER B 2311 -19.52 7.97 60.14
CA SER B 2311 -20.58 7.80 59.16
C SER B 2311 -20.96 6.32 59.00
N ALA B 2312 -19.96 5.44 58.94
CA ALA B 2312 -20.24 4.02 58.79
C ALA B 2312 -20.95 3.46 60.01
N GLY B 2313 -20.55 3.92 61.21
CA GLY B 2313 -21.23 3.47 62.42
C GLY B 2313 -22.67 3.94 62.48
N THR B 2314 -22.93 5.17 62.03
CA THR B 2314 -24.30 5.65 61.99
C THR B 2314 -25.14 4.83 61.02
N ALA B 2315 -24.57 4.48 59.86
CA ALA B 2315 -25.31 3.66 58.90
C ALA B 2315 -25.60 2.27 59.47
N LEU B 2316 -24.63 1.67 60.15
CA LEU B 2316 -24.85 0.38 60.79
C LEU B 2316 -25.93 0.47 61.85
N LEU B 2317 -25.89 1.54 62.65
CA LEU B 2317 -26.90 1.72 63.70
C LEU B 2317 -28.29 1.88 63.09
N GLU B 2318 -28.39 2.61 61.99
CA GLU B 2318 -29.69 2.86 61.38
C GLU B 2318 -30.29 1.57 60.85
N GLN B 2319 -29.50 0.79 60.10
CA GLN B 2319 -30.07 -0.43 59.54
C GLN B 2319 -30.33 -1.44 60.65
N ASN B 2320 -29.52 -1.41 61.71
CA ASN B 2320 -29.74 -2.32 62.84
C ASN B 2320 -31.05 -2.00 63.54
N LEU B 2321 -31.31 -0.71 63.76
CA LEU B 2321 -32.56 -0.32 64.39
C LEU B 2321 -33.76 -0.69 63.52
N HIS B 2322 -33.67 -0.43 62.22
CA HIS B 2322 -34.78 -0.75 61.32
C HIS B 2322 -35.04 -2.25 61.26
N THR B 2323 -33.98 -3.05 61.08
CA THR B 2323 -34.14 -4.48 60.98
C THR B 2323 -34.61 -5.09 62.29
N LEU B 2324 -34.06 -4.62 63.41
CA LEU B 2324 -34.40 -5.19 64.70
C LEU B 2324 -35.81 -4.79 65.11
N ASP B 2325 -36.26 -3.61 64.67
CA ASP B 2325 -37.67 -3.26 64.80
C ASP B 2325 -38.54 -4.14 63.92
N SER B 2326 -38.04 -4.47 62.72
CA SER B 2326 -38.80 -5.32 61.82
C SER B 2326 -38.95 -6.73 62.37
N LEU B 2327 -37.98 -7.19 63.16
CA LEU B 2327 -38.10 -8.49 63.79
C LEU B 2327 -38.86 -8.44 65.11
N ARG B 2328 -39.40 -7.27 65.47
CA ARG B 2328 -40.37 -7.10 66.56
C ARG B 2328 -39.83 -7.50 67.92
N ILE B 2329 -38.55 -7.28 68.21
CA ILE B 2329 -38.06 -7.57 69.55
C ILE B 2329 -38.41 -6.44 70.49
N PHE B 2330 -38.79 -5.28 69.93
CA PHE B 2330 -39.13 -4.11 70.72
C PHE B 2330 -40.60 -4.07 71.12
N ASN B 2331 -41.37 -5.12 70.79
CA ASN B 2331 -42.82 -5.08 71.02
C ASN B 2331 -43.15 -5.04 72.51
N ASP B 2332 -42.37 -5.75 73.31
CA ASP B 2332 -42.63 -5.85 74.74
C ASP B 2332 -41.49 -5.29 75.58
N LYS B 2333 -40.37 -4.91 74.97
CA LYS B 2333 -39.18 -4.55 75.72
C LYS B 2333 -38.61 -3.22 75.25
N SER B 2334 -38.00 -2.51 76.19
CA SER B 2334 -37.39 -1.22 75.91
C SER B 2334 -36.05 -1.40 75.19
N PRO B 2335 -35.54 -0.35 74.54
CA PRO B 2335 -34.15 -0.40 74.06
C PRO B 2335 -33.14 -0.57 75.18
N GLU B 2336 -33.48 -0.15 76.40
CA GLU B 2336 -32.61 -0.37 77.55
C GLU B 2336 -32.40 -1.85 77.82
N GLU B 2337 -33.50 -2.59 77.93
CA GLU B 2337 -33.49 -3.89 78.57
C GLU B 2337 -32.70 -4.91 77.75
N VAL B 2338 -32.98 -4.99 76.45
CA VAL B 2338 -32.40 -6.06 75.63
C VAL B 2338 -30.90 -5.81 75.43
N PHE B 2339 -30.50 -4.55 75.29
CA PHE B 2339 -29.09 -4.26 75.08
C PHE B 2339 -28.27 -4.45 76.34
N MET B 2340 -28.81 -4.09 77.52
CA MET B 2340 -28.08 -4.45 78.72
C MET B 2340 -28.15 -5.94 79.02
N ALA B 2341 -29.18 -6.63 78.50
CA ALA B 2341 -29.23 -8.07 78.64
C ALA B 2341 -28.12 -8.75 77.83
N ILE B 2342 -27.84 -8.23 76.64
CA ILE B 2342 -26.78 -8.83 75.84
C ILE B 2342 -25.41 -8.33 76.27
N ARG B 2343 -25.34 -7.15 76.88
CA ARG B 2343 -24.09 -6.63 77.41
C ARG B 2343 -23.82 -7.12 78.82
N ASN B 2344 -24.72 -7.90 79.40
CA ASN B 2344 -24.56 -8.36 80.78
C ASN B 2344 -23.30 -9.20 81.02
N PRO B 2345 -22.92 -10.21 80.20
CA PRO B 2345 -21.72 -10.99 80.55
C PRO B 2345 -20.43 -10.20 80.44
N LEU B 2346 -20.18 -9.59 79.28
CA LEU B 2346 -18.88 -9.01 78.96
C LEU B 2346 -18.85 -7.52 79.31
N GLU B 2347 -19.32 -7.21 80.52
CA GLU B 2347 -19.44 -5.83 80.95
C GLU B 2347 -18.19 -5.27 81.59
N TRP B 2348 -17.26 -6.13 82.04
CA TRP B 2348 -16.08 -5.65 82.75
C TRP B 2348 -15.19 -4.85 81.83
N HIS B 2349 -14.87 -5.41 80.65
CA HIS B 2349 -14.15 -4.65 79.62
C HIS B 2349 -14.92 -3.41 79.24
N CYS B 2350 -16.24 -3.53 79.13
CA CYS B 2350 -17.08 -2.37 78.86
C CYS B 2350 -17.08 -1.42 80.05
N LYS B 2351 -16.81 -1.93 81.26
CA LYS B 2351 -16.69 -1.02 82.40
C LYS B 2351 -15.43 -0.17 82.28
N GLN B 2352 -14.30 -0.76 81.89
CA GLN B 2352 -13.13 0.10 81.65
C GLN B 2352 -13.36 1.05 80.48
N MET B 2353 -14.03 0.59 79.44
CA MET B 2353 -14.36 1.46 78.32
C MET B 2353 -15.22 2.63 78.76
N ASP B 2354 -16.21 2.38 79.61
CA ASP B 2354 -17.10 3.42 80.08
C ASP B 2354 -16.37 4.37 81.01
N HIS B 2355 -15.42 3.86 81.78
CA HIS B 2355 -14.61 4.73 82.64
C HIS B 2355 -13.76 5.66 81.80
N PHE B 2356 -13.19 5.17 80.70
CA PHE B 2356 -12.34 6.02 79.88
C PHE B 2356 -13.15 7.02 79.07
N VAL B 2357 -14.26 6.58 78.47
CA VAL B 2357 -15.06 7.52 77.69
C VAL B 2357 -15.88 8.41 78.62
N GLY B 2358 -16.04 8.00 79.87
CA GLY B 2358 -16.72 8.80 80.85
C GLY B 2358 -18.23 8.72 80.82
N LEU B 2359 -18.80 7.88 79.98
CA LEU B 2359 -20.26 7.75 79.89
C LEU B 2359 -20.65 6.34 80.29
N ASN B 2360 -21.41 6.22 81.38
CA ASN B 2360 -21.83 4.92 81.87
C ASN B 2360 -23.18 4.55 81.27
N PHE B 2361 -23.23 3.42 80.58
CA PHE B 2361 -24.50 2.86 80.17
C PHE B 2361 -25.21 2.14 81.30
N ASN B 2362 -24.51 1.89 82.41
CA ASN B 2362 -25.12 1.17 83.53
C ASN B 2362 -26.13 2.04 84.25
N SER B 2363 -25.81 3.32 84.46
CA SER B 2363 -26.67 4.18 85.27
C SER B 2363 -27.79 4.79 84.43
N ASN B 2364 -27.46 5.34 83.27
CA ASN B 2364 -28.44 6.06 82.46
C ASN B 2364 -28.22 5.69 80.99
N PHE B 2365 -29.05 4.76 80.50
CA PHE B 2365 -28.87 4.19 79.17
C PHE B 2365 -29.13 5.24 78.09
N ASN B 2366 -30.27 5.92 78.18
CA ASN B 2366 -30.67 6.85 77.13
C ASN B 2366 -29.77 8.07 77.08
N PHE B 2367 -29.42 8.61 78.26
CA PHE B 2367 -28.45 9.70 78.27
C PHE B 2367 -27.06 9.25 77.86
N ALA B 2368 -26.76 7.96 77.94
CA ALA B 2368 -25.51 7.48 77.38
C ALA B 2368 -25.56 7.49 75.86
N LEU B 2369 -26.67 7.01 75.28
CA LEU B 2369 -26.78 6.95 73.83
C LEU B 2369 -26.81 8.35 73.21
N VAL B 2370 -27.49 9.29 73.86
CA VAL B 2370 -27.57 10.64 73.33
C VAL B 2370 -26.21 11.31 73.34
N GLY B 2371 -25.38 11.00 74.34
CA GLY B 2371 -24.03 11.53 74.38
C GLY B 2371 -23.19 11.09 73.20
N HIS B 2372 -23.35 9.84 72.78
CA HIS B 2372 -22.66 9.36 71.59
C HIS B 2372 -23.21 10.03 70.34
N LEU B 2373 -24.54 10.06 70.20
CA LEU B 2373 -25.14 10.56 68.98
C LEU B 2373 -25.06 12.07 68.86
N LEU B 2374 -24.65 12.76 69.93
CA LEU B 2374 -24.55 14.20 69.90
C LEU B 2374 -23.43 14.71 69.01
N LYS B 2375 -22.47 13.86 68.66
CA LYS B 2375 -21.39 14.30 67.79
C LYS B 2375 -21.83 14.40 66.34
N GLY B 2376 -23.01 13.87 66.02
CA GLY B 2376 -23.49 13.90 64.64
C GLY B 2376 -23.74 15.30 64.13
N TYR B 2377 -24.15 16.21 64.99
CA TYR B 2377 -24.39 17.59 64.60
C TYR B 2377 -23.10 18.33 64.25
N ARG B 2378 -21.95 17.80 64.65
CA ARG B 2378 -20.66 18.39 64.32
C ARG B 2378 -20.02 17.73 63.10
N HIS B 2379 -20.68 16.76 62.50
CA HIS B 2379 -20.18 16.14 61.28
C HIS B 2379 -20.23 17.14 60.13
N PRO B 2380 -19.23 17.18 59.26
CA PRO B 2380 -19.25 18.14 58.15
C PRO B 2380 -20.36 17.89 57.14
N SER B 2381 -20.61 16.65 56.77
CA SER B 2381 -21.62 16.38 55.75
C SER B 2381 -23.02 16.36 56.37
N PRO B 2382 -24.01 16.99 55.74
CA PRO B 2382 -25.33 17.09 56.38
C PRO B 2382 -26.14 15.80 56.33
N ALA B 2383 -25.77 14.86 55.45
CA ALA B 2383 -26.51 13.61 55.35
C ALA B 2383 -26.38 12.79 56.62
N ILE B 2384 -25.19 12.78 57.21
CA ILE B 2384 -24.98 12.10 58.48
C ILE B 2384 -25.76 12.80 59.59
N VAL B 2385 -25.88 14.14 59.51
CA VAL B 2385 -26.67 14.88 60.48
C VAL B 2385 -28.13 14.46 60.41
N ALA B 2386 -28.67 14.38 59.19
CA ALA B 2386 -30.06 13.94 59.01
C ALA B 2386 -30.24 12.50 59.46
N ARG B 2387 -29.23 11.65 59.24
CA ARG B 2387 -29.31 10.28 59.70
C ARG B 2387 -29.35 10.21 61.22
N THR B 2388 -28.55 11.05 61.90
CA THR B 2388 -28.60 11.09 63.36
C THR B 2388 -29.96 11.56 63.86
N VAL B 2389 -30.57 12.51 63.16
CA VAL B 2389 -31.91 12.96 63.51
C VAL B 2389 -32.90 11.80 63.39
N ARG B 2390 -32.79 11.01 62.32
CA ARG B 2390 -33.65 9.85 62.17
C ARG B 2390 -33.41 8.81 63.26
N ILE B 2391 -32.15 8.63 63.66
CA ILE B 2391 -31.81 7.73 64.76
C ILE B 2391 -32.49 8.17 66.03
N LEU B 2392 -32.45 9.47 66.33
CA LEU B 2392 -33.09 9.99 67.52
C LEU B 2392 -34.60 9.80 67.46
N HIS B 2393 -35.19 10.02 66.28
CA HIS B 2393 -36.63 9.89 66.14
C HIS B 2393 -37.11 8.47 66.36
N THR B 2394 -36.44 7.49 65.75
CA THR B 2394 -36.93 6.12 65.88
C THR B 2394 -36.74 5.60 67.30
N LEU B 2395 -35.66 6.03 67.96
CA LEU B 2395 -35.46 5.65 69.35
C LEU B 2395 -36.51 6.28 70.25
N LEU B 2396 -36.85 7.55 69.99
CA LEU B 2396 -37.89 8.22 70.76
C LEU B 2396 -39.22 7.51 70.61
N THR B 2397 -39.56 7.10 69.38
CA THR B 2397 -40.80 6.37 69.17
C THR B 2397 -40.80 5.06 69.92
N LEU B 2398 -39.69 4.31 69.88
CA LEU B 2398 -39.62 3.04 70.58
C LEU B 2398 -39.76 3.21 72.09
N VAL B 2399 -39.05 4.18 72.65
CA VAL B 2399 -39.10 4.40 74.10
C VAL B 2399 -40.49 4.82 74.53
N ASN B 2400 -41.13 5.71 73.77
CA ASN B 2400 -42.46 6.16 74.15
C ASN B 2400 -43.50 5.06 74.00
N LYS B 2401 -43.42 4.26 72.93
CA LYS B 2401 -44.45 3.24 72.76
C LYS B 2401 -44.23 2.07 73.70
N HIS B 2402 -43.02 1.93 74.25
CA HIS B 2402 -42.81 0.96 75.31
C HIS B 2402 -43.61 1.33 76.55
N ARG B 2403 -43.68 2.62 76.88
CA ARG B 2403 -44.46 3.09 78.02
C ARG B 2403 -45.88 3.46 77.66
N ASN B 2404 -46.31 3.18 76.43
CA ASN B 2404 -47.67 3.36 75.92
C ASN B 2404 -48.13 4.82 75.93
N CYS B 2405 -47.21 5.77 76.04
CA CYS B 2405 -47.54 7.17 75.85
C CYS B 2405 -47.48 7.52 74.37
N ASP B 2406 -47.70 8.80 74.08
CA ASP B 2406 -47.60 9.26 72.71
C ASP B 2406 -46.20 9.80 72.43
N LYS B 2407 -45.96 10.14 71.17
CA LYS B 2407 -44.74 10.83 70.80
C LYS B 2407 -44.75 12.24 71.36
N PHE B 2408 -43.56 12.81 71.55
CA PHE B 2408 -43.33 14.11 72.17
C PHE B 2408 -43.86 14.20 73.59
N GLU B 2409 -43.94 13.07 74.31
CA GLU B 2409 -44.44 13.05 75.68
C GLU B 2409 -43.25 13.19 76.63
N VAL B 2410 -43.24 14.29 77.39
CA VAL B 2410 -42.13 14.53 78.30
C VAL B 2410 -42.24 13.63 79.51
N ASN B 2411 -41.21 12.84 79.76
CA ASN B 2411 -41.16 11.98 80.93
C ASN B 2411 -39.70 11.77 81.29
N THR B 2412 -39.46 10.80 82.18
CA THR B 2412 -38.12 10.59 82.71
C THR B 2412 -37.16 10.07 81.65
N GLN B 2413 -37.57 9.02 80.93
CA GLN B 2413 -36.65 8.36 80.01
C GLN B 2413 -36.50 9.15 78.71
N SER B 2414 -37.57 9.79 78.25
CA SER B 2414 -37.61 10.37 76.93
C SER B 2414 -37.16 11.82 76.89
N VAL B 2415 -36.70 12.36 78.01
CA VAL B 2415 -36.41 13.79 78.04
C VAL B 2415 -35.12 14.11 77.29
N ALA B 2416 -34.18 13.15 77.25
CA ALA B 2416 -32.90 13.40 76.57
C ALA B 2416 -33.10 13.51 75.07
N TYR B 2417 -33.93 12.63 74.50
CA TYR B 2417 -34.21 12.69 73.07
C TYR B 2417 -34.93 13.98 72.71
N LEU B 2418 -35.85 14.41 73.58
CA LEU B 2418 -36.52 15.69 73.37
C LEU B 2418 -35.53 16.85 73.45
N ALA B 2419 -34.57 16.76 74.35
CA ALA B 2419 -33.54 17.80 74.44
C ALA B 2419 -32.70 17.86 73.19
N ALA B 2420 -32.33 16.69 72.66
CA ALA B 2420 -31.51 16.66 71.45
C ALA B 2420 -32.28 17.14 70.24
N LEU B 2421 -33.56 16.76 70.13
CA LEU B 2421 -34.37 17.12 68.98
C LEU B 2421 -34.94 18.52 69.09
N LEU B 2422 -34.84 19.13 70.27
CA LEU B 2422 -35.41 20.46 70.49
C LEU B 2422 -34.70 21.51 69.65
N THR B 2423 -33.41 21.28 69.39
CA THR B 2423 -32.64 22.18 68.55
C THR B 2423 -33.16 22.16 67.11
N VAL B 2424 -33.58 21.00 66.63
CA VAL B 2424 -34.13 20.88 65.30
C VAL B 2424 -35.62 20.59 65.36
N LEU B 2583 -43.34 21.08 78.82
CA LEU B 2583 -41.99 21.57 78.52
C LEU B 2583 -40.98 21.04 79.53
N LEU B 2584 -40.34 21.94 80.26
CA LEU B 2584 -39.40 21.57 81.31
C LEU B 2584 -40.18 21.57 82.63
N ASP B 2585 -40.59 20.40 83.08
CA ASP B 2585 -41.50 20.27 84.21
C ASP B 2585 -40.76 19.65 85.40
N GLU B 2586 -40.72 20.40 86.50
CA GLU B 2586 -40.03 19.92 87.70
C GLU B 2586 -40.75 18.74 88.33
N GLU B 2587 -42.08 18.74 88.28
CA GLU B 2587 -42.86 17.64 88.82
C GLU B 2587 -42.63 16.36 88.01
N VAL B 2588 -42.37 16.52 86.71
CA VAL B 2588 -42.03 15.36 85.89
C VAL B 2588 -40.65 14.82 86.25
N LEU B 2589 -39.67 15.71 86.38
CA LEU B 2589 -38.27 15.33 86.58
C LEU B 2589 -37.86 15.71 88.00
N THR B 2590 -38.08 14.80 88.94
CA THR B 2590 -37.86 15.13 90.34
C THR B 2590 -36.42 14.86 90.76
N ASP B 2591 -35.81 13.83 90.18
CA ASP B 2591 -34.48 13.42 90.61
C ASP B 2591 -33.45 14.46 90.17
N PRO B 2592 -32.49 14.81 91.04
CA PRO B 2592 -31.50 15.83 90.67
C PRO B 2592 -30.53 15.40 89.59
N LYS B 2593 -30.22 14.10 89.51
CA LYS B 2593 -29.25 13.61 88.53
C LYS B 2593 -29.78 13.79 87.11
N ILE B 2594 -31.04 13.43 86.89
CA ILE B 2594 -31.62 13.48 85.55
C ILE B 2594 -31.73 14.92 85.08
N GLN B 2595 -32.14 15.82 85.96
CA GLN B 2595 -32.25 17.22 85.58
C GLN B 2595 -30.87 17.85 85.40
N ALA B 2596 -29.87 17.38 86.15
CA ALA B 2596 -28.52 17.86 85.94
C ALA B 2596 -27.99 17.45 84.57
N LEU B 2597 -28.22 16.19 84.18
CA LEU B 2597 -27.79 15.74 82.86
C LEU B 2597 -28.54 16.49 81.76
N LEU B 2598 -29.83 16.76 81.99
CA LEU B 2598 -30.61 17.55 81.06
C LEU B 2598 -30.01 18.95 80.90
N LEU B 2599 -29.52 19.54 81.99
CA LEU B 2599 -28.85 20.83 81.89
C LEU B 2599 -27.54 20.72 81.13
N THR B 2600 -26.79 19.64 81.36
CA THR B 2600 -25.48 19.50 80.71
C THR B 2600 -25.62 19.36 79.21
N VAL B 2601 -26.68 18.69 78.76
CA VAL B 2601 -26.92 18.58 77.32
C VAL B 2601 -27.07 19.96 76.70
N LEU B 2602 -27.89 20.81 77.30
CA LEU B 2602 -28.13 22.14 76.76
C LEU B 2602 -26.85 22.99 76.83
N ALA B 2603 -26.07 22.82 77.90
CA ALA B 2603 -24.81 23.56 78.00
C ALA B 2603 -23.84 23.16 76.90
N THR B 2604 -23.76 21.87 76.57
CA THR B 2604 -22.90 21.44 75.48
C THR B 2604 -23.35 22.02 74.15
N LEU B 2605 -24.67 21.99 73.90
CA LEU B 2605 -25.15 22.48 72.62
C LEU B 2605 -25.03 23.98 72.49
N VAL B 2606 -25.04 24.73 73.60
CA VAL B 2606 -24.79 26.15 73.47
C VAL B 2606 -23.31 26.45 73.39
N LYS B 2607 -22.46 25.57 73.94
CA LYS B 2607 -21.03 25.83 73.86
C LYS B 2607 -20.50 25.60 72.45
N TYR B 2608 -20.96 24.53 71.79
CA TYR B 2608 -20.31 24.17 70.53
C TYR B 2608 -20.98 24.82 69.33
N THR B 2609 -22.31 24.85 69.29
CA THR B 2609 -23.00 25.44 68.14
C THR B 2609 -22.90 26.96 68.18
N THR B 2610 -22.73 27.55 67.00
CA THR B 2610 -22.54 29.00 66.88
C THR B 2610 -23.43 29.56 65.78
N ASP B 2611 -24.70 29.18 65.77
CA ASP B 2611 -25.67 29.77 64.85
C ASP B 2611 -26.78 30.43 65.66
N GLU B 2612 -27.37 31.47 65.07
CA GLU B 2612 -28.17 32.42 65.83
C GLU B 2612 -29.45 31.78 66.39
N PHE B 2613 -30.19 31.09 65.53
CA PHE B 2613 -31.50 30.55 65.93
C PHE B 2613 -31.38 29.52 67.03
N ASP B 2614 -30.41 28.61 66.89
CA ASP B 2614 -30.27 27.53 67.88
C ASP B 2614 -29.77 28.06 69.22
N GLN B 2615 -28.78 28.96 69.20
CA GLN B 2615 -28.30 29.50 70.47
C GLN B 2615 -29.36 30.37 71.12
N ARG B 2616 -30.20 31.05 70.32
CA ARG B 2616 -31.30 31.82 70.87
C ARG B 2616 -32.34 30.92 71.54
N ILE B 2617 -32.78 29.87 70.85
CA ILE B 2617 -33.83 29.02 71.41
C ILE B 2617 -33.31 28.26 72.62
N LEU B 2618 -32.03 27.87 72.60
CA LEU B 2618 -31.47 27.15 73.75
C LEU B 2618 -31.22 28.09 74.93
N TYR B 2619 -30.82 29.34 74.69
CA TYR B 2619 -30.71 30.29 75.79
C TYR B 2619 -32.06 30.60 76.42
N GLU B 2620 -33.09 30.74 75.59
CA GLU B 2620 -34.43 30.99 76.13
C GLU B 2620 -34.95 29.78 76.89
N TYR B 2621 -34.58 28.57 76.47
CA TYR B 2621 -34.93 27.40 77.27
C TYR B 2621 -34.10 27.33 78.54
N LEU B 2622 -32.85 27.77 78.49
CA LEU B 2622 -31.94 27.60 79.61
C LEU B 2622 -32.23 28.61 80.72
N ALA B 2623 -32.74 29.78 80.35
CA ALA B 2623 -33.09 30.78 81.37
C ALA B 2623 -34.20 30.28 82.28
N GLU B 2624 -35.17 29.58 81.70
CA GLU B 2624 -36.28 29.04 82.46
C GLU B 2624 -35.84 27.95 83.42
N ALA B 2625 -34.86 27.14 83.03
CA ALA B 2625 -34.38 26.08 83.90
C ALA B 2625 -33.59 26.64 85.07
N SER B 2626 -32.99 27.82 84.91
CA SER B 2626 -32.34 28.48 86.02
C SER B 2626 -33.34 28.83 87.11
N VAL B 2627 -34.52 29.28 86.71
CA VAL B 2627 -35.59 29.54 87.68
C VAL B 2627 -36.11 28.24 88.26
N VAL B 2628 -36.32 27.23 87.42
CA VAL B 2628 -36.90 25.98 87.88
C VAL B 2628 -35.93 25.21 88.77
N PHE B 2629 -34.68 25.12 88.35
CA PHE B 2629 -33.66 24.33 89.05
C PHE B 2629 -32.47 25.20 89.37
N PRO B 2630 -32.55 26.01 90.43
CA PRO B 2630 -31.42 26.90 90.75
C PRO B 2630 -30.32 26.21 91.54
N LYS B 2631 -30.65 25.15 92.29
CA LYS B 2631 -29.65 24.52 93.14
C LYS B 2631 -28.65 23.71 92.33
N VAL B 2632 -29.13 23.02 91.29
CA VAL B 2632 -28.25 22.23 90.44
C VAL B 2632 -27.73 23.02 89.25
N PHE B 2633 -28.16 24.24 89.07
CA PHE B 2633 -27.68 25.11 88.00
C PHE B 2633 -26.20 25.52 88.06
N PRO B 2634 -25.53 25.59 89.23
CA PRO B 2634 -24.08 25.82 89.18
C PRO B 2634 -23.28 24.76 88.47
N VAL B 2635 -23.80 23.53 88.36
CA VAL B 2635 -23.07 22.42 87.76
C VAL B 2635 -22.69 22.73 86.31
N VAL B 2636 -23.56 23.45 85.60
CA VAL B 2636 -23.29 23.75 84.20
C VAL B 2636 -22.78 25.17 84.04
N HIS B 2637 -22.22 25.76 85.11
CA HIS B 2637 -21.71 27.13 84.99
C HIS B 2637 -20.51 27.21 84.04
N ASN B 2638 -19.50 26.38 84.27
CA ASN B 2638 -18.24 26.52 83.53
C ASN B 2638 -18.43 26.22 82.05
N LEU B 2639 -19.34 25.29 81.73
CA LEU B 2639 -19.61 24.95 80.34
C LEU B 2639 -20.16 26.15 79.56
N LEU B 2640 -20.77 27.10 80.26
CA LEU B 2640 -21.18 28.35 79.66
C LEU B 2640 -20.45 29.56 80.23
N ASP B 2641 -19.34 29.35 80.94
CA ASP B 2641 -18.69 30.47 81.62
C ASP B 2641 -18.09 31.46 80.63
N SER B 2642 -17.37 30.96 79.64
CA SER B 2642 -16.68 31.86 78.72
C SER B 2642 -17.64 32.41 77.68
N LYS B 2643 -18.36 31.53 76.99
CA LYS B 2643 -19.14 31.90 75.81
C LYS B 2643 -20.16 32.98 76.13
N ILE B 2644 -20.93 32.78 77.20
CA ILE B 2644 -21.90 33.79 77.65
C ILE B 2644 -21.20 35.13 77.85
N ASN B 2645 -20.07 35.10 78.56
CA ASN B 2645 -19.28 36.29 78.81
C ASN B 2645 -18.90 36.98 77.50
N THR B 2646 -18.45 36.19 76.52
CA THR B 2646 -18.05 36.77 75.25
C THR B 2646 -19.23 37.44 74.57
N LEU B 2647 -20.39 36.77 74.59
CA LEU B 2647 -21.60 37.40 74.07
C LEU B 2647 -21.93 38.62 74.88
N LEU B 2648 -21.83 38.50 76.21
CA LEU B 2648 -22.11 39.61 77.11
C LEU B 2648 -21.15 40.75 76.88
N SER B 2649 -20.01 40.46 76.23
CA SER B 2649 -19.13 41.54 75.80
C SER B 2649 -19.57 42.10 74.45
N LEU B 2650 -19.71 41.25 73.41
CA LEU B 2650 -19.97 41.80 72.08
C LEU B 2650 -21.23 41.28 71.41
N CYS B 2651 -22.32 41.08 72.12
CA CYS B 2651 -23.61 40.86 71.47
C CYS B 2651 -24.38 42.18 71.51
N GLN B 2652 -24.55 42.81 70.36
CA GLN B 2652 -25.34 44.03 70.26
C GLN B 2652 -26.79 43.73 69.92
N ASP B 2653 -27.15 42.49 69.68
CA ASP B 2653 -28.53 42.13 69.41
C ASP B 2653 -29.29 41.96 70.72
N PRO B 2654 -30.40 42.69 70.91
CA PRO B 2654 -31.15 42.57 72.17
C PRO B 2654 -31.73 41.18 72.41
N ASN B 2655 -32.16 40.51 71.34
CA ASN B 2655 -32.92 39.27 71.48
C ASN B 2655 -32.07 38.16 72.06
N LEU B 2656 -30.75 38.22 71.87
CA LEU B 2656 -29.87 37.22 72.45
C LEU B 2656 -29.50 37.58 73.88
N LEU B 2657 -29.23 38.87 74.15
CA LEU B 2657 -28.71 39.25 75.45
C LEU B 2657 -29.79 39.28 76.52
N ASN B 2658 -31.06 39.40 76.13
CA ASN B 2658 -32.12 39.42 77.12
C ASN B 2658 -32.25 38.11 77.91
N PRO B 2659 -32.29 36.91 77.29
CA PRO B 2659 -32.22 35.70 78.14
C PRO B 2659 -30.90 35.55 78.85
N ILE B 2660 -29.82 36.08 78.29
CA ILE B 2660 -28.53 36.07 78.97
C ILE B 2660 -28.61 36.90 80.25
N HIS B 2661 -29.23 38.08 80.17
CA HIS B 2661 -29.43 38.89 81.36
C HIS B 2661 -30.30 38.18 82.37
N GLY B 2662 -31.33 37.46 81.89
CA GLY B 2662 -32.17 36.69 82.79
C GLY B 2662 -31.40 35.61 83.52
N ILE B 2663 -30.51 34.91 82.82
CA ILE B 2663 -29.69 33.88 83.47
C ILE B 2663 -28.77 34.51 84.50
N VAL B 2664 -28.15 35.65 84.15
CA VAL B 2664 -27.24 36.33 85.07
C VAL B 2664 -27.96 36.73 86.35
N GLN B 2665 -29.15 37.33 86.20
CA GLN B 2665 -29.91 37.75 87.36
C GLN B 2665 -30.38 36.55 88.19
N SER B 2666 -30.76 35.46 87.52
CA SER B 2666 -31.21 34.27 88.23
C SER B 2666 -30.09 33.66 89.06
N VAL B 2667 -28.88 33.63 88.52
CA VAL B 2667 -27.75 33.11 89.29
C VAL B 2667 -27.36 34.06 90.42
N VAL B 2668 -27.35 35.38 90.17
CA VAL B 2668 -26.95 36.33 91.20
C VAL B 2668 -27.92 36.30 92.37
N TYR B 2669 -29.20 36.13 92.10
CA TYR B 2669 -30.18 35.98 93.18
C TYR B 2669 -29.92 34.73 94.01
N HIS B 2670 -29.58 33.62 93.35
CA HIS B 2670 -29.45 32.34 94.00
C HIS B 2670 -28.02 31.98 94.35
N GLU B 2671 -27.19 32.97 94.69
CA GLU B 2671 -25.81 32.69 95.04
C GLU B 2671 -25.63 32.41 96.52
N GLU B 2672 -26.72 32.29 97.28
CA GLU B 2672 -26.62 32.13 98.73
C GLU B 2672 -26.11 30.75 99.12
N SER B 2673 -26.40 29.73 98.31
CA SER B 2673 -26.02 28.35 98.63
C SER B 2673 -25.23 27.73 97.48
N PRO B 2674 -23.93 28.01 97.38
CA PRO B 2674 -23.07 27.28 96.44
C PRO B 2674 -22.93 25.80 96.76
N PRO B 2675 -22.58 25.38 97.99
CA PRO B 2675 -22.11 23.99 98.15
C PRO B 2675 -23.18 22.92 98.04
N GLN B 2676 -24.39 23.25 97.58
CA GLN B 2676 -25.39 22.22 97.32
C GLN B 2676 -24.91 21.25 96.25
N TYR B 2677 -24.39 21.77 95.14
CA TYR B 2677 -23.80 20.96 94.09
C TYR B 2677 -22.67 21.74 93.44
N GLN B 2678 -21.71 21.00 92.88
CA GLN B 2678 -20.54 21.59 92.27
C GLN B 2678 -20.40 21.10 90.83
N THR B 2679 -19.45 21.68 90.10
CA THR B 2679 -19.21 21.24 88.73
C THR B 2679 -18.57 19.88 88.65
N SER B 2680 -18.05 19.35 89.76
CA SER B 2680 -17.48 18.01 89.80
C SER B 2680 -18.51 16.96 90.24
N TYR B 2681 -19.76 17.37 90.45
CA TYR B 2681 -20.79 16.43 90.92
C TYR B 2681 -21.04 15.35 89.89
N LEU B 2682 -20.88 15.67 88.60
CA LEU B 2682 -21.02 14.68 87.56
C LEU B 2682 -20.00 13.56 87.69
N GLN B 2683 -18.84 13.84 88.28
CA GLN B 2683 -17.85 12.79 88.49
C GLN B 2683 -18.21 11.90 89.67
N SER B 2684 -19.26 12.25 90.43
CA SER B 2684 -19.70 11.40 91.54
C SER B 2684 -20.15 10.04 91.03
N PHE B 2685 -21.04 10.04 90.05
CA PHE B 2685 -21.30 8.86 89.23
C PHE B 2685 -20.48 8.95 87.95
N GLY B 2686 -20.81 8.07 86.99
CA GLY B 2686 -19.94 7.88 85.85
C GLY B 2686 -19.86 9.06 84.89
N PHE B 2687 -20.99 9.74 84.66
CA PHE B 2687 -21.12 10.63 83.51
C PHE B 2687 -20.20 11.83 83.60
N ASN B 2688 -19.17 11.81 82.77
CA ASN B 2688 -18.20 12.90 82.66
C ASN B 2688 -17.69 12.89 81.23
N GLY B 2689 -17.20 14.05 80.79
CA GLY B 2689 -16.74 14.15 79.43
C GLY B 2689 -17.84 14.17 78.41
N LEU B 2690 -19.10 14.28 78.83
CA LEU B 2690 -20.21 14.48 77.90
C LEU B 2690 -20.06 15.77 77.12
N TRP B 2691 -19.37 16.75 77.67
CA TRP B 2691 -18.92 17.91 76.93
C TRP B 2691 -17.67 17.64 76.10
N ARG B 2692 -16.81 16.72 76.54
CA ARG B 2692 -15.65 16.36 75.74
C ARG B 2692 -16.06 15.55 74.51
N PHE B 2693 -16.98 14.60 74.68
CA PHE B 2693 -17.36 13.74 73.57
C PHE B 2693 -18.22 14.44 72.54
N ALA B 2694 -18.81 15.59 72.87
CA ALA B 2694 -19.63 16.34 71.93
C ALA B 2694 -18.84 17.44 71.25
N GLY B 2695 -17.52 17.46 71.42
CA GLY B 2695 -16.69 18.47 70.80
C GLY B 2695 -16.56 18.25 69.30
N PRO B 2696 -15.99 19.23 68.61
CA PRO B 2696 -15.83 19.09 67.15
C PRO B 2696 -14.80 18.03 66.81
N PHE B 2697 -14.86 17.57 65.57
CA PHE B 2697 -13.98 16.50 65.12
C PHE B 2697 -12.55 17.00 65.03
N SER B 2698 -11.63 16.23 65.60
CA SER B 2698 -10.23 16.64 65.67
C SER B 2698 -9.57 16.54 64.30
N LYS B 2699 -8.59 17.43 64.08
CA LYS B 2699 -7.86 17.40 62.82
C LYS B 2699 -6.92 16.21 62.75
N GLN B 2700 -6.38 15.79 63.90
CA GLN B 2700 -5.45 14.67 63.92
C GLN B 2700 -6.16 13.36 63.60
N THR B 2701 -7.44 13.27 63.99
CA THR B 2701 -8.33 12.10 63.84
C THR B 2701 -7.64 10.77 64.21
N GLN B 2702 -6.78 10.83 65.21
CA GLN B 2702 -6.03 9.66 65.66
C GLN B 2702 -6.90 8.80 66.57
N ILE B 2703 -6.73 7.50 66.47
CA ILE B 2703 -7.54 6.60 67.30
C ILE B 2703 -7.11 6.74 68.76
N PRO B 2704 -8.04 6.82 69.71
CA PRO B 2704 -7.63 6.91 71.11
C PRO B 2704 -7.34 5.54 71.68
N ASP B 2705 -6.17 5.41 72.29
CA ASP B 2705 -5.87 4.20 73.04
C ASP B 2705 -6.78 4.11 74.26
N TYR B 2706 -6.99 2.87 74.70
CA TYR B 2706 -8.16 2.15 75.24
C TYR B 2706 -8.79 1.46 74.04
N ALA B 2707 -8.20 1.63 72.86
CA ALA B 2707 -8.66 0.85 71.72
C ALA B 2707 -8.33 -0.62 71.92
N GLU B 2708 -7.30 -0.92 72.71
CA GLU B 2708 -7.04 -2.28 73.13
C GLU B 2708 -8.20 -2.86 73.92
N LEU B 2709 -8.87 -2.03 74.72
CA LEU B 2709 -10.06 -2.48 75.42
C LEU B 2709 -11.17 -2.82 74.43
N ILE B 2710 -11.27 -2.06 73.34
CA ILE B 2710 -12.25 -2.38 72.29
C ILE B 2710 -11.90 -3.71 71.65
N VAL B 2711 -10.60 -3.96 71.45
CA VAL B 2711 -10.17 -5.24 70.88
C VAL B 2711 -10.56 -6.39 71.79
N LYS B 2712 -10.30 -6.24 73.09
CA LYS B 2712 -10.67 -7.27 74.05
C LYS B 2712 -12.18 -7.45 74.11
N PHE B 2713 -12.93 -6.36 73.97
CA PHE B 2713 -14.39 -6.43 73.96
C PHE B 2713 -14.89 -7.23 72.77
N LEU B 2714 -14.33 -6.98 71.59
CA LEU B 2714 -14.75 -7.73 70.40
C LEU B 2714 -14.36 -9.19 70.52
N ASP B 2715 -13.19 -9.45 71.10
CA ASP B 2715 -12.78 -10.84 71.32
C ASP B 2715 -13.72 -11.56 72.27
N ALA B 2716 -14.17 -10.88 73.33
CA ALA B 2716 -15.11 -11.49 74.24
C ALA B 2716 -16.46 -11.73 73.58
N LEU B 2717 -16.86 -10.82 72.69
CA LEU B 2717 -18.06 -11.02 71.88
C LEU B 2717 -17.96 -12.32 71.09
N ILE B 2718 -16.84 -12.51 70.41
CA ILE B 2718 -16.62 -13.71 69.62
C ILE B 2718 -16.64 -14.95 70.51
N ASP B 2719 -15.98 -14.86 71.66
CA ASP B 2719 -15.82 -16.01 72.54
C ASP B 2719 -17.15 -16.43 73.14
N THR B 2720 -18.01 -15.48 73.46
CA THR B 2720 -19.30 -15.85 74.03
C THR B 2720 -20.28 -16.32 72.96
N TYR B 2721 -20.38 -15.62 71.83
CA TYR B 2721 -21.52 -15.88 70.97
C TYR B 2721 -21.23 -16.83 69.81
N LEU B 2722 -20.00 -16.88 69.30
CA LEU B 2722 -19.72 -17.79 68.19
C LEU B 2722 -19.74 -19.25 68.59
N PRO B 2723 -18.94 -19.73 69.57
CA PRO B 2723 -19.05 -21.17 69.77
C PRO B 2723 -20.09 -21.53 70.84
PG GSP C . -64.93 3.24 2.72
O3B GSP C . -64.18 4.61 3.10
S1G GSP C . -65.65 2.42 4.33
O2G GSP C . -65.96 3.72 1.74
O3G GSP C . -63.88 2.44 2.01
PB GSP C . -62.92 4.90 4.02
O1B GSP C . -62.64 6.37 4.02
O2B GSP C . -63.10 4.19 5.32
PA GSP C . -61.39 4.45 1.63
O1A GSP C . -61.40 3.14 0.91
O2A GSP C . -62.24 5.55 1.12
O3A GSP C . -61.78 4.18 3.16
O5' GSP C . -59.87 4.96 1.78
C5' GSP C . -59.60 6.24 2.40
C4' GSP C . -58.14 6.56 2.30
O4' GSP C . -57.72 6.58 0.92
C3' GSP C . -57.71 7.91 2.91
O3' GSP C . -57.02 7.76 4.13
C2' GSP C . -56.76 8.50 1.87
O2' GSP C . -55.43 8.11 2.13
C1' GSP C . -57.23 7.85 0.58
N9 GSP C . -58.27 8.57 -0.14
C8 GSP C . -59.44 9.08 0.35
N7 GSP C . -60.17 9.66 -0.57
C5 GSP C . -59.44 9.50 -1.73
C6 GSP C . -59.74 9.92 -3.05
O6 GSP C . -60.74 10.52 -3.46
N1 GSP C . -58.72 9.57 -3.93
C2 GSP C . -57.57 8.90 -3.59
N2 GSP C . -56.71 8.65 -4.58
N3 GSP C . -57.29 8.50 -2.36
C4 GSP C . -58.27 8.83 -1.48
H5'1 GSP C . -59.87 6.21 3.35
H5'2 GSP C . -60.12 6.93 1.95
H4' GSP C . -57.64 5.85 2.76
H3' GSP C . -58.50 8.50 3.04
HO3' GSP C . -56.26 7.40 3.97
H2' GSP C . -56.85 9.48 1.83
HO2' GSP C . -54.91 8.55 1.62
H1' GSP C . -56.44 7.75 -0.01
H8 GSP C . -59.70 9.03 1.24
HN1 GSP C . -58.84 9.78 -4.78
HN21 GSP C . -55.85 8.76 -4.46
HN22 GSP C . -57.01 8.35 -5.35
#